data_2L8V
#
_entry.id   2L8V
#
_entity_poly.entity_id   1
_entity_poly.type   'polypeptide(L)'
_entity_poly.pdbx_seq_one_letter_code
;MPVELRANWSEEDLETVIRAVYRQVLGNDYVMASERLVSAESLLRNGKITVREFVRAVAKSELYKEKFLYGNFQTRVIEL
NYKHLLGRAPYDESEVIFHLDLYENEGFDADIDSYIDSPEYTNSFGDWVVPYYRGLEHHHHHH
;
_entity_poly.pdbx_strand_id   A
#
# COMPACT_ATOMS: atom_id res chain seq x y z
N MET A 1 -13.78 -0.71 9.42
CA MET A 1 -13.96 -2.09 8.89
C MET A 1 -12.82 -2.44 7.95
N PRO A 2 -11.99 -3.42 8.33
CA PRO A 2 -10.84 -3.86 7.53
C PRO A 2 -11.25 -4.47 6.20
N VAL A 3 -10.60 -4.06 5.12
CA VAL A 3 -10.86 -4.62 3.80
C VAL A 3 -9.98 -5.84 3.60
N GLU A 4 -10.59 -6.97 3.27
CA GLU A 4 -9.84 -8.20 3.09
C GLU A 4 -10.35 -8.96 1.87
N LEU A 5 -9.46 -9.65 1.18
CA LEU A 5 -9.86 -10.48 0.06
C LEU A 5 -9.93 -11.93 0.53
N ARG A 6 -11.15 -12.44 0.64
CA ARG A 6 -11.36 -13.79 1.10
C ARG A 6 -11.38 -14.76 -0.07
N ALA A 7 -11.16 -16.04 0.19
CA ALA A 7 -11.10 -17.04 -0.88
C ALA A 7 -12.48 -17.22 -1.50
N ASN A 8 -13.50 -17.04 -0.68
CA ASN A 8 -14.88 -17.07 -1.15
C ASN A 8 -15.37 -15.63 -1.29
N TRP A 9 -15.11 -15.03 -2.44
CA TRP A 9 -15.42 -13.63 -2.64
C TRP A 9 -16.43 -13.42 -3.78
N SER A 10 -17.22 -12.38 -3.66
CA SER A 10 -18.08 -11.93 -4.74
C SER A 10 -17.38 -10.78 -5.46
N GLU A 11 -17.71 -10.55 -6.74
CA GLU A 11 -17.01 -9.52 -7.50
C GLU A 11 -17.16 -8.16 -6.82
N GLU A 12 -18.34 -7.87 -6.28
CA GLU A 12 -18.59 -6.60 -5.59
C GLU A 12 -17.60 -6.38 -4.44
N ASP A 13 -17.24 -7.47 -3.77
CA ASP A 13 -16.29 -7.41 -2.67
C ASP A 13 -14.91 -7.05 -3.21
N LEU A 14 -14.52 -7.70 -4.31
CA LEU A 14 -13.24 -7.45 -4.94
C LEU A 14 -13.20 -6.04 -5.54
N GLU A 15 -14.32 -5.57 -6.09
CA GLU A 15 -14.41 -4.22 -6.63
C GLU A 15 -14.08 -3.21 -5.54
N THR A 16 -14.51 -3.53 -4.32
CA THR A 16 -14.22 -2.71 -3.17
C THR A 16 -12.72 -2.73 -2.85
N VAL A 17 -12.13 -3.93 -2.93
CA VAL A 17 -10.71 -4.12 -2.65
C VAL A 17 -9.84 -3.30 -3.61
N ILE A 18 -10.04 -3.49 -4.91
CA ILE A 18 -9.21 -2.83 -5.92
C ILE A 18 -9.35 -1.31 -5.86
N ARG A 19 -10.55 -0.84 -5.55
CA ARG A 19 -10.81 0.60 -5.46
C ARG A 19 -10.23 1.19 -4.18
N ALA A 20 -9.97 0.35 -3.20
CA ALA A 20 -9.36 0.80 -1.96
C ALA A 20 -7.85 0.98 -2.13
N VAL A 21 -7.25 0.11 -2.94
CA VAL A 21 -5.80 0.13 -3.16
C VAL A 21 -5.42 1.13 -4.24
N TYR A 22 -6.18 1.16 -5.34
CA TYR A 22 -5.91 2.05 -6.45
C TYR A 22 -5.99 3.51 -6.02
N ARG A 23 -5.17 4.36 -6.63
CA ARG A 23 -5.15 5.76 -6.30
C ARG A 23 -6.25 6.51 -7.01
N GLN A 24 -7.41 6.61 -6.37
CA GLN A 24 -8.49 7.45 -6.86
C GLN A 24 -8.07 8.91 -6.75
N VAL A 25 -7.72 9.50 -7.89
CA VAL A 25 -7.26 10.87 -7.93
C VAL A 25 -8.42 11.85 -7.84
N LEU A 26 -8.11 13.13 -7.95
CA LEU A 26 -9.13 14.18 -7.85
C LEU A 26 -10.05 14.18 -9.08
N GLY A 27 -9.64 13.45 -10.12
CA GLY A 27 -10.48 13.27 -11.28
C GLY A 27 -11.47 12.14 -11.06
N ASN A 28 -12.76 12.49 -10.99
CA ASN A 28 -13.80 11.53 -10.66
C ASN A 28 -13.84 10.37 -11.65
N ASP A 29 -14.16 10.66 -12.90
CA ASP A 29 -14.26 9.61 -13.90
C ASP A 29 -13.36 9.90 -15.10
N TYR A 30 -12.10 9.58 -14.94
CA TYR A 30 -11.11 9.68 -16.01
C TYR A 30 -10.31 8.39 -16.07
N VAL A 31 -10.92 7.33 -15.53
CA VAL A 31 -10.24 6.04 -15.29
C VAL A 31 -8.84 6.26 -14.69
N MET A 32 -8.85 6.79 -13.46
CA MET A 32 -7.64 7.09 -12.70
C MET A 32 -6.79 8.15 -13.41
N ALA A 33 -5.56 8.32 -12.98
CA ALA A 33 -4.63 9.23 -13.65
C ALA A 33 -3.61 8.43 -14.44
N SER A 34 -4.04 7.96 -15.61
CA SER A 34 -3.25 7.09 -16.48
C SER A 34 -2.68 5.88 -15.71
N GLU A 35 -3.35 5.53 -14.63
CA GLU A 35 -2.92 4.45 -13.76
C GLU A 35 -3.64 3.16 -14.17
N ARG A 36 -2.93 2.32 -14.91
CA ARG A 36 -3.53 1.13 -15.50
C ARG A 36 -2.62 -0.08 -15.35
N LEU A 37 -2.96 -0.93 -14.38
CA LEU A 37 -2.23 -2.16 -14.16
C LEU A 37 -3.07 -3.33 -14.67
N VAL A 38 -3.26 -3.38 -15.99
CA VAL A 38 -4.15 -4.37 -16.60
C VAL A 38 -3.75 -5.81 -16.23
N SER A 39 -2.45 -6.04 -16.05
CA SER A 39 -1.98 -7.37 -15.69
C SER A 39 -2.26 -7.67 -14.22
N ALA A 40 -1.97 -6.70 -13.35
CA ALA A 40 -2.20 -6.86 -11.92
C ALA A 40 -3.69 -7.05 -11.64
N GLU A 41 -4.51 -6.26 -12.32
CA GLU A 41 -5.96 -6.33 -12.17
C GLU A 41 -6.48 -7.73 -12.51
N SER A 42 -6.07 -8.24 -13.67
CA SER A 42 -6.55 -9.53 -14.14
C SER A 42 -6.01 -10.68 -13.27
N LEU A 43 -4.75 -10.58 -12.87
CA LEU A 43 -4.13 -11.61 -12.03
C LEU A 43 -4.75 -11.63 -10.64
N LEU A 44 -5.06 -10.46 -10.09
CA LEU A 44 -5.70 -10.37 -8.79
C LEU A 44 -7.15 -10.83 -8.87
N ARG A 45 -7.81 -10.47 -9.96
CA ARG A 45 -9.22 -10.81 -10.16
C ARG A 45 -9.37 -12.32 -10.40
N ASN A 46 -8.28 -12.97 -10.77
CA ASN A 46 -8.24 -14.42 -10.94
C ASN A 46 -7.76 -15.09 -9.67
N GLY A 47 -7.40 -14.28 -8.67
CA GLY A 47 -6.91 -14.80 -7.42
C GLY A 47 -5.61 -15.56 -7.55
N LYS A 48 -4.68 -15.02 -8.33
CA LYS A 48 -3.39 -15.66 -8.53
C LYS A 48 -2.29 -14.91 -7.79
N ILE A 49 -2.39 -13.59 -7.75
CA ILE A 49 -1.42 -12.80 -7.00
C ILE A 49 -2.03 -12.33 -5.69
N THR A 50 -1.18 -12.10 -4.71
CA THR A 50 -1.65 -11.69 -3.39
C THR A 50 -1.86 -10.18 -3.33
N VAL A 51 -2.60 -9.72 -2.33
CA VAL A 51 -2.80 -8.29 -2.11
C VAL A 51 -1.47 -7.59 -1.91
N ARG A 52 -0.53 -8.28 -1.27
CA ARG A 52 0.81 -7.78 -1.05
C ARG A 52 1.46 -7.37 -2.37
N GLU A 53 1.40 -8.28 -3.34
CA GLU A 53 2.00 -8.07 -4.65
C GLU A 53 1.25 -7.00 -5.43
N PHE A 54 -0.07 -6.94 -5.23
CA PHE A 54 -0.90 -5.93 -5.86
C PHE A 54 -0.53 -4.54 -5.33
N VAL A 55 -0.25 -4.47 -4.03
CA VAL A 55 0.21 -3.24 -3.40
C VAL A 55 1.48 -2.72 -4.09
N ARG A 56 2.40 -3.63 -4.40
CA ARG A 56 3.63 -3.26 -5.09
C ARG A 56 3.31 -2.58 -6.41
N ALA A 57 2.46 -3.23 -7.20
CA ALA A 57 2.11 -2.75 -8.53
C ALA A 57 1.49 -1.36 -8.47
N VAL A 58 0.58 -1.14 -7.54
CA VAL A 58 -0.12 0.13 -7.45
C VAL A 58 0.78 1.24 -6.90
N ALA A 59 1.63 0.91 -5.95
CA ALA A 59 2.50 1.90 -5.31
C ALA A 59 3.50 2.49 -6.28
N LYS A 60 3.98 1.67 -7.22
CA LYS A 60 4.97 2.12 -8.19
C LYS A 60 4.37 2.14 -9.61
N SER A 61 3.05 2.11 -9.68
CA SER A 61 2.33 2.06 -10.95
C SER A 61 2.73 3.20 -11.87
N GLU A 62 2.31 4.40 -11.50
CA GLU A 62 2.66 5.60 -12.26
C GLU A 62 3.91 6.21 -11.65
N LEU A 63 4.48 7.21 -12.33
CA LEU A 63 5.64 7.92 -11.80
C LEU A 63 5.39 8.40 -10.38
N TYR A 64 6.06 7.75 -9.44
CA TYR A 64 5.87 8.03 -8.01
C TYR A 64 6.41 9.39 -7.61
N LYS A 65 7.22 10.00 -8.48
CA LYS A 65 7.70 11.35 -8.23
C LYS A 65 6.62 12.35 -8.63
N GLU A 66 5.60 12.40 -7.79
CA GLU A 66 4.43 13.24 -8.04
C GLU A 66 4.54 14.53 -7.24
N LYS A 67 4.29 14.43 -5.94
CA LYS A 67 4.43 15.57 -5.04
C LYS A 67 5.25 15.17 -3.82
N PHE A 68 4.86 14.06 -3.21
CA PHE A 68 5.52 13.57 -2.01
C PHE A 68 6.89 12.97 -2.33
N LEU A 69 7.88 13.84 -2.44
CA LEU A 69 9.27 13.45 -2.66
C LEU A 69 10.15 14.69 -2.69
N TYR A 70 10.02 15.47 -3.75
CA TYR A 70 10.76 16.72 -3.86
C TYR A 70 9.93 17.88 -3.33
N GLY A 71 8.60 17.72 -3.39
CA GLY A 71 7.70 18.72 -2.84
C GLY A 71 7.22 18.32 -1.46
N ASN A 72 8.06 17.58 -0.76
CA ASN A 72 7.74 17.08 0.57
C ASN A 72 9.05 16.70 1.26
N PHE A 73 8.95 16.05 2.41
CA PHE A 73 10.14 15.65 3.16
C PHE A 73 10.26 14.14 3.14
N GLN A 74 11.49 13.64 2.99
CA GLN A 74 11.73 12.20 2.90
C GLN A 74 11.19 11.47 4.11
N THR A 75 11.38 12.06 5.28
CA THR A 75 10.88 11.50 6.53
C THR A 75 9.36 11.36 6.49
N ARG A 76 8.71 12.39 5.97
CA ARG A 76 7.26 12.43 5.89
C ARG A 76 6.76 11.42 4.85
N VAL A 77 7.48 11.33 3.73
CA VAL A 77 7.14 10.38 2.67
C VAL A 77 7.19 8.95 3.20
N ILE A 78 8.22 8.63 3.95
CA ILE A 78 8.36 7.31 4.55
C ILE A 78 7.20 7.01 5.49
N GLU A 79 6.82 8.00 6.29
CA GLU A 79 5.70 7.84 7.20
C GLU A 79 4.41 7.64 6.42
N LEU A 80 4.28 8.33 5.30
CA LEU A 80 3.12 8.16 4.41
C LEU A 80 3.05 6.72 3.91
N ASN A 81 4.16 6.20 3.40
CA ASN A 81 4.21 4.83 2.91
C ASN A 81 3.96 3.85 4.05
N TYR A 82 4.58 4.11 5.19
CA TYR A 82 4.45 3.24 6.35
C TYR A 82 2.97 3.11 6.75
N LYS A 83 2.29 4.24 6.86
CA LYS A 83 0.91 4.26 7.31
C LYS A 83 -0.06 3.82 6.22
N HIS A 84 0.36 3.89 4.97
CA HIS A 84 -0.51 3.54 3.86
C HIS A 84 -0.32 2.09 3.43
N LEU A 85 0.89 1.56 3.60
CA LEU A 85 1.19 0.22 3.15
C LEU A 85 1.20 -0.77 4.32
N LEU A 86 1.50 -0.29 5.51
CA LEU A 86 1.50 -1.13 6.70
C LEU A 86 0.36 -0.74 7.64
N GLY A 87 -0.23 0.42 7.38
CA GLY A 87 -1.38 0.86 8.15
C GLY A 87 -1.03 1.35 9.54
N ARG A 88 0.24 1.62 9.76
CA ARG A 88 0.71 2.06 11.07
C ARG A 88 1.87 3.03 10.92
N ALA A 89 2.09 3.88 11.92
CA ALA A 89 3.19 4.83 11.90
C ALA A 89 4.41 4.25 12.61
N PRO A 90 5.62 4.73 12.26
CA PRO A 90 6.88 4.27 12.88
C PRO A 90 6.86 4.39 14.40
N TYR A 91 7.71 3.60 15.05
CA TYR A 91 7.74 3.54 16.50
C TYR A 91 8.88 4.40 17.02
N ASP A 92 9.96 4.43 16.25
CA ASP A 92 11.13 5.23 16.58
C ASP A 92 11.74 5.82 15.31
N GLU A 93 12.66 6.75 15.47
CA GLU A 93 13.37 7.38 14.36
C GLU A 93 14.11 6.32 13.54
N SER A 94 14.47 5.22 14.18
CA SER A 94 15.28 4.18 13.56
C SER A 94 14.66 3.62 12.29
N GLU A 95 13.35 3.40 12.30
CA GLU A 95 12.67 2.89 11.11
C GLU A 95 12.81 3.88 9.94
N VAL A 96 12.64 5.15 10.25
CA VAL A 96 12.75 6.19 9.23
C VAL A 96 14.17 6.25 8.70
N ILE A 97 15.14 6.22 9.61
CA ILE A 97 16.55 6.26 9.24
C ILE A 97 16.93 5.05 8.39
N PHE A 98 16.40 3.88 8.75
CA PHE A 98 16.64 2.67 7.99
C PHE A 98 16.14 2.82 6.55
N HIS A 99 14.95 3.38 6.41
CA HIS A 99 14.36 3.56 5.09
C HIS A 99 15.06 4.68 4.32
N LEU A 100 15.59 5.67 5.05
CA LEU A 100 16.39 6.73 4.43
C LEU A 100 17.65 6.14 3.82
N ASP A 101 18.31 5.26 4.58
CA ASP A 101 19.51 4.59 4.11
C ASP A 101 19.19 3.72 2.89
N LEU A 102 18.05 3.04 2.96
CA LEU A 102 17.57 2.22 1.85
C LEU A 102 17.28 3.07 0.60
N TYR A 103 16.68 4.23 0.84
CA TYR A 103 16.38 5.18 -0.24
C TYR A 103 17.66 5.66 -0.91
N GLU A 104 18.73 5.74 -0.14
CA GLU A 104 20.01 6.15 -0.67
C GLU A 104 20.71 4.99 -1.37
N ASN A 105 20.49 3.78 -0.86
CA ASN A 105 21.10 2.59 -1.44
C ASN A 105 20.46 2.22 -2.77
N GLU A 106 19.14 2.05 -2.77
CA GLU A 106 18.44 1.58 -3.95
C GLU A 106 17.40 2.59 -4.42
N GLY A 107 16.73 3.23 -3.48
CA GLY A 107 15.77 4.25 -3.84
C GLY A 107 14.37 3.98 -3.33
N PHE A 108 13.40 4.67 -3.93
CA PHE A 108 12.01 4.63 -3.48
C PHE A 108 11.36 3.32 -3.89
N ASP A 109 11.78 2.78 -5.03
CA ASP A 109 11.24 1.54 -5.56
C ASP A 109 11.49 0.39 -4.56
N ALA A 110 12.71 0.33 -4.05
CA ALA A 110 13.09 -0.69 -3.09
C ALA A 110 12.44 -0.43 -1.74
N ASP A 111 12.22 0.85 -1.42
CA ASP A 111 11.52 1.22 -0.20
C ASP A 111 10.17 0.52 -0.17
N ILE A 112 9.44 0.61 -1.28
CA ILE A 112 8.12 0.00 -1.40
C ILE A 112 8.16 -1.51 -1.18
N ASP A 113 9.09 -2.18 -1.86
CA ASP A 113 9.20 -3.64 -1.77
C ASP A 113 9.43 -4.11 -0.33
N SER A 114 9.97 -3.22 0.49
CA SER A 114 10.26 -3.54 1.89
C SER A 114 8.97 -3.79 2.68
N TYR A 115 7.90 -3.09 2.34
CA TYR A 115 6.64 -3.19 3.07
C TYR A 115 5.91 -4.47 2.70
N ILE A 116 6.38 -5.14 1.66
CA ILE A 116 5.71 -6.32 1.13
C ILE A 116 6.24 -7.59 1.76
N ASP A 117 7.55 -7.79 1.62
CA ASP A 117 8.18 -9.05 2.03
C ASP A 117 8.32 -9.11 3.55
N SER A 118 8.03 -8.00 4.21
CA SER A 118 8.07 -7.93 5.67
C SER A 118 7.28 -9.09 6.30
N PRO A 119 8.00 -10.05 6.93
CA PRO A 119 7.41 -11.28 7.43
C PRO A 119 6.39 -11.07 8.55
N GLU A 120 6.78 -10.36 9.60
CA GLU A 120 5.95 -10.23 10.79
C GLU A 120 4.73 -9.37 10.51
N TYR A 121 4.90 -8.35 9.66
CA TYR A 121 3.81 -7.46 9.32
C TYR A 121 2.78 -8.17 8.46
N THR A 122 3.25 -8.98 7.51
CA THR A 122 2.35 -9.72 6.64
C THR A 122 1.48 -10.69 7.44
N ASN A 123 2.10 -11.51 8.27
CA ASN A 123 1.38 -12.55 9.00
C ASN A 123 0.47 -11.94 10.07
N SER A 124 0.97 -10.96 10.81
CA SER A 124 0.22 -10.40 11.92
C SER A 124 -0.82 -9.38 11.45
N PHE A 125 -0.43 -8.46 10.59
CA PHE A 125 -1.31 -7.36 10.21
C PHE A 125 -2.28 -7.76 9.09
N GLY A 126 -1.79 -8.53 8.12
CA GLY A 126 -2.67 -8.94 7.04
C GLY A 126 -1.92 -9.37 5.79
N ASP A 127 -2.25 -10.56 5.31
CA ASP A 127 -1.65 -11.09 4.08
C ASP A 127 -2.54 -10.81 2.88
N TRP A 128 -3.81 -11.14 3.00
CA TRP A 128 -4.81 -10.80 1.99
C TRP A 128 -5.64 -9.61 2.45
N VAL A 129 -5.11 -8.88 3.41
CA VAL A 129 -5.82 -7.75 3.98
C VAL A 129 -5.26 -6.43 3.44
N VAL A 130 -6.15 -5.50 3.14
CA VAL A 130 -5.76 -4.18 2.66
C VAL A 130 -5.45 -3.28 3.87
N PRO A 131 -4.25 -2.69 3.89
CA PRO A 131 -3.78 -1.84 5.00
C PRO A 131 -4.79 -0.77 5.43
N TYR A 132 -5.34 -0.96 6.61
CA TYR A 132 -6.24 0.02 7.21
C TYR A 132 -5.53 0.76 8.33
N TYR A 133 -6.11 1.85 8.79
CA TYR A 133 -5.55 2.60 9.90
C TYR A 133 -5.58 1.77 11.18
N ARG A 134 -4.44 1.19 11.53
CA ARG A 134 -4.33 0.42 12.74
C ARG A 134 -3.74 1.26 13.85
N GLY A 135 -4.61 1.92 14.60
CA GLY A 135 -4.16 2.76 15.70
C GLY A 135 -3.63 1.94 16.85
N LEU A 136 -2.35 2.12 17.15
CA LEU A 136 -1.72 1.42 18.25
C LEU A 136 -1.90 2.23 19.52
N GLU A 137 -2.77 1.77 20.40
CA GLU A 137 -3.06 2.49 21.63
C GLU A 137 -1.96 2.31 22.66
N HIS A 138 -1.31 3.42 23.00
CA HIS A 138 -0.28 3.45 24.03
C HIS A 138 -0.82 2.88 25.34
N HIS A 139 -0.04 1.99 25.93
CA HIS A 139 -0.48 1.29 27.12
C HIS A 139 0.60 1.34 28.20
N HIS A 140 0.17 1.13 29.44
CA HIS A 140 1.08 1.15 30.58
C HIS A 140 1.44 -0.27 30.99
N HIS A 141 2.45 -0.83 30.31
CA HIS A 141 2.87 -2.21 30.47
C HIS A 141 1.68 -3.16 30.30
N HIS A 142 1.09 -3.54 31.43
CA HIS A 142 -0.11 -4.36 31.42
C HIS A 142 -0.81 -4.20 32.76
N HIS A 143 -0.48 -3.10 33.43
CA HIS A 143 -1.06 -2.78 34.73
C HIS A 143 -1.87 -1.49 34.58
N MET A 1 -14.56 -2.18 9.40
CA MET A 1 -14.44 -3.42 8.61
C MET A 1 -13.07 -3.51 7.96
N PRO A 2 -12.27 -4.53 8.35
CA PRO A 2 -10.99 -4.80 7.72
C PRO A 2 -11.19 -5.34 6.32
N VAL A 3 -10.73 -4.60 5.31
CA VAL A 3 -10.90 -5.01 3.93
C VAL A 3 -10.03 -6.23 3.63
N GLU A 4 -10.64 -7.39 3.66
CA GLU A 4 -9.93 -8.63 3.39
C GLU A 4 -10.50 -9.30 2.15
N LEU A 5 -9.67 -10.07 1.48
CA LEU A 5 -10.10 -10.88 0.37
C LEU A 5 -9.84 -12.33 0.68
N ARG A 6 -10.86 -13.05 1.12
CA ARG A 6 -10.69 -14.44 1.48
C ARG A 6 -10.81 -15.32 0.25
N ALA A 7 -10.31 -16.56 0.35
CA ALA A 7 -10.09 -17.42 -0.81
C ALA A 7 -11.38 -17.99 -1.41
N ASN A 8 -12.42 -17.18 -1.40
CA ASN A 8 -13.67 -17.49 -2.07
C ASN A 8 -14.51 -16.23 -2.06
N TRP A 9 -14.18 -15.32 -2.95
CA TRP A 9 -14.73 -13.98 -2.91
C TRP A 9 -15.65 -13.75 -4.09
N SER A 10 -16.43 -12.68 -4.03
CA SER A 10 -17.19 -12.22 -5.17
C SER A 10 -16.41 -11.08 -5.83
N GLU A 11 -16.69 -10.79 -7.09
CA GLU A 11 -15.97 -9.74 -7.80
C GLU A 11 -16.32 -8.38 -7.20
N GLU A 12 -17.49 -8.30 -6.58
CA GLU A 12 -17.90 -7.12 -5.85
C GLU A 12 -16.97 -6.90 -4.66
N ASP A 13 -16.58 -8.00 -4.02
CA ASP A 13 -15.64 -7.94 -2.90
C ASP A 13 -14.28 -7.51 -3.41
N LEU A 14 -13.92 -8.02 -4.57
CA LEU A 14 -12.66 -7.66 -5.22
C LEU A 14 -12.65 -6.15 -5.48
N GLU A 15 -13.75 -5.63 -6.03
CA GLU A 15 -13.88 -4.20 -6.28
C GLU A 15 -13.73 -3.41 -4.98
N THR A 16 -14.28 -3.94 -3.90
CA THR A 16 -14.16 -3.33 -2.59
C THR A 16 -12.69 -3.22 -2.19
N VAL A 17 -11.95 -4.32 -2.40
CA VAL A 17 -10.51 -4.33 -2.16
C VAL A 17 -9.80 -3.31 -3.03
N ILE A 18 -10.13 -3.32 -4.32
CA ILE A 18 -9.56 -2.36 -5.27
C ILE A 18 -9.79 -0.92 -4.81
N ARG A 19 -11.04 -0.61 -4.50
CA ARG A 19 -11.43 0.73 -4.06
C ARG A 19 -10.75 1.10 -2.75
N ALA A 20 -10.41 0.10 -1.94
CA ALA A 20 -9.74 0.34 -0.67
C ALA A 20 -8.26 0.65 -0.88
N VAL A 21 -7.65 -0.02 -1.85
CA VAL A 21 -6.24 0.20 -2.16
C VAL A 21 -6.03 1.54 -2.83
N TYR A 22 -6.84 1.83 -3.84
CA TYR A 22 -6.75 3.10 -4.57
C TYR A 22 -7.31 4.24 -3.73
N ARG A 23 -8.22 3.90 -2.82
CA ARG A 23 -8.89 4.89 -1.97
C ARG A 23 -9.68 5.86 -2.83
N GLN A 24 -10.20 5.34 -3.94
CA GLN A 24 -10.90 6.14 -4.92
C GLN A 24 -12.34 6.43 -4.47
N VAL A 25 -12.47 7.41 -3.58
CA VAL A 25 -13.78 7.90 -3.19
C VAL A 25 -14.15 9.10 -4.05
N LEU A 26 -13.13 9.66 -4.67
CA LEU A 26 -13.27 10.81 -5.57
C LEU A 26 -11.93 11.07 -6.23
N GLY A 27 -10.87 11.02 -5.42
CA GLY A 27 -9.54 11.24 -5.93
C GLY A 27 -9.18 12.71 -5.96
N ASN A 28 -9.37 13.33 -7.11
CA ASN A 28 -9.08 14.74 -7.28
C ASN A 28 -9.95 15.32 -8.38
N ASP A 29 -10.26 16.61 -8.27
CA ASP A 29 -11.06 17.31 -9.27
C ASP A 29 -10.21 17.72 -10.47
N TYR A 30 -9.43 16.77 -10.96
CA TYR A 30 -8.53 17.00 -12.08
C TYR A 30 -8.60 15.79 -13.02
N VAL A 31 -8.04 15.93 -14.21
CA VAL A 31 -8.04 14.84 -15.18
C VAL A 31 -7.35 13.60 -14.62
N MET A 32 -6.01 13.64 -14.59
CA MET A 32 -5.19 12.58 -13.97
C MET A 32 -5.17 11.29 -14.81
N ALA A 33 -6.29 11.03 -15.50
CA ALA A 33 -6.44 9.84 -16.36
C ALA A 33 -6.57 8.56 -15.54
N SER A 34 -7.07 7.52 -16.18
CA SER A 34 -7.20 6.22 -15.53
C SER A 34 -5.97 5.36 -15.84
N GLU A 35 -5.40 4.74 -14.80
CA GLU A 35 -4.17 3.99 -14.97
C GLU A 35 -4.47 2.59 -15.51
N ARG A 36 -3.48 2.00 -16.14
CA ARG A 36 -3.63 0.73 -16.83
C ARG A 36 -3.29 -0.43 -15.90
N LEU A 37 -3.58 -0.27 -14.61
CA LEU A 37 -3.29 -1.31 -13.63
C LEU A 37 -4.40 -2.35 -13.58
N VAL A 38 -5.34 -2.25 -14.54
CA VAL A 38 -6.45 -3.19 -14.62
C VAL A 38 -5.93 -4.63 -14.80
N SER A 39 -4.73 -4.77 -15.36
CA SER A 39 -4.09 -6.07 -15.50
C SER A 39 -3.90 -6.72 -14.13
N ALA A 40 -3.35 -5.95 -13.19
CA ALA A 40 -3.11 -6.45 -11.84
C ALA A 40 -4.44 -6.72 -11.14
N GLU A 41 -5.40 -5.83 -11.35
CA GLU A 41 -6.73 -6.00 -10.80
C GLU A 41 -7.36 -7.30 -11.30
N SER A 42 -7.17 -7.60 -12.57
CA SER A 42 -7.72 -8.81 -13.17
C SER A 42 -7.02 -10.06 -12.61
N LEU A 43 -5.70 -10.00 -12.49
CA LEU A 43 -4.93 -11.12 -11.94
C LEU A 43 -5.36 -11.42 -10.51
N LEU A 44 -5.66 -10.37 -9.76
CA LEU A 44 -6.13 -10.53 -8.39
C LEU A 44 -7.56 -11.04 -8.37
N ARG A 45 -8.37 -10.53 -9.29
CA ARG A 45 -9.80 -10.86 -9.33
C ARG A 45 -10.01 -12.31 -9.78
N ASN A 46 -9.13 -12.80 -10.64
CA ASN A 46 -9.24 -14.16 -11.15
C ASN A 46 -8.68 -15.15 -10.14
N GLY A 47 -7.80 -14.66 -9.27
CA GLY A 47 -7.22 -15.51 -8.26
C GLY A 47 -5.88 -16.09 -8.66
N LYS A 48 -4.96 -15.21 -9.04
CA LYS A 48 -3.61 -15.64 -9.40
C LYS A 48 -2.58 -15.06 -8.43
N ILE A 49 -2.69 -13.77 -8.17
CA ILE A 49 -1.78 -13.10 -7.25
C ILE A 49 -2.49 -12.79 -5.94
N THR A 50 -1.72 -12.53 -4.90
CA THR A 50 -2.28 -12.20 -3.59
C THR A 50 -2.54 -10.71 -3.50
N VAL A 51 -3.16 -10.28 -2.40
CA VAL A 51 -3.40 -8.86 -2.17
C VAL A 51 -2.08 -8.14 -1.97
N ARG A 52 -1.13 -8.81 -1.32
CA ARG A 52 0.21 -8.26 -1.14
C ARG A 52 0.88 -8.00 -2.49
N GLU A 53 0.71 -8.94 -3.42
CA GLU A 53 1.26 -8.79 -4.78
C GLU A 53 0.62 -7.59 -5.48
N PHE A 54 -0.68 -7.41 -5.26
CA PHE A 54 -1.41 -6.30 -5.82
C PHE A 54 -0.91 -4.97 -5.24
N VAL A 55 -0.84 -4.91 -3.91
CA VAL A 55 -0.36 -3.72 -3.23
C VAL A 55 1.08 -3.38 -3.67
N ARG A 56 1.90 -4.41 -3.77
CA ARG A 56 3.29 -4.26 -4.21
C ARG A 56 3.35 -3.50 -5.53
N ALA A 57 2.61 -4.00 -6.51
CA ALA A 57 2.58 -3.40 -7.83
C ALA A 57 2.10 -1.96 -7.78
N VAL A 58 0.94 -1.75 -7.17
CA VAL A 58 0.32 -0.42 -7.11
C VAL A 58 1.21 0.58 -6.36
N ALA A 59 1.90 0.10 -5.34
CA ALA A 59 2.72 0.96 -4.50
C ALA A 59 3.91 1.56 -5.26
N LYS A 60 4.62 0.74 -6.02
CA LYS A 60 5.82 1.20 -6.69
C LYS A 60 5.57 1.54 -8.17
N SER A 61 4.31 1.60 -8.58
CA SER A 61 3.99 1.89 -9.97
C SER A 61 3.64 3.36 -10.18
N GLU A 62 3.17 4.02 -9.14
CA GLU A 62 2.85 5.44 -9.25
C GLU A 62 4.13 6.27 -9.24
N LEU A 63 4.01 7.56 -9.54
CA LEU A 63 5.18 8.42 -9.65
C LEU A 63 5.72 8.78 -8.26
N TYR A 64 6.39 7.81 -7.65
CA TYR A 64 6.97 7.99 -6.32
C TYR A 64 8.04 9.08 -6.32
N LYS A 65 8.62 9.32 -7.49
CA LYS A 65 9.69 10.30 -7.63
C LYS A 65 9.12 11.70 -7.73
N GLU A 66 7.80 11.79 -7.81
CA GLU A 66 7.11 13.07 -7.94
C GLU A 66 6.10 13.26 -6.81
N LYS A 67 5.14 12.34 -6.72
CA LYS A 67 4.03 12.44 -5.78
C LYS A 67 4.52 12.37 -4.33
N PHE A 68 5.47 11.48 -4.06
CA PHE A 68 5.99 11.31 -2.71
C PHE A 68 7.23 12.17 -2.46
N LEU A 69 8.25 11.92 -3.27
CA LEU A 69 9.59 12.45 -3.01
C LEU A 69 9.67 13.96 -3.21
N TYR A 70 8.76 14.53 -3.99
CA TYR A 70 8.82 15.96 -4.26
C TYR A 70 7.64 16.69 -3.63
N GLY A 71 7.91 17.40 -2.55
CA GLY A 71 6.87 18.17 -1.90
C GLY A 71 7.27 18.62 -0.51
N ASN A 72 7.50 17.66 0.38
CA ASN A 72 7.78 17.97 1.77
C ASN A 72 9.10 17.31 2.21
N PHE A 73 9.35 17.25 3.51
CA PHE A 73 10.60 16.73 4.04
C PHE A 73 10.69 15.22 3.86
N GLN A 74 11.92 14.76 3.64
CA GLN A 74 12.19 13.34 3.40
C GLN A 74 11.60 12.45 4.49
N THR A 75 11.67 12.92 5.73
CA THR A 75 11.13 12.18 6.87
C THR A 75 9.63 11.92 6.69
N ARG A 76 8.93 12.92 6.18
CA ARG A 76 7.48 12.82 6.04
C ARG A 76 7.14 12.01 4.79
N VAL A 77 8.07 11.96 3.85
CA VAL A 77 7.93 11.12 2.67
C VAL A 77 7.88 9.65 3.09
N ILE A 78 8.69 9.33 4.11
CA ILE A 78 8.68 8.00 4.70
C ILE A 78 7.33 7.72 5.33
N GLU A 79 6.80 8.71 6.06
CA GLU A 79 5.47 8.61 6.63
C GLU A 79 4.43 8.34 5.54
N LEU A 80 4.64 8.95 4.38
CA LEU A 80 3.71 8.83 3.26
C LEU A 80 3.59 7.40 2.77
N ASN A 81 4.72 6.72 2.56
CA ASN A 81 4.69 5.36 2.02
C ASN A 81 4.28 4.36 3.10
N TYR A 82 4.58 4.68 4.35
CA TYR A 82 4.21 3.84 5.48
C TYR A 82 2.69 3.76 5.60
N LYS A 83 2.04 4.93 5.51
CA LYS A 83 0.59 4.98 5.62
C LYS A 83 -0.05 4.57 4.30
N HIS A 84 0.73 4.59 3.23
CA HIS A 84 0.25 4.16 1.91
C HIS A 84 0.16 2.64 1.86
N LEU A 85 1.02 1.99 2.62
CA LEU A 85 1.10 0.54 2.59
C LEU A 85 0.39 -0.10 3.77
N LEU A 86 0.71 0.36 4.98
CA LEU A 86 0.24 -0.31 6.20
C LEU A 86 -0.76 0.55 6.96
N GLY A 87 -1.01 1.77 6.47
CA GLY A 87 -1.87 2.70 7.19
C GLY A 87 -1.34 3.03 8.57
N ARG A 88 -0.01 3.02 8.67
CA ARG A 88 0.67 3.21 9.95
C ARG A 88 1.74 4.29 9.81
N ALA A 89 1.99 5.02 10.87
CA ALA A 89 3.04 6.03 10.89
C ALA A 89 4.26 5.50 11.63
N PRO A 90 5.46 6.00 11.31
CA PRO A 90 6.70 5.62 11.99
C PRO A 90 6.59 5.80 13.51
N TYR A 91 6.74 4.71 14.25
CA TYR A 91 6.58 4.73 15.68
C TYR A 91 7.79 5.39 16.35
N ASP A 92 8.97 5.06 15.85
CA ASP A 92 10.19 5.64 16.38
C ASP A 92 11.01 6.23 15.24
N GLU A 93 12.17 6.79 15.58
CA GLU A 93 13.00 7.47 14.60
C GLU A 93 13.93 6.47 13.92
N SER A 94 14.12 5.33 14.54
CA SER A 94 14.98 4.29 13.99
C SER A 94 14.38 3.75 12.69
N GLU A 95 13.06 3.63 12.66
CA GLU A 95 12.34 3.26 11.43
C GLU A 95 12.63 4.27 10.33
N VAL A 96 12.69 5.53 10.71
CA VAL A 96 13.02 6.61 9.78
C VAL A 96 14.46 6.46 9.28
N ILE A 97 15.39 6.32 10.22
CA ILE A 97 16.80 6.15 9.92
C ILE A 97 17.03 4.98 8.96
N PHE A 98 16.34 3.87 9.24
CA PHE A 98 16.45 2.68 8.41
C PHE A 98 16.02 2.99 6.96
N HIS A 99 14.96 3.76 6.82
CA HIS A 99 14.44 4.09 5.50
C HIS A 99 15.33 5.11 4.79
N LEU A 100 15.92 6.03 5.57
CA LEU A 100 16.86 7.00 5.02
C LEU A 100 18.04 6.27 4.37
N ASP A 101 18.61 5.35 5.11
CA ASP A 101 19.74 4.56 4.62
C ASP A 101 19.30 3.65 3.47
N LEU A 102 18.09 3.11 3.60
CA LEU A 102 17.54 2.22 2.60
C LEU A 102 17.40 2.93 1.25
N TYR A 103 16.87 4.16 1.29
CA TYR A 103 16.72 4.95 0.08
C TYR A 103 18.08 5.25 -0.56
N GLU A 104 19.05 5.61 0.25
CA GLU A 104 20.39 5.96 -0.25
C GLU A 104 21.01 4.81 -1.01
N ASN A 105 20.97 3.62 -0.41
CA ASN A 105 21.67 2.47 -0.96
C ASN A 105 20.81 1.68 -1.93
N GLU A 106 19.61 1.32 -1.51
CA GLU A 106 18.77 0.41 -2.29
C GLU A 106 17.84 1.17 -3.23
N GLY A 107 17.35 2.32 -2.78
CA GLY A 107 16.44 3.11 -3.58
C GLY A 107 15.05 3.17 -2.97
N PHE A 108 14.17 3.97 -3.57
CA PHE A 108 12.82 4.15 -3.05
C PHE A 108 11.95 2.94 -3.42
N ASP A 109 12.28 2.32 -4.55
CA ASP A 109 11.57 1.13 -4.99
C ASP A 109 11.77 0.00 -3.99
N ALA A 110 12.98 -0.09 -3.44
CA ALA A 110 13.29 -1.10 -2.44
C ALA A 110 12.84 -0.65 -1.06
N ASP A 111 12.76 0.67 -0.90
CA ASP A 111 12.27 1.26 0.35
C ASP A 111 10.83 0.81 0.59
N ILE A 112 10.01 0.91 -0.45
CA ILE A 112 8.64 0.41 -0.40
C ILE A 112 8.63 -1.12 -0.39
N ASP A 113 9.58 -1.71 -1.10
CA ASP A 113 9.61 -3.16 -1.28
C ASP A 113 9.89 -3.88 0.04
N SER A 114 10.64 -3.22 0.93
CA SER A 114 11.01 -3.82 2.21
C SER A 114 9.80 -4.29 3.00
N TYR A 115 8.68 -3.56 2.86
CA TYR A 115 7.44 -3.93 3.53
C TYR A 115 6.89 -5.22 2.94
N ILE A 116 6.71 -5.22 1.63
CA ILE A 116 6.12 -6.34 0.91
C ILE A 116 7.00 -7.59 1.02
N ASP A 117 8.30 -7.36 1.07
CA ASP A 117 9.28 -8.44 1.13
C ASP A 117 9.36 -9.04 2.53
N SER A 118 8.66 -8.44 3.48
CA SER A 118 8.63 -8.96 4.84
C SER A 118 7.41 -9.85 5.05
N PRO A 119 7.63 -11.18 5.09
CA PRO A 119 6.55 -12.16 5.19
C PRO A 119 5.77 -12.04 6.51
N GLU A 120 6.48 -11.99 7.62
CA GLU A 120 5.86 -11.97 8.93
C GLU A 120 5.01 -10.72 9.14
N TYR A 121 5.64 -9.56 8.95
CA TYR A 121 4.98 -8.29 9.25
C TYR A 121 3.84 -8.00 8.28
N THR A 122 3.88 -8.61 7.10
CA THR A 122 2.76 -8.49 6.19
C THR A 122 1.67 -9.48 6.58
N ASN A 123 2.06 -10.68 6.99
CA ASN A 123 1.10 -11.73 7.33
C ASN A 123 0.29 -11.35 8.58
N SER A 124 0.95 -10.68 9.52
CA SER A 124 0.30 -10.29 10.77
C SER A 124 -0.80 -9.26 10.52
N PHE A 125 -0.64 -8.45 9.50
CA PHE A 125 -1.65 -7.47 9.15
C PHE A 125 -2.62 -8.07 8.12
N GLY A 126 -2.09 -8.85 7.20
CA GLY A 126 -2.90 -9.51 6.21
C GLY A 126 -2.19 -9.65 4.87
N ASP A 127 -2.00 -10.88 4.44
CA ASP A 127 -1.42 -11.15 3.11
C ASP A 127 -2.53 -11.08 2.08
N TRP A 128 -3.74 -11.40 2.53
CA TRP A 128 -4.94 -11.26 1.73
C TRP A 128 -5.82 -10.15 2.30
N VAL A 129 -5.24 -9.32 3.16
CA VAL A 129 -5.96 -8.23 3.78
C VAL A 129 -5.31 -6.90 3.40
N VAL A 130 -6.13 -5.90 3.14
CA VAL A 130 -5.63 -4.58 2.78
C VAL A 130 -5.32 -3.78 4.05
N PRO A 131 -4.04 -3.43 4.25
CA PRO A 131 -3.61 -2.65 5.41
C PRO A 131 -4.01 -1.18 5.29
N TYR A 132 -5.16 -0.86 5.85
CA TYR A 132 -5.67 0.50 5.82
C TYR A 132 -5.24 1.25 7.07
N TYR A 133 -5.60 2.52 7.16
CA TYR A 133 -5.24 3.34 8.32
C TYR A 133 -5.75 2.71 9.61
N ARG A 134 -4.86 2.59 10.60
CA ARG A 134 -5.19 1.93 11.85
C ARG A 134 -6.02 2.83 12.77
N GLY A 135 -7.04 3.46 12.20
CA GLY A 135 -7.89 4.35 12.97
C GLY A 135 -7.31 5.73 13.10
N LEU A 136 -6.49 6.12 12.12
CA LEU A 136 -5.87 7.44 12.12
C LEU A 136 -6.23 8.20 10.84
N GLU A 137 -7.31 8.97 10.91
CA GLU A 137 -7.75 9.75 9.78
C GLU A 137 -8.77 10.81 10.20
N HIS A 138 -8.37 12.07 10.11
CA HIS A 138 -9.30 13.16 10.39
C HIS A 138 -10.10 13.48 9.14
N HIS A 139 -11.37 13.09 9.15
CA HIS A 139 -12.26 13.26 8.01
C HIS A 139 -12.25 14.68 7.46
N HIS A 140 -12.10 15.67 8.34
CA HIS A 140 -11.96 17.05 7.92
C HIS A 140 -10.65 17.59 8.46
N HIS A 141 -9.85 18.18 7.59
CA HIS A 141 -8.52 18.65 7.97
C HIS A 141 -8.30 20.07 7.49
N HIS A 142 -7.15 20.62 7.86
CA HIS A 142 -6.80 21.99 7.47
C HIS A 142 -6.59 22.05 5.96
N HIS A 143 -5.45 21.52 5.53
CA HIS A 143 -5.14 21.39 4.11
C HIS A 143 -4.17 20.23 3.93
N MET A 1 -14.65 -7.56 8.26
CA MET A 1 -15.04 -6.24 8.83
C MET A 1 -14.25 -5.11 8.17
N PRO A 2 -12.90 -5.14 8.23
CA PRO A 2 -12.08 -4.21 7.45
C PRO A 2 -12.00 -4.65 5.99
N VAL A 3 -11.31 -3.89 5.17
CA VAL A 3 -11.15 -4.28 3.77
C VAL A 3 -10.29 -5.54 3.67
N GLU A 4 -10.95 -6.67 3.53
CA GLU A 4 -10.28 -7.96 3.47
C GLU A 4 -10.86 -8.80 2.36
N LEU A 5 -10.00 -9.48 1.61
CA LEU A 5 -10.45 -10.33 0.53
C LEU A 5 -10.62 -11.76 1.03
N ARG A 6 -11.83 -12.26 0.99
CA ARG A 6 -12.12 -13.60 1.46
C ARG A 6 -11.95 -14.61 0.33
N ALA A 7 -11.96 -15.88 0.67
CA ALA A 7 -11.86 -16.95 -0.32
C ALA A 7 -13.01 -16.86 -1.32
N ASN A 8 -14.23 -16.86 -0.81
CA ASN A 8 -15.40 -16.66 -1.64
C ASN A 8 -15.73 -15.18 -1.73
N TRP A 9 -14.96 -14.46 -2.53
CA TRP A 9 -15.17 -13.04 -2.72
C TRP A 9 -16.26 -12.79 -3.76
N SER A 10 -16.70 -11.55 -3.85
CA SER A 10 -17.70 -11.17 -4.83
C SER A 10 -17.21 -9.95 -5.62
N GLU A 11 -18.00 -9.51 -6.59
CA GLU A 11 -17.59 -8.45 -7.50
C GLU A 11 -17.34 -7.13 -6.78
N GLU A 12 -18.30 -6.68 -6.00
CA GLU A 12 -18.17 -5.40 -5.31
C GLU A 12 -17.20 -5.54 -4.14
N ASP A 13 -17.19 -6.72 -3.53
CA ASP A 13 -16.27 -7.02 -2.43
C ASP A 13 -14.83 -6.91 -2.92
N LEU A 14 -14.55 -7.59 -4.02
CA LEU A 14 -13.22 -7.54 -4.63
C LEU A 14 -12.87 -6.12 -5.06
N GLU A 15 -13.82 -5.43 -5.68
CA GLU A 15 -13.57 -4.09 -6.16
C GLU A 15 -13.31 -3.14 -5.01
N THR A 16 -13.99 -3.35 -3.88
CA THR A 16 -13.77 -2.56 -2.68
C THR A 16 -12.35 -2.78 -2.16
N VAL A 17 -11.88 -4.02 -2.26
CA VAL A 17 -10.51 -4.36 -1.91
C VAL A 17 -9.53 -3.59 -2.80
N ILE A 18 -9.73 -3.70 -4.10
CA ILE A 18 -8.89 -3.02 -5.08
C ILE A 18 -8.95 -1.50 -4.89
N ARG A 19 -10.17 -0.99 -4.68
CA ARG A 19 -10.40 0.43 -4.50
C ARG A 19 -9.64 0.97 -3.29
N ALA A 20 -9.54 0.15 -2.24
CA ALA A 20 -8.87 0.56 -1.01
C ALA A 20 -7.37 0.67 -1.21
N VAL A 21 -6.81 -0.26 -1.97
CA VAL A 21 -5.38 -0.26 -2.24
C VAL A 21 -4.97 1.00 -3.00
N TYR A 22 -5.77 1.37 -3.98
CA TYR A 22 -5.49 2.56 -4.78
C TYR A 22 -5.80 3.83 -4.02
N ARG A 23 -7.07 3.98 -3.61
CA ARG A 23 -7.59 5.23 -3.05
C ARG A 23 -7.59 6.32 -4.14
N GLN A 24 -7.38 5.88 -5.37
CA GLN A 24 -7.32 6.77 -6.53
C GLN A 24 -8.71 6.94 -7.12
N VAL A 25 -9.37 8.02 -6.73
CA VAL A 25 -10.73 8.30 -7.20
C VAL A 25 -10.73 8.83 -8.63
N LEU A 26 -9.68 9.56 -8.97
CA LEU A 26 -9.57 10.15 -10.31
C LEU A 26 -9.05 9.10 -11.29
N GLY A 27 -9.97 8.38 -11.92
CA GLY A 27 -9.58 7.38 -12.89
C GLY A 27 -9.50 7.94 -14.30
N ASN A 28 -10.24 9.03 -14.53
CA ASN A 28 -10.29 9.67 -15.84
C ASN A 28 -10.78 8.67 -16.89
N ASP A 29 -12.00 8.19 -16.68
CA ASP A 29 -12.60 7.18 -17.54
C ASP A 29 -12.83 7.71 -18.94
N TYR A 30 -11.89 7.44 -19.85
CA TYR A 30 -12.01 7.87 -21.23
C TYR A 30 -10.82 7.39 -22.05
N VAL A 31 -9.63 7.50 -21.48
CA VAL A 31 -8.41 7.16 -22.19
C VAL A 31 -7.43 6.43 -21.27
N MET A 32 -6.59 5.60 -21.88
CA MET A 32 -5.55 4.88 -21.15
C MET A 32 -4.44 5.82 -20.66
N ALA A 33 -3.31 5.25 -20.25
CA ALA A 33 -2.19 5.99 -19.65
C ALA A 33 -2.49 6.36 -18.21
N SER A 34 -3.72 6.79 -17.95
CA SER A 34 -4.19 6.97 -16.60
C SER A 34 -4.30 5.62 -15.92
N GLU A 35 -4.84 4.66 -16.67
CA GLU A 35 -4.92 3.28 -16.23
C GLU A 35 -3.73 2.50 -16.79
N ARG A 36 -2.85 2.06 -15.91
CA ARG A 36 -1.67 1.30 -16.31
C ARG A 36 -1.43 0.14 -15.35
N LEU A 37 -2.41 -0.13 -14.49
CA LEU A 37 -2.27 -1.18 -13.49
C LEU A 37 -3.39 -2.21 -13.64
N VAL A 38 -4.12 -2.10 -14.74
CA VAL A 38 -5.20 -3.05 -15.04
C VAL A 38 -4.65 -4.48 -15.10
N SER A 39 -3.38 -4.60 -15.44
CA SER A 39 -2.69 -5.89 -15.45
C SER A 39 -2.72 -6.51 -14.05
N ALA A 40 -2.36 -5.71 -13.05
CA ALA A 40 -2.33 -6.17 -11.67
C ALA A 40 -3.75 -6.44 -11.18
N GLU A 41 -4.68 -5.60 -11.60
CA GLU A 41 -6.08 -5.77 -11.27
C GLU A 41 -6.58 -7.11 -11.80
N SER A 42 -6.22 -7.42 -13.03
CA SER A 42 -6.61 -8.68 -13.66
C SER A 42 -5.97 -9.87 -12.94
N LEU A 43 -4.79 -9.64 -12.38
CA LEU A 43 -4.09 -10.70 -11.65
C LEU A 43 -4.85 -11.04 -10.37
N LEU A 44 -5.30 -10.02 -9.66
CA LEU A 44 -6.03 -10.23 -8.41
C LEU A 44 -7.46 -10.68 -8.70
N ARG A 45 -8.02 -10.16 -9.80
CA ARG A 45 -9.38 -10.50 -10.20
C ARG A 45 -9.46 -11.97 -10.58
N ASN A 46 -8.39 -12.47 -11.21
CA ASN A 46 -8.30 -13.89 -11.53
C ASN A 46 -7.96 -14.69 -10.28
N GLY A 47 -7.21 -14.06 -9.37
CA GLY A 47 -6.83 -14.71 -8.14
C GLY A 47 -5.55 -15.50 -8.27
N LYS A 48 -4.66 -15.05 -9.14
CA LYS A 48 -3.39 -15.73 -9.34
C LYS A 48 -2.29 -15.08 -8.52
N ILE A 49 -2.62 -13.97 -7.87
CA ILE A 49 -1.70 -13.30 -6.96
C ILE A 49 -2.42 -13.00 -5.65
N THR A 50 -1.66 -12.67 -4.63
CA THR A 50 -2.22 -12.29 -3.35
C THR A 50 -2.32 -10.78 -3.26
N VAL A 51 -2.96 -10.28 -2.22
CA VAL A 51 -3.09 -8.85 -2.03
C VAL A 51 -1.72 -8.24 -1.71
N ARG A 52 -0.87 -9.02 -1.07
CA ARG A 52 0.51 -8.61 -0.77
C ARG A 52 1.21 -8.16 -2.05
N GLU A 53 1.15 -9.03 -3.06
CA GLU A 53 1.78 -8.76 -4.35
C GLU A 53 1.11 -7.59 -5.05
N PHE A 54 -0.21 -7.55 -4.97
CA PHE A 54 -1.01 -6.50 -5.62
C PHE A 54 -0.60 -5.12 -5.11
N VAL A 55 -0.54 -4.96 -3.80
CA VAL A 55 -0.17 -3.68 -3.20
C VAL A 55 1.25 -3.27 -3.62
N ARG A 56 2.15 -4.25 -3.66
CA ARG A 56 3.52 -4.01 -4.09
C ARG A 56 3.56 -3.50 -5.53
N ALA A 57 2.86 -4.19 -6.42
CA ALA A 57 2.83 -3.83 -7.83
C ALA A 57 2.33 -2.40 -8.01
N VAL A 58 1.30 -2.04 -7.27
CA VAL A 58 0.73 -0.70 -7.36
C VAL A 58 1.71 0.36 -6.86
N ALA A 59 2.26 0.11 -5.68
CA ALA A 59 3.10 1.10 -4.99
C ALA A 59 4.34 1.47 -5.80
N LYS A 60 4.84 0.53 -6.59
CA LYS A 60 6.06 0.77 -7.36
C LYS A 60 5.76 1.30 -8.77
N SER A 61 4.52 1.65 -9.05
CA SER A 61 4.14 1.95 -10.42
C SER A 61 3.69 3.39 -10.67
N GLU A 62 4.67 4.26 -10.90
CA GLU A 62 4.48 5.53 -11.64
C GLU A 62 3.66 6.59 -10.90
N LEU A 63 2.39 6.29 -10.65
CA LEU A 63 1.37 7.27 -10.26
C LEU A 63 1.84 8.30 -9.23
N TYR A 64 1.92 9.55 -9.69
CA TYR A 64 2.22 10.71 -8.82
C TYR A 64 3.59 10.60 -8.16
N LYS A 65 4.47 9.82 -8.78
CA LYS A 65 5.84 9.64 -8.28
C LYS A 65 5.80 8.96 -6.92
N GLU A 66 5.62 7.64 -6.93
CA GLU A 66 5.56 6.85 -5.71
C GLU A 66 4.44 7.37 -4.80
N LYS A 67 3.30 7.66 -5.41
CA LYS A 67 2.12 8.24 -4.74
C LYS A 67 2.36 9.72 -4.41
N PHE A 68 3.50 10.03 -3.81
CA PHE A 68 3.88 11.41 -3.57
C PHE A 68 5.32 11.50 -3.05
N LEU A 69 6.25 11.46 -3.97
CA LEU A 69 7.66 11.54 -3.66
C LEU A 69 8.12 12.99 -3.70
N TYR A 70 8.81 13.41 -2.62
CA TYR A 70 9.27 14.80 -2.45
C TYR A 70 8.08 15.75 -2.23
N GLY A 71 8.38 17.03 -2.16
CA GLY A 71 7.33 18.02 -2.00
C GLY A 71 7.56 18.92 -0.80
N ASN A 72 8.32 18.42 0.17
CA ASN A 72 8.59 19.17 1.40
C ASN A 72 9.73 18.53 2.18
N PHE A 73 9.54 17.29 2.57
CA PHE A 73 10.53 16.57 3.35
C PHE A 73 10.44 15.08 3.03
N GLN A 74 11.57 14.41 3.03
CA GLN A 74 11.64 13.00 2.64
C GLN A 74 10.90 12.13 3.66
N THR A 75 10.83 12.63 4.90
CA THR A 75 10.15 11.92 5.98
C THR A 75 8.66 11.74 5.69
N ARG A 76 8.06 12.72 5.03
CA ARG A 76 6.63 12.67 4.71
C ARG A 76 6.35 11.55 3.72
N VAL A 77 7.31 11.29 2.84
CA VAL A 77 7.19 10.20 1.88
C VAL A 77 7.15 8.87 2.64
N ILE A 78 8.03 8.74 3.63
CA ILE A 78 8.05 7.55 4.47
C ILE A 78 6.75 7.42 5.25
N GLU A 79 6.19 8.56 5.66
CA GLU A 79 4.92 8.56 6.37
C GLU A 79 3.82 7.96 5.50
N LEU A 80 3.73 8.43 4.27
CA LEU A 80 2.73 7.93 3.32
C LEU A 80 2.99 6.46 3.01
N ASN A 81 4.25 6.14 2.75
CA ASN A 81 4.68 4.77 2.46
C ASN A 81 4.29 3.84 3.61
N TYR A 82 4.82 4.15 4.79
CA TYR A 82 4.64 3.35 6.00
C TYR A 82 3.16 3.16 6.32
N LYS A 83 2.42 4.26 6.31
CA LYS A 83 1.04 4.28 6.76
C LYS A 83 0.11 3.55 5.80
N HIS A 84 0.43 3.57 4.51
CA HIS A 84 -0.46 2.97 3.51
C HIS A 84 -0.11 1.51 3.25
N LEU A 85 1.16 1.14 3.41
CA LEU A 85 1.58 -0.22 3.11
C LEU A 85 1.48 -1.13 4.32
N LEU A 86 1.61 -0.56 5.51
CA LEU A 86 1.56 -1.36 6.73
C LEU A 86 0.29 -1.07 7.53
N GLY A 87 -0.34 0.06 7.27
CA GLY A 87 -1.49 0.47 8.06
C GLY A 87 -1.09 0.98 9.42
N ARG A 88 0.20 1.28 9.54
CA ARG A 88 0.79 1.74 10.78
C ARG A 88 1.56 3.03 10.51
N ALA A 89 1.67 3.89 11.51
CA ALA A 89 2.38 5.15 11.34
C ALA A 89 3.78 5.06 11.95
N PRO A 90 4.75 5.80 11.39
CA PRO A 90 6.12 5.84 11.91
C PRO A 90 6.14 6.10 13.41
N TYR A 91 6.68 5.15 14.15
CA TYR A 91 6.57 5.15 15.61
C TYR A 91 7.89 5.55 16.24
N ASP A 92 8.99 5.15 15.63
CA ASP A 92 10.31 5.46 16.16
C ASP A 92 11.19 6.12 15.10
N GLU A 93 12.12 6.94 15.55
CA GLU A 93 13.01 7.68 14.66
C GLU A 93 13.89 6.75 13.84
N SER A 94 14.31 5.63 14.45
CA SER A 94 15.23 4.71 13.80
C SER A 94 14.59 4.10 12.56
N GLU A 95 13.27 3.96 12.58
CA GLU A 95 12.53 3.43 11.44
C GLU A 95 12.72 4.36 10.24
N VAL A 96 12.57 5.65 10.49
CA VAL A 96 12.71 6.66 9.45
C VAL A 96 14.13 6.69 8.92
N ILE A 97 15.10 6.78 9.83
CA ILE A 97 16.50 6.91 9.47
C ILE A 97 16.97 5.72 8.64
N PHE A 98 16.58 4.51 9.06
CA PHE A 98 16.96 3.30 8.34
C PHE A 98 16.41 3.31 6.92
N HIS A 99 15.17 3.76 6.77
CA HIS A 99 14.52 3.78 5.47
C HIS A 99 15.05 4.91 4.59
N LEU A 100 15.49 6.00 5.21
CA LEU A 100 16.16 7.07 4.48
C LEU A 100 17.43 6.54 3.83
N ASP A 101 18.13 5.68 4.56
CA ASP A 101 19.35 5.06 4.08
C ASP A 101 19.05 4.12 2.92
N LEU A 102 18.05 3.26 3.12
CA LEU A 102 17.66 2.29 2.11
C LEU A 102 17.22 2.99 0.82
N TYR A 103 16.42 4.04 0.96
CA TYR A 103 15.94 4.80 -0.18
C TYR A 103 17.08 5.38 -1.02
N GLU A 104 17.97 6.14 -0.39
CA GLU A 104 19.00 6.86 -1.13
C GLU A 104 20.13 5.96 -1.61
N ASN A 105 20.25 4.78 -1.00
CA ASN A 105 21.33 3.88 -1.36
C ASN A 105 20.93 2.87 -2.41
N GLU A 106 19.75 2.26 -2.27
CA GLU A 106 19.34 1.22 -3.20
C GLU A 106 18.27 1.71 -4.17
N GLY A 107 17.36 2.55 -3.71
CA GLY A 107 16.35 3.10 -4.60
C GLY A 107 14.97 3.16 -3.96
N PHE A 108 14.09 3.92 -4.58
CA PHE A 108 12.74 4.12 -4.08
C PHE A 108 11.97 2.81 -3.94
N ASP A 109 12.00 1.98 -4.98
CA ASP A 109 11.21 0.76 -4.98
C ASP A 109 11.85 -0.28 -4.07
N ALA A 110 13.15 -0.16 -3.86
CA ALA A 110 13.86 -1.05 -2.95
C ALA A 110 13.42 -0.81 -1.52
N ASP A 111 13.17 0.44 -1.19
CA ASP A 111 12.65 0.81 0.12
C ASP A 111 11.21 0.32 0.26
N ILE A 112 10.37 0.71 -0.69
CA ILE A 112 8.97 0.27 -0.73
C ILE A 112 8.87 -1.26 -0.63
N ASP A 113 9.87 -1.93 -1.20
CA ASP A 113 9.91 -3.37 -1.24
C ASP A 113 9.99 -3.97 0.16
N SER A 114 10.75 -3.34 1.04
CA SER A 114 10.99 -3.86 2.38
C SER A 114 9.70 -3.96 3.19
N TYR A 115 8.74 -3.09 2.89
CA TYR A 115 7.45 -3.09 3.57
C TYR A 115 6.66 -4.35 3.23
N ILE A 116 6.58 -4.63 1.94
CA ILE A 116 5.84 -5.79 1.45
C ILE A 116 6.61 -7.09 1.73
N ASP A 117 7.92 -6.96 1.85
CA ASP A 117 8.79 -8.11 2.05
C ASP A 117 8.71 -8.64 3.48
N SER A 118 8.22 -7.81 4.41
CA SER A 118 8.14 -8.18 5.82
C SER A 118 7.24 -9.39 6.03
N PRO A 119 7.82 -10.55 6.35
CA PRO A 119 7.06 -11.80 6.47
C PRO A 119 6.13 -11.81 7.69
N GLU A 120 6.70 -11.55 8.86
CA GLU A 120 5.96 -11.60 10.12
C GLU A 120 4.76 -10.67 10.11
N TYR A 121 5.00 -9.40 9.80
CA TYR A 121 3.94 -8.40 9.86
C TYR A 121 2.88 -8.67 8.81
N THR A 122 3.30 -8.85 7.56
CA THR A 122 2.36 -9.02 6.47
C THR A 122 1.49 -10.27 6.66
N ASN A 123 2.12 -11.41 6.94
CA ASN A 123 1.39 -12.68 7.01
C ASN A 123 0.45 -12.71 8.21
N SER A 124 0.79 -11.97 9.27
CA SER A 124 -0.04 -11.93 10.45
C SER A 124 -1.15 -10.89 10.31
N PHE A 125 -0.82 -9.76 9.68
CA PHE A 125 -1.77 -8.67 9.50
C PHE A 125 -2.79 -9.03 8.43
N GLY A 126 -2.33 -9.69 7.37
CA GLY A 126 -3.21 -10.09 6.31
C GLY A 126 -2.50 -10.21 4.97
N ASP A 127 -2.54 -11.41 4.40
CA ASP A 127 -1.94 -11.65 3.09
C ASP A 127 -2.98 -11.42 2.00
N TRP A 128 -4.24 -11.61 2.40
CA TRP A 128 -5.37 -11.30 1.53
C TRP A 128 -6.13 -10.10 2.08
N VAL A 129 -5.58 -9.49 3.11
CA VAL A 129 -6.19 -8.34 3.74
C VAL A 129 -5.47 -7.07 3.30
N VAL A 130 -6.22 -6.01 3.07
CA VAL A 130 -5.65 -4.74 2.62
C VAL A 130 -5.11 -3.96 3.82
N PRO A 131 -3.86 -3.48 3.72
CA PRO A 131 -3.25 -2.64 4.75
C PRO A 131 -4.04 -1.36 5.01
N TYR A 132 -4.92 -1.42 5.99
CA TYR A 132 -5.73 -0.28 6.36
C TYR A 132 -5.15 0.37 7.60
N TYR A 133 -5.41 1.66 7.78
CA TYR A 133 -4.96 2.37 8.98
C TYR A 133 -5.55 1.71 10.22
N ARG A 134 -4.69 1.10 11.02
CA ARG A 134 -5.12 0.41 12.22
C ARG A 134 -5.55 1.40 13.29
N GLY A 135 -4.56 2.08 13.88
CA GLY A 135 -4.85 3.11 14.87
C GLY A 135 -5.37 2.53 16.18
N LEU A 136 -6.68 2.44 16.30
CA LEU A 136 -7.31 1.96 17.51
C LEU A 136 -8.06 0.66 17.24
N GLU A 137 -7.78 -0.35 18.06
CA GLU A 137 -8.44 -1.64 17.92
C GLU A 137 -9.90 -1.59 18.35
N HIS A 138 -10.79 -1.60 17.37
CA HIS A 138 -12.21 -1.73 17.64
C HIS A 138 -12.70 -3.05 17.08
N HIS A 139 -12.85 -4.03 17.94
CA HIS A 139 -13.16 -5.38 17.50
C HIS A 139 -14.07 -6.08 18.51
N HIS A 140 -14.59 -7.23 18.12
CA HIS A 140 -15.37 -8.05 19.03
C HIS A 140 -14.56 -9.27 19.44
N HIS A 141 -14.52 -9.52 20.74
CA HIS A 141 -13.81 -10.67 21.30
C HIS A 141 -14.10 -11.96 20.51
N HIS A 142 -13.04 -12.54 19.97
CA HIS A 142 -13.15 -13.78 19.20
C HIS A 142 -12.85 -14.97 20.08
N HIS A 143 -12.95 -16.16 19.51
CA HIS A 143 -12.62 -17.38 20.23
C HIS A 143 -11.16 -17.75 19.99
N MET A 1 -15.22 -6.19 11.05
CA MET A 1 -14.49 -6.95 10.02
C MET A 1 -14.02 -6.01 8.90
N PRO A 2 -12.73 -6.07 8.55
CA PRO A 2 -12.16 -5.25 7.49
C PRO A 2 -12.46 -5.82 6.11
N VAL A 3 -12.06 -5.10 5.07
CA VAL A 3 -12.25 -5.56 3.71
C VAL A 3 -11.20 -6.62 3.37
N GLU A 4 -11.65 -7.80 3.01
CA GLU A 4 -10.75 -8.92 2.81
C GLU A 4 -11.18 -9.75 1.60
N LEU A 5 -10.19 -10.23 0.84
CA LEU A 5 -10.46 -11.15 -0.25
C LEU A 5 -10.17 -12.58 0.22
N ARG A 6 -11.20 -13.39 0.31
CA ARG A 6 -11.05 -14.73 0.85
C ARG A 6 -11.49 -15.79 -0.14
N ALA A 7 -11.62 -17.02 0.34
CA ALA A 7 -12.00 -18.16 -0.51
C ALA A 7 -13.43 -18.03 -1.00
N ASN A 8 -14.15 -17.03 -0.50
CA ASN A 8 -15.49 -16.72 -0.98
C ASN A 8 -15.38 -15.81 -2.21
N TRP A 9 -14.30 -16.04 -2.98
CA TRP A 9 -13.99 -15.27 -4.18
C TRP A 9 -15.20 -15.15 -5.09
N SER A 10 -15.70 -13.94 -5.20
CA SER A 10 -16.89 -13.66 -5.99
C SER A 10 -16.77 -12.30 -6.64
N GLU A 11 -17.73 -11.98 -7.51
CA GLU A 11 -17.78 -10.67 -8.14
C GLU A 11 -17.84 -9.59 -7.07
N GLU A 12 -18.76 -9.76 -6.13
CA GLU A 12 -18.91 -8.83 -5.02
C GLU A 12 -17.65 -8.79 -4.16
N ASP A 13 -17.18 -9.97 -3.76
CA ASP A 13 -16.03 -10.10 -2.87
C ASP A 13 -14.81 -9.39 -3.47
N LEU A 14 -14.40 -9.83 -4.65
CA LEU A 14 -13.22 -9.31 -5.32
C LEU A 14 -13.35 -7.81 -5.60
N GLU A 15 -14.47 -7.40 -6.18
CA GLU A 15 -14.66 -6.03 -6.60
C GLU A 15 -14.62 -5.09 -5.40
N THR A 16 -15.24 -5.50 -4.30
CA THR A 16 -15.23 -4.70 -3.07
C THR A 16 -13.80 -4.46 -2.60
N VAL A 17 -12.98 -5.50 -2.71
CA VAL A 17 -11.58 -5.44 -2.31
C VAL A 17 -10.82 -4.45 -3.20
N ILE A 18 -10.94 -4.64 -4.51
CA ILE A 18 -10.25 -3.79 -5.48
C ILE A 18 -10.71 -2.33 -5.34
N ARG A 19 -12.02 -2.14 -5.22
CA ARG A 19 -12.58 -0.80 -5.08
C ARG A 19 -12.13 -0.15 -3.77
N ALA A 20 -12.01 -0.94 -2.71
CA ALA A 20 -11.55 -0.42 -1.43
C ALA A 20 -10.11 0.09 -1.53
N VAL A 21 -9.35 -0.51 -2.44
CA VAL A 21 -7.98 -0.10 -2.68
C VAL A 21 -7.94 1.23 -3.44
N TYR A 22 -8.86 1.40 -4.38
CA TYR A 22 -8.92 2.63 -5.18
C TYR A 22 -10.03 3.55 -4.69
N ARG A 23 -11.23 3.36 -5.21
CA ARG A 23 -12.39 4.16 -4.81
C ARG A 23 -13.59 3.24 -4.61
N GLN A 24 -13.97 3.05 -3.35
CA GLN A 24 -15.00 2.06 -2.99
C GLN A 24 -16.36 2.46 -3.55
N VAL A 25 -17.06 3.35 -2.85
CA VAL A 25 -18.38 3.79 -3.29
C VAL A 25 -18.31 5.23 -3.79
N LEU A 26 -17.34 5.48 -4.65
CA LEU A 26 -17.16 6.80 -5.24
C LEU A 26 -17.22 6.70 -6.76
N GLY A 27 -18.20 7.35 -7.36
CA GLY A 27 -18.35 7.31 -8.80
C GLY A 27 -17.71 8.51 -9.48
N ASN A 28 -17.66 8.48 -10.79
CA ASN A 28 -17.09 9.56 -11.58
C ASN A 28 -17.96 9.83 -12.80
N ASP A 29 -18.09 11.10 -13.15
CA ASP A 29 -18.93 11.50 -14.29
C ASP A 29 -18.39 10.93 -15.60
N TYR A 30 -17.21 11.36 -15.99
CA TYR A 30 -16.59 10.86 -17.21
C TYR A 30 -15.70 9.67 -16.92
N VAL A 31 -16.31 8.56 -16.55
CA VAL A 31 -15.57 7.35 -16.23
C VAL A 31 -14.95 6.75 -17.49
N MET A 32 -15.77 6.61 -18.54
CA MET A 32 -15.32 6.07 -19.84
C MET A 32 -14.85 4.62 -19.72
N ALA A 33 -13.67 4.42 -19.18
CA ALA A 33 -13.09 3.10 -19.01
C ALA A 33 -12.38 2.98 -17.67
N SER A 34 -11.67 4.05 -17.32
CA SER A 34 -10.90 4.11 -16.07
C SER A 34 -10.02 2.88 -15.88
N GLU A 35 -8.98 2.79 -16.69
CA GLU A 35 -8.04 1.69 -16.57
C GLU A 35 -7.07 1.95 -15.42
N ARG A 36 -7.30 1.26 -14.31
CA ARG A 36 -6.51 1.46 -13.11
C ARG A 36 -5.54 0.30 -12.90
N LEU A 37 -4.34 0.43 -13.47
CA LEU A 37 -3.30 -0.59 -13.34
C LEU A 37 -3.84 -1.95 -13.77
N VAL A 38 -4.39 -2.00 -14.98
CA VAL A 38 -5.10 -3.18 -15.45
C VAL A 38 -4.18 -4.40 -15.52
N SER A 39 -2.89 -4.17 -15.69
CA SER A 39 -1.93 -5.27 -15.70
C SER A 39 -1.91 -5.96 -14.33
N ALA A 40 -1.81 -5.15 -13.29
CA ALA A 40 -1.79 -5.65 -11.92
C ALA A 40 -3.16 -6.17 -11.51
N GLU A 41 -4.21 -5.45 -11.91
CA GLU A 41 -5.56 -5.86 -11.58
C GLU A 41 -5.90 -7.18 -12.27
N SER A 42 -5.36 -7.40 -13.47
CA SER A 42 -5.53 -8.68 -14.14
C SER A 42 -4.90 -9.80 -13.33
N LEU A 43 -3.70 -9.55 -12.81
CA LEU A 43 -3.00 -10.54 -11.99
C LEU A 43 -3.85 -10.93 -10.79
N LEU A 44 -4.63 -10.00 -10.27
CA LEU A 44 -5.51 -10.28 -9.14
C LEU A 44 -6.83 -10.89 -9.60
N ARG A 45 -7.46 -10.26 -10.59
CA ARG A 45 -8.80 -10.63 -11.05
C ARG A 45 -8.79 -11.97 -11.78
N ASN A 46 -7.64 -12.37 -12.32
CA ASN A 46 -7.52 -13.67 -12.96
C ASN A 46 -6.98 -14.71 -11.98
N GLY A 47 -6.72 -14.28 -10.75
CA GLY A 47 -6.35 -15.21 -9.70
C GLY A 47 -4.91 -15.68 -9.75
N LYS A 48 -3.97 -14.74 -9.79
CA LYS A 48 -2.55 -15.10 -9.75
C LYS A 48 -1.86 -14.55 -8.50
N ILE A 49 -2.06 -13.27 -8.20
CA ILE A 49 -1.31 -12.62 -7.13
C ILE A 49 -2.14 -12.46 -5.86
N THR A 50 -1.48 -12.02 -4.81
CA THR A 50 -2.12 -11.78 -3.53
C THR A 50 -2.55 -10.32 -3.39
N VAL A 51 -3.17 -9.96 -2.26
CA VAL A 51 -3.64 -8.60 -2.05
C VAL A 51 -2.48 -7.67 -1.69
N ARG A 52 -1.54 -8.16 -0.90
CA ARG A 52 -0.36 -7.37 -0.55
C ARG A 52 0.45 -7.08 -1.83
N GLU A 53 0.39 -7.99 -2.78
CA GLU A 53 1.05 -7.79 -4.06
C GLU A 53 0.35 -6.69 -4.84
N PHE A 54 -0.98 -6.71 -4.78
CA PHE A 54 -1.79 -5.68 -5.42
C PHE A 54 -1.49 -4.33 -4.78
N VAL A 55 -1.32 -4.32 -3.47
CA VAL A 55 -0.92 -3.12 -2.74
C VAL A 55 0.45 -2.65 -3.23
N ARG A 56 1.38 -3.58 -3.39
CA ARG A 56 2.74 -3.25 -3.81
C ARG A 56 2.74 -2.54 -5.16
N ALA A 57 1.92 -3.02 -6.08
CA ALA A 57 1.80 -2.40 -7.40
C ALA A 57 1.37 -0.95 -7.27
N VAL A 58 0.31 -0.71 -6.51
CA VAL A 58 -0.23 0.63 -6.33
C VAL A 58 0.67 1.46 -5.41
N ALA A 59 1.52 0.79 -4.65
CA ALA A 59 2.47 1.47 -3.78
C ALA A 59 3.75 1.80 -4.52
N LYS A 60 3.90 1.25 -5.72
CA LYS A 60 5.10 1.49 -6.52
C LYS A 60 4.75 2.26 -7.80
N SER A 61 3.53 2.75 -7.87
CA SER A 61 3.08 3.52 -9.03
C SER A 61 1.87 4.38 -8.66
N GLU A 62 1.48 5.27 -9.58
CA GLU A 62 0.35 6.19 -9.37
C GLU A 62 0.66 7.18 -8.24
N LEU A 63 -0.27 8.11 -8.01
CA LEU A 63 -0.16 9.12 -6.94
C LEU A 63 0.89 10.18 -7.29
N TYR A 64 1.79 9.83 -8.22
CA TYR A 64 2.80 10.73 -8.78
C TYR A 64 4.02 10.84 -7.87
N LYS A 65 4.98 11.68 -8.28
CA LYS A 65 6.26 11.86 -7.56
C LYS A 65 7.18 10.65 -7.74
N GLU A 66 6.62 9.54 -8.23
CA GLU A 66 7.36 8.30 -8.51
C GLU A 66 7.86 7.65 -7.22
N LYS A 67 8.86 8.28 -6.60
CA LYS A 67 9.40 7.79 -5.34
C LYS A 67 8.60 8.37 -4.18
N PHE A 68 7.44 8.95 -4.54
CA PHE A 68 6.51 9.53 -3.57
C PHE A 68 7.19 10.58 -2.71
N LEU A 69 7.96 11.43 -3.38
CA LEU A 69 8.65 12.53 -2.75
C LEU A 69 7.67 13.49 -2.09
N TYR A 70 7.95 13.83 -0.84
CA TYR A 70 7.18 14.86 -0.15
C TYR A 70 7.75 16.24 -0.47
N GLY A 71 9.06 16.28 -0.69
CA GLY A 71 9.72 17.52 -1.01
C GLY A 71 11.18 17.49 -0.65
N ASN A 72 11.73 18.64 -0.26
CA ASN A 72 13.12 18.75 0.14
C ASN A 72 13.46 17.82 1.30
N PHE A 73 12.58 17.77 2.28
CA PHE A 73 12.82 16.96 3.47
C PHE A 73 12.51 15.49 3.20
N GLN A 74 13.56 14.71 2.94
CA GLN A 74 13.41 13.28 2.69
C GLN A 74 12.92 12.56 3.94
N THR A 75 13.20 13.15 5.09
CA THR A 75 12.74 12.62 6.36
C THR A 75 11.22 12.57 6.42
N ARG A 76 10.59 13.66 5.96
CA ARG A 76 9.13 13.73 5.97
C ARG A 76 8.54 12.83 4.89
N VAL A 77 9.37 12.50 3.90
CA VAL A 77 8.99 11.53 2.88
C VAL A 77 8.87 10.15 3.52
N ILE A 78 9.66 9.94 4.57
CA ILE A 78 9.59 8.70 5.35
C ILE A 78 8.24 8.63 6.07
N GLU A 79 7.91 9.69 6.83
CA GLU A 79 6.61 9.77 7.52
C GLU A 79 5.47 9.54 6.54
N LEU A 80 5.59 10.12 5.35
CA LEU A 80 4.57 10.00 4.31
C LEU A 80 4.25 8.53 4.06
N ASN A 81 5.25 7.77 3.67
CA ASN A 81 5.04 6.38 3.26
C ASN A 81 4.92 5.44 4.46
N TYR A 82 5.44 5.87 5.60
CA TYR A 82 5.26 5.13 6.84
C TYR A 82 3.77 5.12 7.19
N LYS A 83 3.13 6.27 7.00
CA LYS A 83 1.70 6.42 7.22
C LYS A 83 0.91 5.94 6.00
N HIS A 84 1.61 5.77 4.90
CA HIS A 84 1.01 5.37 3.63
C HIS A 84 0.86 3.85 3.53
N LEU A 85 1.90 3.11 3.93
CA LEU A 85 1.88 1.65 3.85
C LEU A 85 1.67 0.99 5.21
N LEU A 86 1.89 1.73 6.29
CA LEU A 86 1.69 1.18 7.64
C LEU A 86 0.59 1.91 8.38
N GLY A 87 0.09 2.99 7.78
CA GLY A 87 -1.02 3.73 8.36
C GLY A 87 -0.75 4.31 9.74
N ARG A 88 0.50 4.68 10.01
CA ARG A 88 0.86 5.28 11.30
C ARG A 88 2.22 5.95 11.22
N ALA A 89 2.55 6.74 12.24
CA ALA A 89 3.80 7.47 12.28
C ALA A 89 4.97 6.55 12.65
N PRO A 90 6.21 6.93 12.28
CA PRO A 90 7.42 6.18 12.61
C PRO A 90 7.59 6.04 14.13
N TYR A 91 7.57 4.80 14.60
CA TYR A 91 7.66 4.54 16.03
C TYR A 91 9.12 4.46 16.45
N ASP A 92 9.97 4.03 15.53
CA ASP A 92 11.39 3.92 15.80
C ASP A 92 12.18 4.85 14.88
N GLU A 93 13.19 5.49 15.44
CA GLU A 93 13.97 6.47 14.70
C GLU A 93 14.95 5.78 13.74
N SER A 94 15.38 4.59 14.09
CA SER A 94 16.29 3.84 13.22
C SER A 94 15.54 3.37 11.98
N GLU A 95 14.22 3.17 12.12
CA GLU A 95 13.36 2.86 10.97
C GLU A 95 13.50 3.95 9.91
N VAL A 96 13.47 5.20 10.36
CA VAL A 96 13.63 6.33 9.46
C VAL A 96 14.99 6.24 8.76
N ILE A 97 16.03 6.02 9.54
CA ILE A 97 17.39 5.89 9.03
C ILE A 97 17.48 4.74 8.03
N PHE A 98 16.98 3.58 8.41
CA PHE A 98 17.01 2.39 7.57
C PHE A 98 16.32 2.63 6.24
N HIS A 99 15.14 3.25 6.27
CA HIS A 99 14.39 3.47 5.06
C HIS A 99 15.01 4.58 4.22
N LEU A 100 15.70 5.50 4.86
CA LEU A 100 16.48 6.51 4.14
C LEU A 100 17.65 5.83 3.43
N ASP A 101 18.36 4.99 4.18
CA ASP A 101 19.51 4.25 3.65
C ASP A 101 19.10 3.37 2.49
N LEU A 102 17.97 2.67 2.67
CA LEU A 102 17.45 1.78 1.65
C LEU A 102 17.03 2.58 0.41
N TYR A 103 16.27 3.64 0.63
CA TYR A 103 15.82 4.53 -0.45
C TYR A 103 17.01 5.09 -1.26
N GLU A 104 18.02 5.54 -0.55
CA GLU A 104 19.20 6.11 -1.19
C GLU A 104 19.96 5.08 -2.01
N ASN A 105 20.29 3.96 -1.40
CA ASN A 105 21.17 2.98 -2.03
C ASN A 105 20.42 2.10 -3.04
N GLU A 106 19.40 1.39 -2.58
CA GLU A 106 18.75 0.39 -3.42
C GLU A 106 17.54 0.96 -4.13
N GLY A 107 17.14 2.16 -3.74
CA GLY A 107 16.02 2.80 -4.40
C GLY A 107 14.73 2.66 -3.63
N PHE A 108 13.75 3.48 -4.00
CA PHE A 108 12.47 3.48 -3.30
C PHE A 108 11.63 2.28 -3.72
N ASP A 109 11.86 1.81 -4.95
CA ASP A 109 11.18 0.62 -5.45
C ASP A 109 11.46 -0.57 -4.55
N ALA A 110 12.74 -0.72 -4.17
CA ALA A 110 13.16 -1.79 -3.29
C ALA A 110 12.63 -1.57 -1.88
N ASP A 111 12.57 -0.32 -1.47
CA ASP A 111 12.04 0.02 -0.15
C ASP A 111 10.60 -0.44 -0.03
N ILE A 112 9.81 -0.18 -1.06
CA ILE A 112 8.42 -0.63 -1.12
C ILE A 112 8.33 -2.15 -0.97
N ASP A 113 9.21 -2.86 -1.67
CA ASP A 113 9.23 -4.32 -1.62
C ASP A 113 9.45 -4.82 -0.21
N SER A 114 10.22 -4.06 0.57
CA SER A 114 10.57 -4.43 1.94
C SER A 114 9.33 -4.55 2.82
N TYR A 115 8.41 -3.59 2.69
CA TYR A 115 7.19 -3.59 3.49
C TYR A 115 6.35 -4.83 3.21
N ILE A 116 6.17 -5.12 1.93
CA ILE A 116 5.31 -6.19 1.48
C ILE A 116 5.92 -7.56 1.78
N ASP A 117 7.24 -7.60 1.87
CA ASP A 117 7.96 -8.85 2.13
C ASP A 117 7.90 -9.22 3.60
N SER A 118 7.85 -8.22 4.47
CA SER A 118 7.94 -8.41 5.92
C SER A 118 6.89 -9.41 6.42
N PRO A 119 7.32 -10.62 6.80
CA PRO A 119 6.43 -11.70 7.21
C PRO A 119 5.67 -11.40 8.50
N GLU A 120 6.39 -10.84 9.48
CA GLU A 120 5.79 -10.53 10.79
C GLU A 120 4.53 -9.69 10.62
N TYR A 121 4.65 -8.57 9.95
CA TYR A 121 3.57 -7.60 9.85
C TYR A 121 2.50 -8.08 8.87
N THR A 122 2.91 -8.71 7.79
CA THR A 122 1.98 -9.20 6.78
C THR A 122 1.11 -10.32 7.35
N ASN A 123 1.72 -11.23 8.09
CA ASN A 123 0.99 -12.38 8.62
C ASN A 123 0.09 -11.99 9.79
N SER A 124 0.48 -10.96 10.52
CA SER A 124 -0.32 -10.52 11.66
C SER A 124 -1.52 -9.69 11.22
N PHE A 125 -1.33 -8.86 10.19
CA PHE A 125 -2.41 -8.02 9.70
C PHE A 125 -3.28 -8.77 8.70
N GLY A 126 -2.65 -9.58 7.86
CA GLY A 126 -3.39 -10.32 6.85
C GLY A 126 -2.96 -9.95 5.44
N ASP A 127 -2.59 -10.97 4.66
CA ASP A 127 -2.16 -10.77 3.28
C ASP A 127 -3.31 -10.23 2.44
N TRP A 128 -4.47 -10.83 2.63
CA TRP A 128 -5.61 -10.56 1.78
C TRP A 128 -6.52 -9.48 2.36
N VAL A 129 -5.99 -8.70 3.30
CA VAL A 129 -6.77 -7.65 3.95
C VAL A 129 -6.40 -6.28 3.39
N VAL A 130 -7.41 -5.47 3.10
CA VAL A 130 -7.20 -4.14 2.55
C VAL A 130 -6.76 -3.17 3.64
N PRO A 131 -5.62 -2.49 3.42
CA PRO A 131 -5.05 -1.51 4.35
C PRO A 131 -6.06 -0.53 4.96
N TYR A 132 -6.09 -0.48 6.29
CA TYR A 132 -6.84 0.55 6.99
C TYR A 132 -5.89 1.32 7.92
N TYR A 133 -6.34 2.46 8.44
CA TYR A 133 -5.51 3.28 9.31
C TYR A 133 -5.24 2.55 10.63
N ARG A 134 -3.99 2.61 11.09
CA ARG A 134 -3.50 1.83 12.25
C ARG A 134 -3.25 0.39 11.83
N GLY A 135 -3.14 0.18 10.53
CA GLY A 135 -2.79 -1.11 10.01
C GLY A 135 -1.85 -0.98 8.84
N LEU A 136 -2.33 -0.42 7.75
CA LEU A 136 -1.53 -0.19 6.55
C LEU A 136 -1.95 1.12 5.89
N GLU A 137 -3.27 1.34 5.81
CA GLU A 137 -3.86 2.55 5.22
C GLU A 137 -3.64 2.62 3.69
N HIS A 138 -4.56 3.27 2.98
CA HIS A 138 -4.46 3.39 1.54
C HIS A 138 -5.39 4.48 1.02
N HIS A 139 -5.80 5.41 1.89
CA HIS A 139 -6.70 6.49 1.51
C HIS A 139 -6.05 7.44 0.50
N HIS A 140 -6.89 8.20 -0.19
CA HIS A 140 -6.44 9.23 -1.10
C HIS A 140 -6.39 10.56 -0.38
N HIS A 141 -5.22 11.17 -0.32
CA HIS A 141 -5.05 12.39 0.45
C HIS A 141 -5.05 13.61 -0.48
N HIS A 142 -5.41 13.37 -1.73
CA HIS A 142 -5.54 14.45 -2.70
C HIS A 142 -6.99 14.59 -3.13
N HIS A 143 -7.60 15.72 -2.76
CA HIS A 143 -8.98 15.99 -3.14
C HIS A 143 -9.08 16.31 -4.63
N MET A 1 -16.20 -4.69 9.44
CA MET A 1 -15.35 -5.84 9.07
C MET A 1 -14.17 -5.36 8.24
N PRO A 2 -12.95 -5.79 8.57
CA PRO A 2 -11.75 -5.46 7.79
C PRO A 2 -11.89 -5.91 6.33
N VAL A 3 -11.53 -5.03 5.40
CA VAL A 3 -11.62 -5.35 3.99
C VAL A 3 -10.57 -6.39 3.62
N GLU A 4 -11.03 -7.54 3.16
CA GLU A 4 -10.14 -8.64 2.82
C GLU A 4 -10.62 -9.34 1.56
N LEU A 5 -9.72 -10.04 0.90
CA LEU A 5 -10.07 -10.90 -0.21
C LEU A 5 -10.28 -12.31 0.31
N ARG A 6 -11.54 -12.70 0.44
CA ARG A 6 -11.89 -13.98 1.04
C ARG A 6 -12.01 -15.05 -0.04
N ALA A 7 -12.03 -16.32 0.38
CA ALA A 7 -12.18 -17.44 -0.52
C ALA A 7 -13.65 -17.63 -0.92
N ASN A 8 -14.25 -16.53 -1.38
CA ASN A 8 -15.64 -16.48 -1.81
C ASN A 8 -15.98 -15.02 -2.11
N TRP A 9 -15.49 -14.53 -3.23
CA TRP A 9 -15.63 -13.13 -3.55
C TRP A 9 -16.35 -12.93 -4.88
N SER A 10 -16.95 -11.77 -5.03
CA SER A 10 -17.60 -11.38 -6.27
C SER A 10 -16.97 -10.08 -6.77
N GLU A 11 -17.46 -9.56 -7.89
CA GLU A 11 -16.92 -8.34 -8.48
C GLU A 11 -17.02 -7.18 -7.49
N GLU A 12 -18.14 -7.12 -6.76
CA GLU A 12 -18.36 -6.06 -5.79
C GLU A 12 -17.32 -6.14 -4.68
N ASP A 13 -17.06 -7.36 -4.20
CA ASP A 13 -16.11 -7.58 -3.12
C ASP A 13 -14.71 -7.20 -3.57
N LEU A 14 -14.34 -7.62 -4.76
CA LEU A 14 -13.03 -7.34 -5.30
C LEU A 14 -12.85 -5.84 -5.51
N GLU A 15 -13.86 -5.19 -6.07
CA GLU A 15 -13.84 -3.74 -6.26
C GLU A 15 -13.67 -3.02 -4.93
N THR A 16 -14.28 -3.57 -3.89
CA THR A 16 -14.14 -3.05 -2.55
C THR A 16 -12.67 -3.11 -2.12
N VAL A 17 -12.01 -4.21 -2.48
CA VAL A 17 -10.58 -4.39 -2.20
C VAL A 17 -9.76 -3.40 -3.04
N ILE A 18 -10.14 -3.25 -4.31
CA ILE A 18 -9.47 -2.33 -5.23
C ILE A 18 -9.42 -0.92 -4.63
N ARG A 19 -10.61 -0.39 -4.36
CA ARG A 19 -10.73 0.98 -3.88
C ARG A 19 -10.20 1.14 -2.46
N ALA A 20 -10.14 0.04 -1.70
CA ALA A 20 -9.61 0.08 -0.35
C ALA A 20 -8.10 0.29 -0.36
N VAL A 21 -7.45 -0.20 -1.42
CA VAL A 21 -6.01 -0.04 -1.56
C VAL A 21 -5.69 1.26 -2.28
N TYR A 22 -6.48 1.58 -3.31
CA TYR A 22 -6.27 2.78 -4.11
C TYR A 22 -6.73 4.03 -3.37
N ARG A 23 -8.04 4.14 -3.15
CA ARG A 23 -8.63 5.36 -2.64
C ARG A 23 -9.12 5.17 -1.21
N GLN A 24 -8.19 4.92 -0.29
CA GLN A 24 -8.53 4.70 1.11
C GLN A 24 -8.66 6.02 1.84
N VAL A 25 -7.54 6.74 1.92
CA VAL A 25 -7.50 8.04 2.55
C VAL A 25 -6.82 9.03 1.61
N LEU A 26 -7.28 10.27 1.61
CA LEU A 26 -6.78 11.29 0.68
C LEU A 26 -6.97 10.84 -0.77
N GLY A 27 -8.12 10.23 -1.04
CA GLY A 27 -8.40 9.73 -2.39
C GLY A 27 -8.82 10.85 -3.34
N ASN A 28 -8.11 11.95 -3.28
CA ASN A 28 -8.41 13.11 -4.10
C ASN A 28 -7.56 13.06 -5.36
N ASP A 29 -8.17 12.57 -6.45
CA ASP A 29 -7.49 12.48 -7.74
C ASP A 29 -6.87 13.80 -8.13
N TYR A 30 -7.70 14.84 -8.18
CA TYR A 30 -7.28 16.20 -8.49
C TYR A 30 -6.77 16.31 -9.93
N VAL A 31 -5.56 15.81 -10.16
CA VAL A 31 -4.98 15.79 -11.49
C VAL A 31 -5.41 14.51 -12.22
N MET A 32 -6.20 13.70 -11.51
CA MET A 32 -6.79 12.46 -12.03
C MET A 32 -5.74 11.36 -12.20
N ALA A 33 -5.85 10.32 -11.36
CA ALA A 33 -4.97 9.18 -11.47
C ALA A 33 -5.54 8.22 -12.52
N SER A 34 -5.17 8.47 -13.77
CA SER A 34 -5.75 7.74 -14.89
C SER A 34 -5.12 6.37 -15.07
N GLU A 35 -3.88 6.22 -14.64
CA GLU A 35 -3.16 4.97 -14.86
C GLU A 35 -3.44 3.97 -13.75
N ARG A 36 -4.43 3.12 -13.98
CA ARG A 36 -4.70 2.01 -13.09
C ARG A 36 -3.77 0.86 -13.44
N LEU A 37 -3.31 0.12 -12.44
CA LEU A 37 -2.44 -1.01 -12.69
C LEU A 37 -3.25 -2.19 -13.20
N VAL A 38 -3.43 -2.22 -14.51
CA VAL A 38 -4.16 -3.30 -15.17
C VAL A 38 -3.46 -4.62 -14.95
N SER A 39 -2.13 -4.56 -14.87
CA SER A 39 -1.31 -5.73 -14.60
C SER A 39 -1.71 -6.36 -13.27
N ALA A 40 -1.63 -5.57 -12.21
CA ALA A 40 -1.96 -6.04 -10.87
C ALA A 40 -3.42 -6.43 -10.76
N GLU A 41 -4.30 -5.62 -11.36
CA GLU A 41 -5.73 -5.88 -11.28
C GLU A 41 -6.08 -7.24 -11.88
N SER A 42 -5.66 -7.47 -13.11
CA SER A 42 -5.99 -8.71 -13.81
C SER A 42 -5.43 -9.92 -13.08
N LEU A 43 -4.22 -9.80 -12.54
CA LEU A 43 -3.59 -10.88 -11.81
C LEU A 43 -4.38 -11.24 -10.55
N LEU A 44 -4.95 -10.23 -9.91
CA LEU A 44 -5.74 -10.44 -8.71
C LEU A 44 -7.16 -10.86 -9.07
N ARG A 45 -7.66 -10.30 -10.16
CA ARG A 45 -9.04 -10.51 -10.58
C ARG A 45 -9.29 -11.95 -11.04
N ASN A 46 -8.22 -12.65 -11.44
CA ASN A 46 -8.35 -14.05 -11.80
C ASN A 46 -7.92 -14.94 -10.63
N GLY A 47 -7.37 -14.32 -9.60
CA GLY A 47 -6.95 -15.04 -8.42
C GLY A 47 -5.60 -15.70 -8.59
N LYS A 48 -4.71 -15.08 -9.34
CA LYS A 48 -3.37 -15.61 -9.55
C LYS A 48 -2.43 -15.16 -8.44
N ILE A 49 -2.56 -13.90 -8.04
CA ILE A 49 -1.75 -13.35 -6.97
C ILE A 49 -2.60 -13.09 -5.73
N THR A 50 -1.95 -12.66 -4.66
CA THR A 50 -2.64 -12.31 -3.43
C THR A 50 -2.68 -10.80 -3.23
N VAL A 51 -3.26 -10.37 -2.13
CA VAL A 51 -3.32 -8.96 -1.81
C VAL A 51 -1.92 -8.43 -1.48
N ARG A 52 -1.07 -9.33 -1.01
CA ARG A 52 0.33 -9.03 -0.73
C ARG A 52 1.00 -8.38 -1.96
N GLU A 53 0.88 -9.02 -3.11
CA GLU A 53 1.45 -8.47 -4.35
C GLU A 53 0.71 -7.21 -4.77
N PHE A 54 -0.61 -7.25 -4.64
CA PHE A 54 -1.46 -6.15 -5.08
C PHE A 54 -1.13 -4.86 -4.33
N VAL A 55 -1.03 -4.95 -3.01
CA VAL A 55 -0.69 -3.79 -2.19
C VAL A 55 0.68 -3.24 -2.58
N ARG A 56 1.66 -4.13 -2.71
CA ARG A 56 3.01 -3.73 -3.10
C ARG A 56 2.98 -3.06 -4.48
N ALA A 57 2.20 -3.64 -5.38
CA ALA A 57 2.08 -3.14 -6.74
C ALA A 57 1.51 -1.73 -6.74
N VAL A 58 0.34 -1.56 -6.13
CA VAL A 58 -0.33 -0.26 -6.08
C VAL A 58 0.51 0.76 -5.31
N ALA A 59 1.19 0.30 -4.26
CA ALA A 59 2.02 1.17 -3.43
C ALA A 59 3.14 1.80 -4.25
N LYS A 60 3.63 1.07 -5.24
CA LYS A 60 4.67 1.57 -6.13
C LYS A 60 4.08 2.20 -7.39
N SER A 61 2.89 1.72 -7.76
CA SER A 61 2.35 1.96 -9.09
C SER A 61 3.41 1.57 -10.13
N GLU A 62 3.94 2.57 -10.84
CA GLU A 62 5.13 2.37 -11.67
C GLU A 62 5.61 3.70 -12.24
N LEU A 63 6.69 4.22 -11.65
CA LEU A 63 7.30 5.48 -12.08
C LEU A 63 6.28 6.64 -12.03
N TYR A 64 5.28 6.51 -11.17
CA TYR A 64 4.23 7.52 -11.06
C TYR A 64 4.62 8.56 -10.03
N LYS A 65 5.93 8.82 -9.94
CA LYS A 65 6.49 9.71 -8.93
C LYS A 65 6.31 11.18 -9.32
N GLU A 66 5.52 11.42 -10.35
CA GLU A 66 5.36 12.74 -10.93
C GLU A 66 4.79 13.76 -9.94
N LYS A 67 4.06 13.29 -8.95
CA LYS A 67 3.35 14.21 -8.06
C LYS A 67 3.82 14.09 -6.60
N PHE A 68 3.67 12.91 -6.01
CA PHE A 68 3.92 12.75 -4.57
C PHE A 68 5.41 12.83 -4.24
N LEU A 69 6.25 12.35 -5.15
CA LEU A 69 7.69 12.36 -4.92
C LEU A 69 8.29 13.65 -5.45
N TYR A 70 7.56 14.31 -6.34
CA TYR A 70 8.02 15.56 -6.91
C TYR A 70 7.65 16.71 -5.97
N GLY A 71 8.41 16.85 -4.91
CA GLY A 71 8.14 17.86 -3.91
C GLY A 71 8.21 17.28 -2.52
N ASN A 72 7.76 18.05 -1.53
CA ASN A 72 7.80 17.63 -0.13
C ASN A 72 9.23 17.23 0.28
N PHE A 73 9.33 16.38 1.28
CA PHE A 73 10.61 15.83 1.70
C PHE A 73 10.49 14.33 1.86
N GLN A 74 11.61 13.63 1.83
CA GLN A 74 11.62 12.17 1.90
C GLN A 74 10.95 11.66 3.16
N THR A 75 11.13 12.36 4.27
CA THR A 75 10.52 11.97 5.53
C THR A 75 8.99 12.01 5.42
N ARG A 76 8.48 13.02 4.72
CA ARG A 76 7.05 13.18 4.47
C ARG A 76 6.55 12.00 3.64
N VAL A 77 7.38 11.57 2.70
CA VAL A 77 7.05 10.44 1.84
C VAL A 77 7.01 9.14 2.65
N ILE A 78 7.93 9.01 3.60
CA ILE A 78 7.96 7.86 4.50
C ILE A 78 6.67 7.78 5.30
N GLU A 79 6.16 8.94 5.72
CA GLU A 79 4.89 9.01 6.41
C GLU A 79 3.77 8.54 5.49
N LEU A 80 3.85 8.94 4.22
CA LEU A 80 2.84 8.59 3.23
C LEU A 80 2.81 7.10 2.94
N ASN A 81 3.94 6.56 2.49
CA ASN A 81 3.97 5.18 2.00
C ASN A 81 3.66 4.17 3.11
N TYR A 82 4.14 4.41 4.32
CA TYR A 82 3.92 3.47 5.41
C TYR A 82 2.55 3.64 6.04
N LYS A 83 1.98 4.83 5.93
CA LYS A 83 0.60 5.04 6.39
C LYS A 83 -0.35 4.40 5.37
N HIS A 84 0.19 4.10 4.20
CA HIS A 84 -0.56 3.39 3.17
C HIS A 84 -0.28 1.88 3.22
N LEU A 85 0.88 1.51 3.76
CA LEU A 85 1.28 0.10 3.83
C LEU A 85 0.91 -0.52 5.17
N LEU A 86 1.30 0.14 6.25
CA LEU A 86 1.02 -0.36 7.60
C LEU A 86 -0.22 0.34 8.15
N GLY A 87 -0.56 1.47 7.55
CA GLY A 87 -1.65 2.27 8.04
C GLY A 87 -1.22 3.13 9.20
N ARG A 88 0.08 3.38 9.29
CA ARG A 88 0.65 4.11 10.41
C ARG A 88 1.92 4.84 9.99
N ALA A 89 2.15 6.00 10.57
CA ALA A 89 3.38 6.74 10.32
C ALA A 89 4.55 6.10 11.06
N PRO A 90 5.80 6.39 10.64
CA PRO A 90 7.01 5.89 11.30
C PRO A 90 6.99 6.14 12.81
N TYR A 91 7.64 5.25 13.54
CA TYR A 91 7.55 5.26 15.00
C TYR A 91 8.84 5.76 15.64
N ASP A 92 9.98 5.38 15.09
CA ASP A 92 11.26 5.71 15.70
C ASP A 92 12.18 6.38 14.69
N GLU A 93 12.97 7.34 15.16
CA GLU A 93 13.84 8.10 14.28
C GLU A 93 14.90 7.21 13.63
N SER A 94 15.40 6.23 14.37
CA SER A 94 16.48 5.39 13.89
C SER A 94 16.01 4.54 12.71
N GLU A 95 14.78 4.05 12.76
CA GLU A 95 14.24 3.26 11.66
C GLU A 95 13.88 4.17 10.49
N VAL A 96 13.51 5.43 10.79
CA VAL A 96 13.30 6.42 9.75
C VAL A 96 14.58 6.64 8.95
N ILE A 97 15.70 6.74 9.67
CA ILE A 97 17.01 6.88 9.05
C ILE A 97 17.30 5.68 8.15
N PHE A 98 16.87 4.51 8.59
CA PHE A 98 17.02 3.29 7.80
C PHE A 98 16.33 3.42 6.44
N HIS A 99 15.14 4.02 6.44
CA HIS A 99 14.39 4.20 5.19
C HIS A 99 15.14 5.14 4.26
N LEU A 100 15.67 6.22 4.83
CA LEU A 100 16.45 7.18 4.06
C LEU A 100 17.69 6.52 3.47
N ASP A 101 18.34 5.69 4.28
CA ASP A 101 19.52 4.95 3.87
C ASP A 101 19.18 3.98 2.75
N LEU A 102 18.09 3.23 2.93
CA LEU A 102 17.66 2.25 1.95
C LEU A 102 17.22 2.94 0.66
N TYR A 103 16.62 4.12 0.80
CA TYR A 103 16.20 4.93 -0.34
C TYR A 103 17.41 5.37 -1.16
N GLU A 104 18.48 5.72 -0.47
CA GLU A 104 19.69 6.20 -1.14
C GLU A 104 20.55 5.03 -1.60
N ASN A 105 20.32 3.85 -1.03
CA ASN A 105 21.04 2.65 -1.46
C ASN A 105 20.41 2.04 -2.69
N GLU A 106 19.13 1.69 -2.58
CA GLU A 106 18.44 0.98 -3.66
C GLU A 106 17.35 1.84 -4.27
N GLY A 107 16.66 2.61 -3.44
CA GLY A 107 15.58 3.44 -3.93
C GLY A 107 14.31 3.25 -3.12
N PHE A 108 13.26 3.97 -3.50
CA PHE A 108 11.99 3.86 -2.79
C PHE A 108 11.33 2.52 -3.08
N ASP A 109 11.73 1.90 -4.18
CA ASP A 109 11.26 0.56 -4.50
C ASP A 109 11.62 -0.42 -3.40
N ALA A 110 12.89 -0.47 -3.04
CA ALA A 110 13.36 -1.37 -1.99
C ALA A 110 12.75 -1.02 -0.64
N ASP A 111 12.66 0.27 -0.32
CA ASP A 111 12.11 0.70 0.96
C ASP A 111 10.65 0.30 1.10
N ILE A 112 9.92 0.31 -0.03
CA ILE A 112 8.55 -0.15 -0.04
C ILE A 112 8.49 -1.69 -0.01
N ASP A 113 9.50 -2.33 -0.59
CA ASP A 113 9.56 -3.79 -0.65
C ASP A 113 9.82 -4.39 0.72
N SER A 114 10.38 -3.60 1.63
CA SER A 114 10.69 -4.08 2.98
C SER A 114 9.44 -4.58 3.69
N TYR A 115 8.31 -3.93 3.41
CA TYR A 115 7.02 -4.31 3.99
C TYR A 115 6.61 -5.70 3.53
N ILE A 116 7.01 -6.07 2.32
CA ILE A 116 6.68 -7.38 1.77
C ILE A 116 7.79 -8.38 2.09
N ASP A 117 8.98 -7.86 2.36
CA ASP A 117 10.13 -8.68 2.65
C ASP A 117 10.06 -9.27 4.04
N SER A 118 9.36 -8.59 4.94
CA SER A 118 9.18 -9.06 6.30
C SER A 118 8.01 -10.04 6.38
N PRO A 119 8.30 -11.36 6.35
CA PRO A 119 7.29 -12.40 6.15
C PRO A 119 6.19 -12.38 7.21
N GLU A 120 6.59 -12.33 8.48
CA GLU A 120 5.65 -12.33 9.59
C GLU A 120 4.66 -11.18 9.47
N TYR A 121 5.17 -9.98 9.25
CA TYR A 121 4.33 -8.79 9.21
C TYR A 121 3.38 -8.82 8.02
N THR A 122 3.89 -9.14 6.85
CA THR A 122 3.07 -9.17 5.64
C THR A 122 1.96 -10.20 5.75
N ASN A 123 2.33 -11.45 6.04
CA ASN A 123 1.39 -12.56 6.02
C ASN A 123 0.33 -12.41 7.11
N SER A 124 0.66 -11.71 8.19
CA SER A 124 -0.27 -11.56 9.30
C SER A 124 -1.49 -10.74 8.93
N PHE A 125 -1.31 -9.55 8.37
CA PHE A 125 -2.45 -8.67 8.14
C PHE A 125 -2.54 -8.15 6.70
N GLY A 126 -1.48 -8.31 5.92
CA GLY A 126 -1.46 -7.72 4.60
C GLY A 126 -1.23 -8.72 3.49
N ASP A 127 -1.66 -9.96 3.71
CA ASP A 127 -1.54 -10.99 2.68
C ASP A 127 -2.87 -11.20 1.97
N TRP A 128 -3.92 -11.39 2.77
CA TRP A 128 -5.28 -11.51 2.24
C TRP A 128 -6.13 -10.31 2.62
N VAL A 129 -5.68 -9.57 3.62
CA VAL A 129 -6.44 -8.44 4.13
C VAL A 129 -5.84 -7.12 3.65
N VAL A 130 -6.69 -6.13 3.46
CA VAL A 130 -6.23 -4.80 3.05
C VAL A 130 -5.84 -3.98 4.27
N PRO A 131 -4.59 -3.51 4.31
CA PRO A 131 -4.10 -2.67 5.41
C PRO A 131 -4.77 -1.31 5.45
N TYR A 132 -5.52 -1.06 6.51
CA TYR A 132 -6.16 0.23 6.71
C TYR A 132 -5.48 0.97 7.84
N TYR A 133 -5.66 2.29 7.89
CA TYR A 133 -4.97 3.11 8.86
C TYR A 133 -5.32 2.74 10.29
N ARG A 134 -4.29 2.50 11.09
CA ARG A 134 -4.42 2.14 12.48
C ARG A 134 -3.31 2.81 13.28
N GLY A 135 -3.40 4.13 13.41
CA GLY A 135 -2.38 4.90 14.08
C GLY A 135 -2.59 4.95 15.58
N LEU A 136 -3.68 4.34 16.02
CA LEU A 136 -3.99 4.25 17.44
C LEU A 136 -4.27 2.81 17.82
N GLU A 137 -3.32 2.18 18.49
CA GLU A 137 -3.49 0.81 18.92
C GLU A 137 -4.04 0.76 20.33
N HIS A 138 -4.45 -0.43 20.75
CA HIS A 138 -4.92 -0.63 22.11
C HIS A 138 -3.83 -1.33 22.91
N HIS A 139 -4.13 -1.63 24.17
CA HIS A 139 -3.16 -2.20 25.10
C HIS A 139 -2.09 -1.17 25.42
N HIS A 140 -2.54 -0.01 25.90
CA HIS A 140 -1.65 1.06 26.30
C HIS A 140 -0.80 0.61 27.49
N HIS A 141 -1.33 -0.33 28.25
CA HIS A 141 -0.58 -0.95 29.33
C HIS A 141 0.44 -1.90 28.74
N HIS A 142 1.71 -1.64 28.98
CA HIS A 142 2.78 -2.47 28.45
C HIS A 142 2.70 -3.88 29.02
N HIS A 143 3.34 -4.83 28.35
CA HIS A 143 3.21 -6.23 28.72
C HIS A 143 4.09 -6.56 29.91
N MET A 1 -16.58 -4.71 9.56
CA MET A 1 -15.94 -5.25 8.34
C MET A 1 -15.08 -4.19 7.65
N PRO A 2 -13.79 -4.50 7.46
CA PRO A 2 -12.88 -3.64 6.73
C PRO A 2 -12.79 -4.05 5.26
N VAL A 3 -12.03 -3.31 4.48
CA VAL A 3 -11.80 -3.68 3.09
C VAL A 3 -10.86 -4.87 3.05
N GLU A 4 -11.42 -6.05 2.90
CA GLU A 4 -10.67 -7.29 2.93
C GLU A 4 -11.19 -8.23 1.84
N LEU A 5 -10.28 -8.91 1.17
CA LEU A 5 -10.67 -9.87 0.14
C LEU A 5 -10.98 -11.20 0.80
N ARG A 6 -12.18 -11.71 0.56
CA ARG A 6 -12.60 -12.95 1.17
C ARG A 6 -12.01 -14.13 0.43
N ALA A 7 -11.78 -15.23 1.14
CA ALA A 7 -11.30 -16.46 0.52
C ALA A 7 -12.26 -16.90 -0.57
N ASN A 8 -13.54 -16.96 -0.20
CA ASN A 8 -14.60 -17.14 -1.18
C ASN A 8 -15.10 -15.78 -1.61
N TRP A 9 -14.38 -15.17 -2.53
CA TRP A 9 -14.68 -13.81 -2.95
C TRP A 9 -15.69 -13.81 -4.09
N SER A 10 -16.38 -12.69 -4.21
CA SER A 10 -17.33 -12.48 -5.28
C SER A 10 -16.87 -11.32 -6.14
N GLU A 11 -17.50 -11.13 -7.29
CA GLU A 11 -17.16 -10.05 -8.20
C GLU A 11 -17.22 -8.70 -7.48
N GLU A 12 -18.30 -8.48 -6.75
CA GLU A 12 -18.50 -7.24 -6.01
C GLU A 12 -17.49 -7.11 -4.87
N ASP A 13 -17.13 -8.25 -4.28
CA ASP A 13 -16.18 -8.28 -3.18
C ASP A 13 -14.79 -7.86 -3.68
N LEU A 14 -14.35 -8.52 -4.75
CA LEU A 14 -13.09 -8.19 -5.39
C LEU A 14 -13.07 -6.74 -5.85
N GLU A 15 -14.19 -6.30 -6.41
CA GLU A 15 -14.36 -4.93 -6.87
C GLU A 15 -14.14 -3.96 -5.71
N THR A 16 -14.76 -4.25 -4.58
CA THR A 16 -14.64 -3.41 -3.40
C THR A 16 -13.17 -3.23 -3.00
N VAL A 17 -12.42 -4.32 -3.02
CA VAL A 17 -11.02 -4.29 -2.63
C VAL A 17 -10.19 -3.42 -3.57
N ILE A 18 -10.21 -3.76 -4.85
CA ILE A 18 -9.37 -3.07 -5.84
C ILE A 18 -9.79 -1.62 -6.01
N ARG A 19 -11.09 -1.34 -5.93
CA ARG A 19 -11.59 0.01 -6.11
C ARG A 19 -11.15 0.92 -4.97
N ALA A 20 -11.15 0.38 -3.76
CA ALA A 20 -10.74 1.14 -2.59
C ALA A 20 -9.25 1.49 -2.63
N VAL A 21 -8.46 0.57 -3.18
CA VAL A 21 -7.02 0.78 -3.29
C VAL A 21 -6.70 1.93 -4.24
N TYR A 22 -7.41 1.99 -5.36
CA TYR A 22 -7.19 3.05 -6.34
C TYR A 22 -7.86 4.35 -5.91
N ARG A 23 -9.18 4.32 -5.86
CA ARG A 23 -9.96 5.53 -5.61
C ARG A 23 -11.19 5.23 -4.77
N GLN A 24 -11.13 5.54 -3.49
CA GLN A 24 -12.30 5.46 -2.65
C GLN A 24 -13.27 6.57 -3.05
N VAL A 25 -14.38 6.16 -3.65
CA VAL A 25 -15.34 7.09 -4.25
C VAL A 25 -14.75 7.72 -5.50
N LEU A 26 -15.07 7.13 -6.64
CA LEU A 26 -14.61 7.62 -7.92
C LEU A 26 -15.80 7.96 -8.81
N GLY A 27 -16.99 7.90 -8.22
CA GLY A 27 -18.20 8.17 -8.95
C GLY A 27 -19.03 6.92 -9.16
N ASN A 28 -20.34 7.10 -9.23
CA ASN A 28 -21.25 5.99 -9.46
C ASN A 28 -22.16 6.28 -10.65
N ASP A 29 -22.18 7.53 -11.10
CA ASP A 29 -23.08 7.94 -12.18
C ASP A 29 -22.44 7.69 -13.54
N TYR A 30 -21.13 7.63 -13.58
CA TYR A 30 -20.43 7.43 -14.84
C TYR A 30 -19.31 6.41 -14.68
N VAL A 31 -18.44 6.64 -13.69
CA VAL A 31 -17.32 5.75 -13.39
C VAL A 31 -16.26 5.78 -14.49
N MET A 32 -15.08 6.27 -14.15
CA MET A 32 -13.97 6.30 -15.10
C MET A 32 -13.12 5.04 -14.94
N ALA A 33 -12.83 4.38 -16.06
CA ALA A 33 -12.07 3.14 -16.04
C ALA A 33 -10.57 3.41 -15.89
N SER A 34 -9.97 3.96 -16.94
CA SER A 34 -8.53 4.21 -16.99
C SER A 34 -7.76 2.90 -16.85
N GLU A 35 -7.48 2.27 -17.99
CA GLU A 35 -6.79 0.99 -18.02
C GLU A 35 -5.31 1.18 -17.72
N ARG A 36 -4.92 0.79 -16.52
CA ARG A 36 -3.54 0.98 -16.07
C ARG A 36 -2.92 -0.35 -15.66
N LEU A 37 -3.28 -0.82 -14.47
CA LEU A 37 -2.75 -2.06 -13.94
C LEU A 37 -3.74 -3.19 -14.13
N VAL A 38 -4.30 -3.28 -15.33
CA VAL A 38 -5.27 -4.31 -15.66
C VAL A 38 -4.69 -5.70 -15.46
N SER A 39 -3.38 -5.81 -15.62
CA SER A 39 -2.68 -7.06 -15.39
C SER A 39 -2.80 -7.48 -13.93
N ALA A 40 -2.47 -6.55 -13.03
CA ALA A 40 -2.46 -6.82 -11.60
C ALA A 40 -3.84 -7.21 -11.09
N GLU A 41 -4.87 -6.48 -11.51
CA GLU A 41 -6.22 -6.74 -11.03
C GLU A 41 -6.75 -8.07 -11.57
N SER A 42 -6.25 -8.49 -12.72
CA SER A 42 -6.59 -9.79 -13.27
C SER A 42 -5.83 -10.89 -12.53
N LEU A 43 -4.55 -10.63 -12.24
CA LEU A 43 -3.72 -11.59 -11.52
C LEU A 43 -4.28 -11.85 -10.13
N LEU A 44 -4.77 -10.80 -9.50
CA LEU A 44 -5.40 -10.91 -8.18
C LEU A 44 -6.69 -11.74 -8.28
N ARG A 45 -7.46 -11.49 -9.33
CA ARG A 45 -8.68 -12.24 -9.58
C ARG A 45 -8.37 -13.73 -9.73
N ASN A 46 -7.29 -14.03 -10.44
CA ASN A 46 -6.93 -15.43 -10.72
C ASN A 46 -6.24 -16.06 -9.52
N GLY A 47 -6.02 -15.27 -8.48
CA GLY A 47 -5.38 -15.77 -7.28
C GLY A 47 -3.90 -16.05 -7.50
N LYS A 48 -3.31 -15.34 -8.45
CA LYS A 48 -1.90 -15.55 -8.79
C LYS A 48 -1.02 -14.69 -7.90
N ILE A 49 -1.55 -13.55 -7.50
CA ILE A 49 -0.84 -12.66 -6.59
C ILE A 49 -1.70 -12.40 -5.37
N THR A 50 -1.08 -12.00 -4.28
CA THR A 50 -1.80 -11.69 -3.05
C THR A 50 -2.18 -10.21 -3.01
N VAL A 51 -2.86 -9.80 -1.95
CA VAL A 51 -3.31 -8.42 -1.84
C VAL A 51 -2.13 -7.51 -1.56
N ARG A 52 -1.15 -8.02 -0.83
CA ARG A 52 0.06 -7.25 -0.56
C ARG A 52 0.81 -7.01 -1.86
N GLU A 53 0.77 -7.99 -2.75
CA GLU A 53 1.39 -7.89 -4.07
C GLU A 53 0.69 -6.83 -4.91
N PHE A 54 -0.64 -6.81 -4.82
CA PHE A 54 -1.43 -5.81 -5.53
C PHE A 54 -1.03 -4.41 -5.09
N VAL A 55 -0.87 -4.23 -3.78
CA VAL A 55 -0.46 -2.95 -3.23
C VAL A 55 0.94 -2.58 -3.72
N ARG A 56 1.84 -3.57 -3.73
CA ARG A 56 3.21 -3.34 -4.17
C ARG A 56 3.24 -2.88 -5.62
N ALA A 57 2.43 -3.50 -6.46
CA ALA A 57 2.36 -3.16 -7.88
C ALA A 57 1.87 -1.72 -8.08
N VAL A 58 0.87 -1.33 -7.30
CA VAL A 58 0.30 0.00 -7.40
C VAL A 58 1.29 1.07 -6.92
N ALA A 59 1.94 0.79 -5.80
CA ALA A 59 2.82 1.76 -5.17
C ALA A 59 4.07 2.06 -6.00
N LYS A 60 4.69 1.02 -6.56
CA LYS A 60 5.96 1.21 -7.25
C LYS A 60 5.76 1.43 -8.75
N SER A 61 4.53 1.60 -9.19
CA SER A 61 4.26 1.79 -10.61
C SER A 61 4.44 3.26 -11.02
N GLU A 62 3.42 4.07 -10.77
CA GLU A 62 3.47 5.47 -11.15
C GLU A 62 2.73 6.35 -10.14
N LEU A 63 3.48 7.02 -9.29
CA LEU A 63 2.93 8.00 -8.38
C LEU A 63 3.40 9.39 -8.79
N TYR A 64 4.59 9.43 -9.38
CA TYR A 64 5.18 10.67 -9.90
C TYR A 64 5.38 11.69 -8.77
N LYS A 65 5.53 12.95 -9.12
CA LYS A 65 5.77 13.98 -8.12
C LYS A 65 4.45 14.62 -7.70
N GLU A 66 3.71 13.93 -6.83
CA GLU A 66 2.46 14.45 -6.31
C GLU A 66 2.74 15.41 -5.13
N LYS A 67 3.83 16.16 -5.26
CA LYS A 67 4.26 17.18 -4.30
C LYS A 67 4.73 16.58 -2.96
N PHE A 68 4.51 15.29 -2.76
CA PHE A 68 4.87 14.64 -1.50
C PHE A 68 6.33 14.22 -1.49
N LEU A 69 7.02 14.46 -2.59
CA LEU A 69 8.40 14.00 -2.73
C LEU A 69 9.37 15.17 -2.79
N TYR A 70 9.32 15.95 -3.88
CA TYR A 70 10.29 17.03 -4.10
C TYR A 70 10.18 18.11 -3.02
N GLY A 71 8.97 18.34 -2.54
CA GLY A 71 8.75 19.35 -1.52
C GLY A 71 8.35 18.75 -0.19
N ASN A 72 9.16 17.83 0.30
CA ASN A 72 8.86 17.13 1.54
C ASN A 72 10.10 16.41 2.05
N PHE A 73 10.40 16.59 3.33
CA PHE A 73 11.53 15.90 3.97
C PHE A 73 11.39 14.39 3.81
N GLN A 74 12.51 13.73 3.54
CA GLN A 74 12.50 12.29 3.27
C GLN A 74 11.95 11.52 4.47
N THR A 75 12.14 12.07 5.66
CA THR A 75 11.63 11.46 6.87
C THR A 75 10.10 11.35 6.83
N ARG A 76 9.46 12.37 6.26
CA ARG A 76 8.02 12.38 6.14
C ARG A 76 7.56 11.61 4.91
N VAL A 77 8.45 11.49 3.92
CA VAL A 77 8.16 10.64 2.76
C VAL A 77 8.00 9.20 3.23
N ILE A 78 8.92 8.76 4.09
CA ILE A 78 8.85 7.45 4.70
C ILE A 78 7.61 7.34 5.59
N GLU A 79 7.33 8.42 6.30
CA GLU A 79 6.15 8.52 7.15
C GLU A 79 4.89 8.26 6.33
N LEU A 80 4.83 8.84 5.14
CA LEU A 80 3.67 8.69 4.25
C LEU A 80 3.54 7.24 3.79
N ASN A 81 4.66 6.62 3.43
CA ASN A 81 4.66 5.23 2.99
C ASN A 81 4.10 4.32 4.08
N TYR A 82 4.70 4.41 5.26
CA TYR A 82 4.27 3.60 6.40
C TYR A 82 2.80 3.84 6.72
N LYS A 83 2.39 5.10 6.69
CA LYS A 83 1.06 5.48 7.16
C LYS A 83 -0.02 5.15 6.12
N HIS A 84 0.32 5.23 4.85
CA HIS A 84 -0.67 5.00 3.80
C HIS A 84 -0.66 3.55 3.31
N LEU A 85 0.50 2.92 3.29
CA LEU A 85 0.63 1.57 2.75
C LEU A 85 0.44 0.51 3.82
N LEU A 86 0.89 0.80 5.04
CA LEU A 86 0.78 -0.14 6.13
C LEU A 86 -0.26 0.30 7.15
N GLY A 87 -0.79 1.50 6.95
CA GLY A 87 -1.81 2.04 7.83
C GLY A 87 -1.32 2.16 9.27
N ARG A 88 -0.16 2.77 9.45
CA ARG A 88 0.43 2.88 10.78
C ARG A 88 1.58 3.88 10.77
N ALA A 89 2.13 4.15 11.94
CA ALA A 89 3.26 5.04 12.06
C ALA A 89 4.53 4.22 12.21
N PRO A 90 5.71 4.82 11.91
CA PRO A 90 6.99 4.14 12.10
C PRO A 90 7.14 3.61 13.52
N TYR A 91 7.57 2.36 13.64
CA TYR A 91 7.69 1.70 14.93
C TYR A 91 8.81 2.33 15.76
N ASP A 92 9.96 2.49 15.13
CA ASP A 92 11.13 3.05 15.79
C ASP A 92 11.74 4.12 14.89
N GLU A 93 12.46 5.07 15.47
CA GLU A 93 13.07 6.14 14.70
C GLU A 93 14.30 5.62 13.96
N SER A 94 14.91 4.56 14.49
CA SER A 94 16.05 3.92 13.85
C SER A 94 15.61 3.33 12.51
N GLU A 95 14.35 2.91 12.44
CA GLU A 95 13.76 2.45 11.19
C GLU A 95 13.83 3.56 10.15
N VAL A 96 13.39 4.75 10.53
CA VAL A 96 13.41 5.89 9.62
C VAL A 96 14.82 6.14 9.12
N ILE A 97 15.78 6.08 10.02
CA ILE A 97 17.19 6.28 9.68
C ILE A 97 17.64 5.27 8.62
N PHE A 98 17.29 4.00 8.84
CA PHE A 98 17.62 2.95 7.88
C PHE A 98 16.92 3.21 6.54
N HIS A 99 15.65 3.62 6.59
CA HIS A 99 14.89 3.86 5.38
C HIS A 99 15.44 5.06 4.61
N LEU A 100 16.07 5.99 5.33
CA LEU A 100 16.77 7.10 4.68
C LEU A 100 17.89 6.57 3.81
N ASP A 101 18.69 5.68 4.38
CA ASP A 101 19.78 5.03 3.65
C ASP A 101 19.22 4.14 2.54
N LEU A 102 18.14 3.44 2.84
CA LEU A 102 17.48 2.56 1.88
C LEU A 102 17.03 3.33 0.65
N TYR A 103 16.45 4.50 0.85
CA TYR A 103 16.03 5.36 -0.25
C TYR A 103 17.24 5.77 -1.10
N GLU A 104 18.34 6.08 -0.44
CA GLU A 104 19.55 6.48 -1.15
C GLU A 104 20.19 5.30 -1.87
N ASN A 105 20.12 4.12 -1.26
CA ASN A 105 20.75 2.93 -1.82
C ASN A 105 19.91 2.30 -2.94
N GLU A 106 18.68 1.94 -2.61
CA GLU A 106 17.87 1.14 -3.51
C GLU A 106 16.86 1.98 -4.28
N GLY A 107 16.32 2.99 -3.63
CA GLY A 107 15.35 3.85 -4.27
C GLY A 107 14.03 3.89 -3.54
N PHE A 108 13.11 4.72 -4.00
CA PHE A 108 11.82 4.90 -3.32
C PHE A 108 10.92 3.69 -3.56
N ASP A 109 11.00 3.10 -4.74
CA ASP A 109 10.13 1.97 -5.09
C ASP A 109 10.60 0.72 -4.36
N ALA A 110 11.89 0.68 -4.04
CA ALA A 110 12.46 -0.43 -3.31
C ALA A 110 12.17 -0.30 -1.82
N ASP A 111 12.16 0.95 -1.33
CA ASP A 111 11.80 1.21 0.06
C ASP A 111 10.40 0.68 0.33
N ILE A 112 9.51 0.90 -0.63
CA ILE A 112 8.15 0.40 -0.56
C ILE A 112 8.15 -1.13 -0.66
N ASP A 113 9.00 -1.66 -1.52
CA ASP A 113 9.11 -3.10 -1.73
C ASP A 113 9.54 -3.79 -0.44
N SER A 114 10.33 -3.08 0.35
CA SER A 114 10.85 -3.61 1.61
C SER A 114 9.72 -3.94 2.58
N TYR A 115 8.62 -3.20 2.48
CA TYR A 115 7.47 -3.43 3.35
C TYR A 115 6.82 -4.76 3.01
N ILE A 116 6.88 -5.12 1.74
CA ILE A 116 6.24 -6.32 1.22
C ILE A 116 7.12 -7.54 1.47
N ASP A 117 8.43 -7.30 1.53
CA ASP A 117 9.39 -8.37 1.77
C ASP A 117 9.37 -8.80 3.23
N SER A 118 8.78 -7.96 4.08
CA SER A 118 8.67 -8.25 5.50
C SER A 118 7.55 -9.28 5.75
N PRO A 119 7.93 -10.52 6.04
CA PRO A 119 6.99 -11.65 6.10
C PRO A 119 6.02 -11.57 7.28
N GLU A 120 6.55 -11.46 8.50
CA GLU A 120 5.72 -11.46 9.69
C GLU A 120 4.76 -10.29 9.69
N TYR A 121 5.24 -9.13 9.25
CA TYR A 121 4.43 -7.92 9.21
C TYR A 121 3.25 -8.11 8.27
N THR A 122 3.47 -8.78 7.14
CA THR A 122 2.39 -9.07 6.22
C THR A 122 1.47 -10.16 6.78
N ASN A 123 2.07 -11.18 7.39
CA ASN A 123 1.32 -12.34 7.88
C ASN A 123 0.46 -11.98 9.09
N SER A 124 1.06 -11.38 10.10
CA SER A 124 0.38 -11.07 11.35
C SER A 124 -0.66 -9.97 11.17
N PHE A 125 -0.55 -9.22 10.07
CA PHE A 125 -1.51 -8.17 9.78
C PHE A 125 -2.68 -8.71 8.96
N GLY A 126 -2.40 -9.70 8.15
CA GLY A 126 -3.41 -10.24 7.25
C GLY A 126 -3.24 -9.69 5.86
N ASP A 127 -2.81 -10.55 4.94
CA ASP A 127 -2.52 -10.14 3.57
C ASP A 127 -3.74 -9.55 2.88
N TRP A 128 -4.90 -10.12 3.16
CA TRP A 128 -6.11 -9.79 2.42
C TRP A 128 -6.71 -8.47 2.91
N VAL A 129 -6.13 -7.89 3.95
CA VAL A 129 -6.63 -6.65 4.51
C VAL A 129 -5.94 -5.46 3.84
N VAL A 130 -6.74 -4.57 3.27
CA VAL A 130 -6.25 -3.32 2.74
C VAL A 130 -5.83 -2.41 3.90
N PRO A 131 -4.66 -1.74 3.77
CA PRO A 131 -4.03 -0.92 4.82
C PRO A 131 -4.97 -0.45 5.91
N TYR A 132 -4.99 -1.19 7.00
CA TYR A 132 -5.83 -0.90 8.13
C TYR A 132 -5.06 -0.06 9.13
N TYR A 133 -5.66 1.02 9.57
CA TYR A 133 -4.99 1.95 10.47
C TYR A 133 -4.99 1.44 11.90
N ARG A 134 -3.87 0.84 12.29
CA ARG A 134 -3.64 0.43 13.67
C ARG A 134 -2.30 0.97 14.12
N GLY A 135 -2.31 2.20 14.60
CA GLY A 135 -1.06 2.84 14.97
C GLY A 135 -1.20 3.77 16.16
N LEU A 136 -0.65 4.96 16.02
CA LEU A 136 -0.63 5.93 17.10
C LEU A 136 -1.80 6.91 16.98
N GLU A 137 -2.74 6.80 17.92
CA GLU A 137 -3.82 7.76 18.01
C GLU A 137 -3.40 8.96 18.84
N HIS A 138 -3.39 8.78 20.16
CA HIS A 138 -3.02 9.84 21.11
C HIS A 138 -3.85 11.09 20.85
N HIS A 139 -5.12 11.03 21.24
CA HIS A 139 -6.07 12.08 20.92
C HIS A 139 -5.75 13.39 21.64
N HIS A 140 -6.59 14.39 21.39
CA HIS A 140 -6.46 15.73 21.97
C HIS A 140 -5.36 16.53 21.28
N HIS A 141 -4.20 15.94 21.12
CA HIS A 141 -3.06 16.63 20.52
C HIS A 141 -2.76 16.10 19.12
N HIS A 142 -2.86 14.79 18.93
CA HIS A 142 -2.50 14.17 17.66
C HIS A 142 -3.72 13.55 16.98
N HIS A 143 -3.74 13.67 15.65
CA HIS A 143 -4.72 12.97 14.82
C HIS A 143 -4.45 13.29 13.36
N MET A 1 -14.74 -0.17 7.84
CA MET A 1 -14.26 -1.54 8.12
C MET A 1 -13.23 -1.95 7.07
N PRO A 2 -12.09 -2.49 7.51
CA PRO A 2 -11.04 -2.98 6.59
C PRO A 2 -11.57 -4.06 5.65
N VAL A 3 -11.39 -3.83 4.35
CA VAL A 3 -11.88 -4.75 3.34
C VAL A 3 -10.91 -5.92 3.16
N GLU A 4 -11.42 -7.13 3.33
CA GLU A 4 -10.61 -8.33 3.18
C GLU A 4 -10.86 -8.95 1.81
N LEU A 5 -9.92 -9.75 1.35
CA LEU A 5 -10.15 -10.57 0.17
C LEU A 5 -10.14 -12.03 0.57
N ARG A 6 -11.32 -12.60 0.70
CA ARG A 6 -11.45 -13.99 1.08
C ARG A 6 -11.36 -14.87 -0.16
N ALA A 7 -11.01 -16.14 0.05
CA ALA A 7 -10.78 -17.05 -1.07
C ALA A 7 -12.05 -17.28 -1.86
N ASN A 8 -13.19 -17.26 -1.17
CA ASN A 8 -14.48 -17.33 -1.83
C ASN A 8 -15.11 -15.95 -1.82
N TRP A 9 -14.78 -15.15 -2.81
CA TRP A 9 -15.29 -13.79 -2.90
C TRP A 9 -16.41 -13.66 -3.91
N SER A 10 -17.13 -12.56 -3.82
CA SER A 10 -18.10 -12.20 -4.84
C SER A 10 -17.50 -11.11 -5.72
N GLU A 11 -17.96 -10.99 -6.95
CA GLU A 11 -17.37 -10.05 -7.90
C GLU A 11 -17.43 -8.62 -7.36
N GLU A 12 -18.59 -8.25 -6.82
CA GLU A 12 -18.76 -6.93 -6.20
C GLU A 12 -17.78 -6.75 -5.04
N ASP A 13 -17.70 -7.77 -4.19
CA ASP A 13 -16.84 -7.72 -3.01
C ASP A 13 -15.38 -7.62 -3.42
N LEU A 14 -15.02 -8.33 -4.50
CA LEU A 14 -13.68 -8.29 -5.06
C LEU A 14 -13.33 -6.87 -5.51
N GLU A 15 -14.25 -6.24 -6.25
CA GLU A 15 -14.03 -4.89 -6.75
C GLU A 15 -13.96 -3.90 -5.60
N THR A 16 -14.64 -4.23 -4.50
CA THR A 16 -14.56 -3.42 -3.30
C THR A 16 -13.12 -3.41 -2.77
N VAL A 17 -12.46 -4.57 -2.86
CA VAL A 17 -11.06 -4.70 -2.47
C VAL A 17 -10.17 -3.87 -3.39
N ILE A 18 -10.35 -4.08 -4.68
CA ILE A 18 -9.57 -3.38 -5.70
C ILE A 18 -9.73 -1.86 -5.56
N ARG A 19 -10.96 -1.41 -5.40
CA ARG A 19 -11.28 0.01 -5.32
C ARG A 19 -10.75 0.62 -4.02
N ALA A 20 -10.56 -0.23 -3.01
CA ALA A 20 -10.01 0.22 -1.75
C ALA A 20 -8.52 0.50 -1.89
N VAL A 21 -7.85 -0.30 -2.73
CA VAL A 21 -6.43 -0.12 -2.97
C VAL A 21 -6.17 1.06 -3.91
N TYR A 22 -6.90 1.11 -5.01
CA TYR A 22 -6.79 2.21 -5.96
C TYR A 22 -8.06 2.31 -6.79
N ARG A 23 -8.05 3.14 -7.83
CA ARG A 23 -9.19 3.27 -8.74
C ARG A 23 -10.33 4.04 -8.08
N GLN A 24 -10.38 5.34 -8.30
CA GLN A 24 -11.45 6.17 -7.80
C GLN A 24 -12.07 6.94 -8.95
N VAL A 25 -13.22 7.55 -8.72
CA VAL A 25 -13.86 8.37 -9.75
C VAL A 25 -13.02 9.64 -9.95
N LEU A 26 -12.43 10.12 -8.86
CA LEU A 26 -11.52 11.24 -8.94
C LEU A 26 -10.09 10.74 -9.16
N GLY A 27 -9.37 11.42 -10.05
CA GLY A 27 -7.99 11.06 -10.31
C GLY A 27 -7.37 11.99 -11.31
N ASN A 28 -7.92 12.01 -12.51
CA ASN A 28 -7.48 12.90 -13.57
C ASN A 28 -8.61 13.11 -14.57
N ASP A 29 -8.36 13.93 -15.58
CA ASP A 29 -9.39 14.28 -16.57
C ASP A 29 -9.64 13.13 -17.57
N TYR A 30 -9.27 11.92 -17.17
CA TYR A 30 -9.52 10.72 -17.97
C TYR A 30 -8.77 10.79 -19.30
N VAL A 31 -7.66 11.52 -19.30
CA VAL A 31 -6.85 11.68 -20.50
C VAL A 31 -5.88 10.50 -20.65
N MET A 32 -5.82 9.68 -19.62
CA MET A 32 -4.96 8.50 -19.63
C MET A 32 -5.58 7.40 -20.49
N ALA A 33 -4.78 6.85 -21.40
CA ALA A 33 -5.25 5.78 -22.27
C ALA A 33 -4.82 4.43 -21.72
N SER A 34 -5.81 3.63 -21.34
CA SER A 34 -5.58 2.32 -20.72
C SER A 34 -5.00 2.50 -19.32
N GLU A 35 -4.64 1.39 -18.70
CA GLU A 35 -4.10 1.40 -17.35
C GLU A 35 -2.79 0.63 -17.30
N ARG A 36 -1.92 0.99 -16.38
CA ARG A 36 -0.62 0.33 -16.27
C ARG A 36 -0.70 -0.89 -15.37
N LEU A 37 -1.75 -0.97 -14.56
CA LEU A 37 -1.91 -2.08 -13.62
C LEU A 37 -3.12 -2.93 -13.99
N VAL A 38 -3.65 -2.73 -15.19
CA VAL A 38 -4.85 -3.43 -15.63
C VAL A 38 -4.62 -4.94 -15.68
N SER A 39 -3.46 -5.36 -16.15
CA SER A 39 -3.14 -6.78 -16.23
C SER A 39 -2.98 -7.37 -14.84
N ALA A 40 -2.44 -6.57 -13.93
CA ALA A 40 -2.28 -7.00 -12.54
C ALA A 40 -3.63 -7.18 -11.88
N GLU A 41 -4.55 -6.25 -12.15
CA GLU A 41 -5.90 -6.32 -11.62
C GLU A 41 -6.60 -7.58 -12.14
N SER A 42 -6.47 -7.83 -13.43
CA SER A 42 -7.07 -9.01 -14.05
C SER A 42 -6.53 -10.29 -13.39
N LEU A 43 -5.24 -10.31 -13.10
CA LEU A 43 -4.63 -11.47 -12.44
C LEU A 43 -5.22 -11.68 -11.05
N LEU A 44 -5.55 -10.59 -10.38
CA LEU A 44 -6.20 -10.67 -9.07
C LEU A 44 -7.64 -11.14 -9.24
N ARG A 45 -8.28 -10.66 -10.29
CA ARG A 45 -9.66 -11.03 -10.60
C ARG A 45 -9.73 -12.51 -10.94
N ASN A 46 -8.68 -13.02 -11.59
CA ASN A 46 -8.59 -14.44 -11.93
C ASN A 46 -8.19 -15.26 -10.70
N GLY A 47 -7.91 -14.56 -9.60
CA GLY A 47 -7.52 -15.23 -8.37
C GLY A 47 -6.16 -15.91 -8.49
N LYS A 48 -5.28 -15.31 -9.27
CA LYS A 48 -3.98 -15.89 -9.53
C LYS A 48 -2.94 -15.36 -8.55
N ILE A 49 -2.94 -14.06 -8.32
CA ILE A 49 -1.97 -13.44 -7.43
C ILE A 49 -2.54 -13.22 -6.03
N THR A 50 -1.72 -12.72 -5.13
CA THR A 50 -2.14 -12.45 -3.77
C THR A 50 -2.47 -10.97 -3.61
N VAL A 51 -3.03 -10.60 -2.46
CA VAL A 51 -3.28 -9.19 -2.16
C VAL A 51 -1.95 -8.46 -1.97
N ARG A 52 -1.03 -9.11 -1.28
CA ARG A 52 0.32 -8.58 -1.10
C ARG A 52 0.95 -8.26 -2.45
N GLU A 53 0.79 -9.17 -3.41
CA GLU A 53 1.30 -9.00 -4.76
C GLU A 53 0.62 -7.80 -5.43
N PHE A 54 -0.69 -7.72 -5.28
CA PHE A 54 -1.46 -6.63 -5.85
C PHE A 54 -1.01 -5.29 -5.27
N VAL A 55 -0.85 -5.26 -3.95
CA VAL A 55 -0.35 -4.06 -3.27
C VAL A 55 1.03 -3.68 -3.80
N ARG A 56 1.89 -4.69 -3.99
CA ARG A 56 3.24 -4.45 -4.50
C ARG A 56 3.19 -3.71 -5.84
N ALA A 57 2.39 -4.23 -6.76
CA ALA A 57 2.26 -3.65 -8.10
C ALA A 57 1.77 -2.20 -8.02
N VAL A 58 0.75 -1.97 -7.20
CA VAL A 58 0.14 -0.65 -7.10
C VAL A 58 1.05 0.31 -6.34
N ALA A 59 1.73 -0.19 -5.31
CA ALA A 59 2.61 0.66 -4.50
C ALA A 59 3.83 1.12 -5.27
N LYS A 60 4.19 0.39 -6.32
CA LYS A 60 5.36 0.76 -7.12
C LYS A 60 4.97 1.62 -8.33
N SER A 61 3.76 2.17 -8.31
CA SER A 61 3.35 3.08 -9.37
C SER A 61 3.57 4.53 -8.91
N GLU A 62 3.86 5.41 -9.86
CA GLU A 62 4.13 6.80 -9.51
C GLU A 62 2.85 7.62 -9.51
N LEU A 63 2.12 7.55 -8.40
CA LEU A 63 0.91 8.32 -8.24
C LEU A 63 1.24 9.74 -7.79
N TYR A 64 1.01 10.71 -8.68
CA TYR A 64 1.36 12.11 -8.44
C TYR A 64 2.86 12.33 -8.51
N LYS A 65 3.58 11.66 -7.63
CA LYS A 65 5.03 11.73 -7.56
C LYS A 65 5.55 10.39 -7.08
N GLU A 66 6.73 10.00 -7.53
CA GLU A 66 7.32 8.70 -7.21
C GLU A 66 7.23 8.39 -5.72
N LYS A 67 6.25 7.55 -5.35
CA LYS A 67 6.04 7.13 -3.96
C LYS A 67 5.59 8.32 -3.09
N PHE A 68 4.84 9.23 -3.72
CA PHE A 68 4.36 10.46 -3.06
C PHE A 68 5.55 11.32 -2.63
N LEU A 69 6.55 11.29 -3.49
CA LEU A 69 7.78 12.03 -3.33
C LEU A 69 7.54 13.54 -3.23
N TYR A 70 8.43 14.23 -2.54
CA TYR A 70 8.39 15.68 -2.44
C TYR A 70 9.81 16.26 -2.47
N GLY A 71 10.74 15.58 -1.81
CA GLY A 71 12.10 16.05 -1.73
C GLY A 71 12.31 16.94 -0.53
N ASN A 72 13.56 17.05 -0.08
CA ASN A 72 13.92 17.86 1.09
C ASN A 72 13.38 17.23 2.37
N PHE A 73 12.06 17.29 2.56
CA PHE A 73 11.43 16.66 3.72
C PHE A 73 11.11 15.21 3.38
N GLN A 74 12.15 14.43 3.11
CA GLN A 74 11.98 13.04 2.69
C GLN A 74 11.38 12.21 3.82
N THR A 75 11.60 12.65 5.06
CA THR A 75 11.06 11.96 6.23
C THR A 75 9.54 11.88 6.15
N ARG A 76 8.92 12.86 5.49
CA ARG A 76 7.47 12.89 5.31
C ARG A 76 7.01 11.73 4.42
N VAL A 77 7.82 11.43 3.41
CA VAL A 77 7.53 10.32 2.50
C VAL A 77 7.64 9.00 3.26
N ILE A 78 8.54 8.96 4.23
CA ILE A 78 8.69 7.82 5.11
C ILE A 78 7.44 7.65 5.98
N GLU A 79 6.93 8.75 6.50
CA GLU A 79 5.72 8.73 7.30
C GLU A 79 4.53 8.23 6.47
N LEU A 80 4.50 8.62 5.20
CA LEU A 80 3.45 8.18 4.29
C LEU A 80 3.50 6.67 4.11
N ASN A 81 4.71 6.12 4.06
CA ASN A 81 4.91 4.67 4.01
C ASN A 81 4.23 4.00 5.19
N TYR A 82 4.62 4.44 6.38
CA TYR A 82 4.17 3.81 7.61
C TYR A 82 2.68 3.95 7.83
N LYS A 83 2.13 5.08 7.41
CA LYS A 83 0.70 5.32 7.61
C LYS A 83 -0.16 4.50 6.64
N HIS A 84 0.15 4.58 5.36
CA HIS A 84 -0.75 4.02 4.35
C HIS A 84 -0.40 2.57 4.00
N LEU A 85 0.85 2.17 4.21
CA LEU A 85 1.25 0.80 3.88
C LEU A 85 1.32 -0.08 5.12
N LEU A 86 1.96 0.43 6.17
CA LEU A 86 2.14 -0.36 7.39
C LEU A 86 0.94 -0.22 8.32
N GLY A 87 0.23 0.90 8.21
CA GLY A 87 -0.95 1.13 9.01
C GLY A 87 -0.60 1.53 10.44
N ARG A 88 0.56 2.14 10.62
CA ARG A 88 1.04 2.50 11.95
C ARG A 88 2.08 3.62 11.86
N ALA A 89 1.93 4.64 12.70
CA ALA A 89 2.89 5.74 12.78
C ALA A 89 4.25 5.22 13.26
N PRO A 90 5.34 5.91 12.88
CA PRO A 90 6.72 5.52 13.25
C PRO A 90 6.92 5.39 14.76
N TYR A 91 7.83 4.51 15.15
CA TYR A 91 8.10 4.25 16.57
C TYR A 91 9.32 5.02 17.04
N ASP A 92 10.48 4.76 16.43
CA ASP A 92 11.72 5.38 16.87
C ASP A 92 12.48 6.00 15.69
N GLU A 93 13.75 6.32 15.90
CA GLU A 93 14.53 7.06 14.91
C GLU A 93 15.20 6.13 13.90
N SER A 94 15.58 4.92 14.33
CA SER A 94 16.38 4.03 13.50
C SER A 94 15.63 3.62 12.22
N GLU A 95 14.31 3.48 12.35
CA GLU A 95 13.47 3.11 11.21
C GLU A 95 13.47 4.22 10.17
N VAL A 96 13.47 5.47 10.63
CA VAL A 96 13.51 6.62 9.75
C VAL A 96 14.86 6.67 9.04
N ILE A 97 15.93 6.53 9.82
CA ILE A 97 17.29 6.51 9.29
C ILE A 97 17.45 5.41 8.25
N PHE A 98 16.87 4.25 8.55
CA PHE A 98 16.90 3.11 7.64
C PHE A 98 16.37 3.47 6.26
N HIS A 99 15.18 4.08 6.22
CA HIS A 99 14.57 4.42 4.93
C HIS A 99 15.34 5.52 4.22
N LEU A 100 15.98 6.40 4.98
CA LEU A 100 16.82 7.43 4.40
C LEU A 100 18.03 6.80 3.71
N ASP A 101 18.73 5.95 4.44
CA ASP A 101 19.91 5.26 3.92
C ASP A 101 19.51 4.35 2.76
N LEU A 102 18.36 3.71 2.90
CA LEU A 102 17.81 2.83 1.89
C LEU A 102 17.52 3.61 0.60
N TYR A 103 16.97 4.81 0.76
CA TYR A 103 16.63 5.66 -0.38
C TYR A 103 17.90 6.19 -1.06
N GLU A 104 18.94 6.43 -0.27
CA GLU A 104 20.20 6.92 -0.81
C GLU A 104 20.87 5.84 -1.65
N ASN A 105 20.92 4.63 -1.12
CA ASN A 105 21.66 3.54 -1.77
C ASN A 105 20.85 2.87 -2.86
N GLU A 106 19.67 2.34 -2.52
CA GLU A 106 18.89 1.55 -3.46
C GLU A 106 17.74 2.35 -4.05
N GLY A 107 17.16 3.24 -3.26
CA GLY A 107 16.14 4.13 -3.78
C GLY A 107 14.75 3.83 -3.24
N PHE A 108 13.75 4.51 -3.80
CA PHE A 108 12.39 4.41 -3.33
C PHE A 108 11.78 3.04 -3.67
N ASP A 109 12.38 2.34 -4.63
CA ASP A 109 11.88 1.03 -5.03
C ASP A 109 12.02 0.05 -3.86
N ALA A 110 13.21 0.03 -3.26
CA ALA A 110 13.48 -0.82 -2.11
C ALA A 110 12.73 -0.29 -0.88
N ASP A 111 12.51 1.02 -0.85
CA ASP A 111 11.70 1.65 0.19
C ASP A 111 10.30 1.03 0.21
N ILE A 112 9.81 0.66 -0.97
CA ILE A 112 8.52 -0.01 -1.09
C ILE A 112 8.62 -1.46 -0.62
N ASP A 113 9.70 -2.12 -1.02
CA ASP A 113 9.93 -3.53 -0.68
C ASP A 113 10.07 -3.75 0.82
N SER A 114 10.35 -2.69 1.57
CA SER A 114 10.45 -2.78 3.03
C SER A 114 9.22 -3.50 3.63
N TYR A 115 8.05 -3.21 3.08
CA TYR A 115 6.81 -3.84 3.53
C TYR A 115 6.70 -5.26 2.99
N ILE A 116 7.27 -5.47 1.83
CA ILE A 116 7.14 -6.73 1.09
C ILE A 116 8.15 -7.76 1.58
N ASP A 117 9.16 -7.29 2.30
CA ASP A 117 10.20 -8.17 2.79
C ASP A 117 9.90 -8.65 4.21
N SER A 118 8.82 -8.16 4.78
CA SER A 118 8.43 -8.54 6.13
C SER A 118 7.20 -9.45 6.11
N PRO A 119 7.41 -10.77 6.04
CA PRO A 119 6.31 -11.75 5.92
C PRO A 119 5.41 -11.76 7.14
N GLU A 120 6.02 -11.78 8.33
CA GLU A 120 5.28 -11.78 9.58
C GLU A 120 4.36 -10.57 9.69
N TYR A 121 4.91 -9.40 9.40
CA TYR A 121 4.15 -8.16 9.51
C TYR A 121 2.97 -8.17 8.55
N THR A 122 3.20 -8.61 7.32
CA THR A 122 2.14 -8.68 6.32
C THR A 122 1.07 -9.68 6.74
N ASN A 123 1.51 -10.83 7.23
CA ASN A 123 0.60 -11.91 7.60
C ASN A 123 -0.30 -11.50 8.75
N SER A 124 0.24 -10.77 9.72
CA SER A 124 -0.54 -10.28 10.84
C SER A 124 -1.43 -9.11 10.42
N PHE A 125 -0.90 -8.22 9.60
CA PHE A 125 -1.59 -7.00 9.22
C PHE A 125 -2.70 -7.28 8.20
N GLY A 126 -2.44 -8.20 7.28
CA GLY A 126 -3.43 -8.54 6.29
C GLY A 126 -2.82 -8.87 4.94
N ASP A 127 -2.27 -10.06 4.81
CA ASP A 127 -1.68 -10.51 3.55
C ASP A 127 -2.76 -10.72 2.49
N TRP A 128 -3.99 -10.82 2.94
CA TRP A 128 -5.15 -10.89 2.05
C TRP A 128 -6.18 -9.84 2.44
N VAL A 129 -5.71 -8.74 3.03
CA VAL A 129 -6.59 -7.67 3.48
C VAL A 129 -6.05 -6.32 3.00
N VAL A 130 -6.95 -5.38 2.71
CA VAL A 130 -6.56 -4.05 2.27
C VAL A 130 -5.94 -3.26 3.44
N PRO A 131 -4.72 -2.73 3.23
CA PRO A 131 -4.00 -1.96 4.25
C PRO A 131 -4.80 -0.77 4.77
N TYR A 132 -4.93 -0.69 6.08
CA TYR A 132 -5.64 0.39 6.73
C TYR A 132 -4.81 0.94 7.88
N TYR A 133 -4.83 2.26 8.05
CA TYR A 133 -4.02 2.89 9.08
C TYR A 133 -4.69 2.86 10.45
N ARG A 134 -4.15 2.02 11.32
CA ARG A 134 -4.59 1.90 12.72
C ARG A 134 -5.98 1.26 12.82
N GLY A 135 -7.01 2.00 12.43
CA GLY A 135 -8.36 1.47 12.43
C GLY A 135 -9.03 1.56 13.78
N LEU A 136 -8.89 0.49 14.58
CA LEU A 136 -9.58 0.36 15.86
C LEU A 136 -11.10 0.36 15.66
N GLU A 137 -11.70 1.55 15.74
CA GLU A 137 -13.14 1.74 15.50
C GLU A 137 -13.99 1.05 16.58
N HIS A 138 -14.05 -0.27 16.53
CA HIS A 138 -14.90 -1.05 17.44
C HIS A 138 -14.40 -0.97 18.88
N HIS A 139 -15.29 -1.30 19.82
CA HIS A 139 -14.93 -1.36 21.23
C HIS A 139 -13.82 -2.39 21.46
N HIS A 140 -13.06 -2.21 22.53
CA HIS A 140 -11.89 -3.05 22.78
C HIS A 140 -11.74 -3.38 24.26
N HIS A 141 -12.88 -3.57 24.92
CA HIS A 141 -12.91 -3.97 26.33
C HIS A 141 -12.20 -2.96 27.22
N HIS A 142 -11.51 -3.47 28.25
CA HIS A 142 -10.84 -2.65 29.26
C HIS A 142 -11.87 -1.97 30.16
N HIS A 143 -12.84 -2.75 30.60
CA HIS A 143 -13.87 -2.28 31.51
C HIS A 143 -14.31 -3.42 32.41
N MET A 1 -14.85 -2.20 9.53
CA MET A 1 -14.45 -3.57 9.15
C MET A 1 -13.34 -3.53 8.10
N PRO A 2 -12.24 -4.24 8.33
CA PRO A 2 -11.11 -4.29 7.38
C PRO A 2 -11.55 -4.77 6.00
N VAL A 3 -11.01 -4.12 4.96
CA VAL A 3 -11.31 -4.50 3.60
C VAL A 3 -10.57 -5.79 3.25
N GLU A 4 -11.31 -6.88 3.16
CA GLU A 4 -10.72 -8.19 2.94
C GLU A 4 -11.12 -8.73 1.57
N LEU A 5 -10.24 -9.52 0.98
CA LEU A 5 -10.61 -10.30 -0.19
C LEU A 5 -10.78 -11.75 0.23
N ARG A 6 -12.03 -12.13 0.41
CA ARG A 6 -12.35 -13.45 0.91
C ARG A 6 -12.52 -14.46 -0.22
N ALA A 7 -12.63 -15.74 0.15
CA ALA A 7 -12.76 -16.80 -0.83
C ALA A 7 -14.03 -16.64 -1.65
N ASN A 8 -15.08 -16.16 -1.00
CA ASN A 8 -16.33 -15.87 -1.71
C ASN A 8 -16.52 -14.37 -1.80
N TRP A 9 -15.80 -13.73 -2.71
CA TRP A 9 -15.90 -12.29 -2.92
C TRP A 9 -16.89 -11.97 -4.02
N SER A 10 -17.29 -10.71 -4.08
CA SER A 10 -18.23 -10.25 -5.10
C SER A 10 -17.62 -9.10 -5.89
N GLU A 11 -18.26 -8.75 -7.01
CA GLU A 11 -17.74 -7.70 -7.90
C GLU A 11 -17.58 -6.37 -7.15
N GLU A 12 -18.66 -5.93 -6.50
CA GLU A 12 -18.64 -4.67 -5.77
C GLU A 12 -17.63 -4.73 -4.62
N ASP A 13 -17.46 -5.92 -4.08
CA ASP A 13 -16.53 -6.13 -2.98
C ASP A 13 -15.10 -6.05 -3.50
N LEU A 14 -14.89 -6.59 -4.69
CA LEU A 14 -13.61 -6.50 -5.38
C LEU A 14 -13.29 -5.04 -5.71
N GLU A 15 -14.31 -4.31 -6.16
CA GLU A 15 -14.17 -2.87 -6.39
C GLU A 15 -13.69 -2.19 -5.11
N THR A 16 -14.26 -2.61 -4.00
CA THR A 16 -13.89 -2.07 -2.69
C THR A 16 -12.43 -2.39 -2.37
N VAL A 17 -12.02 -3.63 -2.64
CA VAL A 17 -10.66 -4.07 -2.37
C VAL A 17 -9.64 -3.28 -3.19
N ILE A 18 -9.85 -3.21 -4.50
CA ILE A 18 -8.89 -2.56 -5.38
C ILE A 18 -8.79 -1.06 -5.10
N ARG A 19 -9.91 -0.43 -4.75
CA ARG A 19 -9.91 1.00 -4.45
C ARG A 19 -9.31 1.25 -3.07
N ALA A 20 -9.43 0.27 -2.19
CA ALA A 20 -8.85 0.39 -0.86
C ALA A 20 -7.33 0.42 -0.96
N VAL A 21 -6.80 -0.25 -1.97
CA VAL A 21 -5.38 -0.22 -2.24
C VAL A 21 -4.99 1.10 -2.89
N TYR A 22 -5.82 1.57 -3.81
CA TYR A 22 -5.57 2.86 -4.46
C TYR A 22 -6.87 3.49 -4.98
N ARG A 23 -7.15 4.70 -4.53
CA ARG A 23 -8.30 5.46 -5.03
C ARG A 23 -7.83 6.66 -5.83
N GLN A 24 -6.61 6.56 -6.37
CA GLN A 24 -6.05 7.60 -7.22
C GLN A 24 -6.96 7.81 -8.44
N VAL A 25 -7.32 9.06 -8.68
CA VAL A 25 -8.25 9.39 -9.74
C VAL A 25 -7.52 9.61 -11.05
N LEU A 26 -6.37 10.27 -10.97
CA LEU A 26 -5.53 10.55 -12.14
C LEU A 26 -6.27 11.51 -13.09
N GLY A 27 -5.74 11.68 -14.30
CA GLY A 27 -6.38 12.53 -15.28
C GLY A 27 -7.21 11.75 -16.27
N ASN A 28 -7.22 12.21 -17.51
CA ASN A 28 -7.98 11.56 -18.56
C ASN A 28 -7.02 11.03 -19.62
N ASP A 29 -5.76 10.88 -19.23
CA ASP A 29 -4.73 10.41 -20.15
C ASP A 29 -4.81 8.89 -20.34
N TYR A 30 -5.82 8.46 -21.08
CA TYR A 30 -6.02 7.04 -21.35
C TYR A 30 -5.12 6.57 -22.48
N VAL A 31 -4.44 7.51 -23.12
CA VAL A 31 -3.63 7.21 -24.29
C VAL A 31 -2.13 7.15 -23.94
N MET A 32 -1.81 7.18 -22.66
CA MET A 32 -0.40 7.13 -22.25
C MET A 32 0.03 5.69 -21.94
N ALA A 33 -0.84 4.94 -21.26
CA ALA A 33 -0.59 3.53 -20.95
C ALA A 33 0.73 3.33 -20.20
N SER A 34 1.13 4.34 -19.44
CA SER A 34 2.41 4.33 -18.72
C SER A 34 2.47 3.18 -17.73
N GLU A 35 1.32 2.85 -17.15
CA GLU A 35 1.22 1.74 -16.20
C GLU A 35 -0.13 1.06 -16.37
N ARG A 36 -0.11 -0.27 -16.47
CA ARG A 36 -1.34 -1.03 -16.60
C ARG A 36 -1.53 -1.91 -15.38
N LEU A 37 -2.32 -1.43 -14.43
CA LEU A 37 -2.58 -2.20 -13.22
C LEU A 37 -3.76 -3.14 -13.42
N VAL A 38 -4.36 -3.07 -14.61
CA VAL A 38 -5.43 -4.00 -14.97
C VAL A 38 -4.89 -5.42 -15.01
N SER A 39 -3.60 -5.55 -15.32
CA SER A 39 -2.93 -6.83 -15.31
C SER A 39 -2.81 -7.36 -13.88
N ALA A 40 -2.63 -6.45 -12.94
CA ALA A 40 -2.57 -6.82 -11.53
C ALA A 40 -3.97 -7.18 -11.04
N GLU A 41 -4.96 -6.46 -11.55
CA GLU A 41 -6.36 -6.74 -11.24
C GLU A 41 -6.73 -8.15 -11.68
N SER A 42 -6.39 -8.49 -12.92
CA SER A 42 -6.73 -9.80 -13.47
C SER A 42 -5.98 -10.92 -12.75
N LEU A 43 -4.72 -10.67 -12.40
CA LEU A 43 -3.93 -11.64 -11.65
C LEU A 43 -4.56 -11.92 -10.29
N LEU A 44 -5.06 -10.87 -9.65
CA LEU A 44 -5.71 -11.01 -8.35
C LEU A 44 -7.09 -11.63 -8.50
N ARG A 45 -7.84 -11.14 -9.48
CA ARG A 45 -9.19 -11.61 -9.74
C ARG A 45 -9.20 -13.09 -10.16
N ASN A 46 -8.16 -13.50 -10.87
CA ASN A 46 -8.04 -14.88 -11.30
C ASN A 46 -7.49 -15.75 -10.16
N GLY A 47 -6.99 -15.09 -9.11
CA GLY A 47 -6.49 -15.79 -7.95
C GLY A 47 -5.11 -16.39 -8.16
N LYS A 48 -4.34 -15.76 -9.04
CA LYS A 48 -3.01 -16.26 -9.36
C LYS A 48 -1.98 -15.68 -8.41
N ILE A 49 -2.28 -14.50 -7.87
CA ILE A 49 -1.43 -13.85 -6.88
C ILE A 49 -2.27 -13.42 -5.69
N THR A 50 -1.61 -13.09 -4.58
CA THR A 50 -2.33 -12.68 -3.38
C THR A 50 -2.40 -11.16 -3.32
N VAL A 51 -3.14 -10.65 -2.33
CA VAL A 51 -3.25 -9.21 -2.12
C VAL A 51 -1.88 -8.63 -1.83
N ARG A 52 -1.02 -9.44 -1.23
CA ARG A 52 0.34 -9.04 -0.89
C ARG A 52 1.09 -8.57 -2.14
N GLU A 53 1.02 -9.37 -3.21
CA GLU A 53 1.66 -9.00 -4.47
C GLU A 53 0.98 -7.79 -5.09
N PHE A 54 -0.34 -7.76 -5.00
CA PHE A 54 -1.13 -6.67 -5.57
C PHE A 54 -0.74 -5.33 -4.95
N VAL A 55 -0.62 -5.31 -3.63
CA VAL A 55 -0.25 -4.10 -2.91
C VAL A 55 1.13 -3.61 -3.35
N ARG A 56 2.10 -4.53 -3.42
CA ARG A 56 3.46 -4.18 -3.82
C ARG A 56 3.48 -3.57 -5.23
N ALA A 57 2.74 -4.21 -6.14
CA ALA A 57 2.68 -3.77 -7.53
C ALA A 57 2.25 -2.32 -7.62
N VAL A 58 1.10 -2.01 -7.02
CA VAL A 58 0.56 -0.66 -7.09
C VAL A 58 1.40 0.31 -6.27
N ALA A 59 2.05 -0.18 -5.23
CA ALA A 59 2.89 0.64 -4.38
C ALA A 59 4.01 1.29 -5.18
N LYS A 60 4.53 0.56 -6.16
CA LYS A 60 5.61 1.08 -6.99
C LYS A 60 5.08 1.54 -8.36
N SER A 61 3.77 1.67 -8.47
CA SER A 61 3.15 2.19 -9.68
C SER A 61 2.78 3.67 -9.52
N GLU A 62 2.16 4.00 -8.40
CA GLU A 62 1.69 5.36 -8.15
C GLU A 62 2.32 5.91 -6.88
N LEU A 63 1.86 7.09 -6.46
CA LEU A 63 2.39 7.78 -5.28
C LEU A 63 3.83 8.22 -5.51
N TYR A 64 4.19 8.39 -6.77
CA TYR A 64 5.53 8.84 -7.12
C TYR A 64 5.59 10.36 -7.20
N LYS A 65 4.44 11.00 -7.37
CA LYS A 65 4.38 12.46 -7.46
C LYS A 65 2.94 12.93 -7.46
N GLU A 66 2.67 14.03 -6.76
CA GLU A 66 1.38 14.71 -6.80
C GLU A 66 1.49 16.04 -6.04
N LYS A 67 1.40 15.98 -4.72
CA LYS A 67 1.70 17.14 -3.89
C LYS A 67 2.70 16.75 -2.79
N PHE A 68 3.38 15.64 -3.02
CA PHE A 68 4.38 15.12 -2.09
C PHE A 68 5.69 14.86 -2.81
N LEU A 69 6.71 14.47 -2.04
CA LEU A 69 8.05 14.17 -2.56
C LEU A 69 8.74 15.42 -3.10
N TYR A 70 9.11 16.31 -2.18
CA TYR A 70 9.87 17.52 -2.49
C TYR A 70 10.11 18.30 -1.21
N GLY A 71 10.94 19.33 -1.28
CA GLY A 71 11.18 20.18 -0.12
C GLY A 71 11.89 19.45 1.01
N ASN A 72 12.52 18.34 0.67
CA ASN A 72 13.27 17.52 1.62
C ASN A 72 12.33 16.90 2.66
N PHE A 73 11.04 16.91 2.36
CA PHE A 73 10.04 16.29 3.24
C PHE A 73 9.96 14.80 3.00
N GLN A 74 11.13 14.17 2.90
CA GLN A 74 11.23 12.75 2.60
C GLN A 74 10.67 11.92 3.75
N THR A 75 10.72 12.50 4.96
CA THR A 75 10.19 11.85 6.14
C THR A 75 8.68 11.59 5.98
N ARG A 76 8.01 12.49 5.27
CA ARG A 76 6.58 12.36 5.03
C ARG A 76 6.32 11.26 4.00
N VAL A 77 7.29 11.05 3.12
CA VAL A 77 7.22 9.97 2.14
C VAL A 77 7.33 8.62 2.86
N ILE A 78 8.19 8.58 3.88
CA ILE A 78 8.32 7.41 4.73
C ILE A 78 6.99 7.13 5.41
N GLU A 79 6.35 8.18 5.92
CA GLU A 79 5.05 8.08 6.55
C GLU A 79 4.02 7.56 5.55
N LEU A 80 4.11 8.04 4.31
CA LEU A 80 3.20 7.62 3.25
C LEU A 80 3.30 6.12 3.01
N ASN A 81 4.53 5.62 2.84
CA ASN A 81 4.73 4.20 2.61
C ASN A 81 4.32 3.38 3.82
N TYR A 82 4.70 3.84 5.00
CA TYR A 82 4.31 3.17 6.25
C TYR A 82 2.79 3.08 6.38
N LYS A 83 2.12 4.20 6.16
CA LYS A 83 0.69 4.31 6.34
C LYS A 83 -0.07 3.52 5.26
N HIS A 84 0.49 3.48 4.06
CA HIS A 84 -0.17 2.85 2.93
C HIS A 84 0.11 1.35 2.86
N LEU A 85 1.30 0.94 3.26
CA LEU A 85 1.71 -0.45 3.09
C LEU A 85 1.55 -1.26 4.38
N LEU A 86 1.86 -0.65 5.52
CA LEU A 86 1.84 -1.37 6.79
C LEU A 86 0.69 -0.89 7.68
N GLY A 87 0.09 0.23 7.31
CA GLY A 87 -1.02 0.77 8.08
C GLY A 87 -0.60 1.26 9.45
N ARG A 88 0.65 1.68 9.56
CA ARG A 88 1.19 2.14 10.83
C ARG A 88 2.09 3.35 10.62
N ALA A 89 2.18 4.18 11.65
CA ALA A 89 3.05 5.34 11.60
C ALA A 89 4.40 5.00 12.21
N PRO A 90 5.47 5.74 11.84
CA PRO A 90 6.81 5.55 12.41
C PRO A 90 6.79 5.56 13.94
N TYR A 91 7.25 4.47 14.52
CA TYR A 91 7.26 4.29 15.96
C TYR A 91 8.48 4.96 16.56
N ASP A 92 9.61 4.78 15.91
CA ASP A 92 10.88 5.29 16.41
C ASP A 92 11.65 6.00 15.29
N GLU A 93 12.56 6.88 15.67
CA GLU A 93 13.39 7.62 14.72
C GLU A 93 14.19 6.67 13.83
N SER A 94 14.60 5.53 14.39
CA SER A 94 15.40 4.55 13.67
C SER A 94 14.70 4.09 12.40
N GLU A 95 13.38 3.89 12.50
CA GLU A 95 12.60 3.45 11.35
C GLU A 95 12.69 4.48 10.22
N VAL A 96 12.61 5.75 10.60
CA VAL A 96 12.65 6.83 9.62
C VAL A 96 14.02 6.94 8.99
N ILE A 97 15.05 7.03 9.83
CA ILE A 97 16.42 7.20 9.36
C ILE A 97 16.86 6.03 8.48
N PHE A 98 16.47 4.82 8.86
CA PHE A 98 16.81 3.63 8.09
C PHE A 98 16.25 3.73 6.67
N HIS A 99 14.95 3.97 6.56
CA HIS A 99 14.29 4.03 5.25
C HIS A 99 14.76 5.24 4.44
N LEU A 100 15.04 6.35 5.11
CA LEU A 100 15.59 7.53 4.43
C LEU A 100 16.92 7.18 3.78
N ASP A 101 17.81 6.62 4.59
CA ASP A 101 19.16 6.24 4.13
C ASP A 101 19.08 5.23 2.99
N LEU A 102 18.19 4.25 3.15
CA LEU A 102 17.96 3.22 2.14
C LEU A 102 17.45 3.84 0.84
N TYR A 103 16.41 4.66 0.96
CA TYR A 103 15.81 5.32 -0.19
C TYR A 103 16.83 6.12 -0.98
N GLU A 104 17.60 6.95 -0.28
CA GLU A 104 18.53 7.84 -0.95
C GLU A 104 19.67 7.07 -1.60
N ASN A 105 20.08 5.97 -0.99
CA ASN A 105 21.21 5.20 -1.52
C ASN A 105 20.78 4.25 -2.62
N GLU A 106 19.86 3.35 -2.31
CA GLU A 106 19.51 2.30 -3.26
C GLU A 106 18.33 2.71 -4.15
N GLY A 107 17.37 3.44 -3.60
CA GLY A 107 16.29 3.95 -4.43
C GLY A 107 14.92 3.69 -3.85
N PHE A 108 13.91 4.20 -4.55
CA PHE A 108 12.52 4.05 -4.15
C PHE A 108 12.09 2.59 -4.18
N ASP A 109 12.58 1.88 -5.20
CA ASP A 109 12.25 0.46 -5.38
C ASP A 109 12.72 -0.34 -4.17
N ALA A 110 13.88 0.02 -3.64
CA ALA A 110 14.47 -0.67 -2.50
C ALA A 110 13.65 -0.43 -1.23
N ASP A 111 13.24 0.81 -1.02
CA ASP A 111 12.45 1.15 0.17
C ASP A 111 11.14 0.38 0.18
N ILE A 112 10.41 0.44 -0.93
CA ILE A 112 9.14 -0.25 -1.07
C ILE A 112 9.28 -1.75 -0.80
N ASP A 113 10.36 -2.33 -1.30
CA ASP A 113 10.64 -3.76 -1.10
C ASP A 113 10.68 -4.11 0.38
N SER A 114 11.21 -3.19 1.19
CA SER A 114 11.41 -3.42 2.61
C SER A 114 10.11 -3.76 3.33
N TYR A 115 9.02 -3.13 2.93
CA TYR A 115 7.73 -3.30 3.61
C TYR A 115 7.07 -4.60 3.19
N ILE A 116 7.40 -5.05 1.99
CA ILE A 116 6.80 -6.24 1.42
C ILE A 116 7.65 -7.48 1.73
N ASP A 117 8.92 -7.24 2.04
CA ASP A 117 9.88 -8.30 2.27
C ASP A 117 9.83 -8.81 3.71
N SER A 118 8.88 -8.30 4.49
CA SER A 118 8.63 -8.82 5.81
C SER A 118 7.34 -9.65 5.81
N PRO A 119 7.47 -10.96 5.53
CA PRO A 119 6.31 -11.85 5.29
C PRO A 119 5.32 -11.88 6.44
N GLU A 120 5.80 -12.10 7.66
CA GLU A 120 4.92 -12.28 8.80
C GLU A 120 4.24 -10.97 9.17
N TYR A 121 4.97 -9.87 9.05
CA TYR A 121 4.39 -8.56 9.32
C TYR A 121 3.26 -8.26 8.33
N THR A 122 3.34 -8.84 7.15
CA THR A 122 2.29 -8.67 6.16
C THR A 122 1.14 -9.64 6.41
N ASN A 123 1.43 -10.94 6.45
CA ASN A 123 0.38 -11.95 6.48
C ASN A 123 -0.37 -11.98 7.83
N SER A 124 0.30 -11.56 8.89
CA SER A 124 -0.33 -11.55 10.21
C SER A 124 -1.12 -10.27 10.45
N PHE A 125 -1.05 -9.35 9.49
CA PHE A 125 -1.77 -8.09 9.61
C PHE A 125 -2.81 -7.97 8.50
N GLY A 126 -2.46 -8.42 7.31
CA GLY A 126 -3.36 -8.37 6.18
C GLY A 126 -2.75 -9.03 4.96
N ASP A 127 -2.84 -10.35 4.89
CA ASP A 127 -2.32 -11.11 3.76
C ASP A 127 -3.33 -11.09 2.62
N TRP A 128 -4.60 -11.25 2.97
CA TRP A 128 -5.69 -11.11 2.02
C TRP A 128 -6.56 -9.92 2.41
N VAL A 129 -6.01 -9.08 3.26
CA VAL A 129 -6.71 -7.90 3.75
C VAL A 129 -5.90 -6.64 3.44
N VAL A 130 -6.59 -5.61 2.98
CA VAL A 130 -5.93 -4.35 2.64
C VAL A 130 -5.42 -3.67 3.91
N PRO A 131 -4.14 -3.28 3.92
CA PRO A 131 -3.49 -2.61 5.06
C PRO A 131 -4.34 -1.51 5.66
N TYR A 132 -4.78 -1.74 6.88
CA TYR A 132 -5.62 -0.79 7.61
C TYR A 132 -4.83 -0.13 8.72
N TYR A 133 -5.40 0.89 9.34
CA TYR A 133 -4.71 1.62 10.39
C TYR A 133 -4.82 0.91 11.74
N ARG A 134 -3.68 0.44 12.25
CA ARG A 134 -3.55 -0.21 13.56
C ARG A 134 -4.50 -1.42 13.68
N GLY A 135 -4.55 -1.99 14.88
CA GLY A 135 -5.44 -3.11 15.13
C GLY A 135 -6.86 -2.66 15.36
N LEU A 136 -7.39 -1.88 14.41
CA LEU A 136 -8.73 -1.30 14.48
C LEU A 136 -8.86 -0.38 15.70
N GLU A 137 -9.34 -0.94 16.80
CA GLU A 137 -9.49 -0.21 18.05
C GLU A 137 -9.71 -1.20 19.19
N HIS A 138 -10.78 -1.98 19.08
CA HIS A 138 -11.09 -3.00 20.05
C HIS A 138 -11.05 -4.36 19.39
N HIS A 139 -9.97 -5.10 19.63
CA HIS A 139 -9.83 -6.42 19.07
C HIS A 139 -9.94 -7.45 20.19
N HIS A 140 -10.83 -8.42 20.02
CA HIS A 140 -11.18 -9.33 21.10
C HIS A 140 -10.17 -10.47 21.24
N HIS A 141 -9.07 -10.38 20.50
CA HIS A 141 -7.97 -11.32 20.66
C HIS A 141 -7.23 -10.97 21.95
N HIS A 142 -7.51 -11.71 23.01
CA HIS A 142 -7.11 -11.31 24.35
C HIS A 142 -6.32 -12.41 25.04
N HIS A 143 -5.34 -12.01 25.83
CA HIS A 143 -4.60 -12.92 26.69
C HIS A 143 -4.26 -12.23 28.01
N MET A 1 -12.81 -0.90 10.06
CA MET A 1 -13.21 -2.11 9.31
C MET A 1 -12.07 -2.63 8.45
N PRO A 2 -11.69 -3.90 8.63
CA PRO A 2 -10.65 -4.53 7.82
C PRO A 2 -11.14 -4.86 6.42
N VAL A 3 -10.55 -4.24 5.42
CA VAL A 3 -10.91 -4.52 4.04
C VAL A 3 -10.16 -5.76 3.58
N GLU A 4 -10.85 -6.89 3.60
CA GLU A 4 -10.22 -8.16 3.31
C GLU A 4 -10.80 -8.78 2.04
N LEU A 5 -9.97 -9.47 1.30
CA LEU A 5 -10.42 -10.22 0.15
C LEU A 5 -10.89 -11.59 0.63
N ARG A 6 -12.19 -11.72 0.75
CA ARG A 6 -12.79 -12.94 1.29
C ARG A 6 -12.77 -14.05 0.24
N ALA A 7 -12.68 -15.28 0.70
CA ALA A 7 -12.62 -16.43 -0.19
C ALA A 7 -13.82 -16.46 -1.14
N ASN A 8 -14.96 -16.03 -0.65
CA ASN A 8 -16.13 -15.86 -1.49
C ASN A 8 -16.31 -14.38 -1.80
N TRP A 9 -15.66 -13.91 -2.85
CA TRP A 9 -15.71 -12.51 -3.21
C TRP A 9 -16.45 -12.29 -4.52
N SER A 10 -16.84 -11.05 -4.76
CA SER A 10 -17.50 -10.67 -6.00
C SER A 10 -16.86 -9.38 -6.53
N GLU A 11 -17.37 -8.89 -7.64
CA GLU A 11 -16.83 -7.68 -8.29
C GLU A 11 -16.81 -6.50 -7.32
N GLU A 12 -17.91 -6.30 -6.60
CA GLU A 12 -18.02 -5.21 -5.64
C GLU A 12 -17.01 -5.39 -4.50
N ASP A 13 -16.90 -6.61 -3.99
CA ASP A 13 -15.95 -6.92 -2.93
C ASP A 13 -14.54 -6.59 -3.38
N LEU A 14 -14.20 -7.05 -4.58
CA LEU A 14 -12.89 -6.85 -5.15
C LEU A 14 -12.60 -5.36 -5.36
N GLU A 15 -13.61 -4.63 -5.84
CA GLU A 15 -13.45 -3.20 -6.09
C GLU A 15 -13.17 -2.45 -4.79
N THR A 16 -13.87 -2.81 -3.72
CA THR A 16 -13.64 -2.22 -2.41
C THR A 16 -12.20 -2.46 -1.97
N VAL A 17 -11.71 -3.68 -2.20
CA VAL A 17 -10.32 -4.02 -1.92
C VAL A 17 -9.38 -3.11 -2.71
N ILE A 18 -9.68 -2.94 -3.99
CA ILE A 18 -8.89 -2.09 -4.87
C ILE A 18 -8.84 -0.64 -4.36
N ARG A 19 -10.01 -0.09 -4.06
CA ARG A 19 -10.10 1.30 -3.60
C ARG A 19 -9.39 1.49 -2.26
N ALA A 20 -9.42 0.46 -1.44
CA ALA A 20 -8.77 0.51 -0.14
C ALA A 20 -7.26 0.64 -0.31
N VAL A 21 -6.72 -0.10 -1.27
CA VAL A 21 -5.30 -0.02 -1.58
C VAL A 21 -4.95 1.34 -2.16
N TYR A 22 -5.74 1.79 -3.11
CA TYR A 22 -5.51 3.09 -3.74
C TYR A 22 -6.81 3.65 -4.32
N ARG A 23 -6.94 4.96 -4.27
CA ARG A 23 -8.10 5.63 -4.84
C ARG A 23 -7.69 6.45 -6.06
N GLN A 24 -7.71 5.82 -7.22
CA GLN A 24 -7.34 6.50 -8.45
C GLN A 24 -8.58 7.10 -9.10
N VAL A 25 -9.36 6.27 -9.77
CA VAL A 25 -10.59 6.68 -10.45
C VAL A 25 -10.30 7.55 -11.67
N LEU A 26 -9.57 8.64 -11.47
CA LEU A 26 -9.18 9.52 -12.56
C LEU A 26 -8.36 8.74 -13.58
N GLY A 27 -8.91 8.63 -14.78
CA GLY A 27 -8.32 7.82 -15.81
C GLY A 27 -9.39 7.26 -16.72
N ASN A 28 -10.57 7.05 -16.13
CA ASN A 28 -11.76 6.64 -16.87
C ASN A 28 -11.62 5.24 -17.47
N ASP A 29 -12.61 4.83 -18.24
CA ASP A 29 -12.56 3.53 -18.90
C ASP A 29 -12.38 3.71 -20.40
N TYR A 30 -12.95 4.78 -20.94
CA TYR A 30 -12.88 5.05 -22.37
C TYR A 30 -11.58 5.79 -22.74
N VAL A 31 -11.66 7.14 -22.73
CA VAL A 31 -10.54 8.03 -23.11
C VAL A 31 -9.65 7.44 -24.21
N MET A 32 -8.49 6.92 -23.81
CA MET A 32 -7.58 6.26 -24.74
C MET A 32 -7.10 4.97 -24.10
N ALA A 33 -6.73 5.07 -22.83
CA ALA A 33 -6.37 3.92 -22.03
C ALA A 33 -6.70 4.23 -20.58
N SER A 34 -7.25 3.25 -19.87
CA SER A 34 -7.61 3.44 -18.48
C SER A 34 -6.35 3.59 -17.62
N GLU A 35 -5.36 2.74 -17.89
CA GLU A 35 -4.08 2.77 -17.16
C GLU A 35 -4.31 2.62 -15.67
N ARG A 36 -5.37 1.91 -15.32
CA ARG A 36 -5.76 1.73 -13.92
C ARG A 36 -5.13 0.48 -13.34
N LEU A 37 -3.85 0.27 -13.67
CA LEU A 37 -3.11 -0.91 -13.25
C LEU A 37 -3.80 -2.18 -13.75
N VAL A 38 -3.98 -2.24 -15.07
CA VAL A 38 -4.72 -3.33 -15.69
C VAL A 38 -4.11 -4.69 -15.37
N SER A 39 -2.79 -4.77 -15.37
CA SER A 39 -2.11 -6.03 -15.10
C SER A 39 -2.36 -6.47 -13.66
N ALA A 40 -2.15 -5.55 -12.73
CA ALA A 40 -2.34 -5.84 -11.31
C ALA A 40 -3.78 -6.22 -11.01
N GLU A 41 -4.70 -5.45 -11.58
CA GLU A 41 -6.13 -5.69 -11.39
C GLU A 41 -6.52 -7.05 -11.95
N SER A 42 -6.09 -7.33 -13.18
CA SER A 42 -6.43 -8.58 -13.84
C SER A 42 -5.84 -9.78 -13.09
N LEU A 43 -4.62 -9.65 -12.58
CA LEU A 43 -3.96 -10.73 -11.86
C LEU A 43 -4.72 -11.10 -10.59
N LEU A 44 -5.18 -10.08 -9.86
CA LEU A 44 -5.93 -10.32 -8.63
C LEU A 44 -7.34 -10.79 -8.96
N ARG A 45 -7.91 -10.23 -10.03
CA ARG A 45 -9.24 -10.60 -10.49
C ARG A 45 -9.27 -12.06 -10.92
N ASN A 46 -8.17 -12.51 -11.51
CA ASN A 46 -8.04 -13.89 -11.96
C ASN A 46 -7.66 -14.82 -10.80
N GLY A 47 -7.27 -14.21 -9.69
CA GLY A 47 -6.86 -14.98 -8.52
C GLY A 47 -5.49 -15.59 -8.68
N LYS A 48 -4.69 -15.01 -9.57
CA LYS A 48 -3.36 -15.54 -9.83
C LYS A 48 -2.37 -15.06 -8.76
N ILE A 49 -2.63 -13.88 -8.23
CA ILE A 49 -1.78 -13.32 -7.19
C ILE A 49 -2.56 -13.11 -5.90
N THR A 50 -1.85 -12.86 -4.82
CA THR A 50 -2.47 -12.56 -3.54
C THR A 50 -2.63 -11.05 -3.38
N VAL A 51 -3.22 -10.61 -2.28
CA VAL A 51 -3.32 -9.19 -1.99
C VAL A 51 -1.94 -8.63 -1.71
N ARG A 52 -1.06 -9.48 -1.18
CA ARG A 52 0.34 -9.13 -0.99
C ARG A 52 0.97 -8.69 -2.31
N GLU A 53 0.75 -9.51 -3.34
CA GLU A 53 1.29 -9.25 -4.66
C GLU A 53 0.58 -8.08 -5.33
N PHE A 54 -0.67 -7.86 -4.95
CA PHE A 54 -1.42 -6.72 -5.46
C PHE A 54 -0.80 -5.43 -4.93
N VAL A 55 -0.63 -5.36 -3.61
CA VAL A 55 0.03 -4.22 -2.98
C VAL A 55 1.45 -4.08 -3.53
N ARG A 56 2.10 -5.22 -3.73
CA ARG A 56 3.42 -5.28 -4.35
C ARG A 56 3.47 -4.46 -5.64
N ALA A 57 2.54 -4.74 -6.55
CA ALA A 57 2.54 -4.10 -7.86
C ALA A 57 2.12 -2.63 -7.77
N VAL A 58 1.13 -2.36 -6.92
CA VAL A 58 0.60 -1.00 -6.77
C VAL A 58 1.65 -0.08 -6.15
N ALA A 59 2.32 -0.57 -5.11
CA ALA A 59 3.29 0.24 -4.39
C ALA A 59 4.61 0.37 -5.17
N LYS A 60 5.04 -0.73 -5.78
CA LYS A 60 6.30 -0.73 -6.53
C LYS A 60 6.11 -0.19 -7.95
N SER A 61 5.01 0.51 -8.18
CA SER A 61 4.76 1.12 -9.47
C SER A 61 5.63 2.37 -9.62
N GLU A 62 5.33 3.18 -10.63
CA GLU A 62 6.06 4.42 -10.86
C GLU A 62 5.49 5.54 -10.00
N LEU A 63 4.37 5.24 -9.34
CA LEU A 63 3.66 6.19 -8.49
C LEU A 63 3.11 7.36 -9.30
N TYR A 64 2.27 8.16 -8.66
CA TYR A 64 1.69 9.33 -9.31
C TYR A 64 2.70 10.48 -9.28
N LYS A 65 3.45 10.55 -8.17
CA LYS A 65 4.52 11.52 -7.99
C LYS A 65 4.00 12.95 -7.78
N GLU A 66 3.03 13.35 -8.60
CA GLU A 66 2.48 14.71 -8.62
C GLU A 66 2.37 15.33 -7.23
N LYS A 67 1.52 14.77 -6.39
CA LYS A 67 1.28 15.33 -5.07
C LYS A 67 1.85 14.41 -3.99
N PHE A 68 2.83 13.60 -4.35
CA PHE A 68 3.39 12.64 -3.41
C PHE A 68 4.91 12.76 -3.30
N LEU A 69 5.60 12.59 -4.42
CA LEU A 69 7.05 12.47 -4.40
C LEU A 69 7.73 13.84 -4.52
N TYR A 70 6.94 14.86 -4.81
CA TYR A 70 7.46 16.21 -4.93
C TYR A 70 6.42 17.21 -4.46
N GLY A 71 6.88 18.31 -3.88
CA GLY A 71 5.97 19.33 -3.40
C GLY A 71 5.73 19.23 -1.92
N ASN A 72 6.46 18.33 -1.28
CA ASN A 72 6.37 18.12 0.16
C ASN A 72 7.66 17.49 0.67
N PHE A 73 7.73 17.26 1.98
CA PHE A 73 8.91 16.67 2.58
C PHE A 73 9.13 15.26 2.07
N GLN A 74 10.35 14.97 1.63
CA GLN A 74 10.67 13.64 1.11
C GLN A 74 10.50 12.58 2.19
N THR A 75 10.63 13.01 3.43
CA THR A 75 10.41 12.14 4.58
C THR A 75 8.95 11.74 4.69
N ARG A 76 8.07 12.57 4.14
CA ARG A 76 6.64 12.31 4.19
C ARG A 76 6.27 11.17 3.24
N VAL A 77 7.07 11.00 2.20
CA VAL A 77 6.91 9.89 1.27
C VAL A 77 7.09 8.57 2.00
N ILE A 78 8.05 8.56 2.91
CA ILE A 78 8.30 7.40 3.76
C ILE A 78 7.10 7.18 4.68
N GLU A 79 6.56 8.26 5.20
CA GLU A 79 5.38 8.21 6.05
C GLU A 79 4.22 7.58 5.28
N LEU A 80 4.12 7.91 4.01
CA LEU A 80 3.08 7.35 3.15
C LEU A 80 3.15 5.83 3.13
N ASN A 81 4.34 5.30 2.83
CA ASN A 81 4.53 3.85 2.80
C ASN A 81 4.34 3.27 4.19
N TYR A 82 4.98 3.88 5.17
CA TYR A 82 4.92 3.43 6.56
C TYR A 82 3.47 3.33 7.04
N LYS A 83 2.76 4.43 6.92
CA LYS A 83 1.42 4.58 7.47
C LYS A 83 0.39 3.77 6.69
N HIS A 84 0.54 3.72 5.38
CA HIS A 84 -0.48 3.10 4.52
C HIS A 84 -0.25 1.60 4.34
N LEU A 85 0.98 1.14 4.54
CA LEU A 85 1.30 -0.27 4.35
C LEU A 85 1.33 -1.03 5.67
N LEU A 86 1.79 -0.37 6.73
CA LEU A 86 1.85 -1.01 8.04
C LEU A 86 0.63 -0.66 8.87
N GLY A 87 -0.19 0.25 8.34
CA GLY A 87 -1.42 0.64 9.01
C GLY A 87 -1.17 1.43 10.27
N ARG A 88 0.03 1.98 10.40
CA ARG A 88 0.41 2.73 11.58
C ARG A 88 1.51 3.73 11.23
N ALA A 89 1.44 4.92 11.81
CA ALA A 89 2.42 5.97 11.53
C ALA A 89 3.77 5.66 12.18
N PRO A 90 4.86 6.24 11.65
CA PRO A 90 6.21 6.04 12.18
C PRO A 90 6.30 6.38 13.67
N TYR A 91 6.87 5.47 14.45
CA TYR A 91 6.93 5.64 15.89
C TYR A 91 8.12 6.52 16.28
N ASP A 92 9.27 6.26 15.69
CA ASP A 92 10.49 6.99 16.00
C ASP A 92 11.16 7.51 14.73
N GLU A 93 12.14 8.40 14.91
CA GLU A 93 12.81 9.02 13.78
C GLU A 93 13.92 8.12 13.24
N SER A 94 14.42 7.22 14.07
CA SER A 94 15.46 6.29 13.64
C SER A 94 14.96 5.45 12.46
N GLU A 95 13.70 5.03 12.54
CA GLU A 95 13.05 4.38 11.42
C GLU A 95 13.07 5.27 10.19
N VAL A 96 12.65 6.53 10.37
CA VAL A 96 12.63 7.48 9.26
C VAL A 96 14.00 7.58 8.60
N ILE A 97 15.04 7.75 9.41
CA ILE A 97 16.40 7.85 8.91
C ILE A 97 16.82 6.54 8.23
N PHE A 98 16.45 5.42 8.82
CA PHE A 98 16.74 4.10 8.26
C PHE A 98 16.14 3.98 6.87
N HIS A 99 14.89 4.38 6.74
CA HIS A 99 14.19 4.30 5.46
C HIS A 99 14.74 5.34 4.48
N LEU A 100 15.18 6.48 5.00
CA LEU A 100 15.83 7.50 4.18
C LEU A 100 17.06 6.96 3.48
N ASP A 101 17.96 6.39 4.26
CA ASP A 101 19.22 5.87 3.72
C ASP A 101 18.94 4.73 2.74
N LEU A 102 17.95 3.90 3.07
CA LEU A 102 17.52 2.82 2.20
C LEU A 102 17.00 3.40 0.87
N TYR A 103 16.20 4.45 0.99
CA TYR A 103 15.64 5.12 -0.18
C TYR A 103 16.73 5.74 -1.04
N GLU A 104 17.70 6.41 -0.40
CA GLU A 104 18.77 7.09 -1.10
C GLU A 104 19.65 6.13 -1.90
N ASN A 105 19.86 4.95 -1.36
CA ASN A 105 20.83 4.02 -1.96
C ASN A 105 20.15 2.94 -2.80
N GLU A 106 19.05 2.39 -2.30
CA GLU A 106 18.39 1.30 -2.99
C GLU A 106 17.16 1.77 -3.73
N GLY A 107 16.45 2.73 -3.16
CA GLY A 107 15.28 3.30 -3.82
C GLY A 107 13.99 3.03 -3.07
N PHE A 108 12.90 3.60 -3.54
CA PHE A 108 11.60 3.42 -2.90
C PHE A 108 11.10 2.01 -3.12
N ASP A 109 11.58 1.37 -4.19
CA ASP A 109 11.24 -0.02 -4.45
C ASP A 109 11.71 -0.89 -3.31
N ALA A 110 12.90 -0.58 -2.79
CA ALA A 110 13.49 -1.34 -1.69
C ALA A 110 12.89 -0.93 -0.36
N ASP A 111 12.51 0.34 -0.25
CA ASP A 111 11.84 0.83 0.95
C ASP A 111 10.54 0.06 1.18
N ILE A 112 9.72 0.01 0.15
CA ILE A 112 8.48 -0.74 0.17
C ILE A 112 8.76 -2.24 0.22
N ASP A 113 9.90 -2.63 -0.34
CA ASP A 113 10.30 -4.02 -0.39
C ASP A 113 10.52 -4.58 1.01
N SER A 114 10.82 -3.69 1.95
CA SER A 114 11.01 -4.08 3.35
C SER A 114 9.77 -4.80 3.89
N TYR A 115 8.61 -4.44 3.36
CA TYR A 115 7.35 -5.05 3.76
C TYR A 115 7.19 -6.42 3.09
N ILE A 116 7.36 -6.44 1.76
CA ILE A 116 7.18 -7.67 0.98
C ILE A 116 8.22 -8.72 1.38
N ASP A 117 9.40 -8.26 1.75
CA ASP A 117 10.49 -9.14 2.15
C ASP A 117 10.26 -9.69 3.56
N SER A 118 9.21 -9.20 4.21
CA SER A 118 8.84 -9.68 5.53
C SER A 118 7.48 -10.38 5.46
N PRO A 119 7.47 -11.65 5.01
CA PRO A 119 6.22 -12.39 4.77
C PRO A 119 5.46 -12.68 6.05
N GLU A 120 6.18 -12.82 7.15
CA GLU A 120 5.59 -13.12 8.45
C GLU A 120 4.64 -12.00 8.85
N TYR A 121 5.17 -10.78 8.94
CA TYR A 121 4.36 -9.63 9.31
C TYR A 121 3.35 -9.30 8.23
N THR A 122 3.66 -9.66 6.99
CA THR A 122 2.74 -9.44 5.89
C THR A 122 1.53 -10.35 6.01
N ASN A 123 1.74 -11.66 6.13
CA ASN A 123 0.62 -12.61 6.17
C ASN A 123 -0.23 -12.40 7.41
N SER A 124 0.37 -11.78 8.44
CA SER A 124 -0.34 -11.53 9.68
C SER A 124 -1.22 -10.28 9.61
N PHE A 125 -0.89 -9.35 8.71
CA PHE A 125 -1.59 -8.06 8.70
C PHE A 125 -2.27 -7.79 7.34
N GLY A 126 -1.60 -8.13 6.25
CA GLY A 126 -2.13 -7.81 4.95
C GLY A 126 -1.61 -8.74 3.86
N ASP A 127 -2.03 -9.99 3.91
CA ASP A 127 -1.72 -10.95 2.85
C ASP A 127 -2.96 -11.15 1.98
N TRP A 128 -4.10 -11.27 2.64
CA TRP A 128 -5.38 -11.29 1.96
C TRP A 128 -6.22 -10.10 2.40
N VAL A 129 -5.62 -9.25 3.22
CA VAL A 129 -6.30 -8.10 3.77
C VAL A 129 -5.56 -6.83 3.35
N VAL A 130 -6.31 -5.78 3.09
CA VAL A 130 -5.71 -4.49 2.76
C VAL A 130 -5.33 -3.78 4.05
N PRO A 131 -4.06 -3.34 4.14
CA PRO A 131 -3.54 -2.63 5.31
C PRO A 131 -4.47 -1.51 5.79
N TYR A 132 -5.18 -1.80 6.87
CA TYR A 132 -6.06 -0.82 7.48
C TYR A 132 -5.36 -0.16 8.65
N TYR A 133 -5.85 0.97 9.09
CA TYR A 133 -5.19 1.71 10.15
C TYR A 133 -5.49 1.10 11.50
N ARG A 134 -4.45 0.61 12.15
CA ARG A 134 -4.56 0.05 13.48
C ARG A 134 -3.46 0.63 14.38
N GLY A 135 -3.86 1.50 15.29
CA GLY A 135 -2.88 2.18 16.13
C GLY A 135 -2.56 1.41 17.38
N LEU A 136 -1.92 2.09 18.33
CA LEU A 136 -1.52 1.50 19.60
C LEU A 136 -0.40 0.47 19.41
N GLU A 137 -0.26 -0.41 20.38
CA GLU A 137 0.78 -1.42 20.37
C GLU A 137 0.32 -2.60 21.22
N HIS A 138 1.10 -3.68 21.24
CA HIS A 138 0.81 -4.85 22.06
C HIS A 138 0.46 -4.45 23.49
N HIS A 139 -0.62 -5.02 24.01
CA HIS A 139 -1.15 -4.64 25.32
C HIS A 139 -0.09 -4.82 26.41
N HIS A 140 0.52 -5.99 26.44
CA HIS A 140 1.55 -6.29 27.40
C HIS A 140 2.92 -6.02 26.79
N HIS A 141 3.57 -4.96 27.23
CA HIS A 141 4.84 -4.55 26.65
C HIS A 141 5.84 -4.14 27.72
N HIS A 142 6.74 -5.05 28.04
CA HIS A 142 7.83 -4.80 28.99
C HIS A 142 8.60 -6.10 29.21
N HIS A 143 7.86 -7.17 29.47
CA HIS A 143 8.45 -8.48 29.69
C HIS A 143 7.33 -9.53 29.71
N MET A 1 -13.86 -6.10 11.49
CA MET A 1 -14.28 -6.04 10.07
C MET A 1 -13.35 -5.15 9.25
N PRO A 2 -12.24 -5.70 8.77
CA PRO A 2 -11.35 -4.99 7.85
C PRO A 2 -11.69 -5.30 6.40
N VAL A 3 -10.98 -4.68 5.47
CA VAL A 3 -11.16 -4.98 4.06
C VAL A 3 -10.23 -6.12 3.68
N GLU A 4 -10.77 -7.33 3.62
CA GLU A 4 -9.96 -8.49 3.31
C GLU A 4 -10.52 -9.24 2.11
N LEU A 5 -9.66 -10.03 1.48
CA LEU A 5 -10.08 -10.92 0.43
C LEU A 5 -9.57 -12.32 0.75
N ARG A 6 -10.42 -13.13 1.37
CA ARG A 6 -10.02 -14.47 1.79
C ARG A 6 -11.15 -15.46 1.61
N ALA A 7 -11.09 -16.20 0.51
CA ALA A 7 -12.07 -17.24 0.17
C ALA A 7 -13.46 -16.68 -0.16
N ASN A 8 -13.83 -15.59 0.51
CA ASN A 8 -15.16 -14.99 0.35
C ASN A 8 -15.23 -14.15 -0.93
N TRP A 9 -14.39 -14.52 -1.90
CA TRP A 9 -14.27 -13.83 -3.17
C TRP A 9 -15.62 -13.63 -3.86
N SER A 10 -15.93 -12.38 -4.18
CA SER A 10 -17.11 -12.05 -4.97
C SER A 10 -16.83 -10.76 -5.75
N GLU A 11 -17.78 -10.31 -6.55
CA GLU A 11 -17.66 -9.03 -7.22
C GLU A 11 -17.60 -7.90 -6.19
N GLU A 12 -18.50 -7.94 -5.22
CA GLU A 12 -18.54 -6.92 -4.18
C GLU A 12 -17.29 -6.96 -3.32
N ASP A 13 -16.88 -8.17 -2.92
CA ASP A 13 -15.68 -8.33 -2.11
C ASP A 13 -14.44 -7.81 -2.84
N LEU A 14 -14.21 -8.35 -4.04
CA LEU A 14 -13.03 -7.99 -4.83
C LEU A 14 -12.98 -6.49 -5.08
N GLU A 15 -14.09 -5.94 -5.58
CA GLU A 15 -14.16 -4.53 -5.97
C GLU A 15 -13.93 -3.61 -4.77
N THR A 16 -14.42 -4.02 -3.61
CA THR A 16 -14.19 -3.26 -2.38
C THR A 16 -12.71 -3.29 -2.03
N VAL A 17 -12.09 -4.44 -2.22
CA VAL A 17 -10.66 -4.60 -1.98
C VAL A 17 -9.85 -3.68 -2.90
N ILE A 18 -10.21 -3.66 -4.19
CA ILE A 18 -9.58 -2.76 -5.14
C ILE A 18 -9.70 -1.32 -4.67
N ARG A 19 -10.93 -0.94 -4.36
CA ARG A 19 -11.28 0.43 -3.98
C ARG A 19 -10.56 0.87 -2.70
N ALA A 20 -10.37 -0.07 -1.78
CA ALA A 20 -9.71 0.24 -0.52
C ALA A 20 -8.23 0.57 -0.74
N VAL A 21 -7.62 -0.13 -1.69
CA VAL A 21 -6.23 0.11 -2.03
C VAL A 21 -6.10 1.42 -2.79
N TYR A 22 -7.03 1.66 -3.71
CA TYR A 22 -7.07 2.91 -4.47
C TYR A 22 -8.37 3.01 -5.26
N ARG A 23 -8.82 4.22 -5.53
CA ARG A 23 -10.02 4.45 -6.32
C ARG A 23 -10.22 5.95 -6.51
N GLN A 24 -11.46 6.35 -6.75
CA GLN A 24 -11.78 7.74 -7.03
C GLN A 24 -11.75 8.54 -5.74
N VAL A 25 -12.33 7.96 -4.68
CA VAL A 25 -12.47 8.56 -3.34
C VAL A 25 -13.14 9.94 -3.35
N LEU A 26 -12.48 10.96 -3.88
CA LEU A 26 -13.06 12.28 -3.97
C LEU A 26 -13.02 12.79 -5.42
N GLY A 27 -12.56 11.93 -6.31
CA GLY A 27 -12.52 12.26 -7.72
C GLY A 27 -13.90 12.22 -8.33
N ASN A 28 -14.62 13.32 -8.20
CA ASN A 28 -15.98 13.42 -8.73
C ASN A 28 -15.95 13.83 -10.20
N ASP A 29 -14.75 13.84 -10.78
CA ASP A 29 -14.59 14.15 -12.19
C ASP A 29 -14.11 12.91 -12.93
N TYR A 30 -13.75 13.06 -14.19
CA TYR A 30 -13.35 11.95 -15.03
C TYR A 30 -11.88 12.03 -15.39
N VAL A 31 -11.21 13.05 -14.89
CA VAL A 31 -9.79 13.23 -15.15
C VAL A 31 -8.93 12.51 -14.10
N MET A 32 -8.52 11.30 -14.43
CA MET A 32 -7.65 10.52 -13.56
C MET A 32 -6.43 10.06 -14.35
N ALA A 33 -6.68 9.36 -15.46
CA ALA A 33 -5.64 8.88 -16.37
C ALA A 33 -4.71 7.87 -15.70
N SER A 34 -3.69 7.46 -16.45
CA SER A 34 -2.67 6.52 -16.00
C SER A 34 -3.24 5.10 -15.87
N GLU A 35 -2.84 4.25 -16.80
CA GLU A 35 -3.30 2.87 -16.82
C GLU A 35 -2.14 1.92 -16.53
N ARG A 36 -1.89 1.67 -15.25
CA ARG A 36 -0.83 0.79 -14.82
C ARG A 36 -1.37 -0.26 -13.86
N LEU A 37 -2.37 0.12 -13.08
CA LEU A 37 -2.93 -0.76 -12.07
C LEU A 37 -4.08 -1.57 -12.63
N VAL A 38 -4.43 -1.31 -13.88
CA VAL A 38 -5.43 -2.12 -14.57
C VAL A 38 -4.93 -3.57 -14.64
N SER A 39 -3.64 -3.71 -14.89
CA SER A 39 -2.99 -5.02 -14.91
C SER A 39 -3.11 -5.69 -13.56
N ALA A 40 -2.93 -4.91 -12.49
CA ALA A 40 -3.00 -5.42 -11.13
C ALA A 40 -4.39 -5.95 -10.82
N GLU A 41 -5.41 -5.18 -11.20
CA GLU A 41 -6.80 -5.59 -11.01
C GLU A 41 -7.06 -6.90 -11.75
N SER A 42 -6.59 -6.98 -12.98
CA SER A 42 -6.77 -8.18 -13.80
C SER A 42 -6.07 -9.37 -13.15
N LEU A 43 -4.82 -9.19 -12.75
CA LEU A 43 -4.04 -10.27 -12.15
C LEU A 43 -4.66 -10.76 -10.84
N LEU A 44 -5.20 -9.83 -10.06
CA LEU A 44 -5.84 -10.17 -8.81
C LEU A 44 -7.16 -10.89 -9.05
N ARG A 45 -7.91 -10.42 -10.06
CA ARG A 45 -9.17 -11.08 -10.43
C ARG A 45 -8.90 -12.48 -10.96
N ASN A 46 -7.77 -12.64 -11.64
CA ASN A 46 -7.36 -13.94 -12.16
C ASN A 46 -6.81 -14.82 -11.04
N GLY A 47 -6.47 -14.20 -9.91
CA GLY A 47 -5.90 -14.94 -8.80
C GLY A 47 -4.49 -15.41 -9.09
N LYS A 48 -3.74 -14.60 -9.83
CA LYS A 48 -2.38 -14.96 -10.21
C LYS A 48 -1.38 -14.40 -9.21
N ILE A 49 -1.71 -13.27 -8.62
CA ILE A 49 -0.83 -12.64 -7.65
C ILE A 49 -1.52 -12.54 -6.30
N THR A 50 -0.72 -12.36 -5.26
CA THR A 50 -1.26 -12.19 -3.91
C THR A 50 -1.61 -10.72 -3.68
N VAL A 51 -2.32 -10.44 -2.59
CA VAL A 51 -2.76 -9.08 -2.32
C VAL A 51 -1.57 -8.19 -1.98
N ARG A 52 -0.56 -8.77 -1.35
CA ARG A 52 0.69 -8.04 -1.09
C ARG A 52 1.27 -7.52 -2.41
N GLU A 53 1.11 -8.32 -3.47
CA GLU A 53 1.66 -7.97 -4.78
C GLU A 53 0.73 -7.02 -5.52
N PHE A 54 -0.57 -7.11 -5.21
CA PHE A 54 -1.53 -6.16 -5.75
C PHE A 54 -1.23 -4.76 -5.23
N VAL A 55 -1.08 -4.66 -3.91
CA VAL A 55 -0.72 -3.39 -3.27
C VAL A 55 0.70 -2.99 -3.69
N ARG A 56 1.54 -4.00 -3.92
CA ARG A 56 2.92 -3.79 -4.36
C ARG A 56 2.94 -2.97 -5.64
N ALA A 57 2.14 -3.38 -6.62
CA ALA A 57 2.06 -2.69 -7.89
C ALA A 57 1.54 -1.27 -7.71
N VAL A 58 0.52 -1.13 -6.87
CA VAL A 58 -0.08 0.18 -6.61
C VAL A 58 0.93 1.11 -5.95
N ALA A 59 1.73 0.56 -5.04
CA ALA A 59 2.71 1.33 -4.31
C ALA A 59 3.93 1.67 -5.17
N LYS A 60 4.19 0.83 -6.16
CA LYS A 60 5.35 1.06 -7.04
C LYS A 60 4.93 1.79 -8.31
N SER A 61 3.75 2.38 -8.28
CA SER A 61 3.29 3.24 -9.36
C SER A 61 3.55 4.71 -9.03
N GLU A 62 2.97 5.62 -9.79
CA GLU A 62 3.20 7.03 -9.55
C GLU A 62 1.97 7.67 -8.90
N LEU A 63 1.17 8.39 -9.70
CA LEU A 63 -0.05 9.06 -9.24
C LEU A 63 0.29 10.19 -8.25
N TYR A 64 0.71 9.84 -7.04
CA TYR A 64 1.11 10.81 -6.04
C TYR A 64 2.63 10.85 -5.94
N LYS A 65 3.24 11.87 -6.56
CA LYS A 65 4.70 11.95 -6.67
C LYS A 65 5.22 10.87 -7.63
N GLU A 66 6.12 11.25 -8.53
CA GLU A 66 6.58 10.33 -9.56
C GLU A 66 7.23 9.10 -8.95
N LYS A 67 6.53 7.97 -9.05
CA LYS A 67 6.98 6.70 -8.49
C LYS A 67 7.10 6.82 -6.98
N PHE A 68 6.12 7.53 -6.39
CA PHE A 68 6.11 7.82 -4.97
C PHE A 68 7.32 8.65 -4.59
N LEU A 69 7.72 9.52 -5.52
CA LEU A 69 8.78 10.50 -5.33
C LEU A 69 10.16 9.84 -5.47
N TYR A 70 10.81 10.20 -6.58
CA TYR A 70 12.12 9.66 -6.95
C TYR A 70 13.22 10.07 -5.98
N GLY A 71 13.06 11.21 -5.31
CA GLY A 71 14.05 11.63 -4.35
C GLY A 71 14.03 13.12 -4.09
N ASN A 72 13.57 13.49 -2.89
CA ASN A 72 13.59 14.87 -2.40
C ASN A 72 12.91 14.93 -1.05
N PHE A 73 13.72 14.89 0.02
CA PHE A 73 13.22 14.78 1.38
C PHE A 73 12.41 13.50 1.54
N GLN A 74 13.13 12.40 1.66
CA GLN A 74 12.56 11.06 1.69
C GLN A 74 11.62 10.87 2.88
N THR A 75 11.85 11.64 3.94
CA THR A 75 11.08 11.53 5.17
C THR A 75 9.56 11.64 4.92
N ARG A 76 9.18 12.52 4.00
CA ARG A 76 7.78 12.71 3.67
C ARG A 76 7.21 11.47 2.96
N VAL A 77 8.02 10.86 2.13
CA VAL A 77 7.62 9.68 1.38
C VAL A 77 7.60 8.46 2.30
N ILE A 78 8.49 8.45 3.29
CA ILE A 78 8.50 7.41 4.31
C ILE A 78 7.13 7.33 4.98
N GLU A 79 6.61 8.50 5.37
CA GLU A 79 5.27 8.60 5.92
C GLU A 79 4.23 8.11 4.93
N LEU A 80 4.37 8.54 3.69
CA LEU A 80 3.43 8.20 2.62
C LEU A 80 3.35 6.69 2.45
N ASN A 81 4.52 6.06 2.31
CA ASN A 81 4.58 4.61 2.16
C ASN A 81 4.00 3.91 3.38
N TYR A 82 4.37 4.38 4.55
CA TYR A 82 3.88 3.80 5.79
C TYR A 82 2.36 3.84 5.87
N LYS A 83 1.77 4.96 5.47
CA LYS A 83 0.32 5.13 5.56
C LYS A 83 -0.41 4.27 4.52
N HIS A 84 0.27 3.95 3.42
CA HIS A 84 -0.37 3.17 2.37
C HIS A 84 -0.06 1.67 2.51
N LEU A 85 1.00 1.33 3.24
CA LEU A 85 1.39 -0.06 3.39
C LEU A 85 0.94 -0.63 4.73
N LEU A 86 1.03 0.17 5.78
CA LEU A 86 0.65 -0.28 7.12
C LEU A 86 -0.43 0.60 7.71
N GLY A 87 -0.59 1.78 7.14
CA GLY A 87 -1.55 2.73 7.64
C GLY A 87 -1.07 3.44 8.89
N ARG A 88 0.23 3.34 9.15
CA ARG A 88 0.80 3.92 10.36
C ARG A 88 1.66 5.13 10.01
N ALA A 89 2.02 5.87 11.03
CA ALA A 89 3.01 6.92 10.92
C ALA A 89 4.26 6.47 11.66
N PRO A 90 5.45 6.96 11.28
CA PRO A 90 6.70 6.59 11.96
C PRO A 90 6.63 6.84 13.46
N TYR A 91 6.51 5.77 14.22
CA TYR A 91 6.39 5.87 15.67
C TYR A 91 7.77 6.02 16.30
N ASP A 92 8.73 5.33 15.70
CA ASP A 92 10.10 5.39 16.19
C ASP A 92 11.03 5.97 15.14
N GLU A 93 12.03 6.69 15.60
CA GLU A 93 13.04 7.26 14.72
C GLU A 93 13.78 6.17 13.96
N SER A 94 13.84 4.99 14.57
CA SER A 94 14.46 3.83 13.94
C SER A 94 13.81 3.54 12.59
N GLU A 95 12.49 3.73 12.52
CA GLU A 95 11.75 3.51 11.28
C GLU A 95 12.16 4.52 10.22
N VAL A 96 12.31 5.77 10.64
CA VAL A 96 12.72 6.83 9.74
C VAL A 96 14.12 6.58 9.21
N ILE A 97 15.07 6.36 10.12
CA ILE A 97 16.46 6.14 9.77
C ILE A 97 16.60 4.92 8.85
N PHE A 98 15.89 3.85 9.19
CA PHE A 98 15.92 2.62 8.40
C PHE A 98 15.55 2.88 6.94
N HIS A 99 14.47 3.63 6.75
CA HIS A 99 13.98 3.92 5.40
C HIS A 99 14.90 4.90 4.67
N LEU A 100 15.45 5.86 5.40
CA LEU A 100 16.36 6.84 4.80
C LEU A 100 17.57 6.15 4.16
N ASP A 101 18.22 5.28 4.93
CA ASP A 101 19.36 4.54 4.41
C ASP A 101 18.93 3.56 3.34
N LEU A 102 17.78 2.93 3.54
CA LEU A 102 17.26 1.94 2.60
C LEU A 102 17.08 2.57 1.21
N TYR A 103 16.48 3.75 1.18
CA TYR A 103 16.31 4.49 -0.07
C TYR A 103 17.65 4.88 -0.67
N GLU A 104 18.51 5.49 0.14
CA GLU A 104 19.77 6.03 -0.36
C GLU A 104 20.75 4.94 -0.78
N ASN A 105 20.50 3.71 -0.35
CA ASN A 105 21.37 2.60 -0.73
C ASN A 105 20.79 1.78 -1.88
N GLU A 106 19.59 1.24 -1.71
CA GLU A 106 19.02 0.37 -2.72
C GLU A 106 18.04 1.11 -3.62
N GLY A 107 17.30 2.06 -3.04
CA GLY A 107 16.38 2.85 -3.83
C GLY A 107 15.01 2.95 -3.18
N PHE A 108 14.13 3.75 -3.79
CA PHE A 108 12.79 3.93 -3.27
C PHE A 108 11.97 2.66 -3.45
N ASP A 109 12.35 1.85 -4.45
CA ASP A 109 11.70 0.56 -4.68
C ASP A 109 11.86 -0.31 -3.45
N ALA A 110 13.05 -0.26 -2.86
CA ALA A 110 13.37 -1.05 -1.68
C ALA A 110 12.64 -0.51 -0.46
N ASP A 111 12.54 0.81 -0.37
CA ASP A 111 11.84 1.47 0.74
C ASP A 111 10.43 0.90 0.87
N ILE A 112 9.76 0.78 -0.25
CA ILE A 112 8.40 0.28 -0.30
C ILE A 112 8.35 -1.24 -0.17
N ASP A 113 9.28 -1.91 -0.84
CA ASP A 113 9.27 -3.37 -0.95
C ASP A 113 9.58 -4.05 0.38
N SER A 114 10.21 -3.30 1.29
CA SER A 114 10.62 -3.82 2.60
C SER A 114 9.47 -4.57 3.30
N TYR A 115 8.39 -3.87 3.59
CA TYR A 115 7.24 -4.47 4.26
C TYR A 115 6.57 -5.52 3.39
N ILE A 116 6.47 -5.22 2.10
CA ILE A 116 5.74 -6.07 1.17
C ILE A 116 6.31 -7.49 1.17
N ASP A 117 7.62 -7.62 1.29
CA ASP A 117 8.26 -8.91 1.25
C ASP A 117 8.37 -9.55 2.64
N SER A 118 8.45 -8.71 3.69
CA SER A 118 8.64 -9.22 5.06
C SER A 118 7.53 -10.23 5.43
N PRO A 119 7.89 -11.51 5.55
CA PRO A 119 6.94 -12.60 5.75
C PRO A 119 6.20 -12.51 7.09
N GLU A 120 6.92 -12.11 8.14
CA GLU A 120 6.34 -12.05 9.47
C GLU A 120 5.16 -11.08 9.50
N TYR A 121 5.34 -9.88 8.96
CA TYR A 121 4.28 -8.89 8.94
C TYR A 121 3.20 -9.29 7.96
N THR A 122 3.59 -9.95 6.88
CA THR A 122 2.65 -10.49 5.92
C THR A 122 1.66 -11.43 6.61
N ASN A 123 2.18 -12.27 7.51
CA ASN A 123 1.34 -13.25 8.20
C ASN A 123 0.62 -12.61 9.38
N SER A 124 1.22 -11.58 9.96
CA SER A 124 0.64 -10.92 11.13
C SER A 124 -0.47 -9.96 10.73
N PHE A 125 -0.20 -9.08 9.78
CA PHE A 125 -1.17 -8.09 9.35
C PHE A 125 -2.17 -8.72 8.39
N GLY A 126 -1.68 -9.60 7.54
CA GLY A 126 -2.55 -10.28 6.59
C GLY A 126 -2.23 -9.90 5.16
N ASP A 127 -1.66 -10.84 4.42
CA ASP A 127 -1.35 -10.64 2.99
C ASP A 127 -2.60 -10.21 2.24
N TRP A 128 -3.66 -10.96 2.43
CA TRP A 128 -4.91 -10.75 1.72
C TRP A 128 -5.80 -9.73 2.43
N VAL A 129 -5.18 -8.82 3.17
CA VAL A 129 -5.90 -7.77 3.88
C VAL A 129 -5.41 -6.39 3.42
N VAL A 130 -6.32 -5.48 3.20
CA VAL A 130 -5.98 -4.13 2.77
C VAL A 130 -5.68 -3.24 3.99
N PRO A 131 -4.50 -2.62 4.00
CA PRO A 131 -4.09 -1.71 5.08
C PRO A 131 -4.91 -0.43 5.09
N TYR A 132 -5.18 0.07 6.29
CA TYR A 132 -5.92 1.30 6.45
C TYR A 132 -5.14 2.25 7.36
N TYR A 133 -5.24 3.54 7.08
CA TYR A 133 -4.49 4.53 7.85
C TYR A 133 -5.16 4.82 9.19
N ARG A 134 -4.33 5.15 10.19
CA ARG A 134 -4.80 5.43 11.54
C ARG A 134 -5.97 6.41 11.57
N GLY A 135 -6.92 6.10 12.43
CA GLY A 135 -8.15 6.86 12.52
C GLY A 135 -9.27 5.97 12.98
N LEU A 136 -10.29 5.80 12.13
CA LEU A 136 -11.39 4.84 12.37
C LEU A 136 -12.34 5.29 13.48
N GLU A 137 -11.77 5.71 14.60
CA GLU A 137 -12.51 6.07 15.79
C GLU A 137 -13.66 7.02 15.50
N HIS A 138 -14.70 6.89 16.30
CA HIS A 138 -15.92 7.69 16.17
C HIS A 138 -15.69 9.12 16.69
N HIS A 139 -14.45 9.58 16.63
CA HIS A 139 -14.09 10.92 17.07
C HIS A 139 -14.81 11.96 16.21
N HIS A 140 -15.06 11.60 14.96
CA HIS A 140 -15.92 12.38 14.10
C HIS A 140 -16.88 11.43 13.38
N HIS A 141 -18.16 11.63 13.58
CA HIS A 141 -19.16 10.68 13.10
C HIS A 141 -19.36 10.80 11.58
N HIS A 142 -19.70 9.69 10.96
CA HIS A 142 -19.95 9.64 9.53
C HIS A 142 -21.42 9.93 9.25
N HIS A 143 -21.87 9.64 8.04
CA HIS A 143 -23.28 9.79 7.72
C HIS A 143 -24.05 8.54 8.13
N MET A 1 -14.99 -3.88 9.74
CA MET A 1 -14.28 -2.59 9.72
C MET A 1 -13.17 -2.59 8.66
N PRO A 2 -12.22 -3.56 8.71
CA PRO A 2 -11.18 -3.66 7.70
C PRO A 2 -11.70 -4.26 6.40
N VAL A 3 -11.12 -3.85 5.28
CA VAL A 3 -11.49 -4.40 3.99
C VAL A 3 -10.55 -5.54 3.65
N GLU A 4 -11.11 -6.70 3.33
CA GLU A 4 -10.30 -7.87 3.07
C GLU A 4 -10.86 -8.65 1.88
N LEU A 5 -10.01 -9.38 1.20
CA LEU A 5 -10.42 -10.19 0.07
C LEU A 5 -10.60 -11.63 0.51
N ARG A 6 -11.81 -12.14 0.35
CA ARG A 6 -12.11 -13.51 0.76
C ARG A 6 -11.63 -14.50 -0.30
N ALA A 7 -11.37 -15.72 0.13
CA ALA A 7 -11.03 -16.78 -0.80
C ALA A 7 -12.29 -17.25 -1.49
N ASN A 8 -12.22 -17.43 -2.80
CA ASN A 8 -13.41 -17.67 -3.62
C ASN A 8 -14.36 -16.50 -3.46
N TRP A 9 -14.07 -15.43 -4.19
CA TRP A 9 -14.72 -14.16 -4.00
C TRP A 9 -15.85 -13.95 -5.01
N SER A 10 -16.51 -12.80 -4.88
CA SER A 10 -17.54 -12.39 -5.81
C SER A 10 -17.29 -10.93 -6.19
N GLU A 11 -17.97 -10.46 -7.24
CA GLU A 11 -17.75 -9.11 -7.76
C GLU A 11 -17.89 -8.06 -6.65
N GLU A 12 -18.94 -8.18 -5.84
CA GLU A 12 -19.21 -7.27 -4.72
C GLU A 12 -18.01 -7.23 -3.77
N ASP A 13 -17.53 -8.41 -3.39
CA ASP A 13 -16.45 -8.55 -2.44
C ASP A 13 -15.19 -7.87 -2.96
N LEU A 14 -14.85 -8.18 -4.21
CA LEU A 14 -13.65 -7.65 -4.83
C LEU A 14 -13.77 -6.14 -5.07
N GLU A 15 -14.94 -5.70 -5.53
CA GLU A 15 -15.18 -4.28 -5.80
C GLU A 15 -14.86 -3.44 -4.57
N THR A 16 -15.32 -3.92 -3.42
CA THR A 16 -15.06 -3.27 -2.15
C THR A 16 -13.56 -3.21 -1.87
N VAL A 17 -12.87 -4.32 -2.15
CA VAL A 17 -11.43 -4.40 -1.96
C VAL A 17 -10.70 -3.39 -2.85
N ILE A 18 -11.10 -3.34 -4.12
CA ILE A 18 -10.48 -2.45 -5.09
C ILE A 18 -10.59 -0.99 -4.65
N ARG A 19 -11.80 -0.57 -4.27
CA ARG A 19 -12.05 0.81 -3.87
C ARG A 19 -11.27 1.17 -2.62
N ALA A 20 -11.00 0.18 -1.79
CA ALA A 20 -10.23 0.39 -0.57
C ALA A 20 -8.77 0.64 -0.87
N VAL A 21 -8.18 -0.22 -1.71
CA VAL A 21 -6.77 -0.12 -2.06
C VAL A 21 -6.47 1.20 -2.76
N TYR A 22 -7.27 1.55 -3.75
CA TYR A 22 -7.09 2.81 -4.45
C TYR A 22 -8.42 3.41 -4.88
N ARG A 23 -8.42 4.73 -5.05
CA ARG A 23 -9.62 5.45 -5.44
C ARG A 23 -9.25 6.75 -6.15
N GLN A 24 -8.69 7.69 -5.38
CA GLN A 24 -8.26 8.98 -5.94
C GLN A 24 -7.68 9.88 -4.84
N VAL A 25 -7.80 9.44 -3.58
CA VAL A 25 -7.44 10.23 -2.39
C VAL A 25 -7.87 11.70 -2.50
N LEU A 26 -6.95 12.58 -2.91
CA LEU A 26 -7.25 14.00 -3.04
C LEU A 26 -6.53 14.59 -4.24
N GLY A 27 -7.28 15.24 -5.11
CA GLY A 27 -6.68 15.87 -6.27
C GLY A 27 -7.69 16.60 -7.13
N ASN A 28 -7.21 17.47 -8.00
CA ASN A 28 -8.06 18.19 -8.93
C ASN A 28 -7.90 17.61 -10.33
N ASP A 29 -6.69 17.74 -10.87
CA ASP A 29 -6.34 17.15 -12.15
C ASP A 29 -5.89 15.72 -11.93
N TYR A 30 -5.56 15.42 -10.68
CA TYR A 30 -5.16 14.09 -10.28
C TYR A 30 -6.40 13.20 -10.15
N VAL A 31 -6.90 12.76 -11.29
CA VAL A 31 -8.03 11.85 -11.35
C VAL A 31 -7.68 10.63 -12.21
N MET A 32 -6.60 10.77 -12.96
CA MET A 32 -6.13 9.70 -13.83
C MET A 32 -5.38 8.65 -13.03
N ALA A 33 -5.05 7.54 -13.69
CA ALA A 33 -4.34 6.42 -13.07
C ALA A 33 -5.25 5.63 -12.15
N SER A 34 -6.51 6.03 -12.07
CA SER A 34 -7.50 5.37 -11.23
C SER A 34 -7.78 3.96 -11.74
N GLU A 35 -7.57 3.74 -13.03
CA GLU A 35 -7.70 2.42 -13.62
C GLU A 35 -6.41 2.04 -14.34
N ARG A 36 -5.30 2.61 -13.89
CA ARG A 36 -4.00 2.38 -14.51
C ARG A 36 -3.59 0.91 -14.39
N LEU A 37 -3.95 0.30 -13.27
CA LEU A 37 -3.51 -1.05 -12.97
C LEU A 37 -4.49 -2.11 -13.47
N VAL A 38 -4.90 -2.00 -14.74
CA VAL A 38 -5.75 -3.01 -15.34
C VAL A 38 -5.07 -4.37 -15.31
N SER A 39 -3.76 -4.36 -15.52
CA SER A 39 -2.96 -5.57 -15.47
C SER A 39 -3.08 -6.21 -14.09
N ALA A 40 -2.90 -5.41 -13.04
CA ALA A 40 -2.99 -5.90 -11.67
C ALA A 40 -4.40 -6.38 -11.36
N GLU A 41 -5.39 -5.64 -11.84
CA GLU A 41 -6.80 -6.02 -11.73
C GLU A 41 -7.00 -7.43 -12.28
N SER A 42 -6.53 -7.66 -13.50
CA SER A 42 -6.67 -8.95 -14.15
C SER A 42 -5.88 -10.03 -13.41
N LEU A 43 -4.68 -9.68 -12.95
CA LEU A 43 -3.84 -10.62 -12.21
C LEU A 43 -4.52 -11.10 -10.94
N LEU A 44 -5.13 -10.15 -10.22
CA LEU A 44 -5.81 -10.46 -8.98
C LEU A 44 -7.05 -11.30 -9.23
N ARG A 45 -7.80 -10.95 -10.27
CA ARG A 45 -9.04 -11.66 -10.59
C ARG A 45 -8.76 -13.08 -11.08
N ASN A 46 -7.60 -13.28 -11.69
CA ASN A 46 -7.22 -14.60 -12.16
C ASN A 46 -6.64 -15.43 -11.01
N GLY A 47 -6.36 -14.76 -9.90
CA GLY A 47 -5.81 -15.43 -8.74
C GLY A 47 -4.32 -15.67 -8.89
N LYS A 48 -3.64 -14.74 -9.55
CA LYS A 48 -2.22 -14.87 -9.80
C LYS A 48 -1.40 -14.28 -8.66
N ILE A 49 -1.82 -13.11 -8.19
CA ILE A 49 -1.09 -12.41 -7.14
C ILE A 49 -1.92 -12.27 -5.88
N THR A 50 -1.25 -12.11 -4.75
CA THR A 50 -1.93 -11.89 -3.48
C THR A 50 -2.22 -10.41 -3.30
N VAL A 51 -2.95 -10.07 -2.26
CA VAL A 51 -3.23 -8.68 -1.94
C VAL A 51 -1.93 -7.96 -1.60
N ARG A 52 -1.03 -8.68 -0.92
CA ARG A 52 0.30 -8.16 -0.61
C ARG A 52 1.00 -7.67 -1.87
N GLU A 53 1.02 -8.52 -2.89
CA GLU A 53 1.66 -8.20 -4.16
C GLU A 53 0.90 -7.10 -4.89
N PHE A 54 -0.44 -7.20 -4.86
CA PHE A 54 -1.31 -6.22 -5.50
C PHE A 54 -1.06 -4.82 -4.95
N VAL A 55 -0.98 -4.70 -3.63
CA VAL A 55 -0.77 -3.41 -2.99
C VAL A 55 0.61 -2.85 -3.31
N ARG A 56 1.61 -3.73 -3.46
CA ARG A 56 2.95 -3.27 -3.83
C ARG A 56 2.92 -2.60 -5.20
N ALA A 57 2.14 -3.18 -6.10
CA ALA A 57 2.00 -2.62 -7.45
C ALA A 57 1.34 -1.25 -7.39
N VAL A 58 0.43 -1.08 -6.43
CA VAL A 58 -0.23 0.20 -6.23
C VAL A 58 0.74 1.22 -5.62
N ALA A 59 1.58 0.74 -4.71
CA ALA A 59 2.56 1.61 -4.06
C ALA A 59 3.56 2.18 -5.07
N LYS A 60 3.82 1.42 -6.13
CA LYS A 60 4.77 1.86 -7.14
C LYS A 60 4.06 2.30 -8.42
N SER A 61 2.76 2.55 -8.32
CA SER A 61 1.97 2.95 -9.50
C SER A 61 2.23 4.41 -9.84
N GLU A 62 2.52 5.22 -8.83
CA GLU A 62 2.78 6.63 -9.03
C GLU A 62 4.26 6.84 -9.39
N LEU A 63 4.50 6.99 -10.69
CA LEU A 63 5.86 7.11 -11.21
C LEU A 63 6.30 8.57 -11.31
N TYR A 64 5.59 9.45 -10.63
CA TYR A 64 5.89 10.87 -10.68
C TYR A 64 6.84 11.24 -9.54
N LYS A 65 8.12 10.90 -9.73
CA LYS A 65 9.14 11.08 -8.70
C LYS A 65 9.20 12.52 -8.19
N GLU A 66 9.48 13.45 -9.09
CA GLU A 66 9.73 14.86 -8.73
C GLU A 66 8.49 15.56 -8.16
N LYS A 67 7.42 14.81 -7.94
CA LYS A 67 6.20 15.37 -7.38
C LYS A 67 6.21 15.22 -5.86
N PHE A 68 6.81 14.13 -5.38
CA PHE A 68 6.81 13.85 -3.94
C PHE A 68 8.19 13.37 -3.47
N LEU A 69 8.90 12.65 -4.33
CA LEU A 69 10.16 12.05 -3.96
C LEU A 69 11.33 12.95 -4.33
N TYR A 70 12.38 12.91 -3.51
CA TYR A 70 13.61 13.67 -3.74
C TYR A 70 13.44 15.17 -3.49
N GLY A 71 12.39 15.74 -4.08
CA GLY A 71 12.20 17.18 -4.06
C GLY A 71 12.20 17.80 -2.68
N ASN A 72 11.25 17.44 -1.84
CA ASN A 72 11.08 18.12 -0.57
C ASN A 72 10.64 17.16 0.53
N PHE A 73 11.42 17.13 1.62
CA PHE A 73 11.12 16.32 2.81
C PHE A 73 11.03 14.83 2.49
N GLN A 74 12.14 14.13 2.66
CA GLN A 74 12.18 12.70 2.39
C GLN A 74 11.54 11.93 3.53
N THR A 75 11.58 12.52 4.72
CA THR A 75 10.91 11.95 5.88
C THR A 75 9.41 11.86 5.63
N ARG A 76 8.89 12.82 4.87
CA ARG A 76 7.48 12.87 4.52
C ARG A 76 7.14 11.77 3.52
N VAL A 77 8.12 11.39 2.72
CA VAL A 77 7.97 10.27 1.79
C VAL A 77 7.91 8.96 2.55
N ILE A 78 8.72 8.88 3.61
CA ILE A 78 8.71 7.72 4.50
C ILE A 78 7.31 7.54 5.10
N GLU A 79 6.71 8.66 5.49
CA GLU A 79 5.35 8.65 6.03
C GLU A 79 4.39 8.09 5.00
N LEU A 80 4.59 8.45 3.74
CA LEU A 80 3.72 8.00 2.66
C LEU A 80 3.73 6.47 2.56
N ASN A 81 4.91 5.88 2.44
CA ASN A 81 5.02 4.43 2.30
C ASN A 81 4.54 3.72 3.56
N TYR A 82 4.91 4.25 4.71
CA TYR A 82 4.46 3.70 5.99
C TYR A 82 2.94 3.72 6.10
N LYS A 83 2.34 4.87 5.81
CA LYS A 83 0.91 5.06 5.99
C LYS A 83 0.11 4.35 4.90
N HIS A 84 0.77 3.96 3.81
CA HIS A 84 0.11 3.25 2.73
C HIS A 84 0.15 1.74 2.94
N LEU A 85 1.32 1.23 3.33
CA LEU A 85 1.53 -0.21 3.39
C LEU A 85 1.31 -0.76 4.79
N LEU A 86 1.58 0.03 5.81
CA LEU A 86 1.43 -0.42 7.19
C LEU A 86 0.30 0.34 7.88
N GLY A 87 -0.09 1.47 7.30
CA GLY A 87 -1.13 2.29 7.89
C GLY A 87 -0.68 2.96 9.17
N ARG A 88 0.63 3.06 9.35
CA ARG A 88 1.20 3.63 10.56
C ARG A 88 2.17 4.74 10.21
N ALA A 89 2.18 5.79 11.02
CA ALA A 89 3.16 6.86 10.86
C ALA A 89 4.47 6.45 11.51
N PRO A 90 5.59 7.08 11.13
CA PRO A 90 6.91 6.76 11.70
C PRO A 90 6.89 6.78 13.23
N TYR A 91 6.95 5.59 13.82
CA TYR A 91 6.83 5.45 15.27
C TYR A 91 8.04 6.04 15.98
N ASP A 92 9.22 5.65 15.54
CA ASP A 92 10.45 6.13 16.16
C ASP A 92 11.32 6.82 15.11
N GLU A 93 12.24 7.67 15.57
CA GLU A 93 13.12 8.37 14.64
C GLU A 93 14.10 7.41 13.99
N SER A 94 14.33 6.26 14.63
CA SER A 94 15.16 5.22 14.07
C SER A 94 14.57 4.71 12.76
N GLU A 95 13.24 4.63 12.71
CA GLU A 95 12.54 4.18 11.51
C GLU A 95 12.85 5.11 10.34
N VAL A 96 12.90 6.40 10.65
CA VAL A 96 13.23 7.42 9.66
C VAL A 96 14.64 7.20 9.12
N ILE A 97 15.61 7.19 10.04
CA ILE A 97 17.01 7.02 9.67
C ILE A 97 17.23 5.69 8.93
N PHE A 98 16.63 4.63 9.43
CA PHE A 98 16.74 3.30 8.85
C PHE A 98 16.26 3.28 7.40
N HIS A 99 15.13 3.93 7.14
CA HIS A 99 14.55 3.92 5.81
C HIS A 99 15.25 4.91 4.88
N LEU A 100 15.76 6.01 5.44
CA LEU A 100 16.56 6.94 4.67
C LEU A 100 17.80 6.24 4.13
N ASP A 101 18.43 5.46 5.00
CA ASP A 101 19.59 4.65 4.63
C ASP A 101 19.23 3.66 3.53
N LEU A 102 18.16 2.92 3.74
CA LEU A 102 17.68 1.93 2.77
C LEU A 102 17.41 2.59 1.40
N TYR A 103 16.70 3.70 1.42
CA TYR A 103 16.35 4.42 0.20
C TYR A 103 17.60 4.86 -0.56
N GLU A 104 18.55 5.46 0.15
CA GLU A 104 19.74 6.00 -0.49
C GLU A 104 20.65 4.89 -1.00
N ASN A 105 20.70 3.78 -0.29
CA ASN A 105 21.59 2.69 -0.67
C ASN A 105 21.00 1.82 -1.77
N GLU A 106 19.82 1.26 -1.50
CA GLU A 106 19.25 0.26 -2.39
C GLU A 106 18.28 0.88 -3.39
N GLY A 107 17.51 1.87 -2.96
CA GLY A 107 16.59 2.52 -3.88
C GLY A 107 15.18 2.64 -3.33
N PHE A 108 14.32 3.29 -4.10
CA PHE A 108 12.94 3.55 -3.68
C PHE A 108 12.12 2.26 -3.69
N ASP A 109 12.33 1.41 -4.69
CA ASP A 109 11.59 0.17 -4.81
C ASP A 109 11.98 -0.76 -3.67
N ALA A 110 13.22 -0.62 -3.23
CA ALA A 110 13.75 -1.43 -2.14
C ALA A 110 13.18 -0.99 -0.80
N ASP A 111 12.86 0.30 -0.69
CA ASP A 111 12.18 0.79 0.51
C ASP A 111 10.81 0.14 0.62
N ILE A 112 10.01 0.29 -0.43
CA ILE A 112 8.70 -0.34 -0.51
C ILE A 112 8.81 -1.84 -0.30
N ASP A 113 9.91 -2.40 -0.77
CA ASP A 113 10.18 -3.83 -0.64
C ASP A 113 10.18 -4.29 0.81
N SER A 114 10.74 -3.48 1.70
CA SER A 114 10.90 -3.88 3.11
C SER A 114 9.55 -4.14 3.79
N TYR A 115 8.49 -3.52 3.27
CA TYR A 115 7.16 -3.69 3.85
C TYR A 115 6.48 -4.93 3.25
N ILE A 116 6.76 -5.20 1.98
CA ILE A 116 6.07 -6.24 1.24
C ILE A 116 6.82 -7.58 1.30
N ASP A 117 8.14 -7.52 1.29
CA ASP A 117 8.97 -8.71 1.18
C ASP A 117 9.04 -9.47 2.52
N SER A 118 8.70 -8.79 3.60
CA SER A 118 8.74 -9.39 4.93
C SER A 118 7.52 -10.28 5.18
N PRO A 119 7.69 -11.61 5.10
CA PRO A 119 6.57 -12.56 5.17
C PRO A 119 5.93 -12.57 6.56
N GLU A 120 6.76 -12.51 7.58
CA GLU A 120 6.29 -12.53 8.97
C GLU A 120 5.44 -11.32 9.27
N TYR A 121 5.81 -10.17 8.75
CA TYR A 121 5.12 -8.93 9.06
C TYR A 121 3.80 -8.86 8.29
N THR A 122 3.80 -9.33 7.05
CA THR A 122 2.59 -9.33 6.24
C THR A 122 1.61 -10.39 6.72
N ASN A 123 2.11 -11.60 6.97
CA ASN A 123 1.25 -12.71 7.36
C ASN A 123 0.54 -12.43 8.68
N SER A 124 1.23 -11.77 9.59
CA SER A 124 0.64 -11.42 10.88
C SER A 124 -0.41 -10.32 10.73
N PHE A 125 -0.37 -9.61 9.61
CA PHE A 125 -1.33 -8.54 9.34
C PHE A 125 -2.49 -9.08 8.52
N GLY A 126 -2.17 -9.93 7.56
CA GLY A 126 -3.19 -10.50 6.68
C GLY A 126 -2.79 -10.39 5.23
N ASP A 127 -2.42 -11.52 4.63
CA ASP A 127 -1.94 -11.54 3.24
C ASP A 127 -3.05 -11.16 2.27
N TRP A 128 -4.28 -11.52 2.62
CA TRP A 128 -5.42 -11.21 1.77
C TRP A 128 -6.24 -10.07 2.34
N VAL A 129 -5.63 -9.30 3.25
CA VAL A 129 -6.30 -8.17 3.87
C VAL A 129 -5.69 -6.86 3.35
N VAL A 130 -6.55 -5.89 3.08
CA VAL A 130 -6.10 -4.60 2.58
C VAL A 130 -5.48 -3.78 3.71
N PRO A 131 -4.25 -3.28 3.51
CA PRO A 131 -3.55 -2.45 4.51
C PRO A 131 -4.38 -1.25 4.95
N TYR A 132 -4.88 -1.33 6.17
CA TYR A 132 -5.69 -0.26 6.74
C TYR A 132 -4.89 0.53 7.77
N TYR A 133 -5.31 1.75 8.03
CA TYR A 133 -4.62 2.59 9.00
C TYR A 133 -4.70 1.98 10.40
N ARG A 134 -3.60 2.06 11.12
CA ARG A 134 -3.46 1.40 12.41
C ARG A 134 -4.24 2.16 13.49
N GLY A 135 -4.75 3.33 13.14
CA GLY A 135 -5.50 4.13 14.10
C GLY A 135 -6.96 3.71 14.17
N LEU A 136 -7.18 2.42 14.40
CA LEU A 136 -8.53 1.87 14.49
C LEU A 136 -9.25 2.44 15.71
N GLU A 137 -8.53 2.54 16.82
CA GLU A 137 -9.09 3.11 18.04
C GLU A 137 -8.66 4.56 18.19
N HIS A 138 -9.52 5.35 18.82
CA HIS A 138 -9.32 6.80 18.99
C HIS A 138 -8.70 7.45 17.75
N HIS A 139 -9.48 7.52 16.69
CA HIS A 139 -9.01 8.11 15.44
C HIS A 139 -8.71 9.60 15.61
N HIS A 140 -7.46 9.98 15.42
CA HIS A 140 -7.04 11.35 15.66
C HIS A 140 -7.48 12.29 14.52
N HIS A 141 -8.58 12.96 14.76
CA HIS A 141 -9.08 13.99 13.85
C HIS A 141 -9.57 15.17 14.68
N HIS A 142 -8.94 15.34 15.82
CA HIS A 142 -9.34 16.37 16.77
C HIS A 142 -8.11 16.97 17.42
N HIS A 143 -7.77 18.19 17.03
CA HIS A 143 -6.61 18.86 17.57
C HIS A 143 -6.97 19.62 18.83
N MET A 1 -13.45 -2.01 10.15
CA MET A 1 -12.42 -3.08 10.04
C MET A 1 -11.67 -2.94 8.73
N PRO A 2 -10.48 -3.55 8.63
CA PRO A 2 -9.71 -3.54 7.38
C PRO A 2 -10.39 -4.35 6.29
N VAL A 3 -10.11 -4.04 5.03
CA VAL A 3 -10.73 -4.73 3.92
C VAL A 3 -10.04 -6.07 3.69
N GLU A 4 -10.69 -7.14 4.08
CA GLU A 4 -10.10 -8.47 3.99
C GLU A 4 -10.62 -9.19 2.76
N LEU A 5 -9.72 -9.52 1.84
CA LEU A 5 -10.11 -10.29 0.66
C LEU A 5 -10.03 -11.77 0.99
N ARG A 6 -11.17 -12.36 1.27
CA ARG A 6 -11.24 -13.77 1.55
C ARG A 6 -11.14 -14.55 0.25
N ALA A 7 -10.40 -15.65 0.26
CA ALA A 7 -10.21 -16.48 -0.93
C ALA A 7 -11.55 -16.90 -1.52
N ASN A 8 -12.53 -17.09 -0.65
CA ASN A 8 -13.90 -17.23 -1.09
C ASN A 8 -14.52 -15.84 -1.21
N TRP A 9 -14.45 -15.27 -2.39
CA TRP A 9 -14.90 -13.91 -2.60
C TRP A 9 -15.89 -13.82 -3.75
N SER A 10 -16.62 -12.72 -3.77
CA SER A 10 -17.42 -12.36 -4.91
C SER A 10 -16.83 -11.10 -5.51
N GLU A 11 -17.24 -10.73 -6.71
CA GLU A 11 -16.70 -9.53 -7.34
C GLU A 11 -17.04 -8.28 -6.55
N GLU A 12 -18.07 -8.37 -5.70
CA GLU A 12 -18.40 -7.30 -4.77
C GLU A 12 -17.23 -7.07 -3.82
N ASP A 13 -16.67 -8.16 -3.32
CA ASP A 13 -15.54 -8.09 -2.41
C ASP A 13 -14.31 -7.61 -3.15
N LEU A 14 -14.13 -8.11 -4.37
CA LEU A 14 -12.98 -7.75 -5.20
C LEU A 14 -12.99 -6.24 -5.48
N GLU A 15 -14.14 -5.72 -5.91
CA GLU A 15 -14.28 -4.29 -6.18
C GLU A 15 -14.02 -3.47 -4.93
N THR A 16 -14.48 -3.97 -3.79
CA THR A 16 -14.26 -3.31 -2.51
C THR A 16 -12.76 -3.20 -2.22
N VAL A 17 -12.03 -4.27 -2.50
CA VAL A 17 -10.59 -4.30 -2.28
C VAL A 17 -9.87 -3.28 -3.18
N ILE A 18 -10.07 -3.40 -4.49
CA ILE A 18 -9.36 -2.55 -5.43
C ILE A 18 -9.75 -1.08 -5.28
N ARG A 19 -11.03 -0.83 -5.03
CA ARG A 19 -11.52 0.55 -4.91
C ARG A 19 -11.04 1.19 -3.61
N ALA A 20 -10.73 0.36 -2.61
CA ALA A 20 -10.18 0.86 -1.36
C ALA A 20 -8.71 1.22 -1.53
N VAL A 21 -8.03 0.49 -2.41
CA VAL A 21 -6.62 0.74 -2.69
C VAL A 21 -6.46 1.93 -3.63
N TYR A 22 -7.11 1.85 -4.80
CA TYR A 22 -7.05 2.92 -5.78
C TYR A 22 -7.75 4.16 -5.23
N ARG A 23 -9.09 4.11 -5.25
CA ARG A 23 -9.95 5.24 -4.89
C ARG A 23 -9.79 6.40 -5.89
N GLN A 24 -8.61 7.03 -5.86
CA GLN A 24 -8.30 8.17 -6.74
C GLN A 24 -9.22 9.35 -6.46
N VAL A 25 -10.43 9.31 -7.04
CA VAL A 25 -11.41 10.38 -6.94
C VAL A 25 -10.94 11.64 -7.66
N LEU A 26 -9.82 12.20 -7.22
CA LEU A 26 -9.25 13.39 -7.84
C LEU A 26 -8.82 13.05 -9.26
N GLY A 27 -8.90 14.03 -10.16
CA GLY A 27 -8.77 13.73 -11.57
C GLY A 27 -10.11 13.28 -12.11
N ASN A 28 -11.03 14.23 -12.17
CA ASN A 28 -12.43 13.93 -12.46
C ASN A 28 -12.84 14.59 -13.77
N ASP A 29 -14.02 14.20 -14.27
CA ASP A 29 -14.62 14.78 -15.49
C ASP A 29 -13.96 14.21 -16.75
N TYR A 30 -12.65 14.03 -16.70
CA TYR A 30 -11.93 13.40 -17.79
C TYR A 30 -11.65 11.95 -17.43
N VAL A 31 -11.54 11.11 -18.45
CA VAL A 31 -11.30 9.69 -18.24
C VAL A 31 -9.81 9.40 -18.16
N MET A 32 -9.43 8.63 -17.15
CA MET A 32 -8.04 8.22 -16.97
C MET A 32 -7.72 7.10 -17.95
N ALA A 33 -6.52 7.15 -18.52
CA ALA A 33 -6.12 6.21 -19.54
C ALA A 33 -4.75 5.61 -19.22
N SER A 34 -4.16 4.94 -20.21
CA SER A 34 -2.87 4.26 -20.08
C SER A 34 -2.86 3.32 -18.88
N GLU A 35 -3.55 2.20 -19.03
CA GLU A 35 -3.66 1.21 -17.96
C GLU A 35 -2.31 0.56 -17.70
N ARG A 36 -1.92 0.54 -16.43
CA ARG A 36 -0.67 -0.09 -16.04
C ARG A 36 -0.90 -1.19 -15.02
N LEU A 37 -1.70 -0.88 -14.00
CA LEU A 37 -1.93 -1.81 -12.90
C LEU A 37 -3.15 -2.69 -13.12
N VAL A 38 -3.79 -2.53 -14.27
CA VAL A 38 -4.97 -3.32 -14.58
C VAL A 38 -4.58 -4.77 -14.80
N SER A 39 -3.36 -4.99 -15.24
CA SER A 39 -2.79 -6.32 -15.33
C SER A 39 -2.74 -6.97 -13.93
N ALA A 40 -2.30 -6.19 -12.95
CA ALA A 40 -2.16 -6.66 -11.57
C ALA A 40 -3.52 -7.06 -10.99
N GLU A 41 -4.51 -6.18 -11.11
CA GLU A 41 -5.83 -6.46 -10.59
C GLU A 41 -6.48 -7.64 -11.30
N SER A 42 -6.14 -7.83 -12.57
CA SER A 42 -6.65 -8.97 -13.33
C SER A 42 -6.05 -10.27 -12.80
N LEU A 43 -4.74 -10.24 -12.51
CA LEU A 43 -4.08 -11.39 -11.92
C LEU A 43 -4.65 -11.68 -10.53
N LEU A 44 -4.93 -10.63 -9.79
CA LEU A 44 -5.57 -10.75 -8.48
C LEU A 44 -6.96 -11.38 -8.62
N ARG A 45 -7.68 -10.94 -9.64
CA ARG A 45 -9.02 -11.45 -9.91
C ARG A 45 -8.99 -12.95 -10.25
N ASN A 46 -7.88 -13.39 -10.85
CA ASN A 46 -7.72 -14.79 -11.21
C ASN A 46 -7.19 -15.60 -10.04
N GLY A 47 -6.73 -14.89 -8.99
CA GLY A 47 -6.11 -15.55 -7.87
C GLY A 47 -4.68 -15.97 -8.18
N LYS A 48 -4.11 -15.32 -9.17
CA LYS A 48 -2.77 -15.63 -9.64
C LYS A 48 -1.73 -15.01 -8.71
N ILE A 49 -2.01 -13.79 -8.24
CA ILE A 49 -1.13 -13.10 -7.31
C ILE A 49 -1.89 -12.70 -6.06
N THR A 50 -1.17 -12.57 -4.94
CA THR A 50 -1.80 -12.24 -3.67
C THR A 50 -1.99 -10.72 -3.54
N VAL A 51 -2.81 -10.31 -2.58
CA VAL A 51 -3.03 -8.89 -2.33
C VAL A 51 -1.72 -8.21 -1.95
N ARG A 52 -0.84 -8.97 -1.33
CA ARG A 52 0.50 -8.48 -0.98
C ARG A 52 1.20 -7.90 -2.21
N GLU A 53 1.16 -8.66 -3.30
CA GLU A 53 1.79 -8.24 -4.55
C GLU A 53 1.07 -7.01 -5.12
N PHE A 54 -0.26 -7.06 -5.06
CA PHE A 54 -1.10 -6.00 -5.60
C PHE A 54 -0.83 -4.66 -4.91
N VAL A 55 -0.86 -4.66 -3.57
CA VAL A 55 -0.64 -3.45 -2.80
C VAL A 55 0.73 -2.85 -3.09
N ARG A 56 1.74 -3.71 -3.18
CA ARG A 56 3.09 -3.27 -3.48
C ARG A 56 3.14 -2.56 -4.83
N ALA A 57 2.56 -3.21 -5.84
CA ALA A 57 2.56 -2.69 -7.19
C ALA A 57 1.92 -1.31 -7.27
N VAL A 58 0.81 -1.13 -6.58
CA VAL A 58 0.09 0.14 -6.56
C VAL A 58 0.92 1.21 -5.84
N ALA A 59 1.51 0.84 -4.72
CA ALA A 59 2.28 1.78 -3.91
C ALA A 59 3.52 2.28 -4.65
N LYS A 60 4.21 1.39 -5.34
CA LYS A 60 5.44 1.74 -6.04
C LYS A 60 5.17 2.10 -7.50
N SER A 61 3.91 2.36 -7.82
CA SER A 61 3.52 2.73 -9.16
C SER A 61 3.68 4.24 -9.37
N GLU A 62 3.59 4.67 -10.62
CA GLU A 62 3.81 6.07 -10.98
C GLU A 62 2.64 6.96 -10.51
N LEU A 63 2.67 7.30 -9.23
CA LEU A 63 1.68 8.23 -8.66
C LEU A 63 2.39 9.38 -7.95
N TYR A 64 3.36 9.03 -7.13
CA TYR A 64 4.09 10.00 -6.31
C TYR A 64 4.94 10.94 -7.17
N LYS A 65 5.21 10.54 -8.40
CA LYS A 65 6.14 11.25 -9.28
C LYS A 65 5.75 12.71 -9.48
N GLU A 66 4.46 13.01 -9.42
CA GLU A 66 3.97 14.35 -9.73
C GLU A 66 4.19 15.33 -8.58
N LYS A 67 4.41 14.83 -7.37
CA LYS A 67 4.49 15.71 -6.20
C LYS A 67 5.31 15.07 -5.08
N PHE A 68 4.88 13.90 -4.65
CA PHE A 68 5.45 13.23 -3.48
C PHE A 68 6.83 12.66 -3.80
N LEU A 69 7.81 13.54 -3.87
CA LEU A 69 9.18 13.19 -4.23
C LEU A 69 10.04 14.44 -4.28
N TYR A 70 9.41 15.55 -4.65
CA TYR A 70 10.11 16.82 -4.78
C TYR A 70 10.02 17.64 -3.51
N GLY A 71 11.01 18.48 -3.30
CA GLY A 71 11.01 19.38 -2.17
C GLY A 71 12.13 19.11 -1.21
N ASN A 72 11.79 18.56 -0.05
CA ASN A 72 12.77 18.25 0.99
C ASN A 72 12.18 17.24 1.98
N PHE A 73 13.03 16.82 2.92
CA PHE A 73 12.63 15.89 3.98
C PHE A 73 12.22 14.53 3.42
N GLN A 74 13.18 13.61 3.40
CA GLN A 74 12.95 12.26 2.88
C GLN A 74 11.96 11.51 3.75
N THR A 75 11.88 11.90 5.01
CA THR A 75 10.92 11.35 5.95
C THR A 75 9.50 11.53 5.44
N ARG A 76 9.24 12.68 4.84
CA ARG A 76 7.93 13.01 4.27
C ARG A 76 7.53 11.97 3.23
N VAL A 77 8.45 11.66 2.34
CA VAL A 77 8.18 10.70 1.26
C VAL A 77 7.85 9.32 1.84
N ILE A 78 8.66 8.87 2.79
CA ILE A 78 8.49 7.56 3.39
C ILE A 78 7.18 7.49 4.17
N GLU A 79 6.82 8.56 4.87
CA GLU A 79 5.55 8.61 5.60
C GLU A 79 4.37 8.55 4.63
N LEU A 80 4.59 8.98 3.40
CA LEU A 80 3.55 8.93 2.37
C LEU A 80 3.44 7.52 1.80
N ASN A 81 4.58 6.89 1.55
CA ASN A 81 4.59 5.49 1.14
C ASN A 81 3.85 4.65 2.16
N TYR A 82 4.23 4.84 3.41
CA TYR A 82 3.63 4.11 4.52
C TYR A 82 2.23 4.64 4.81
N LYS A 83 1.94 5.85 4.36
CA LYS A 83 0.57 6.37 4.44
C LYS A 83 -0.36 5.46 3.66
N HIS A 84 0.18 4.86 2.60
CA HIS A 84 -0.58 3.88 1.81
C HIS A 84 -0.40 2.46 2.37
N LEU A 85 0.72 2.22 3.05
CA LEU A 85 1.08 0.85 3.48
C LEU A 85 0.78 0.56 4.95
N LEU A 86 1.29 1.40 5.85
CA LEU A 86 1.26 1.10 7.29
C LEU A 86 0.37 2.06 8.05
N GLY A 87 -0.38 2.88 7.34
CA GLY A 87 -1.23 3.86 7.98
C GLY A 87 -0.45 5.09 8.38
N ARG A 88 0.43 5.52 7.48
CA ARG A 88 1.29 6.71 7.61
C ARG A 88 2.50 6.45 8.49
N ALA A 89 2.30 6.55 9.79
CA ALA A 89 3.41 6.64 10.73
C ALA A 89 3.99 5.27 11.04
N PRO A 90 5.32 5.12 10.87
CA PRO A 90 6.04 3.91 11.25
C PRO A 90 5.96 3.64 12.75
N TYR A 91 6.55 2.54 13.20
CA TYR A 91 6.42 2.14 14.59
C TYR A 91 7.63 2.59 15.41
N ASP A 92 8.82 2.27 14.93
CA ASP A 92 10.03 2.52 15.71
C ASP A 92 10.95 3.50 14.99
N GLU A 93 11.70 4.28 15.76
CA GLU A 93 12.57 5.31 15.22
C GLU A 93 13.76 4.70 14.47
N SER A 94 14.35 3.65 15.04
CA SER A 94 15.47 2.98 14.40
C SER A 94 14.99 2.32 13.11
N GLU A 95 13.76 1.82 13.17
CA GLU A 95 13.07 1.30 12.01
C GLU A 95 13.00 2.37 10.92
N VAL A 96 12.56 3.57 11.30
CA VAL A 96 12.52 4.70 10.38
C VAL A 96 13.87 4.91 9.71
N ILE A 97 14.91 4.99 10.53
CA ILE A 97 16.27 5.21 10.03
C ILE A 97 16.68 4.13 9.04
N PHE A 98 16.28 2.89 9.33
CA PHE A 98 16.60 1.75 8.48
C PHE A 98 16.13 1.98 7.04
N HIS A 99 14.87 2.32 6.87
CA HIS A 99 14.35 2.54 5.52
C HIS A 99 14.67 3.94 5.01
N LEU A 100 15.04 4.85 5.91
CA LEU A 100 15.55 6.15 5.48
C LEU A 100 16.79 5.97 4.60
N ASP A 101 17.72 5.14 5.09
CA ASP A 101 18.92 4.81 4.33
C ASP A 101 18.53 4.04 3.05
N LEU A 102 17.65 3.07 3.24
CA LEU A 102 17.16 2.23 2.14
C LEU A 102 16.56 3.09 1.01
N TYR A 103 15.72 4.05 1.39
CA TYR A 103 15.07 4.93 0.43
C TYR A 103 16.09 5.74 -0.38
N GLU A 104 17.04 6.36 0.29
CA GLU A 104 17.97 7.24 -0.38
C GLU A 104 19.02 6.46 -1.18
N ASN A 105 19.47 5.34 -0.63
CA ASN A 105 20.53 4.56 -1.27
C ASN A 105 19.98 3.63 -2.34
N GLU A 106 19.01 2.80 -1.98
CA GLU A 106 18.50 1.79 -2.89
C GLU A 106 17.33 2.32 -3.71
N GLY A 107 16.49 3.16 -3.11
CA GLY A 107 15.41 3.77 -3.85
C GLY A 107 14.08 3.68 -3.14
N PHE A 108 13.12 4.47 -3.62
CA PHE A 108 11.76 4.48 -3.07
C PHE A 108 11.10 3.11 -3.22
N ASP A 109 11.43 2.42 -4.29
CA ASP A 109 10.86 1.11 -4.56
C ASP A 109 11.33 0.11 -3.52
N ALA A 110 12.58 0.25 -3.09
CA ALA A 110 13.14 -0.64 -2.09
C ALA A 110 12.50 -0.41 -0.73
N ASP A 111 12.23 0.86 -0.43
CA ASP A 111 11.56 1.23 0.82
C ASP A 111 10.20 0.56 0.90
N ILE A 112 9.50 0.56 -0.23
CA ILE A 112 8.18 -0.05 -0.34
C ILE A 112 8.27 -1.58 -0.30
N ASP A 113 9.33 -2.12 -0.91
CA ASP A 113 9.50 -3.58 -0.99
C ASP A 113 9.77 -4.20 0.37
N SER A 114 10.35 -3.42 1.29
CA SER A 114 10.77 -3.93 2.59
C SER A 114 9.61 -4.60 3.34
N TYR A 115 8.57 -3.82 3.60
CA TYR A 115 7.38 -4.29 4.31
C TYR A 115 6.69 -5.43 3.56
N ILE A 116 6.67 -5.33 2.24
CA ILE A 116 5.94 -6.27 1.41
C ILE A 116 6.64 -7.63 1.33
N ASP A 117 7.95 -7.61 1.09
CA ASP A 117 8.68 -8.85 0.85
C ASP A 117 8.91 -9.61 2.16
N SER A 118 8.90 -8.89 3.26
CA SER A 118 9.09 -9.49 4.58
C SER A 118 7.79 -10.13 5.06
N PRO A 119 7.78 -11.47 5.21
CA PRO A 119 6.56 -12.24 5.51
C PRO A 119 5.84 -11.76 6.77
N GLU A 120 6.54 -11.74 7.90
CA GLU A 120 5.91 -11.42 9.18
C GLU A 120 5.38 -9.98 9.20
N TYR A 121 6.05 -9.09 8.49
CA TYR A 121 5.62 -7.68 8.44
C TYR A 121 4.27 -7.58 7.74
N THR A 122 4.13 -8.29 6.63
CA THR A 122 2.86 -8.33 5.92
C THR A 122 1.83 -9.13 6.73
N ASN A 123 2.30 -10.18 7.40
CA ASN A 123 1.44 -11.07 8.16
C ASN A 123 0.72 -10.34 9.29
N SER A 124 1.37 -9.35 9.89
CA SER A 124 0.78 -8.59 10.99
C SER A 124 -0.36 -7.69 10.51
N PHE A 125 -0.50 -7.55 9.20
CA PHE A 125 -1.58 -6.76 8.61
C PHE A 125 -2.54 -7.66 7.85
N GLY A 126 -1.99 -8.64 7.15
CA GLY A 126 -2.81 -9.56 6.38
C GLY A 126 -2.28 -9.72 4.96
N ASP A 127 -2.09 -10.96 4.53
CA ASP A 127 -1.60 -11.24 3.18
C ASP A 127 -2.65 -10.90 2.14
N TRP A 128 -3.91 -10.92 2.56
CA TRP A 128 -5.03 -10.64 1.68
C TRP A 128 -5.85 -9.47 2.23
N VAL A 129 -5.24 -8.70 3.10
CA VAL A 129 -5.94 -7.62 3.78
C VAL A 129 -5.40 -6.26 3.34
N VAL A 130 -6.32 -5.37 3.01
CA VAL A 130 -5.97 -4.01 2.62
C VAL A 130 -5.53 -3.20 3.84
N PRO A 131 -4.35 -2.57 3.75
CA PRO A 131 -3.76 -1.78 4.84
C PRO A 131 -4.73 -0.79 5.48
N TYR A 132 -4.65 -0.68 6.80
CA TYR A 132 -5.48 0.25 7.55
C TYR A 132 -4.64 1.39 8.09
N TYR A 133 -5.28 2.37 8.71
CA TYR A 133 -4.56 3.52 9.25
C TYR A 133 -4.02 3.19 10.64
N ARG A 134 -2.80 3.66 10.94
CA ARG A 134 -2.14 3.38 12.21
C ARG A 134 -1.92 1.89 12.40
N GLY A 135 -0.95 1.36 11.65
CA GLY A 135 -0.57 -0.03 11.81
C GLY A 135 0.14 -0.26 13.12
N LEU A 136 -0.44 -1.11 13.95
CA LEU A 136 0.12 -1.37 15.27
C LEU A 136 0.69 -2.79 15.35
N GLU A 137 2.01 -2.89 15.34
CA GLU A 137 2.66 -4.17 15.52
C GLU A 137 2.59 -4.55 16.99
N HIS A 138 2.17 -5.77 17.27
CA HIS A 138 1.90 -6.20 18.63
C HIS A 138 3.14 -6.72 19.32
N HIS A 139 3.54 -6.05 20.38
CA HIS A 139 4.63 -6.51 21.23
C HIS A 139 4.09 -6.81 22.62
N HIS A 140 4.85 -7.54 23.41
CA HIS A 140 4.42 -7.88 24.76
C HIS A 140 5.10 -6.95 25.76
N HIS A 141 6.41 -7.08 25.88
CA HIS A 141 7.19 -6.29 26.84
C HIS A 141 8.66 -6.52 26.57
N HIS A 142 9.40 -5.46 26.27
CA HIS A 142 10.80 -5.60 25.87
C HIS A 142 11.64 -6.16 27.01
N HIS A 143 12.48 -7.11 26.67
CA HIS A 143 13.36 -7.76 27.62
C HIS A 143 14.75 -7.85 27.04
N MET A 1 -14.13 -5.22 11.70
CA MET A 1 -13.70 -5.85 10.43
C MET A 1 -13.08 -4.83 9.50
N PRO A 2 -11.86 -5.09 9.01
CA PRO A 2 -11.20 -4.26 8.02
C PRO A 2 -11.56 -4.69 6.60
N VAL A 3 -11.07 -3.95 5.61
CA VAL A 3 -11.29 -4.30 4.22
C VAL A 3 -10.27 -5.35 3.79
N GLU A 4 -10.76 -6.55 3.53
CA GLU A 4 -9.89 -7.65 3.14
C GLU A 4 -10.53 -8.48 2.04
N LEU A 5 -9.71 -9.13 1.24
CA LEU A 5 -10.19 -9.98 0.16
C LEU A 5 -10.45 -11.38 0.68
N ARG A 6 -11.48 -12.02 0.16
CA ARG A 6 -11.80 -13.38 0.54
C ARG A 6 -11.30 -14.32 -0.53
N ALA A 7 -10.97 -15.55 -0.15
CA ALA A 7 -10.61 -16.58 -1.12
C ALA A 7 -11.84 -16.91 -1.96
N ASN A 8 -12.99 -16.96 -1.30
CA ASN A 8 -14.26 -17.07 -1.99
C ASN A 8 -14.84 -15.67 -2.22
N TRP A 9 -14.36 -15.02 -3.26
CA TRP A 9 -14.77 -13.66 -3.53
C TRP A 9 -15.84 -13.60 -4.61
N SER A 10 -16.60 -12.54 -4.59
CA SER A 10 -17.60 -12.28 -5.60
C SER A 10 -17.13 -11.13 -6.49
N GLU A 11 -17.82 -10.91 -7.60
CA GLU A 11 -17.44 -9.84 -8.52
C GLU A 11 -17.44 -8.48 -7.82
N GLU A 12 -18.56 -8.14 -7.21
CA GLU A 12 -18.70 -6.88 -6.51
C GLU A 12 -17.76 -6.82 -5.31
N ASP A 13 -17.61 -7.96 -4.63
CA ASP A 13 -16.75 -8.06 -3.47
C ASP A 13 -15.29 -7.78 -3.83
N LEU A 14 -14.82 -8.40 -4.89
CA LEU A 14 -13.47 -8.18 -5.39
C LEU A 14 -13.29 -6.71 -5.76
N GLU A 15 -14.29 -6.13 -6.41
CA GLU A 15 -14.25 -4.72 -6.80
C GLU A 15 -14.15 -3.83 -5.57
N THR A 16 -14.84 -4.20 -4.49
CA THR A 16 -14.80 -3.44 -3.25
C THR A 16 -13.38 -3.41 -2.68
N VAL A 17 -12.69 -4.55 -2.76
CA VAL A 17 -11.32 -4.65 -2.29
C VAL A 17 -10.39 -3.82 -3.17
N ILE A 18 -10.53 -3.99 -4.48
CA ILE A 18 -9.73 -3.23 -5.44
C ILE A 18 -9.94 -1.73 -5.26
N ARG A 19 -11.20 -1.33 -5.11
CA ARG A 19 -11.56 0.07 -4.93
C ARG A 19 -10.95 0.64 -3.66
N ALA A 20 -10.82 -0.21 -2.64
CA ALA A 20 -10.21 0.20 -1.39
C ALA A 20 -8.75 0.56 -1.61
N VAL A 21 -8.10 -0.20 -2.49
CA VAL A 21 -6.72 0.08 -2.85
C VAL A 21 -6.64 1.33 -3.71
N TYR A 22 -7.39 1.33 -4.82
CA TYR A 22 -7.41 2.47 -5.73
C TYR A 22 -8.65 2.44 -6.62
N ARG A 23 -9.19 3.62 -6.91
CA ARG A 23 -10.33 3.73 -7.79
C ARG A 23 -10.33 5.08 -8.49
N GLN A 24 -9.93 6.11 -7.78
CA GLN A 24 -9.89 7.47 -8.32
C GLN A 24 -8.95 8.33 -7.47
N VAL A 25 -9.38 9.54 -7.12
CA VAL A 25 -8.58 10.45 -6.29
C VAL A 25 -7.34 10.92 -7.07
N LEU A 26 -7.57 11.34 -8.30
CA LEU A 26 -6.49 11.78 -9.18
C LEU A 26 -6.55 13.28 -9.38
N GLY A 27 -7.74 13.77 -9.69
CA GLY A 27 -7.92 15.19 -9.96
C GLY A 27 -9.25 15.44 -10.65
N ASN A 28 -9.40 16.62 -11.23
CA ASN A 28 -10.65 16.98 -11.90
C ASN A 28 -10.46 17.08 -13.41
N ASP A 29 -9.27 17.50 -13.83
CA ASP A 29 -8.97 17.64 -15.25
C ASP A 29 -7.48 17.81 -15.49
N TYR A 30 -6.83 16.74 -15.92
CA TYR A 30 -5.42 16.76 -16.29
C TYR A 30 -5.03 15.43 -16.93
N VAL A 31 -5.35 15.31 -18.22
CA VAL A 31 -4.97 14.14 -19.03
C VAL A 31 -5.30 12.82 -18.33
N MET A 32 -6.55 12.39 -18.46
CA MET A 32 -6.98 11.13 -17.87
C MET A 32 -6.26 9.96 -18.54
N ALA A 33 -5.27 9.41 -17.85
CA ALA A 33 -4.44 8.34 -18.36
C ALA A 33 -5.25 7.06 -18.57
N SER A 34 -4.75 6.21 -19.47
CA SER A 34 -5.39 4.94 -19.76
C SER A 34 -5.05 3.91 -18.68
N GLU A 35 -5.64 2.73 -18.78
CA GLU A 35 -5.45 1.69 -17.79
C GLU A 35 -4.07 1.05 -17.95
N ARG A 36 -3.13 1.50 -17.14
CA ARG A 36 -1.76 1.04 -17.23
C ARG A 36 -1.52 -0.10 -16.26
N LEU A 37 -2.22 -0.09 -15.13
CA LEU A 37 -2.10 -1.16 -14.15
C LEU A 37 -3.17 -2.22 -14.37
N VAL A 38 -3.72 -2.26 -15.59
CA VAL A 38 -4.70 -3.27 -15.95
C VAL A 38 -4.14 -4.68 -15.75
N SER A 39 -2.84 -4.81 -15.95
CA SER A 39 -2.16 -6.08 -15.78
C SER A 39 -2.26 -6.54 -14.32
N ALA A 40 -2.15 -5.59 -13.40
CA ALA A 40 -2.21 -5.89 -11.97
C ALA A 40 -3.59 -6.37 -11.57
N GLU A 41 -4.63 -5.61 -11.95
CA GLU A 41 -5.99 -5.96 -11.60
C GLU A 41 -6.43 -7.23 -12.31
N SER A 42 -5.85 -7.49 -13.48
CA SER A 42 -6.15 -8.70 -14.23
C SER A 42 -5.56 -9.92 -13.52
N LEU A 43 -4.33 -9.81 -13.05
CA LEU A 43 -3.68 -10.89 -12.33
C LEU A 43 -4.44 -11.23 -11.06
N LEU A 44 -4.91 -10.20 -10.37
CA LEU A 44 -5.71 -10.39 -9.17
C LEU A 44 -7.08 -10.98 -9.52
N ARG A 45 -7.62 -10.54 -10.65
CA ARG A 45 -8.92 -10.99 -11.10
C ARG A 45 -8.91 -12.48 -11.44
N ASN A 46 -7.74 -12.99 -11.80
CA ASN A 46 -7.57 -14.40 -12.11
C ASN A 46 -6.99 -15.15 -10.92
N GLY A 47 -6.81 -14.44 -9.82
CA GLY A 47 -6.32 -15.06 -8.60
C GLY A 47 -4.89 -15.53 -8.70
N LYS A 48 -4.13 -14.97 -9.63
CA LYS A 48 -2.76 -15.39 -9.83
C LYS A 48 -1.86 -14.73 -8.80
N ILE A 49 -2.13 -13.47 -8.49
CA ILE A 49 -1.37 -12.76 -7.48
C ILE A 49 -2.22 -12.55 -6.24
N THR A 50 -1.57 -12.52 -5.09
CA THR A 50 -2.25 -12.28 -3.83
C THR A 50 -2.38 -10.79 -3.57
N VAL A 51 -3.13 -10.42 -2.52
CA VAL A 51 -3.25 -9.02 -2.12
C VAL A 51 -1.88 -8.46 -1.75
N ARG A 52 -1.07 -9.33 -1.15
CA ARG A 52 0.33 -9.04 -0.86
C ARG A 52 1.04 -8.48 -2.10
N GLU A 53 0.87 -9.18 -3.22
CA GLU A 53 1.56 -8.82 -4.45
C GLU A 53 0.83 -7.69 -5.17
N PHE A 54 -0.49 -7.67 -5.06
CA PHE A 54 -1.30 -6.63 -5.68
C PHE A 54 -0.95 -5.26 -5.11
N VAL A 55 -1.00 -5.15 -3.78
CA VAL A 55 -0.63 -3.90 -3.11
C VAL A 55 0.82 -3.55 -3.41
N ARG A 56 1.67 -4.58 -3.40
CA ARG A 56 3.09 -4.42 -3.69
C ARG A 56 3.28 -3.73 -5.04
N ALA A 57 2.72 -4.34 -6.08
CA ALA A 57 2.84 -3.82 -7.44
C ALA A 57 2.32 -2.39 -7.54
N VAL A 58 1.07 -2.18 -7.14
CA VAL A 58 0.42 -0.87 -7.30
C VAL A 58 1.17 0.23 -6.56
N ALA A 59 1.62 -0.05 -5.34
CA ALA A 59 2.23 0.96 -4.49
C ALA A 59 3.64 1.34 -4.94
N LYS A 60 4.36 0.42 -5.56
CA LYS A 60 5.76 0.67 -5.88
C LYS A 60 5.97 0.90 -7.38
N SER A 61 4.90 0.98 -8.15
CA SER A 61 5.02 1.04 -9.59
C SER A 61 4.94 2.46 -10.16
N GLU A 62 3.73 2.87 -10.52
CA GLU A 62 3.53 4.06 -11.35
C GLU A 62 3.07 5.26 -10.54
N LEU A 63 3.40 5.30 -9.26
CA LEU A 63 3.05 6.46 -8.43
C LEU A 63 4.04 7.60 -8.71
N TYR A 64 3.62 8.51 -9.58
CA TYR A 64 4.45 9.64 -9.97
C TYR A 64 4.52 10.69 -8.86
N LYS A 65 5.59 11.48 -8.88
CA LYS A 65 5.80 12.51 -7.86
C LYS A 65 5.05 13.79 -8.23
N GLU A 66 4.55 14.44 -7.19
CA GLU A 66 3.80 15.69 -7.31
C GLU A 66 3.27 16.09 -5.94
N LYS A 67 2.35 15.27 -5.44
CA LYS A 67 1.74 15.47 -4.14
C LYS A 67 2.72 15.07 -3.05
N PHE A 68 3.65 14.21 -3.45
CA PHE A 68 4.76 13.79 -2.59
C PHE A 68 6.01 13.64 -3.45
N LEU A 69 7.17 13.64 -2.79
CA LEU A 69 8.47 13.50 -3.46
C LEU A 69 8.75 14.73 -4.33
N TYR A 70 9.38 15.73 -3.73
CA TYR A 70 9.71 16.98 -4.43
C TYR A 70 10.70 17.78 -3.59
N GLY A 71 10.21 18.33 -2.49
CA GLY A 71 11.07 19.09 -1.59
C GLY A 71 10.46 19.20 -0.23
N ASN A 72 9.66 18.20 0.11
CA ASN A 72 8.89 18.21 1.35
C ASN A 72 9.64 17.43 2.43
N PHE A 73 10.94 17.24 2.20
CA PHE A 73 11.77 16.35 3.01
C PHE A 73 11.45 14.89 2.68
N GLN A 74 12.48 14.10 2.44
CA GLN A 74 12.30 12.72 2.01
C GLN A 74 11.60 11.90 3.07
N THR A 75 11.85 12.22 4.34
CA THR A 75 11.22 11.54 5.46
C THR A 75 9.71 11.62 5.36
N ARG A 76 9.20 12.83 5.17
CA ARG A 76 7.76 13.06 5.05
C ARG A 76 7.15 12.18 3.97
N VAL A 77 7.83 12.10 2.83
CA VAL A 77 7.37 11.29 1.71
C VAL A 77 7.33 9.81 2.09
N ILE A 78 8.39 9.36 2.73
CA ILE A 78 8.52 7.97 3.16
C ILE A 78 7.45 7.62 4.20
N GLU A 79 7.40 8.40 5.26
CA GLU A 79 6.46 8.16 6.34
C GLU A 79 5.01 8.25 5.85
N LEU A 80 4.76 9.08 4.84
CA LEU A 80 3.44 9.13 4.21
C LEU A 80 3.06 7.76 3.64
N ASN A 81 3.99 7.19 2.89
CA ASN A 81 3.77 5.88 2.28
C ASN A 81 3.57 4.81 3.35
N TYR A 82 4.46 4.80 4.33
CA TYR A 82 4.39 3.84 5.42
C TYR A 82 3.08 3.98 6.20
N LYS A 83 2.64 5.21 6.41
CA LYS A 83 1.42 5.47 7.15
C LYS A 83 0.21 4.85 6.43
N HIS A 84 0.25 4.88 5.10
CA HIS A 84 -0.85 4.34 4.30
C HIS A 84 -0.71 2.83 4.10
N LEU A 85 0.49 2.30 4.32
CA LEU A 85 0.74 0.88 4.09
C LEU A 85 0.73 0.09 5.40
N LEU A 86 1.07 0.74 6.50
CA LEU A 86 1.12 0.08 7.80
C LEU A 86 -0.13 0.38 8.62
N GLY A 87 -0.78 1.49 8.30
CA GLY A 87 -1.90 1.96 9.10
C GLY A 87 -1.43 2.42 10.47
N ARG A 88 -0.17 2.87 10.50
CA ARG A 88 0.50 3.23 11.74
C ARG A 88 1.60 4.24 11.45
N ALA A 89 2.45 4.48 12.43
CA ALA A 89 3.57 5.39 12.28
C ALA A 89 4.84 4.70 12.77
N PRO A 90 6.02 5.17 12.32
CA PRO A 90 7.31 4.64 12.76
C PRO A 90 7.44 4.64 14.29
N TYR A 91 8.03 3.58 14.82
CA TYR A 91 8.13 3.42 16.25
C TYR A 91 9.40 4.07 16.78
N ASP A 92 10.47 3.97 16.01
CA ASP A 92 11.75 4.55 16.41
C ASP A 92 12.25 5.49 15.32
N GLU A 93 13.15 6.40 15.69
CA GLU A 93 13.65 7.38 14.74
C GLU A 93 14.74 6.80 13.84
N SER A 94 15.46 5.80 14.34
CA SER A 94 16.56 5.21 13.59
C SER A 94 16.05 4.43 12.38
N GLU A 95 14.80 3.97 12.43
CA GLU A 95 14.23 3.25 11.30
C GLU A 95 13.91 4.24 10.19
N VAL A 96 13.64 5.49 10.56
CA VAL A 96 13.42 6.55 9.60
C VAL A 96 14.72 6.83 8.84
N ILE A 97 15.81 6.93 9.59
CA ILE A 97 17.14 7.08 9.01
C ILE A 97 17.44 5.89 8.10
N PHE A 98 17.00 4.71 8.53
CA PHE A 98 17.13 3.50 7.74
C PHE A 98 16.33 3.61 6.45
N HIS A 99 15.13 4.20 6.52
CA HIS A 99 14.30 4.42 5.33
C HIS A 99 15.08 5.26 4.32
N LEU A 100 15.62 6.37 4.81
CA LEU A 100 16.40 7.28 3.98
C LEU A 100 17.56 6.55 3.31
N ASP A 101 18.26 5.75 4.10
CA ASP A 101 19.42 5.02 3.60
C ASP A 101 18.99 3.95 2.61
N LEU A 102 17.94 3.21 2.95
CA LEU A 102 17.41 2.16 2.09
C LEU A 102 16.98 2.74 0.74
N TYR A 103 16.34 3.90 0.79
CA TYR A 103 15.93 4.63 -0.41
C TYR A 103 17.13 4.93 -1.29
N GLU A 104 18.23 5.37 -0.69
CA GLU A 104 19.42 5.75 -1.44
C GLU A 104 20.15 4.52 -1.97
N ASN A 105 20.11 3.42 -1.22
CA ASN A 105 20.82 2.21 -1.62
C ASN A 105 20.06 1.44 -2.69
N GLU A 106 18.83 1.05 -2.38
CA GLU A 106 18.09 0.13 -3.22
C GLU A 106 17.08 0.86 -4.10
N GLY A 107 16.46 1.91 -3.56
CA GLY A 107 15.52 2.68 -4.36
C GLY A 107 14.24 3.01 -3.61
N PHE A 108 13.38 3.80 -4.26
CA PHE A 108 12.15 4.26 -3.66
C PHE A 108 11.16 3.11 -3.49
N ASP A 109 11.09 2.26 -4.50
CA ASP A 109 10.20 1.10 -4.47
C ASP A 109 10.69 0.07 -3.46
N ALA A 110 11.99 0.10 -3.16
CA ALA A 110 12.59 -0.86 -2.25
C ALA A 110 12.25 -0.51 -0.80
N ASP A 111 12.22 0.78 -0.50
CA ASP A 111 11.80 1.24 0.82
C ASP A 111 10.35 0.88 1.07
N ILE A 112 9.49 1.24 0.12
CA ILE A 112 8.07 0.87 0.15
C ILE A 112 7.90 -0.64 0.28
N ASP A 113 8.85 -1.38 -0.28
CA ASP A 113 8.77 -2.82 -0.36
C ASP A 113 9.01 -3.49 0.99
N SER A 114 9.64 -2.77 1.92
CA SER A 114 10.09 -3.34 3.20
C SER A 114 8.97 -4.07 3.96
N TYR A 115 7.77 -3.48 3.98
CA TYR A 115 6.64 -4.08 4.67
C TYR A 115 6.28 -5.46 4.11
N ILE A 116 6.29 -5.56 2.80
CA ILE A 116 5.89 -6.79 2.12
C ILE A 116 7.10 -7.71 1.93
N ASP A 117 8.28 -7.15 2.18
CA ASP A 117 9.51 -7.92 2.18
C ASP A 117 9.58 -8.73 3.47
N SER A 118 8.99 -8.18 4.52
CA SER A 118 8.96 -8.83 5.82
C SER A 118 7.72 -9.70 5.95
N PRO A 119 7.89 -11.04 5.87
CA PRO A 119 6.76 -11.98 5.85
C PRO A 119 5.88 -11.88 7.09
N GLU A 120 6.50 -11.82 8.26
CA GLU A 120 5.78 -11.76 9.52
C GLU A 120 4.86 -10.54 9.58
N TYR A 121 5.35 -9.41 9.12
CA TYR A 121 4.57 -8.17 9.13
C TYR A 121 3.32 -8.31 8.28
N THR A 122 3.49 -8.70 7.02
CA THR A 122 2.37 -8.86 6.12
C THR A 122 1.41 -9.94 6.62
N ASN A 123 1.96 -11.09 7.00
CA ASN A 123 1.17 -12.25 7.39
C ASN A 123 0.36 -11.98 8.66
N SER A 124 1.01 -11.43 9.68
CA SER A 124 0.38 -11.28 10.99
C SER A 124 -0.59 -10.10 11.02
N PHE A 125 -0.47 -9.19 10.07
CA PHE A 125 -1.38 -8.06 9.98
C PHE A 125 -2.54 -8.40 9.05
N GLY A 126 -2.25 -9.10 7.97
CA GLY A 126 -3.28 -9.49 7.03
C GLY A 126 -2.75 -9.57 5.63
N ASP A 127 -2.48 -10.78 5.18
CA ASP A 127 -1.95 -11.00 3.83
C ASP A 127 -3.02 -10.68 2.78
N TRP A 128 -4.28 -10.91 3.15
CA TRP A 128 -5.41 -10.60 2.27
C TRP A 128 -6.06 -9.28 2.64
N VAL A 129 -5.49 -8.59 3.62
CA VAL A 129 -6.11 -7.41 4.20
C VAL A 129 -5.49 -6.11 3.66
N VAL A 130 -6.34 -5.13 3.39
CA VAL A 130 -5.89 -3.82 2.99
C VAL A 130 -5.62 -2.97 4.24
N PRO A 131 -4.41 -2.37 4.33
CA PRO A 131 -3.98 -1.59 5.50
C PRO A 131 -4.99 -0.52 5.94
N TYR A 132 -5.29 -0.55 7.23
CA TYR A 132 -6.19 0.43 7.85
C TYR A 132 -5.52 1.00 9.09
N TYR A 133 -6.06 2.08 9.63
CA TYR A 133 -5.46 2.73 10.78
C TYR A 133 -5.70 1.91 12.06
N ARG A 134 -4.60 1.59 12.73
CA ARG A 134 -4.66 0.77 13.94
C ARG A 134 -4.89 1.61 15.19
N GLY A 135 -5.68 1.09 16.11
CA GLY A 135 -5.83 1.72 17.40
C GLY A 135 -7.11 2.52 17.56
N LEU A 136 -8.20 2.03 17.00
CA LEU A 136 -9.50 2.69 17.15
C LEU A 136 -10.01 2.53 18.58
N GLU A 137 -9.65 1.43 19.21
CA GLU A 137 -10.06 1.15 20.58
C GLU A 137 -9.14 1.86 21.56
N HIS A 138 -7.95 2.25 21.08
CA HIS A 138 -6.92 2.79 21.94
C HIS A 138 -6.96 4.32 21.94
N HIS A 139 -8.00 4.89 21.35
CA HIS A 139 -8.18 6.33 21.38
C HIS A 139 -9.58 6.68 21.88
N HIS A 140 -9.68 7.74 22.67
CA HIS A 140 -10.95 8.19 23.21
C HIS A 140 -11.05 9.70 23.20
N HIS A 141 -11.90 10.23 22.33
CA HIS A 141 -12.17 11.67 22.24
C HIS A 141 -10.90 12.47 21.95
N HIS A 142 -9.97 11.85 21.21
CA HIS A 142 -8.70 12.47 20.83
C HIS A 142 -7.80 12.72 22.04
N HIS A 143 -8.16 12.16 23.18
CA HIS A 143 -7.34 12.29 24.38
C HIS A 143 -7.57 11.07 25.26
N MET A 1 -14.66 -7.63 8.15
CA MET A 1 -15.22 -6.26 8.28
C MET A 1 -14.18 -5.16 7.99
N PRO A 2 -12.86 -5.40 8.22
CA PRO A 2 -11.82 -4.56 7.59
C PRO A 2 -11.75 -4.88 6.11
N VAL A 3 -10.88 -4.22 5.37
CA VAL A 3 -10.76 -4.53 3.96
C VAL A 3 -10.08 -5.88 3.78
N GLU A 4 -10.87 -6.92 3.57
CA GLU A 4 -10.35 -8.25 3.35
C GLU A 4 -11.01 -8.89 2.15
N LEU A 5 -10.30 -9.78 1.48
CA LEU A 5 -10.83 -10.46 0.32
C LEU A 5 -11.17 -11.90 0.65
N ARG A 6 -12.45 -12.23 0.56
CA ARG A 6 -12.90 -13.60 0.80
C ARG A 6 -12.66 -14.46 -0.45
N ALA A 7 -12.64 -15.77 -0.26
CA ALA A 7 -12.38 -16.69 -1.37
C ALA A 7 -13.44 -16.57 -2.44
N ASN A 8 -14.69 -16.71 -2.06
CA ASN A 8 -15.78 -16.48 -2.98
C ASN A 8 -16.31 -15.07 -2.79
N TRP A 9 -15.71 -14.15 -3.51
CA TRP A 9 -16.08 -12.75 -3.42
C TRP A 9 -17.02 -12.35 -4.55
N SER A 10 -17.74 -11.27 -4.33
CA SER A 10 -18.56 -10.67 -5.37
C SER A 10 -17.86 -9.43 -5.91
N GLU A 11 -18.43 -8.79 -6.92
CA GLU A 11 -17.82 -7.60 -7.50
C GLU A 11 -17.68 -6.52 -6.46
N GLU A 12 -18.70 -6.40 -5.60
CA GLU A 12 -18.70 -5.41 -4.53
C GLU A 12 -17.49 -5.60 -3.61
N ASP A 13 -17.15 -6.85 -3.35
CA ASP A 13 -15.97 -7.19 -2.56
C ASP A 13 -14.72 -6.71 -3.26
N LEU A 14 -14.57 -7.15 -4.51
CA LEU A 14 -13.40 -6.81 -5.33
C LEU A 14 -13.24 -5.30 -5.43
N GLU A 15 -14.34 -4.59 -5.72
CA GLU A 15 -14.33 -3.15 -5.80
C GLU A 15 -13.74 -2.54 -4.55
N THR A 16 -14.33 -2.87 -3.40
CA THR A 16 -13.92 -2.33 -2.12
C THR A 16 -12.44 -2.61 -1.83
N VAL A 17 -11.99 -3.81 -2.18
CA VAL A 17 -10.60 -4.20 -1.97
C VAL A 17 -9.64 -3.29 -2.74
N ILE A 18 -9.76 -3.27 -4.06
CA ILE A 18 -8.84 -2.51 -4.89
C ILE A 18 -9.06 -1.02 -4.73
N ARG A 19 -10.29 -0.63 -4.37
CA ARG A 19 -10.64 0.77 -4.17
C ARG A 19 -10.02 1.32 -2.89
N ALA A 20 -9.86 0.45 -1.90
CA ALA A 20 -9.20 0.82 -0.66
C ALA A 20 -7.72 1.06 -0.90
N VAL A 21 -7.14 0.25 -1.78
CA VAL A 21 -5.76 0.45 -2.20
C VAL A 21 -5.63 1.73 -3.02
N TYR A 22 -6.32 1.77 -4.15
CA TYR A 22 -6.25 2.89 -5.08
C TYR A 22 -7.46 2.85 -6.01
N ARG A 23 -7.33 3.41 -7.20
CA ARG A 23 -8.39 3.28 -8.20
C ARG A 23 -7.90 2.40 -9.35
N GLN A 24 -8.77 1.54 -9.84
CA GLN A 24 -8.39 0.52 -10.81
C GLN A 24 -8.11 1.11 -12.19
N VAL A 25 -9.16 1.50 -12.90
CA VAL A 25 -9.03 1.99 -14.26
C VAL A 25 -9.63 3.38 -14.36
N LEU A 26 -9.26 4.12 -15.40
CA LEU A 26 -9.83 5.43 -15.65
C LEU A 26 -11.26 5.28 -16.16
N GLY A 27 -12.19 5.16 -15.22
CA GLY A 27 -13.57 4.92 -15.57
C GLY A 27 -13.81 3.45 -15.88
N ASN A 28 -13.59 3.06 -17.13
CA ASN A 28 -13.77 1.68 -17.58
C ASN A 28 -13.26 1.55 -19.00
N ASP A 29 -13.55 2.56 -19.82
CA ASP A 29 -13.17 2.59 -21.23
C ASP A 29 -13.89 1.47 -21.98
N TYR A 30 -13.43 1.17 -23.18
CA TYR A 30 -13.99 0.08 -23.97
C TYR A 30 -12.88 -0.87 -24.38
N VAL A 31 -11.69 -0.32 -24.60
CA VAL A 31 -10.53 -1.10 -24.96
C VAL A 31 -9.32 -0.63 -24.14
N MET A 32 -9.04 -1.32 -23.05
CA MET A 32 -7.90 -0.97 -22.22
C MET A 32 -6.60 -1.31 -22.94
N ALA A 33 -5.64 -0.40 -22.88
CA ALA A 33 -4.40 -0.56 -23.61
C ALA A 33 -3.26 -0.85 -22.64
N SER A 34 -3.62 -1.38 -21.48
CA SER A 34 -2.66 -1.66 -20.42
C SER A 34 -2.00 -0.38 -19.95
N GLU A 35 -2.77 0.41 -19.20
CA GLU A 35 -2.28 1.65 -18.64
C GLU A 35 -1.24 1.37 -17.56
N ARG A 36 -1.70 1.24 -16.32
CA ARG A 36 -0.81 0.91 -15.21
C ARG A 36 -1.54 0.01 -14.22
N LEU A 37 -0.91 -1.11 -13.87
CA LEU A 37 -1.39 -1.98 -12.79
C LEU A 37 -2.70 -2.70 -13.15
N VAL A 38 -3.13 -2.58 -14.40
CA VAL A 38 -4.32 -3.28 -14.86
C VAL A 38 -4.07 -4.78 -14.86
N SER A 39 -2.79 -5.15 -15.00
CA SER A 39 -2.37 -6.54 -14.92
C SER A 39 -2.52 -7.05 -13.49
N ALA A 40 -2.18 -6.22 -12.52
CA ALA A 40 -2.24 -6.61 -11.12
C ALA A 40 -3.70 -6.83 -10.69
N GLU A 41 -4.58 -5.93 -11.12
CA GLU A 41 -5.99 -6.02 -10.80
C GLU A 41 -6.59 -7.32 -11.33
N SER A 42 -6.33 -7.62 -12.60
CA SER A 42 -6.88 -8.82 -13.23
C SER A 42 -6.29 -10.09 -12.61
N LEU A 43 -4.99 -10.09 -12.33
CA LEU A 43 -4.36 -11.24 -11.70
C LEU A 43 -4.92 -11.49 -10.31
N LEU A 44 -5.27 -10.42 -9.60
CA LEU A 44 -5.90 -10.53 -8.30
C LEU A 44 -7.32 -11.04 -8.46
N ARG A 45 -7.99 -10.56 -9.51
CA ARG A 45 -9.36 -10.96 -9.82
C ARG A 45 -9.43 -12.46 -10.09
N ASN A 46 -8.50 -12.94 -10.92
CA ASN A 46 -8.41 -14.38 -11.19
C ASN A 46 -7.95 -15.13 -9.95
N GLY A 47 -7.18 -14.47 -9.12
CA GLY A 47 -6.69 -15.08 -7.91
C GLY A 47 -5.34 -15.75 -8.14
N LYS A 48 -4.61 -15.28 -9.13
CA LYS A 48 -3.30 -15.83 -9.45
C LYS A 48 -2.25 -15.19 -8.55
N ILE A 49 -2.51 -13.96 -8.14
CA ILE A 49 -1.65 -13.29 -7.18
C ILE A 49 -2.48 -12.89 -5.96
N THR A 50 -1.83 -12.78 -4.82
CA THR A 50 -2.51 -12.40 -3.60
C THR A 50 -2.43 -10.89 -3.39
N VAL A 51 -3.00 -10.40 -2.30
CA VAL A 51 -2.98 -8.98 -1.98
C VAL A 51 -1.54 -8.53 -1.73
N ARG A 52 -0.76 -9.42 -1.14
CA ARG A 52 0.67 -9.17 -0.94
C ARG A 52 1.35 -8.82 -2.26
N GLU A 53 1.08 -9.63 -3.27
CA GLU A 53 1.66 -9.44 -4.59
C GLU A 53 1.05 -8.22 -5.28
N PHE A 54 -0.26 -8.05 -5.07
CA PHE A 54 -0.97 -6.91 -5.62
C PHE A 54 -0.33 -5.60 -5.13
N VAL A 55 -0.20 -5.46 -3.83
CA VAL A 55 0.38 -4.26 -3.24
C VAL A 55 1.84 -4.10 -3.67
N ARG A 56 2.57 -5.22 -3.75
CA ARG A 56 3.97 -5.19 -4.18
C ARG A 56 4.09 -4.56 -5.56
N ALA A 57 3.22 -4.98 -6.48
CA ALA A 57 3.23 -4.46 -7.83
C ALA A 57 2.74 -3.02 -7.88
N VAL A 58 1.66 -2.74 -7.13
CA VAL A 58 1.06 -1.42 -7.11
C VAL A 58 2.02 -0.36 -6.56
N ALA A 59 2.59 -0.63 -5.41
CA ALA A 59 3.44 0.36 -4.75
C ALA A 59 4.78 0.55 -5.49
N LYS A 60 5.32 -0.53 -6.06
CA LYS A 60 6.62 -0.45 -6.72
C LYS A 60 6.47 -0.11 -8.21
N SER A 61 5.28 0.32 -8.63
CA SER A 61 5.04 0.64 -10.02
C SER A 61 5.70 1.97 -10.41
N GLU A 62 6.12 2.72 -9.39
CA GLU A 62 6.68 4.05 -9.57
C GLU A 62 5.72 4.98 -10.29
N LEU A 63 4.76 5.49 -9.56
CA LEU A 63 3.84 6.49 -10.09
C LEU A 63 4.62 7.73 -10.49
N TYR A 64 4.08 8.52 -11.41
CA TYR A 64 4.75 9.73 -11.88
C TYR A 64 5.14 10.60 -10.69
N LYS A 65 6.38 11.05 -10.69
CA LYS A 65 6.94 11.77 -9.55
C LYS A 65 6.41 13.21 -9.48
N GLU A 66 5.18 13.33 -9.01
CA GLU A 66 4.52 14.61 -8.84
C GLU A 66 4.84 15.19 -7.46
N LYS A 67 4.05 16.14 -6.99
CA LYS A 67 4.22 16.69 -5.66
C LYS A 67 3.78 15.70 -4.59
N PHE A 68 4.65 14.74 -4.30
CA PHE A 68 4.43 13.81 -3.20
C PHE A 68 5.78 13.33 -2.67
N LEU A 69 6.74 13.20 -3.57
CA LEU A 69 8.09 12.78 -3.21
C LEU A 69 8.99 14.01 -3.03
N TYR A 70 8.41 15.18 -3.28
CA TYR A 70 9.17 16.41 -3.23
C TYR A 70 8.36 17.48 -2.51
N GLY A 71 9.01 18.24 -1.66
CA GLY A 71 8.33 19.26 -0.89
C GLY A 71 9.20 19.79 0.23
N ASN A 72 8.63 19.86 1.42
CA ASN A 72 9.32 20.41 2.58
C ASN A 72 10.28 19.38 3.20
N PHE A 73 9.77 18.19 3.49
CA PHE A 73 10.58 17.15 4.12
C PHE A 73 10.43 15.83 3.38
N GLN A 74 11.54 15.10 3.29
CA GLN A 74 11.53 13.78 2.66
C GLN A 74 11.09 12.73 3.66
N THR A 75 11.30 13.04 4.94
CA THR A 75 10.89 12.16 6.02
C THR A 75 9.38 11.95 6.02
N ARG A 76 8.64 13.02 5.76
CA ARG A 76 7.18 12.95 5.75
C ARG A 76 6.68 12.20 4.53
N VAL A 77 7.50 12.16 3.48
CA VAL A 77 7.13 11.41 2.27
C VAL A 77 7.07 9.92 2.59
N ILE A 78 8.12 9.42 3.23
CA ILE A 78 8.15 8.04 3.67
C ILE A 78 7.03 7.78 4.66
N GLU A 79 6.81 8.75 5.56
CA GLU A 79 5.74 8.68 6.54
C GLU A 79 4.38 8.55 5.84
N LEU A 80 4.22 9.27 4.74
CA LEU A 80 2.99 9.25 3.96
C LEU A 80 2.67 7.82 3.52
N ASN A 81 3.64 7.20 2.85
CA ASN A 81 3.47 5.83 2.35
C ASN A 81 3.37 4.86 3.52
N TYR A 82 4.24 5.06 4.51
CA TYR A 82 4.31 4.22 5.70
C TYR A 82 2.95 4.16 6.40
N LYS A 83 2.38 5.33 6.61
CA LYS A 83 1.14 5.49 7.36
C LYS A 83 -0.04 4.91 6.60
N HIS A 84 0.01 4.98 5.27
CA HIS A 84 -1.08 4.49 4.44
C HIS A 84 -0.97 2.98 4.22
N LEU A 85 0.26 2.48 4.10
CA LEU A 85 0.47 1.07 3.80
C LEU A 85 0.42 0.21 5.07
N LEU A 86 1.22 0.55 6.07
CA LEU A 86 1.28 -0.24 7.29
C LEU A 86 0.16 0.12 8.24
N GLY A 87 -0.54 1.20 7.94
CA GLY A 87 -1.63 1.65 8.79
C GLY A 87 -1.13 2.21 10.11
N ARG A 88 0.17 2.48 10.17
CA ARG A 88 0.79 3.01 11.36
C ARG A 88 1.58 4.27 11.02
N ALA A 89 1.49 5.26 11.88
CA ALA A 89 2.37 6.40 11.81
C ALA A 89 3.69 6.02 12.46
N PRO A 90 4.83 6.23 11.78
CA PRO A 90 6.16 5.87 12.29
C PRO A 90 6.32 6.18 13.77
N TYR A 91 6.37 5.13 14.57
CA TYR A 91 6.37 5.26 16.02
C TYR A 91 7.78 5.48 16.51
N ASP A 92 8.73 4.87 15.83
CA ASP A 92 10.12 4.97 16.20
C ASP A 92 10.90 5.64 15.08
N GLU A 93 11.86 6.49 15.44
CA GLU A 93 12.65 7.18 14.44
C GLU A 93 13.50 6.20 13.64
N SER A 94 13.76 5.03 14.23
CA SER A 94 14.51 3.98 13.55
C SER A 94 13.79 3.53 12.28
N GLU A 95 12.45 3.53 12.32
CA GLU A 95 11.66 3.16 11.15
C GLU A 95 11.94 4.13 10.00
N VAL A 96 11.98 5.42 10.35
CA VAL A 96 12.21 6.46 9.37
C VAL A 96 13.63 6.43 8.85
N ILE A 97 14.60 6.41 9.78
CA ILE A 97 16.01 6.41 9.41
C ILE A 97 16.37 5.18 8.57
N PHE A 98 15.78 4.04 8.91
CA PHE A 98 15.98 2.81 8.16
C PHE A 98 15.60 3.01 6.70
N HIS A 99 14.40 3.54 6.47
CA HIS A 99 13.91 3.75 5.12
C HIS A 99 14.68 4.86 4.41
N LEU A 100 15.05 5.91 5.15
CA LEU A 100 15.87 6.99 4.60
C LEU A 100 17.17 6.42 4.04
N ASP A 101 17.84 5.60 4.84
CA ASP A 101 19.11 5.01 4.44
C ASP A 101 18.93 4.14 3.20
N LEU A 102 17.92 3.28 3.24
CA LEU A 102 17.65 2.35 2.15
C LEU A 102 17.29 3.11 0.86
N TYR A 103 16.48 4.15 0.99
CA TYR A 103 16.10 4.98 -0.14
C TYR A 103 17.35 5.59 -0.80
N GLU A 104 18.29 6.03 0.02
CA GLU A 104 19.53 6.61 -0.47
C GLU A 104 20.41 5.54 -1.12
N ASN A 105 20.37 4.33 -0.59
CA ASN A 105 21.22 3.25 -1.07
C ASN A 105 20.71 2.67 -2.38
N GLU A 106 19.48 2.18 -2.38
CA GLU A 106 18.96 1.44 -3.51
C GLU A 106 17.95 2.24 -4.30
N GLY A 107 17.14 3.04 -3.62
CA GLY A 107 16.16 3.85 -4.30
C GLY A 107 14.75 3.58 -3.83
N PHE A 108 13.79 4.20 -4.51
CA PHE A 108 12.38 4.13 -4.14
C PHE A 108 11.82 2.71 -4.25
N ASP A 109 12.12 2.04 -5.35
CA ASP A 109 11.55 0.73 -5.63
C ASP A 109 11.98 -0.30 -4.59
N ALA A 110 13.20 -0.15 -4.08
CA ALA A 110 13.75 -1.08 -3.12
C ALA A 110 13.19 -0.81 -1.73
N ASP A 111 12.93 0.45 -1.42
CA ASP A 111 12.34 0.80 -0.14
C ASP A 111 10.95 0.19 -0.04
N ILE A 112 10.18 0.37 -1.11
CA ILE A 112 8.86 -0.25 -1.23
C ILE A 112 8.98 -1.78 -1.13
N ASP A 113 10.05 -2.31 -1.70
CA ASP A 113 10.26 -3.75 -1.75
C ASP A 113 10.44 -4.33 -0.34
N SER A 114 11.17 -3.62 0.51
CA SER A 114 11.41 -4.10 1.88
C SER A 114 10.11 -4.20 2.67
N TYR A 115 9.15 -3.35 2.31
CA TYR A 115 7.84 -3.36 2.95
C TYR A 115 7.12 -4.68 2.69
N ILE A 116 7.33 -5.26 1.52
CA ILE A 116 6.70 -6.52 1.16
C ILE A 116 7.62 -7.69 1.52
N ASP A 117 8.92 -7.41 1.59
CA ASP A 117 9.92 -8.47 1.80
C ASP A 117 9.93 -8.96 3.24
N SER A 118 9.39 -8.17 4.15
CA SER A 118 9.36 -8.52 5.55
C SER A 118 8.24 -9.54 5.85
N PRO A 119 8.62 -10.79 6.17
CA PRO A 119 7.67 -11.90 6.32
C PRO A 119 6.66 -11.69 7.44
N GLU A 120 7.15 -11.40 8.64
CA GLU A 120 6.29 -11.29 9.81
C GLU A 120 5.34 -10.09 9.68
N TYR A 121 5.84 -9.03 9.06
CA TYR A 121 5.03 -7.83 8.81
C TYR A 121 3.94 -8.15 7.80
N THR A 122 4.25 -9.02 6.86
CA THR A 122 3.25 -9.52 5.91
C THR A 122 2.21 -10.35 6.65
N ASN A 123 2.68 -11.22 7.55
CA ASN A 123 1.79 -12.10 8.34
C ASN A 123 0.81 -11.28 9.17
N SER A 124 1.20 -10.05 9.48
CA SER A 124 0.35 -9.15 10.26
C SER A 124 -0.96 -8.83 9.53
N PHE A 125 -0.98 -9.04 8.22
CA PHE A 125 -2.20 -8.85 7.44
C PHE A 125 -2.60 -10.14 6.71
N GLY A 126 -1.62 -10.84 6.19
CA GLY A 126 -1.90 -12.05 5.43
C GLY A 126 -1.77 -11.81 3.94
N ASP A 127 -2.24 -12.76 3.14
CA ASP A 127 -2.14 -12.65 1.69
C ASP A 127 -3.48 -12.26 1.05
N TRP A 128 -4.55 -12.30 1.84
CA TRP A 128 -5.87 -11.97 1.30
C TRP A 128 -6.50 -10.81 2.05
N VAL A 129 -5.72 -10.16 2.89
CA VAL A 129 -6.21 -8.98 3.60
C VAL A 129 -5.43 -7.76 3.13
N VAL A 130 -6.15 -6.67 2.88
CA VAL A 130 -5.54 -5.45 2.40
C VAL A 130 -4.98 -4.63 3.56
N PRO A 131 -3.70 -4.23 3.46
CA PRO A 131 -3.05 -3.37 4.45
C PRO A 131 -3.89 -2.12 4.73
N TYR A 132 -4.32 -1.99 5.98
CA TYR A 132 -5.22 -0.91 6.37
C TYR A 132 -4.70 -0.22 7.62
N TYR A 133 -5.12 1.01 7.84
CA TYR A 133 -4.79 1.72 9.06
C TYR A 133 -5.52 1.07 10.24
N ARG A 134 -4.89 1.10 11.41
CA ARG A 134 -5.42 0.42 12.59
C ARG A 134 -6.93 0.60 12.73
N GLY A 135 -7.63 -0.50 12.99
CA GLY A 135 -9.07 -0.44 13.18
C GLY A 135 -9.43 0.05 14.56
N LEU A 136 -8.94 1.25 14.89
CA LEU A 136 -9.09 1.84 16.22
C LEU A 136 -8.41 0.97 17.26
N GLU A 137 -9.18 0.07 17.87
CA GLU A 137 -8.67 -0.82 18.91
C GLU A 137 -9.76 -1.75 19.40
N HIS A 138 -9.37 -2.71 20.22
CA HIS A 138 -10.28 -3.54 21.00
C HIS A 138 -11.40 -4.13 20.13
N HIS A 139 -11.03 -5.08 19.28
CA HIS A 139 -12.02 -5.81 18.48
C HIS A 139 -12.81 -6.75 19.39
N HIS A 140 -12.17 -7.17 20.47
CA HIS A 140 -12.84 -7.94 21.50
C HIS A 140 -13.83 -7.03 22.21
N HIS A 141 -15.04 -7.50 22.40
CA HIS A 141 -16.13 -6.63 22.85
C HIS A 141 -16.01 -6.28 24.34
N HIS A 142 -16.33 -7.23 25.21
CA HIS A 142 -16.34 -6.95 26.65
C HIS A 142 -15.51 -7.98 27.41
N HIS A 143 -14.84 -7.53 28.46
CA HIS A 143 -14.02 -8.40 29.31
C HIS A 143 -12.84 -8.97 28.53
N MET A 1 -12.28 -3.69 11.93
CA MET A 1 -12.20 -4.97 11.19
C MET A 1 -11.28 -4.84 10.00
N PRO A 2 -10.57 -5.92 9.63
CA PRO A 2 -9.72 -5.95 8.45
C PRO A 2 -10.52 -6.30 7.20
N VAL A 3 -9.90 -6.16 6.04
CA VAL A 3 -10.54 -6.53 4.78
C VAL A 3 -9.66 -7.50 4.01
N GLU A 4 -10.05 -8.77 3.98
CA GLU A 4 -9.31 -9.75 3.21
C GLU A 4 -10.09 -10.22 2.00
N LEU A 5 -9.37 -10.70 1.00
CA LEU A 5 -10.00 -11.31 -0.15
C LEU A 5 -10.13 -12.81 0.08
N ARG A 6 -11.33 -13.33 -0.09
CA ARG A 6 -11.60 -14.73 0.21
C ARG A 6 -11.24 -15.59 -1.00
N ALA A 7 -10.91 -16.86 -0.75
CA ALA A 7 -10.58 -17.79 -1.83
C ALA A 7 -11.76 -17.93 -2.79
N ASN A 8 -12.96 -18.05 -2.22
CA ASN A 8 -14.18 -18.03 -3.02
C ASN A 8 -14.78 -16.63 -3.00
N TRP A 9 -14.30 -15.79 -3.89
CA TRP A 9 -14.71 -14.40 -3.94
C TRP A 9 -15.67 -14.15 -5.09
N SER A 10 -16.35 -13.01 -5.03
CA SER A 10 -17.22 -12.57 -6.09
C SER A 10 -16.80 -11.16 -6.52
N GLU A 11 -17.46 -10.62 -7.53
CA GLU A 11 -17.05 -9.34 -8.11
C GLU A 11 -17.22 -8.19 -7.12
N GLU A 12 -18.32 -8.19 -6.39
CA GLU A 12 -18.65 -7.06 -5.52
C GLU A 12 -17.75 -7.01 -4.28
N ASP A 13 -17.40 -8.15 -3.73
CA ASP A 13 -16.49 -8.18 -2.59
C ASP A 13 -15.06 -7.91 -3.04
N LEU A 14 -14.72 -8.35 -4.25
CA LEU A 14 -13.44 -7.98 -4.86
C LEU A 14 -13.41 -6.47 -5.09
N GLU A 15 -14.52 -5.94 -5.60
CA GLU A 15 -14.70 -4.50 -5.80
C GLU A 15 -14.47 -3.73 -4.52
N THR A 16 -14.95 -4.29 -3.40
CA THR A 16 -14.81 -3.65 -2.10
C THR A 16 -13.34 -3.58 -1.69
N VAL A 17 -12.62 -4.68 -1.92
CA VAL A 17 -11.18 -4.73 -1.63
C VAL A 17 -10.44 -3.66 -2.44
N ILE A 18 -10.67 -3.66 -3.74
CA ILE A 18 -10.02 -2.71 -4.64
C ILE A 18 -10.34 -1.27 -4.23
N ARG A 19 -11.61 -1.03 -3.91
CA ARG A 19 -12.05 0.29 -3.50
C ARG A 19 -11.36 0.74 -2.21
N ALA A 20 -11.16 -0.20 -1.28
CA ALA A 20 -10.53 0.11 0.00
C ALA A 20 -9.07 0.51 -0.18
N VAL A 21 -8.45 -0.03 -1.22
CA VAL A 21 -7.06 0.27 -1.50
C VAL A 21 -6.92 1.63 -2.22
N TYR A 22 -7.88 1.95 -3.07
CA TYR A 22 -7.79 3.17 -3.88
C TYR A 22 -8.63 4.32 -3.31
N ARG A 23 -9.87 4.43 -3.75
CA ARG A 23 -10.71 5.58 -3.44
C ARG A 23 -12.08 5.16 -2.92
N GLN A 24 -12.49 5.75 -1.81
CA GLN A 24 -13.82 5.51 -1.26
C GLN A 24 -14.81 6.52 -1.83
N VAL A 25 -15.02 6.46 -3.15
CA VAL A 25 -15.92 7.37 -3.86
C VAL A 25 -15.35 8.78 -3.95
N LEU A 26 -15.00 9.35 -2.80
CA LEU A 26 -14.45 10.70 -2.75
C LEU A 26 -13.04 10.73 -3.35
N GLY A 27 -12.79 11.71 -4.18
CA GLY A 27 -11.49 11.84 -4.82
C GLY A 27 -11.54 12.88 -5.93
N ASN A 28 -11.33 14.13 -5.57
CA ASN A 28 -11.48 15.23 -6.51
C ASN A 28 -10.13 15.70 -7.04
N ASP A 29 -9.06 15.28 -6.37
CA ASP A 29 -7.73 15.67 -6.78
C ASP A 29 -6.81 14.45 -6.83
N TYR A 30 -5.68 14.58 -7.52
CA TYR A 30 -4.70 13.50 -7.71
C TYR A 30 -5.24 12.41 -8.66
N VAL A 31 -6.47 12.58 -9.11
CA VAL A 31 -7.06 11.62 -10.04
C VAL A 31 -6.75 11.99 -11.49
N MET A 32 -5.79 11.27 -12.06
CA MET A 32 -5.40 11.47 -13.44
C MET A 32 -5.43 10.13 -14.16
N ALA A 33 -6.10 10.09 -15.32
CA ALA A 33 -6.32 8.86 -16.08
C ALA A 33 -7.27 7.94 -15.33
N SER A 34 -8.45 7.73 -15.89
CA SER A 34 -9.51 6.97 -15.24
C SER A 34 -9.21 5.46 -15.24
N GLU A 35 -8.23 5.06 -14.45
CA GLU A 35 -7.90 3.66 -14.27
C GLU A 35 -7.16 3.45 -12.96
N ARG A 36 -7.56 2.42 -12.22
CA ARG A 36 -6.88 2.05 -10.99
C ARG A 36 -5.96 0.87 -11.24
N LEU A 37 -4.83 1.15 -11.89
CA LEU A 37 -3.87 0.11 -12.31
C LEU A 37 -4.57 -1.09 -12.92
N VAL A 38 -5.04 -0.91 -14.16
CA VAL A 38 -5.81 -1.94 -14.83
C VAL A 38 -5.00 -3.22 -15.00
N SER A 39 -3.68 -3.09 -15.07
CA SER A 39 -2.81 -4.25 -15.18
C SER A 39 -2.88 -5.08 -13.90
N ALA A 40 -2.81 -4.39 -12.76
CA ALA A 40 -2.78 -5.06 -11.47
C ALA A 40 -4.13 -5.67 -11.12
N GLU A 41 -5.20 -4.92 -11.34
CA GLU A 41 -6.54 -5.39 -11.00
C GLU A 41 -6.91 -6.64 -11.79
N SER A 42 -6.56 -6.66 -13.07
CA SER A 42 -6.89 -7.79 -13.93
C SER A 42 -6.10 -9.04 -13.53
N LEU A 43 -4.85 -8.83 -13.12
CA LEU A 43 -4.03 -9.92 -12.62
C LEU A 43 -4.67 -10.54 -11.37
N LEU A 44 -5.02 -9.68 -10.42
CA LEU A 44 -5.67 -10.14 -9.19
C LEU A 44 -7.01 -10.78 -9.51
N ARG A 45 -7.70 -10.23 -10.51
CA ARG A 45 -9.01 -10.70 -10.91
C ARG A 45 -8.96 -12.13 -11.43
N ASN A 46 -7.90 -12.49 -12.13
CA ASN A 46 -7.75 -13.85 -12.65
C ASN A 46 -6.98 -14.74 -11.66
N GLY A 47 -6.56 -14.16 -10.55
CA GLY A 47 -5.81 -14.91 -9.57
C GLY A 47 -4.36 -15.09 -9.96
N LYS A 48 -3.85 -14.17 -10.76
CA LYS A 48 -2.44 -14.17 -11.15
C LYS A 48 -1.57 -13.79 -9.96
N ILE A 49 -2.03 -12.80 -9.21
CA ILE A 49 -1.29 -12.29 -8.06
C ILE A 49 -2.15 -12.34 -6.81
N THR A 50 -1.53 -12.08 -5.67
CA THR A 50 -2.25 -12.05 -4.41
C THR A 50 -2.47 -10.61 -3.95
N VAL A 51 -3.04 -10.46 -2.75
CA VAL A 51 -3.26 -9.12 -2.18
C VAL A 51 -1.93 -8.42 -1.94
N ARG A 52 -0.90 -9.21 -1.60
CA ARG A 52 0.45 -8.69 -1.45
C ARG A 52 0.84 -7.90 -2.70
N GLU A 53 0.74 -8.57 -3.84
CA GLU A 53 1.17 -8.02 -5.12
C GLU A 53 0.27 -6.86 -5.54
N PHE A 54 -1.00 -6.91 -5.14
CA PHE A 54 -1.94 -5.86 -5.46
C PHE A 54 -1.52 -4.55 -4.77
N VAL A 55 -1.36 -4.61 -3.45
CA VAL A 55 -0.91 -3.45 -2.70
C VAL A 55 0.51 -3.06 -3.13
N ARG A 56 1.29 -4.08 -3.46
CA ARG A 56 2.66 -3.90 -3.96
C ARG A 56 2.67 -2.98 -5.17
N ALA A 57 1.78 -3.23 -6.12
CA ALA A 57 1.70 -2.44 -7.33
C ALA A 57 1.19 -1.03 -7.05
N VAL A 58 0.18 -0.92 -6.22
CA VAL A 58 -0.42 0.38 -5.89
C VAL A 58 0.55 1.24 -5.06
N ALA A 59 1.54 0.61 -4.47
CA ALA A 59 2.49 1.33 -3.62
C ALA A 59 3.63 1.93 -4.43
N LYS A 60 4.25 1.14 -5.30
CA LYS A 60 5.36 1.62 -6.11
C LYS A 60 4.88 2.21 -7.42
N SER A 61 3.67 1.81 -7.81
CA SER A 61 2.92 2.44 -8.92
C SER A 61 3.69 2.43 -10.25
N GLU A 62 3.13 3.14 -11.22
CA GLU A 62 3.77 3.36 -12.50
C GLU A 62 4.52 4.68 -12.47
N LEU A 63 5.34 4.94 -13.50
CA LEU A 63 6.02 6.22 -13.67
C LEU A 63 7.16 6.42 -12.64
N TYR A 64 7.18 5.58 -11.61
CA TYR A 64 8.20 5.64 -10.55
C TYR A 64 7.99 6.84 -9.65
N LYS A 65 8.09 8.04 -10.23
CA LYS A 65 7.88 9.26 -9.48
C LYS A 65 6.45 9.75 -9.69
N GLU A 66 5.48 8.98 -9.22
CA GLU A 66 4.08 9.34 -9.38
C GLU A 66 3.68 10.41 -8.36
N LYS A 67 4.37 11.55 -8.43
CA LYS A 67 4.10 12.74 -7.61
C LYS A 67 4.43 12.55 -6.13
N PHE A 68 4.27 11.35 -5.60
CA PHE A 68 4.58 11.10 -4.18
C PHE A 68 6.07 11.27 -3.93
N LEU A 69 6.88 10.96 -4.92
CA LEU A 69 8.32 11.17 -4.82
C LEU A 69 8.69 12.49 -5.49
N TYR A 70 8.39 13.59 -4.82
CA TYR A 70 8.66 14.91 -5.36
C TYR A 70 9.93 15.51 -4.77
N GLY A 71 10.48 14.82 -3.76
CA GLY A 71 11.68 15.30 -3.12
C GLY A 71 11.40 16.34 -2.07
N ASN A 72 12.15 17.44 -2.12
CA ASN A 72 12.03 18.53 -1.15
C ASN A 72 12.42 18.07 0.25
N PHE A 73 11.50 17.40 0.92
CA PHE A 73 11.75 16.88 2.26
C PHE A 73 11.73 15.36 2.22
N GLN A 74 12.92 14.76 2.23
CA GLN A 74 13.05 13.32 2.07
C GLN A 74 12.37 12.58 3.22
N THR A 75 12.41 13.18 4.40
CA THR A 75 11.82 12.57 5.59
C THR A 75 10.31 12.39 5.45
N ARG A 76 9.65 13.36 4.84
CA ARG A 76 8.20 13.28 4.65
C ARG A 76 7.83 12.21 3.63
N VAL A 77 8.70 12.02 2.63
CA VAL A 77 8.49 10.98 1.64
C VAL A 77 8.52 9.60 2.30
N ILE A 78 9.33 9.50 3.35
CA ILE A 78 9.41 8.28 4.14
C ILE A 78 8.06 8.01 4.80
N GLU A 79 7.54 9.04 5.47
CA GLU A 79 6.27 8.95 6.18
C GLU A 79 5.13 8.60 5.22
N LEU A 80 5.18 9.18 4.02
CA LEU A 80 4.17 8.91 2.98
C LEU A 80 4.08 7.41 2.69
N ASN A 81 5.23 6.77 2.50
CA ASN A 81 5.27 5.35 2.18
C ASN A 81 4.77 4.50 3.34
N TYR A 82 5.11 4.87 4.55
CA TYR A 82 4.68 4.13 5.74
C TYR A 82 3.16 4.17 5.88
N LYS A 83 2.57 5.31 5.58
CA LYS A 83 1.13 5.49 5.71
C LYS A 83 0.42 4.89 4.49
N HIS A 84 1.17 4.62 3.42
CA HIS A 84 0.62 4.03 2.20
C HIS A 84 0.61 2.50 2.30
N LEU A 85 1.68 1.94 2.84
CA LEU A 85 1.85 0.49 2.85
C LEU A 85 1.35 -0.16 4.13
N LEU A 86 1.84 0.31 5.26
CA LEU A 86 1.55 -0.35 6.53
C LEU A 86 0.44 0.36 7.28
N GLY A 87 -0.06 1.45 6.69
CA GLY A 87 -1.04 2.27 7.37
C GLY A 87 -0.50 2.78 8.69
N ARG A 88 0.80 3.04 8.70
CA ARG A 88 1.52 3.41 9.90
C ARG A 88 1.48 4.90 10.15
N ALA A 89 1.51 5.26 11.42
CA ALA A 89 1.87 6.59 11.84
C ALA A 89 3.22 6.51 12.52
N PRO A 90 4.26 7.12 11.92
CA PRO A 90 5.66 6.96 12.34
C PRO A 90 5.84 6.84 13.85
N TYR A 91 6.24 5.64 14.28
CA TYR A 91 6.31 5.32 15.69
C TYR A 91 7.58 5.91 16.30
N ASP A 92 8.71 5.71 15.64
CA ASP A 92 9.97 6.28 16.08
C ASP A 92 10.82 6.67 14.88
N GLU A 93 11.79 7.54 15.10
CA GLU A 93 12.65 8.03 14.02
C GLU A 93 13.54 6.92 13.46
N SER A 94 13.76 5.87 14.26
CA SER A 94 14.62 4.76 13.86
C SER A 94 14.14 4.10 12.57
N GLU A 95 12.83 3.91 12.45
CA GLU A 95 12.26 3.28 11.26
C GLU A 95 12.49 4.18 10.05
N VAL A 96 12.34 5.48 10.25
CA VAL A 96 12.57 6.47 9.20
C VAL A 96 14.03 6.42 8.75
N ILE A 97 14.93 6.41 9.72
CA ILE A 97 16.37 6.37 9.44
C ILE A 97 16.74 5.11 8.66
N PHE A 98 16.20 3.98 9.09
CA PHE A 98 16.47 2.71 8.44
C PHE A 98 15.92 2.69 7.02
N HIS A 99 14.81 3.38 6.80
CA HIS A 99 14.19 3.42 5.51
C HIS A 99 15.00 4.37 4.61
N LEU A 100 15.56 5.43 5.20
CA LEU A 100 16.46 6.33 4.49
C LEU A 100 17.65 5.54 3.94
N ASP A 101 18.19 4.66 4.78
CA ASP A 101 19.31 3.81 4.38
C ASP A 101 18.92 2.90 3.22
N LEU A 102 17.75 2.29 3.32
CA LEU A 102 17.25 1.39 2.29
C LEU A 102 17.10 2.15 0.97
N TYR A 103 16.56 3.37 1.07
CA TYR A 103 16.37 4.25 -0.09
C TYR A 103 17.70 4.50 -0.80
N GLU A 104 18.73 4.79 -0.02
CA GLU A 104 20.05 5.08 -0.58
C GLU A 104 20.75 3.80 -1.05
N ASN A 105 20.60 2.74 -0.29
CA ASN A 105 21.31 1.50 -0.55
C ASN A 105 20.74 0.74 -1.75
N GLU A 106 19.44 0.49 -1.73
CA GLU A 106 18.83 -0.32 -2.77
C GLU A 106 17.89 0.49 -3.66
N GLY A 107 17.16 1.44 -3.06
CA GLY A 107 16.28 2.30 -3.84
C GLY A 107 14.87 2.32 -3.30
N PHE A 108 14.10 3.31 -3.72
CA PHE A 108 12.72 3.49 -3.24
C PHE A 108 11.83 2.34 -3.67
N ASP A 109 12.20 1.66 -4.75
CA ASP A 109 11.42 0.52 -5.22
C ASP A 109 11.64 -0.65 -4.28
N ALA A 110 12.84 -0.72 -3.70
CA ALA A 110 13.16 -1.74 -2.71
C ALA A 110 12.55 -1.38 -1.36
N ASP A 111 12.52 -0.07 -1.09
CA ASP A 111 11.81 0.45 0.08
C ASP A 111 10.43 -0.16 0.17
N ILE A 112 9.65 0.14 -0.86
CA ILE A 112 8.27 -0.33 -0.97
C ILE A 112 8.19 -1.85 -0.99
N ASP A 113 9.13 -2.47 -1.67
CA ASP A 113 9.09 -3.91 -1.89
C ASP A 113 9.40 -4.69 -0.61
N SER A 114 10.27 -4.13 0.23
CA SER A 114 10.72 -4.81 1.45
C SER A 114 9.55 -5.14 2.37
N TYR A 115 8.56 -4.25 2.43
CA TYR A 115 7.44 -4.39 3.36
C TYR A 115 6.49 -5.49 2.93
N ILE A 116 6.58 -5.91 1.68
CA ILE A 116 5.74 -6.98 1.17
C ILE A 116 6.17 -8.32 1.75
N ASP A 117 7.44 -8.41 2.12
CA ASP A 117 8.01 -9.64 2.67
C ASP A 117 8.27 -9.50 4.17
N SER A 118 8.17 -8.28 4.68
CA SER A 118 8.46 -8.01 6.08
C SER A 118 7.60 -8.88 7.01
N PRO A 119 8.24 -9.49 8.02
CA PRO A 119 7.56 -10.38 8.97
C PRO A 119 6.40 -9.70 9.67
N GLU A 120 6.57 -8.43 10.01
CA GLU A 120 5.54 -7.68 10.71
C GLU A 120 4.28 -7.55 9.85
N TYR A 121 4.48 -7.38 8.55
CA TYR A 121 3.38 -7.30 7.60
C TYR A 121 2.56 -8.59 7.64
N THR A 122 3.23 -9.72 7.42
CA THR A 122 2.56 -11.01 7.39
C THR A 122 1.93 -11.33 8.75
N ASN A 123 2.68 -11.07 9.81
CA ASN A 123 2.26 -11.41 11.17
C ASN A 123 1.05 -10.61 11.61
N SER A 124 1.09 -9.30 11.38
CA SER A 124 0.04 -8.41 11.88
C SER A 124 -1.17 -8.36 10.95
N PHE A 125 -0.92 -8.23 9.66
CA PHE A 125 -2.02 -8.07 8.71
C PHE A 125 -2.41 -9.39 8.07
N GLY A 126 -1.41 -10.20 7.74
CA GLY A 126 -1.69 -11.43 7.02
C GLY A 126 -1.24 -11.36 5.57
N ASP A 127 -1.76 -12.25 4.75
CA ASP A 127 -1.37 -12.31 3.34
C ASP A 127 -2.44 -11.71 2.43
N TRP A 128 -3.67 -12.16 2.59
CA TRP A 128 -4.77 -11.70 1.74
C TRP A 128 -5.55 -10.56 2.39
N VAL A 129 -5.02 -10.04 3.47
CA VAL A 129 -5.65 -8.93 4.17
C VAL A 129 -5.04 -7.61 3.72
N VAL A 130 -5.91 -6.67 3.35
CA VAL A 130 -5.47 -5.34 2.96
C VAL A 130 -5.00 -4.57 4.19
N PRO A 131 -3.76 -4.05 4.15
CA PRO A 131 -3.21 -3.24 5.24
C PRO A 131 -3.98 -1.93 5.39
N TYR A 132 -4.85 -1.88 6.38
CA TYR A 132 -5.70 -0.71 6.59
C TYR A 132 -5.00 0.29 7.49
N TYR A 133 -5.03 1.55 7.08
CA TYR A 133 -4.53 2.64 7.90
C TYR A 133 -5.22 2.62 9.25
N ARG A 134 -4.45 2.51 10.32
CA ARG A 134 -5.02 2.33 11.66
C ARG A 134 -5.89 3.52 12.05
N GLY A 135 -5.64 4.67 11.44
CA GLY A 135 -6.33 5.88 11.82
C GLY A 135 -5.89 6.32 13.20
N LEU A 136 -4.58 6.41 13.38
CA LEU A 136 -3.96 6.66 14.68
C LEU A 136 -4.08 5.42 15.57
N GLU A 137 -3.10 5.25 16.44
CA GLU A 137 -3.10 4.10 17.35
C GLU A 137 -4.17 4.26 18.40
N HIS A 138 -5.23 3.47 18.28
CA HIS A 138 -6.34 3.51 19.22
C HIS A 138 -5.98 2.76 20.48
N HIS A 139 -6.18 3.39 21.62
CA HIS A 139 -5.89 2.77 22.90
C HIS A 139 -6.79 1.55 23.09
N HIS A 140 -6.20 0.46 23.57
CA HIS A 140 -6.91 -0.83 23.71
C HIS A 140 -8.26 -0.68 24.37
N HIS A 141 -9.32 -0.85 23.57
CA HIS A 141 -10.70 -0.78 24.06
C HIS A 141 -11.66 -1.04 22.90
N HIS A 142 -11.20 -0.73 21.70
CA HIS A 142 -12.01 -0.92 20.50
C HIS A 142 -11.76 -2.32 19.94
N HIS A 143 -12.84 -3.04 19.69
CA HIS A 143 -12.75 -4.42 19.23
C HIS A 143 -13.34 -4.57 17.84
N MET A 1 -13.80 -3.20 10.85
CA MET A 1 -13.78 -4.33 9.91
C MET A 1 -12.80 -4.06 8.78
N PRO A 2 -11.76 -4.89 8.64
CA PRO A 2 -10.79 -4.78 7.56
C PRO A 2 -11.29 -5.41 6.26
N VAL A 3 -10.76 -4.94 5.14
CA VAL A 3 -11.12 -5.49 3.85
C VAL A 3 -10.29 -6.71 3.55
N GLU A 4 -10.94 -7.85 3.38
CA GLU A 4 -10.25 -9.11 3.17
C GLU A 4 -10.74 -9.79 1.91
N LEU A 5 -9.81 -10.33 1.13
CA LEU A 5 -10.16 -11.10 -0.05
C LEU A 5 -9.87 -12.57 0.22
N ARG A 6 -10.90 -13.33 0.56
CA ARG A 6 -10.74 -14.73 0.89
C ARG A 6 -11.25 -15.60 -0.25
N ALA A 7 -10.92 -16.89 -0.21
CA ALA A 7 -11.28 -17.84 -1.26
C ALA A 7 -12.77 -18.18 -1.26
N ASN A 8 -13.59 -17.15 -1.13
CA ASN A 8 -15.04 -17.28 -1.14
C ASN A 8 -15.64 -15.97 -1.63
N TRP A 9 -14.86 -15.25 -2.43
CA TRP A 9 -15.25 -13.92 -2.87
C TRP A 9 -16.19 -13.97 -4.06
N SER A 10 -17.11 -13.03 -4.08
CA SER A 10 -17.94 -12.79 -5.25
C SER A 10 -17.29 -11.69 -6.07
N GLU A 11 -17.64 -11.58 -7.36
CA GLU A 11 -17.05 -10.55 -8.20
C GLU A 11 -17.37 -9.16 -7.64
N GLU A 12 -18.56 -9.01 -7.09
CA GLU A 12 -18.96 -7.77 -6.44
C GLU A 12 -18.00 -7.42 -5.30
N ASP A 13 -17.60 -8.44 -4.54
CA ASP A 13 -16.67 -8.24 -3.41
C ASP A 13 -15.27 -7.94 -3.91
N LEU A 14 -14.93 -8.49 -5.08
CA LEU A 14 -13.65 -8.17 -5.72
C LEU A 14 -13.62 -6.67 -6.02
N GLU A 15 -14.73 -6.16 -6.52
CA GLU A 15 -14.89 -4.74 -6.81
C GLU A 15 -14.78 -3.92 -5.52
N THR A 16 -15.26 -4.49 -4.42
CA THR A 16 -15.17 -3.85 -3.11
C THR A 16 -13.70 -3.66 -2.73
N VAL A 17 -12.91 -4.70 -2.94
CA VAL A 17 -11.49 -4.68 -2.60
C VAL A 17 -10.75 -3.59 -3.37
N ILE A 18 -10.88 -3.61 -4.69
CA ILE A 18 -10.17 -2.66 -5.54
C ILE A 18 -10.62 -1.23 -5.25
N ARG A 19 -11.91 -1.03 -5.03
CA ARG A 19 -12.46 0.29 -4.77
C ARG A 19 -12.09 0.78 -3.38
N ALA A 20 -11.72 -0.15 -2.51
CA ALA A 20 -11.23 0.22 -1.17
C ALA A 20 -9.79 0.71 -1.26
N VAL A 21 -9.01 0.07 -2.11
CA VAL A 21 -7.61 0.44 -2.31
C VAL A 21 -7.52 1.79 -3.04
N TYR A 22 -8.35 1.97 -4.05
CA TYR A 22 -8.39 3.23 -4.78
C TYR A 22 -9.25 4.25 -4.02
N ARG A 23 -9.80 3.80 -2.90
CA ARG A 23 -10.62 4.62 -2.01
C ARG A 23 -11.94 5.03 -2.65
N GLN A 24 -12.87 5.48 -1.81
CA GLN A 24 -14.17 5.92 -2.29
C GLN A 24 -14.19 7.44 -2.42
N VAL A 25 -13.60 7.93 -3.49
CA VAL A 25 -13.59 9.35 -3.77
C VAL A 25 -14.96 9.79 -4.28
N LEU A 26 -15.43 9.09 -5.31
CA LEU A 26 -16.73 9.35 -5.92
C LEU A 26 -16.94 8.32 -7.02
N GLY A 27 -15.95 8.25 -7.89
CA GLY A 27 -15.97 7.31 -8.99
C GLY A 27 -14.86 7.64 -9.96
N ASN A 28 -14.78 8.93 -10.29
CA ASN A 28 -13.68 9.47 -11.08
C ASN A 28 -13.17 10.73 -10.41
N ASP A 29 -12.18 11.38 -11.01
CA ASP A 29 -11.62 12.60 -10.42
C ASP A 29 -11.79 13.77 -11.39
N TYR A 30 -12.69 13.60 -12.36
CA TYR A 30 -12.95 14.59 -13.41
C TYR A 30 -11.80 14.67 -14.41
N VAL A 31 -10.60 14.91 -13.91
CA VAL A 31 -9.41 14.99 -14.74
C VAL A 31 -9.01 13.59 -15.21
N MET A 32 -8.32 13.53 -16.35
CA MET A 32 -7.87 12.26 -16.90
C MET A 32 -6.84 11.60 -15.99
N ALA A 33 -7.31 10.63 -15.21
CA ALA A 33 -6.43 9.86 -14.35
C ALA A 33 -6.33 8.44 -14.86
N SER A 34 -7.27 8.08 -15.73
CA SER A 34 -7.32 6.76 -16.38
C SER A 34 -7.76 5.67 -15.41
N GLU A 35 -7.18 5.65 -14.21
CA GLU A 35 -7.44 4.60 -13.23
C GLU A 35 -7.08 3.25 -13.84
N ARG A 36 -5.78 3.00 -13.95
CA ARG A 36 -5.27 1.83 -14.64
C ARG A 36 -5.02 0.68 -13.66
N LEU A 37 -3.86 0.03 -13.78
CA LEU A 37 -3.51 -1.13 -12.96
C LEU A 37 -4.44 -2.29 -13.26
N VAL A 38 -4.96 -2.30 -14.48
CA VAL A 38 -5.86 -3.36 -14.93
C VAL A 38 -5.14 -4.71 -14.94
N SER A 39 -3.81 -4.66 -15.07
CA SER A 39 -3.00 -5.86 -15.02
C SER A 39 -3.08 -6.48 -13.63
N ALA A 40 -3.02 -5.64 -12.60
CA ALA A 40 -3.11 -6.11 -11.23
C ALA A 40 -4.53 -6.51 -10.89
N GLU A 41 -5.49 -5.76 -11.44
CA GLU A 41 -6.90 -6.06 -11.25
C GLU A 41 -7.24 -7.45 -11.78
N SER A 42 -6.76 -7.76 -12.97
CA SER A 42 -7.03 -9.06 -13.59
C SER A 42 -6.31 -10.18 -12.86
N LEU A 43 -5.04 -9.95 -12.52
CA LEU A 43 -4.26 -10.94 -11.78
C LEU A 43 -4.86 -11.19 -10.40
N LEU A 44 -5.53 -10.19 -9.85
CA LEU A 44 -6.21 -10.32 -8.57
C LEU A 44 -7.42 -11.24 -8.71
N ARG A 45 -8.22 -11.02 -9.74
CA ARG A 45 -9.38 -11.87 -10.02
C ARG A 45 -8.94 -13.28 -10.38
N ASN A 46 -7.79 -13.38 -11.04
CA ASN A 46 -7.29 -14.67 -11.49
C ASN A 46 -6.54 -15.37 -10.37
N GLY A 47 -6.35 -14.67 -9.25
CA GLY A 47 -5.73 -15.25 -8.07
C GLY A 47 -4.25 -15.57 -8.28
N LYS A 48 -3.57 -14.76 -9.08
CA LYS A 48 -2.15 -14.97 -9.33
C LYS A 48 -1.29 -14.10 -8.43
N ILE A 49 -1.89 -13.08 -7.83
CA ILE A 49 -1.17 -12.19 -6.94
C ILE A 49 -1.94 -11.99 -5.65
N THR A 50 -1.23 -11.65 -4.58
CA THR A 50 -1.86 -11.41 -3.30
C THR A 50 -2.28 -9.95 -3.17
N VAL A 51 -3.00 -9.63 -2.12
CA VAL A 51 -3.47 -8.27 -1.91
C VAL A 51 -2.30 -7.30 -1.70
N ARG A 52 -1.24 -7.80 -1.05
CA ARG A 52 -0.08 -6.96 -0.81
C ARG A 52 0.64 -6.64 -2.11
N GLU A 53 0.59 -7.59 -3.06
CA GLU A 53 1.18 -7.37 -4.38
C GLU A 53 0.42 -6.28 -5.11
N PHE A 54 -0.90 -6.28 -4.94
CA PHE A 54 -1.74 -5.25 -5.51
C PHE A 54 -1.36 -3.89 -4.94
N VAL A 55 -1.18 -3.84 -3.63
CA VAL A 55 -0.76 -2.63 -2.94
C VAL A 55 0.64 -2.19 -3.41
N ARG A 56 1.53 -3.16 -3.59
CA ARG A 56 2.90 -2.89 -4.07
C ARG A 56 2.83 -2.14 -5.40
N ALA A 57 1.98 -2.63 -6.30
CA ALA A 57 1.80 -2.02 -7.60
C ALA A 57 1.31 -0.58 -7.46
N VAL A 58 0.29 -0.39 -6.63
CA VAL A 58 -0.28 0.95 -6.41
C VAL A 58 0.77 1.92 -5.87
N ALA A 59 1.57 1.44 -4.94
CA ALA A 59 2.61 2.27 -4.33
C ALA A 59 3.67 2.71 -5.35
N LYS A 60 3.87 1.88 -6.37
CA LYS A 60 4.86 2.19 -7.39
C LYS A 60 4.18 2.74 -8.66
N SER A 61 2.92 3.15 -8.53
CA SER A 61 2.17 3.68 -9.66
C SER A 61 1.95 5.18 -9.55
N GLU A 62 1.02 5.70 -10.35
CA GLU A 62 0.72 7.12 -10.43
C GLU A 62 1.90 7.89 -11.03
N LEU A 63 1.80 9.21 -11.03
CA LEU A 63 2.89 10.05 -11.47
C LEU A 63 4.01 10.04 -10.44
N TYR A 64 5.21 9.72 -10.86
CA TYR A 64 6.33 9.66 -9.94
C TYR A 64 6.59 11.04 -9.36
N LYS A 65 7.03 11.08 -8.10
CA LYS A 65 7.14 12.34 -7.35
C LYS A 65 5.73 12.89 -7.10
N GLU A 66 5.57 14.20 -7.22
CA GLU A 66 4.27 14.87 -7.06
C GLU A 66 3.80 14.80 -5.60
N LYS A 67 3.36 13.62 -5.18
CA LYS A 67 3.00 13.39 -3.79
C LYS A 67 4.08 12.58 -3.11
N PHE A 68 4.83 11.83 -3.89
CA PHE A 68 5.97 11.08 -3.38
C PHE A 68 7.24 11.83 -3.74
N LEU A 69 8.40 11.21 -3.52
CA LEU A 69 9.66 11.86 -3.85
C LEU A 69 10.81 10.85 -3.80
N TYR A 70 11.67 10.93 -4.80
CA TYR A 70 12.94 10.22 -4.78
C TYR A 70 14.05 11.19 -5.17
N GLY A 71 15.12 11.21 -4.39
CA GLY A 71 16.25 12.04 -4.70
C GLY A 71 16.16 13.42 -4.06
N ASN A 72 15.75 13.45 -2.80
CA ASN A 72 15.60 14.71 -2.07
C ASN A 72 15.34 14.38 -0.59
N PHE A 73 14.62 15.24 0.11
CA PHE A 73 14.27 14.97 1.51
C PHE A 73 13.28 13.81 1.59
N GLN A 74 13.78 12.67 2.03
CA GLN A 74 13.02 11.43 2.03
C GLN A 74 12.13 11.29 3.27
N THR A 75 12.51 11.96 4.36
CA THR A 75 11.83 11.82 5.64
C THR A 75 10.30 11.80 5.51
N ARG A 76 9.74 12.88 4.99
CA ARG A 76 8.30 13.00 4.83
C ARG A 76 7.74 11.92 3.92
N VAL A 77 8.51 11.54 2.91
CA VAL A 77 8.09 10.51 1.97
C VAL A 77 7.96 9.17 2.67
N ILE A 78 8.94 8.85 3.50
CA ILE A 78 8.92 7.61 4.27
C ILE A 78 7.73 7.59 5.21
N GLU A 79 7.41 8.74 5.79
CA GLU A 79 6.26 8.86 6.67
C GLU A 79 4.96 8.63 5.89
N LEU A 80 4.96 8.99 4.62
CA LEU A 80 3.84 8.70 3.75
C LEU A 80 3.79 7.21 3.41
N ASN A 81 4.91 6.70 2.92
CA ASN A 81 5.05 5.29 2.56
C ASN A 81 4.65 4.39 3.73
N TYR A 82 5.21 4.69 4.90
CA TYR A 82 4.98 3.90 6.09
C TYR A 82 3.51 3.93 6.50
N LYS A 83 2.92 5.12 6.46
CA LYS A 83 1.55 5.31 6.91
C LYS A 83 0.55 4.71 5.93
N HIS A 84 0.99 4.47 4.69
CA HIS A 84 0.11 3.91 3.68
C HIS A 84 0.27 2.38 3.60
N LEU A 85 1.50 1.94 3.43
CA LEU A 85 1.77 0.54 3.13
C LEU A 85 1.67 -0.35 4.38
N LEU A 86 2.12 0.16 5.51
CA LEU A 86 2.11 -0.62 6.74
C LEU A 86 0.96 -0.21 7.64
N GLY A 87 0.30 0.89 7.30
CA GLY A 87 -0.84 1.36 8.04
C GLY A 87 -0.51 1.74 9.48
N ARG A 88 0.75 2.03 9.75
CA ARG A 88 1.17 2.39 11.10
C ARG A 88 2.06 3.63 11.06
N ALA A 89 2.21 4.26 12.22
CA ALA A 89 2.91 5.53 12.31
C ALA A 89 4.33 5.35 12.83
N PRO A 90 5.24 6.26 12.47
CA PRO A 90 6.63 6.24 12.97
C PRO A 90 6.70 6.56 14.45
N TYR A 91 6.73 5.52 15.28
CA TYR A 91 6.77 5.68 16.73
C TYR A 91 8.21 5.75 17.21
N ASP A 92 9.12 5.23 16.39
CA ASP A 92 10.54 5.26 16.70
C ASP A 92 11.29 5.87 15.52
N GLU A 93 12.35 6.61 15.80
CA GLU A 93 13.12 7.26 14.74
C GLU A 93 13.88 6.23 13.91
N SER A 94 14.17 5.09 14.55
CA SER A 94 14.95 4.02 13.92
C SER A 94 14.26 3.53 12.65
N GLU A 95 12.93 3.58 12.64
CA GLU A 95 12.16 3.20 11.47
C GLU A 95 12.54 4.08 10.29
N VAL A 96 12.55 5.38 10.52
CA VAL A 96 12.90 6.34 9.49
C VAL A 96 14.37 6.21 9.11
N ILE A 97 15.24 6.11 10.12
CA ILE A 97 16.67 5.97 9.90
C ILE A 97 16.98 4.77 9.01
N PHE A 98 16.37 3.63 9.32
CA PHE A 98 16.60 2.40 8.58
C PHE A 98 16.14 2.55 7.13
N HIS A 99 14.98 3.17 6.94
CA HIS A 99 14.44 3.35 5.60
C HIS A 99 15.23 4.39 4.82
N LEU A 100 15.78 5.38 5.52
CA LEU A 100 16.67 6.35 4.89
C LEU A 100 17.89 5.64 4.31
N ASP A 101 18.51 4.80 5.13
CA ASP A 101 19.69 4.05 4.71
C ASP A 101 19.33 3.08 3.58
N LEU A 102 18.27 2.30 3.77
CA LEU A 102 17.81 1.34 2.77
C LEU A 102 17.53 2.04 1.44
N TYR A 103 16.80 3.14 1.50
CA TYR A 103 16.47 3.91 0.32
C TYR A 103 17.73 4.32 -0.42
N GLU A 104 18.70 4.88 0.30
CA GLU A 104 19.92 5.37 -0.31
C GLU A 104 20.85 4.22 -0.72
N ASN A 105 20.60 3.04 -0.18
CA ASN A 105 21.37 1.85 -0.57
C ASN A 105 21.08 1.46 -2.01
N GLU A 106 19.80 1.26 -2.32
CA GLU A 106 19.43 0.72 -3.62
C GLU A 106 18.52 1.67 -4.40
N GLY A 107 17.60 2.34 -3.72
CA GLY A 107 16.71 3.25 -4.41
C GLY A 107 15.28 3.22 -3.88
N PHE A 108 14.41 4.01 -4.52
CA PHE A 108 13.02 4.15 -4.11
C PHE A 108 12.29 2.81 -4.24
N ASP A 109 12.67 2.02 -5.23
CA ASP A 109 12.10 0.69 -5.43
C ASP A 109 12.40 -0.19 -4.23
N ALA A 110 13.64 -0.15 -3.76
CA ALA A 110 14.07 -0.98 -2.65
C ALA A 110 13.24 -0.70 -1.41
N ASP A 111 12.95 0.58 -1.16
CA ASP A 111 12.12 0.97 -0.03
C ASP A 111 10.73 0.36 -0.19
N ILE A 112 10.06 0.71 -1.28
CA ILE A 112 8.69 0.24 -1.54
C ILE A 112 8.56 -1.28 -1.41
N ASP A 113 9.47 -1.99 -2.06
CA ASP A 113 9.40 -3.44 -2.12
C ASP A 113 9.66 -4.10 -0.76
N SER A 114 10.34 -3.39 0.14
CA SER A 114 10.68 -3.96 1.44
C SER A 114 9.43 -4.08 2.32
N TYR A 115 8.52 -3.12 2.20
CA TYR A 115 7.30 -3.10 3.00
C TYR A 115 6.50 -4.38 2.79
N ILE A 116 6.21 -4.69 1.54
CA ILE A 116 5.32 -5.78 1.17
C ILE A 116 5.94 -7.14 1.49
N ASP A 117 7.26 -7.24 1.41
CA ASP A 117 7.95 -8.50 1.61
C ASP A 117 8.24 -8.75 3.09
N SER A 118 8.14 -7.69 3.89
CA SER A 118 8.46 -7.78 5.32
C SER A 118 7.58 -8.80 6.04
N PRO A 119 8.21 -9.71 6.79
CA PRO A 119 7.50 -10.78 7.51
C PRO A 119 6.53 -10.23 8.57
N GLU A 120 6.95 -9.18 9.28
CA GLU A 120 6.10 -8.60 10.31
C GLU A 120 4.84 -8.00 9.70
N TYR A 121 4.94 -7.60 8.44
CA TYR A 121 3.83 -7.02 7.70
C TYR A 121 2.85 -8.11 7.29
N THR A 122 3.38 -9.25 6.88
CA THR A 122 2.52 -10.37 6.46
C THR A 122 1.90 -11.04 7.68
N ASN A 123 2.55 -10.90 8.83
CA ASN A 123 2.01 -11.47 10.07
C ASN A 123 0.90 -10.60 10.64
N SER A 124 0.99 -9.30 10.45
CA SER A 124 0.01 -8.38 10.99
C SER A 124 -1.24 -8.31 10.12
N PHE A 125 -1.06 -8.27 8.80
CA PHE A 125 -2.19 -8.15 7.89
C PHE A 125 -2.46 -9.45 7.13
N GLY A 126 -1.41 -10.14 6.73
CA GLY A 126 -1.60 -11.37 5.98
C GLY A 126 -1.35 -11.19 4.51
N ASP A 127 -1.72 -12.19 3.72
CA ASP A 127 -1.52 -12.15 2.27
C ASP A 127 -2.79 -11.69 1.56
N TRP A 128 -3.92 -11.82 2.22
CA TRP A 128 -5.21 -11.58 1.57
C TRP A 128 -5.99 -10.44 2.21
N VAL A 129 -5.36 -9.71 3.11
CA VAL A 129 -6.04 -8.60 3.79
C VAL A 129 -5.46 -7.26 3.36
N VAL A 130 -6.34 -6.31 3.08
CA VAL A 130 -5.93 -4.97 2.69
C VAL A 130 -5.42 -4.20 3.91
N PRO A 131 -4.18 -3.68 3.84
CA PRO A 131 -3.59 -2.91 4.94
C PRO A 131 -4.32 -1.59 5.17
N TYR A 132 -5.03 -1.52 6.29
CA TYR A 132 -5.72 -0.30 6.65
C TYR A 132 -4.97 0.39 7.79
N TYR A 133 -4.98 1.72 7.77
CA TYR A 133 -4.28 2.49 8.78
C TYR A 133 -4.86 2.26 10.17
N ARG A 134 -3.97 1.95 11.11
CA ARG A 134 -4.36 1.74 12.49
C ARG A 134 -4.81 3.04 13.13
N GLY A 135 -6.12 3.28 13.09
CA GLY A 135 -6.67 4.44 13.74
C GLY A 135 -6.85 4.21 15.21
N LEU A 136 -6.94 5.29 15.97
CA LEU A 136 -7.14 5.19 17.41
C LEU A 136 -8.52 4.67 17.72
N GLU A 137 -8.54 3.43 18.21
CA GLU A 137 -9.78 2.70 18.48
C GLU A 137 -10.54 2.44 17.20
N HIS A 138 -10.24 1.32 16.55
CA HIS A 138 -10.91 0.96 15.30
C HIS A 138 -12.25 0.29 15.58
N HIS A 139 -12.80 0.56 16.75
CA HIS A 139 -14.09 0.03 17.16
C HIS A 139 -15.20 1.01 16.77
N HIS A 140 -14.82 2.26 16.52
CA HIS A 140 -15.80 3.30 16.25
C HIS A 140 -15.51 3.97 14.91
N HIS A 141 -16.53 4.08 14.07
CA HIS A 141 -16.41 4.71 12.76
C HIS A 141 -16.28 6.23 12.92
N HIS A 142 -15.16 6.78 12.48
CA HIS A 142 -14.89 8.21 12.62
C HIS A 142 -15.36 8.97 11.38
N HIS A 143 -14.70 8.76 10.25
CA HIS A 143 -15.07 9.44 8.99
C HIS A 143 -15.95 8.55 8.13
N MET A 1 -15.84 -4.28 10.12
CA MET A 1 -15.24 -5.35 9.30
C MET A 1 -14.28 -4.75 8.28
N PRO A 2 -13.00 -5.14 8.32
CA PRO A 2 -11.97 -4.60 7.43
C PRO A 2 -12.16 -5.05 5.98
N VAL A 3 -11.49 -4.37 5.06
CA VAL A 3 -11.54 -4.73 3.65
C VAL A 3 -10.65 -5.93 3.40
N GLU A 4 -11.27 -7.09 3.25
CA GLU A 4 -10.54 -8.33 3.04
C GLU A 4 -10.97 -9.00 1.75
N LEU A 5 -10.03 -9.66 1.10
CA LEU A 5 -10.33 -10.43 -0.10
C LEU A 5 -10.42 -11.91 0.26
N ARG A 6 -11.60 -12.48 0.08
CA ARG A 6 -11.82 -13.87 0.44
C ARG A 6 -11.30 -14.79 -0.66
N ALA A 7 -11.09 -16.06 -0.34
CA ALA A 7 -10.61 -17.03 -1.32
C ALA A 7 -11.68 -17.28 -2.38
N ASN A 8 -12.92 -17.30 -1.93
CA ASN A 8 -14.06 -17.46 -2.85
C ASN A 8 -14.76 -16.12 -3.04
N TRP A 9 -13.95 -15.10 -3.30
CA TRP A 9 -14.44 -13.73 -3.46
C TRP A 9 -15.39 -13.60 -4.64
N SER A 10 -16.23 -12.58 -4.58
CA SER A 10 -17.07 -12.20 -5.70
C SER A 10 -16.52 -10.92 -6.31
N GLU A 11 -16.99 -10.57 -7.49
CA GLU A 11 -16.54 -9.35 -8.17
C GLU A 11 -16.77 -8.13 -7.28
N GLU A 12 -17.85 -8.19 -6.51
CA GLU A 12 -18.20 -7.13 -5.57
C GLU A 12 -17.07 -6.94 -4.55
N ASP A 13 -16.57 -8.05 -4.02
CA ASP A 13 -15.49 -8.02 -3.04
C ASP A 13 -14.20 -7.55 -3.68
N LEU A 14 -13.93 -8.08 -4.87
CA LEU A 14 -12.71 -7.74 -5.60
C LEU A 14 -12.62 -6.24 -5.83
N GLU A 15 -13.69 -5.67 -6.38
CA GLU A 15 -13.74 -4.23 -6.64
C GLU A 15 -13.62 -3.42 -5.36
N THR A 16 -14.12 -3.98 -4.26
CA THR A 16 -13.99 -3.34 -2.96
C THR A 16 -12.51 -3.22 -2.57
N VAL A 17 -11.79 -4.33 -2.72
CA VAL A 17 -10.37 -4.40 -2.39
C VAL A 17 -9.57 -3.48 -3.30
N ILE A 18 -9.83 -3.58 -4.61
CA ILE A 18 -9.12 -2.79 -5.59
C ILE A 18 -9.34 -1.29 -5.36
N ARG A 19 -10.60 -0.89 -5.19
CA ARG A 19 -10.94 0.52 -5.01
C ARG A 19 -10.28 1.09 -3.75
N ALA A 20 -10.14 0.25 -2.73
CA ALA A 20 -9.54 0.66 -1.47
C ALA A 20 -8.06 0.98 -1.63
N VAL A 21 -7.37 0.18 -2.43
CA VAL A 21 -5.95 0.37 -2.66
C VAL A 21 -5.72 1.40 -3.76
N TYR A 22 -6.63 1.44 -4.73
CA TYR A 22 -6.55 2.36 -5.85
C TYR A 22 -6.98 3.77 -5.45
N ARG A 23 -6.33 4.34 -4.47
CA ARG A 23 -6.68 5.67 -3.96
C ARG A 23 -5.89 6.73 -4.72
N GLN A 24 -5.58 6.44 -5.97
CA GLN A 24 -4.85 7.34 -6.84
C GLN A 24 -5.58 8.66 -7.05
N VAL A 25 -4.85 9.68 -7.47
CA VAL A 25 -5.42 10.99 -7.72
C VAL A 25 -5.13 11.43 -9.16
N LEU A 26 -4.28 10.69 -9.84
CA LEU A 26 -3.87 11.03 -11.19
C LEU A 26 -4.77 10.37 -12.23
N GLY A 27 -4.81 10.95 -13.42
CA GLY A 27 -5.62 10.41 -14.49
C GLY A 27 -5.59 11.28 -15.72
N ASN A 28 -6.54 12.22 -15.80
CA ASN A 28 -6.64 13.16 -16.92
C ASN A 28 -6.93 12.44 -18.24
N ASP A 29 -8.18 12.55 -18.70
CA ASP A 29 -8.63 11.94 -19.95
C ASP A 29 -8.55 10.42 -19.85
N TYR A 30 -8.73 9.74 -20.97
CA TYR A 30 -8.56 8.30 -21.02
C TYR A 30 -7.67 7.93 -22.18
N VAL A 31 -7.49 8.89 -23.10
CA VAL A 31 -6.65 8.69 -24.26
C VAL A 31 -5.17 8.76 -23.85
N MET A 32 -4.47 7.66 -24.10
CA MET A 32 -3.07 7.52 -23.73
C MET A 32 -2.90 7.60 -22.22
N ALA A 33 -3.26 6.51 -21.55
CA ALA A 33 -3.04 6.39 -20.12
C ALA A 33 -1.87 5.45 -19.87
N SER A 34 -0.70 6.04 -19.69
CA SER A 34 0.54 5.28 -19.65
C SER A 34 0.83 4.68 -18.28
N GLU A 35 1.23 3.40 -18.28
CA GLU A 35 1.72 2.70 -17.10
C GLU A 35 0.61 2.48 -16.07
N ARG A 36 -0.63 2.50 -16.52
CA ARG A 36 -1.75 2.15 -15.68
C ARG A 36 -1.79 0.63 -15.50
N LEU A 37 -1.68 0.18 -14.25
CA LEU A 37 -1.53 -1.25 -13.96
C LEU A 37 -2.87 -2.00 -14.03
N VAL A 38 -3.57 -1.82 -15.15
CA VAL A 38 -4.80 -2.55 -15.41
C VAL A 38 -4.49 -4.04 -15.51
N SER A 39 -3.25 -4.35 -15.88
CA SER A 39 -2.76 -5.71 -15.95
C SER A 39 -2.75 -6.34 -14.56
N ALA A 40 -2.37 -5.53 -13.57
CA ALA A 40 -2.33 -5.99 -12.18
C ALA A 40 -3.74 -6.34 -11.71
N GLU A 41 -4.70 -5.47 -12.05
CA GLU A 41 -6.10 -5.72 -11.74
C GLU A 41 -6.59 -7.01 -12.39
N SER A 42 -6.14 -7.23 -13.62
CA SER A 42 -6.47 -8.44 -14.36
C SER A 42 -5.87 -9.67 -13.67
N LEU A 43 -4.61 -9.57 -13.27
CA LEU A 43 -3.92 -10.66 -12.59
C LEU A 43 -4.59 -10.99 -11.26
N LEU A 44 -5.14 -9.97 -10.60
CA LEU A 44 -5.82 -10.15 -9.34
C LEU A 44 -7.16 -10.86 -9.55
N ARG A 45 -7.87 -10.48 -10.60
CA ARG A 45 -9.17 -11.08 -10.92
C ARG A 45 -9.01 -12.55 -11.30
N ASN A 46 -7.87 -12.89 -11.88
CA ASN A 46 -7.61 -14.27 -12.28
C ASN A 46 -6.93 -15.05 -11.16
N GLY A 47 -6.84 -14.43 -9.99
CA GLY A 47 -6.28 -15.08 -8.83
C GLY A 47 -4.83 -15.49 -9.00
N LYS A 48 -4.08 -14.68 -9.74
CA LYS A 48 -2.67 -14.97 -9.98
C LYS A 48 -1.79 -14.27 -8.95
N ILE A 49 -2.12 -13.03 -8.62
CA ILE A 49 -1.35 -12.30 -7.63
C ILE A 49 -2.12 -12.19 -6.32
N THR A 50 -1.40 -12.00 -5.24
CA THR A 50 -2.01 -11.88 -3.93
C THR A 50 -2.32 -10.41 -3.62
N VAL A 51 -2.98 -10.17 -2.50
CA VAL A 51 -3.20 -8.81 -2.04
C VAL A 51 -1.85 -8.14 -1.77
N ARG A 52 -0.88 -8.94 -1.32
CA ARG A 52 0.47 -8.45 -1.09
C ARG A 52 1.07 -7.93 -2.40
N GLU A 53 0.97 -8.74 -3.45
CA GLU A 53 1.49 -8.38 -4.76
C GLU A 53 0.76 -7.16 -5.31
N PHE A 54 -0.56 -7.14 -5.15
CA PHE A 54 -1.38 -6.04 -5.64
C PHE A 54 -1.01 -4.74 -4.93
N VAL A 55 -0.97 -4.77 -3.61
CA VAL A 55 -0.60 -3.60 -2.82
C VAL A 55 0.81 -3.14 -3.18
N ARG A 56 1.73 -4.11 -3.32
CA ARG A 56 3.10 -3.79 -3.69
C ARG A 56 3.14 -3.12 -5.06
N ALA A 57 2.35 -3.63 -6.00
CA ALA A 57 2.33 -3.08 -7.35
C ALA A 57 1.84 -1.63 -7.35
N VAL A 58 0.75 -1.38 -6.62
CA VAL A 58 0.18 -0.04 -6.55
C VAL A 58 1.14 0.92 -5.84
N ALA A 59 1.68 0.49 -4.71
CA ALA A 59 2.58 1.32 -3.92
C ALA A 59 3.87 1.62 -4.68
N LYS A 60 4.34 0.65 -5.48
CA LYS A 60 5.55 0.83 -6.27
C LYS A 60 5.30 1.70 -7.49
N SER A 61 4.05 1.95 -7.82
CA SER A 61 3.72 2.75 -8.97
C SER A 61 3.13 4.09 -8.57
N GLU A 62 1.80 4.16 -8.50
CA GLU A 62 1.05 5.40 -8.25
C GLU A 62 1.24 6.38 -9.42
N LEU A 63 2.50 6.73 -9.68
CA LEU A 63 2.90 7.57 -10.81
C LEU A 63 2.62 9.05 -10.52
N TYR A 64 3.26 9.92 -11.30
CA TYR A 64 3.10 11.38 -11.14
C TYR A 64 3.75 11.86 -9.84
N LYS A 65 3.57 13.13 -9.53
CA LYS A 65 3.98 13.65 -8.25
C LYS A 65 2.72 14.05 -7.48
N GLU A 66 2.35 15.32 -7.57
CA GLU A 66 1.11 15.81 -6.98
C GLU A 66 1.05 15.53 -5.47
N LYS A 67 1.49 16.52 -4.69
CA LYS A 67 1.44 16.47 -3.22
C LYS A 67 2.57 15.62 -2.63
N PHE A 68 2.87 14.47 -3.23
CA PHE A 68 3.92 13.60 -2.69
C PHE A 68 5.15 13.61 -3.59
N LEU A 69 6.27 13.17 -3.03
CA LEU A 69 7.54 13.01 -3.75
C LEU A 69 8.20 14.36 -4.02
N TYR A 70 7.51 15.24 -4.73
CA TYR A 70 8.07 16.53 -5.11
C TYR A 70 7.50 17.63 -4.23
N GLY A 71 8.06 17.80 -3.04
CA GLY A 71 7.57 18.79 -2.11
C GLY A 71 8.14 18.62 -0.72
N ASN A 72 8.92 19.63 -0.30
CA ASN A 72 9.51 19.68 1.04
C ASN A 72 10.64 18.66 1.23
N PHE A 73 10.31 17.46 1.69
CA PHE A 73 11.31 16.46 2.02
C PHE A 73 10.90 15.10 1.51
N GLN A 74 11.87 14.20 1.37
CA GLN A 74 11.59 12.86 0.88
C GLN A 74 11.04 11.99 2.01
N THR A 75 11.40 12.35 3.24
CA THR A 75 10.91 11.65 4.43
C THR A 75 9.39 11.71 4.50
N ARG A 76 8.81 12.77 3.93
CA ARG A 76 7.37 12.97 3.89
C ARG A 76 6.67 11.79 3.20
N VAL A 77 7.33 11.23 2.20
CA VAL A 77 6.78 10.10 1.46
C VAL A 77 6.85 8.83 2.30
N ILE A 78 7.91 8.69 3.08
CA ILE A 78 8.09 7.53 3.94
C ILE A 78 7.02 7.51 5.02
N GLU A 79 6.73 8.67 5.60
CA GLU A 79 5.65 8.81 6.56
C GLU A 79 4.33 8.40 5.92
N LEU A 80 4.07 9.01 4.76
CA LEU A 80 2.85 8.74 3.99
C LEU A 80 2.67 7.24 3.76
N ASN A 81 3.71 6.65 3.19
CA ASN A 81 3.74 5.23 2.84
C ASN A 81 3.42 4.36 4.06
N TYR A 82 4.26 4.46 5.07
CA TYR A 82 4.18 3.56 6.22
C TYR A 82 2.97 3.85 7.09
N LYS A 83 2.52 5.09 7.10
CA LYS A 83 1.31 5.44 7.85
C LYS A 83 0.09 4.78 7.22
N HIS A 84 0.16 4.50 5.93
CA HIS A 84 -0.94 3.85 5.24
C HIS A 84 -0.76 2.33 5.13
N LEU A 85 0.48 1.87 4.92
CA LEU A 85 0.72 0.44 4.75
C LEU A 85 0.83 -0.29 6.10
N LEU A 86 1.43 0.35 7.09
CA LEU A 86 1.52 -0.22 8.43
C LEU A 86 0.43 0.34 9.32
N GLY A 87 -0.13 1.47 8.90
CA GLY A 87 -1.16 2.13 9.66
C GLY A 87 -0.60 3.03 10.73
N ARG A 88 0.70 3.31 10.63
CA ARG A 88 1.38 4.16 11.60
C ARG A 88 2.75 4.53 11.06
N ALA A 89 3.12 5.80 11.20
CA ALA A 89 4.40 6.30 10.71
C ALA A 89 5.55 5.73 11.54
N PRO A 90 6.79 5.74 11.01
CA PRO A 90 7.98 5.25 11.71
C PRO A 90 8.07 5.77 13.15
N TYR A 91 8.45 4.89 14.06
CA TYR A 91 8.41 5.19 15.48
C TYR A 91 9.44 6.24 15.88
N ASP A 92 10.72 5.96 15.62
CA ASP A 92 11.78 6.85 16.04
C ASP A 92 12.83 7.01 14.93
N GLU A 93 13.89 7.77 15.24
CA GLU A 93 14.97 8.09 14.30
C GLU A 93 15.53 6.83 13.63
N SER A 94 15.63 5.74 14.40
CA SER A 94 16.19 4.49 13.91
C SER A 94 15.50 4.03 12.62
N GLU A 95 14.18 4.10 12.60
CA GLU A 95 13.42 3.68 11.44
C GLU A 95 13.64 4.66 10.29
N VAL A 96 13.68 5.94 10.63
CA VAL A 96 13.86 6.99 9.64
C VAL A 96 15.20 6.82 8.92
N ILE A 97 16.27 6.69 9.70
CA ILE A 97 17.61 6.53 9.16
C ILE A 97 17.69 5.30 8.25
N PHE A 98 17.23 4.17 8.77
CA PHE A 98 17.29 2.91 8.04
C PHE A 98 16.53 3.01 6.72
N HIS A 99 15.36 3.63 6.74
CA HIS A 99 14.53 3.71 5.54
C HIS A 99 15.01 4.79 4.59
N LEU A 100 15.54 5.89 5.11
CA LEU A 100 16.14 6.91 4.26
C LEU A 100 17.34 6.33 3.53
N ASP A 101 18.13 5.55 4.27
CA ASP A 101 19.29 4.86 3.71
C ASP A 101 18.88 3.99 2.52
N LEU A 102 17.92 3.11 2.74
CA LEU A 102 17.46 2.21 1.70
C LEU A 102 16.77 2.98 0.56
N TYR A 103 15.93 3.93 0.94
CA TYR A 103 15.17 4.74 -0.02
C TYR A 103 16.07 5.49 -1.00
N GLU A 104 17.12 6.14 -0.49
CA GLU A 104 17.97 6.95 -1.34
C GLU A 104 19.05 6.12 -2.02
N ASN A 105 19.48 5.04 -1.38
CA ASN A 105 20.51 4.19 -1.95
C ASN A 105 19.94 3.29 -3.04
N GLU A 106 18.95 2.51 -2.68
CA GLU A 106 18.41 1.50 -3.58
C GLU A 106 17.21 2.03 -4.35
N GLY A 107 16.46 2.91 -3.72
CA GLY A 107 15.31 3.49 -4.38
C GLY A 107 14.03 3.24 -3.61
N PHE A 108 12.97 3.95 -3.98
CA PHE A 108 11.69 3.80 -3.29
C PHE A 108 11.15 2.39 -3.50
N ASP A 109 11.47 1.80 -4.65
CA ASP A 109 11.05 0.44 -4.95
C ASP A 109 11.53 -0.52 -3.88
N ALA A 110 12.80 -0.42 -3.54
CA ALA A 110 13.42 -1.32 -2.58
C ALA A 110 12.85 -1.14 -1.19
N ASP A 111 12.70 0.12 -0.77
CA ASP A 111 12.18 0.40 0.57
C ASP A 111 10.74 -0.08 0.70
N ILE A 112 9.96 0.18 -0.33
CA ILE A 112 8.57 -0.29 -0.39
C ILE A 112 8.51 -1.82 -0.35
N ASP A 113 9.50 -2.45 -0.96
CA ASP A 113 9.54 -3.90 -1.08
C ASP A 113 9.80 -4.53 0.28
N SER A 114 10.45 -3.77 1.17
CA SER A 114 10.77 -4.23 2.52
C SER A 114 9.50 -4.56 3.30
N TYR A 115 8.41 -3.87 2.96
CA TYR A 115 7.13 -4.09 3.61
C TYR A 115 6.60 -5.50 3.29
N ILE A 116 6.83 -5.94 2.07
CA ILE A 116 6.36 -7.24 1.62
C ILE A 116 7.25 -8.34 2.17
N ASP A 117 8.50 -7.99 2.48
CA ASP A 117 9.45 -8.94 3.08
C ASP A 117 9.20 -9.10 4.58
N SER A 118 8.05 -8.64 5.05
CA SER A 118 7.65 -8.86 6.43
C SER A 118 6.46 -9.82 6.47
N PRO A 119 6.73 -11.14 6.37
CA PRO A 119 5.68 -12.15 6.31
C PRO A 119 5.00 -12.37 7.65
N GLU A 120 5.80 -12.43 8.72
CA GLU A 120 5.28 -12.70 10.06
C GLU A 120 4.23 -11.66 10.45
N TYR A 121 4.56 -10.39 10.24
CA TYR A 121 3.63 -9.30 10.53
C TYR A 121 2.40 -9.39 9.63
N THR A 122 2.64 -9.70 8.35
CA THR A 122 1.56 -9.86 7.39
C THR A 122 0.60 -10.98 7.80
N ASN A 123 1.15 -12.13 8.16
CA ASN A 123 0.35 -13.29 8.54
C ASN A 123 -0.56 -12.96 9.71
N SER A 124 -0.04 -12.14 10.63
CA SER A 124 -0.76 -11.79 11.84
C SER A 124 -1.73 -10.61 11.61
N PHE A 125 -1.51 -9.88 10.53
CA PHE A 125 -2.33 -8.70 10.24
C PHE A 125 -3.42 -9.03 9.22
N GLY A 126 -3.08 -9.84 8.23
CA GLY A 126 -4.02 -10.18 7.19
C GLY A 126 -3.32 -10.42 5.87
N ASP A 127 -3.24 -11.68 5.47
CA ASP A 127 -2.55 -12.05 4.23
C ASP A 127 -3.29 -11.48 3.04
N TRP A 128 -4.61 -11.58 3.06
CA TRP A 128 -5.45 -11.08 1.99
C TRP A 128 -6.31 -9.92 2.48
N VAL A 129 -5.75 -9.07 3.33
CA VAL A 129 -6.48 -7.93 3.88
C VAL A 129 -5.80 -6.63 3.46
N VAL A 130 -6.63 -5.62 3.19
CA VAL A 130 -6.13 -4.30 2.83
C VAL A 130 -5.67 -3.54 4.08
N PRO A 131 -4.43 -3.03 4.08
CA PRO A 131 -3.85 -2.31 5.22
C PRO A 131 -4.65 -1.08 5.61
N TYR A 132 -4.95 -0.96 6.89
CA TYR A 132 -5.64 0.21 7.43
C TYR A 132 -4.82 0.79 8.58
N TYR A 133 -5.13 2.02 8.96
CA TYR A 133 -4.38 2.69 10.01
C TYR A 133 -4.69 2.10 11.38
N ARG A 134 -3.65 1.62 12.05
CA ARG A 134 -3.77 1.04 13.37
C ARG A 134 -2.86 1.77 14.34
N GLY A 135 -3.45 2.56 15.23
CA GLY A 135 -2.68 3.39 16.11
C GLY A 135 -1.78 2.60 17.05
N LEU A 136 -2.38 2.02 18.07
CA LEU A 136 -1.63 1.30 19.09
C LEU A 136 -2.45 0.16 19.66
N GLU A 137 -1.77 -0.81 20.25
CA GLU A 137 -2.44 -1.89 20.94
C GLU A 137 -2.73 -1.50 22.39
N HIS A 138 -1.74 -1.70 23.27
CA HIS A 138 -1.85 -1.30 24.67
C HIS A 138 -0.45 -1.07 25.22
N HIS A 139 -0.37 -0.38 26.36
CA HIS A 139 0.91 -0.16 27.01
C HIS A 139 0.73 0.03 28.51
N HIS A 140 1.62 -0.56 29.28
CA HIS A 140 1.61 -0.41 30.73
C HIS A 140 2.88 0.28 31.19
N HIS A 141 2.74 1.48 31.71
CA HIS A 141 3.87 2.27 32.17
C HIS A 141 3.64 2.74 33.60
N HIS A 142 4.17 1.98 34.55
CA HIS A 142 4.06 2.31 35.96
C HIS A 142 5.42 2.27 36.62
N HIS A 143 5.51 2.86 37.80
CA HIS A 143 6.74 2.85 38.57
C HIS A 143 6.44 2.40 40.00
N MET A 1 -12.33 -1.69 10.41
CA MET A 1 -12.77 -2.76 9.50
C MET A 1 -11.67 -3.11 8.50
N PRO A 2 -11.11 -4.32 8.57
CA PRO A 2 -10.11 -4.79 7.61
C PRO A 2 -10.76 -5.17 6.29
N VAL A 3 -10.39 -4.46 5.23
CA VAL A 3 -10.92 -4.74 3.90
C VAL A 3 -10.24 -5.98 3.32
N GLU A 4 -10.92 -7.11 3.42
CA GLU A 4 -10.34 -8.38 3.01
C GLU A 4 -10.84 -8.81 1.63
N LEU A 5 -10.03 -9.56 0.92
CA LEU A 5 -10.44 -10.14 -0.34
C LEU A 5 -10.44 -11.66 -0.23
N ARG A 6 -11.62 -12.24 -0.27
CA ARG A 6 -11.76 -13.68 -0.16
C ARG A 6 -11.84 -14.30 -1.56
N ALA A 7 -11.60 -15.61 -1.64
CA ALA A 7 -11.58 -16.30 -2.92
C ALA A 7 -12.96 -16.31 -3.56
N ASN A 8 -13.98 -16.12 -2.74
CA ASN A 8 -15.34 -16.01 -3.24
C ASN A 8 -15.85 -14.60 -2.99
N TRP A 9 -15.58 -13.71 -3.92
CA TRP A 9 -15.92 -12.31 -3.78
C TRP A 9 -17.05 -11.92 -4.72
N SER A 10 -17.81 -10.91 -4.33
CA SER A 10 -18.80 -10.31 -5.20
C SER A 10 -18.14 -9.23 -6.04
N GLU A 11 -18.66 -9.00 -7.23
CA GLU A 11 -18.07 -8.04 -8.17
C GLU A 11 -17.87 -6.66 -7.52
N GLU A 12 -18.89 -6.18 -6.83
CA GLU A 12 -18.82 -4.87 -6.18
C GLU A 12 -17.88 -4.91 -4.96
N ASP A 13 -17.72 -6.10 -4.39
CA ASP A 13 -16.82 -6.28 -3.25
C ASP A 13 -15.38 -6.07 -3.70
N LEU A 14 -15.02 -6.69 -4.81
CA LEU A 14 -13.69 -6.52 -5.40
C LEU A 14 -13.45 -5.06 -5.74
N GLU A 15 -14.48 -4.39 -6.22
CA GLU A 15 -14.41 -2.96 -6.54
C GLU A 15 -13.96 -2.17 -5.32
N THR A 16 -14.50 -2.53 -4.16
CA THR A 16 -14.14 -1.88 -2.91
C THR A 16 -12.71 -2.22 -2.50
N VAL A 17 -12.32 -3.46 -2.71
CA VAL A 17 -10.96 -3.91 -2.40
C VAL A 17 -9.92 -3.10 -3.16
N ILE A 18 -10.06 -3.05 -4.48
CA ILE A 18 -9.11 -2.34 -5.31
C ILE A 18 -9.20 -0.83 -5.10
N ARG A 19 -10.41 -0.36 -4.76
CA ARG A 19 -10.64 1.04 -4.46
C ARG A 19 -9.92 1.45 -3.17
N ALA A 20 -9.71 0.48 -2.29
CA ALA A 20 -8.98 0.73 -1.05
C ALA A 20 -7.48 0.75 -1.30
N VAL A 21 -7.04 -0.03 -2.28
CA VAL A 21 -5.63 -0.08 -2.65
C VAL A 21 -5.24 1.17 -3.45
N TYR A 22 -6.02 1.47 -4.48
CA TYR A 22 -5.78 2.65 -5.29
C TYR A 22 -7.08 3.41 -5.52
N ARG A 23 -7.00 4.72 -5.48
CA ARG A 23 -8.19 5.56 -5.58
C ARG A 23 -8.68 5.69 -7.01
N GLN A 24 -9.94 5.33 -7.20
CA GLN A 24 -10.65 5.57 -8.44
C GLN A 24 -12.10 5.91 -8.09
N VAL A 25 -12.47 7.16 -8.33
CA VAL A 25 -13.75 7.66 -7.85
C VAL A 25 -14.93 7.02 -8.57
N LEU A 26 -14.90 7.02 -9.89
CA LEU A 26 -15.95 6.37 -10.67
C LEU A 26 -15.34 5.45 -11.72
N GLY A 27 -16.11 4.45 -12.13
CA GLY A 27 -15.71 3.61 -13.24
C GLY A 27 -16.18 4.19 -14.55
N ASN A 28 -15.35 5.00 -15.17
CA ASN A 28 -15.73 5.68 -16.41
C ASN A 28 -15.51 4.79 -17.63
N ASP A 29 -15.90 5.28 -18.80
CA ASP A 29 -15.85 4.48 -20.03
C ASP A 29 -14.56 4.73 -20.81
N TYR A 30 -13.60 5.39 -20.19
CA TYR A 30 -12.36 5.71 -20.86
C TYR A 30 -11.43 4.50 -20.92
N VAL A 31 -11.66 3.66 -21.90
CA VAL A 31 -10.88 2.44 -22.09
C VAL A 31 -9.52 2.78 -22.70
N MET A 32 -9.41 3.99 -23.24
CA MET A 32 -8.16 4.47 -23.81
C MET A 32 -7.17 4.83 -22.69
N ALA A 33 -7.68 4.87 -21.46
CA ALA A 33 -6.86 5.17 -20.29
C ALA A 33 -6.59 3.90 -19.51
N SER A 34 -6.46 2.79 -20.23
CA SER A 34 -6.29 1.47 -19.62
C SER A 34 -4.91 1.30 -19.01
N GLU A 35 -4.04 2.29 -19.15
CA GLU A 35 -2.69 2.18 -18.64
C GLU A 35 -2.63 2.48 -17.16
N ARG A 36 -3.11 1.53 -16.36
CA ARG A 36 -3.04 1.64 -14.90
C ARG A 36 -3.34 0.29 -14.24
N LEU A 37 -2.38 -0.63 -14.35
CA LEU A 37 -2.39 -1.86 -13.57
C LEU A 37 -3.53 -2.81 -13.92
N VAL A 38 -4.01 -2.75 -15.15
CA VAL A 38 -5.08 -3.64 -15.60
C VAL A 38 -4.65 -5.11 -15.49
N SER A 39 -3.37 -5.38 -15.78
CA SER A 39 -2.84 -6.72 -15.66
C SER A 39 -2.90 -7.19 -14.21
N ALA A 40 -2.59 -6.27 -13.29
CA ALA A 40 -2.60 -6.58 -11.88
C ALA A 40 -4.04 -6.84 -11.41
N GLU A 41 -4.96 -6.01 -11.89
CA GLU A 41 -6.38 -6.17 -11.57
C GLU A 41 -6.86 -7.57 -11.98
N SER A 42 -6.57 -7.93 -13.22
CA SER A 42 -7.01 -9.20 -13.76
C SER A 42 -6.41 -10.38 -13.00
N LEU A 43 -5.14 -10.24 -12.62
CA LEU A 43 -4.45 -11.29 -11.88
C LEU A 43 -5.05 -11.46 -10.50
N LEU A 44 -5.38 -10.34 -9.85
CA LEU A 44 -5.99 -10.38 -8.53
C LEU A 44 -7.42 -10.90 -8.62
N ARG A 45 -8.15 -10.45 -9.64
CA ARG A 45 -9.52 -10.88 -9.86
C ARG A 45 -9.62 -12.40 -9.98
N ASN A 46 -8.63 -13.00 -10.62
CA ASN A 46 -8.63 -14.45 -10.82
C ASN A 46 -7.86 -15.16 -9.71
N GLY A 47 -7.50 -14.40 -8.67
CA GLY A 47 -6.81 -14.97 -7.51
C GLY A 47 -5.51 -15.64 -7.87
N LYS A 48 -4.85 -15.15 -8.91
CA LYS A 48 -3.62 -15.75 -9.38
C LYS A 48 -2.42 -15.22 -8.59
N ILE A 49 -2.56 -14.00 -8.11
CA ILE A 49 -1.51 -13.39 -7.29
C ILE A 49 -2.05 -13.09 -5.89
N THR A 50 -1.17 -13.07 -4.91
CA THR A 50 -1.56 -12.75 -3.54
C THR A 50 -1.80 -11.26 -3.40
N VAL A 51 -2.62 -10.87 -2.43
CA VAL A 51 -2.89 -9.46 -2.17
C VAL A 51 -1.59 -8.73 -1.81
N ARG A 52 -0.71 -9.43 -1.09
CA ARG A 52 0.60 -8.88 -0.74
C ARG A 52 1.36 -8.48 -2.01
N GLU A 53 1.37 -9.37 -2.99
CA GLU A 53 2.07 -9.15 -4.24
C GLU A 53 1.36 -8.08 -5.07
N PHE A 54 0.03 -8.06 -5.00
CA PHE A 54 -0.76 -7.06 -5.69
C PHE A 54 -0.41 -5.66 -5.18
N VAL A 55 -0.43 -5.48 -3.86
CA VAL A 55 -0.09 -4.19 -3.25
C VAL A 55 1.33 -3.79 -3.61
N ARG A 56 2.24 -4.76 -3.60
CA ARG A 56 3.63 -4.52 -3.99
C ARG A 56 3.69 -3.94 -5.39
N ALA A 57 3.02 -4.60 -6.32
CA ALA A 57 2.99 -4.17 -7.70
C ALA A 57 2.43 -2.75 -7.81
N VAL A 58 1.26 -2.54 -7.20
CA VAL A 58 0.58 -1.25 -7.26
C VAL A 58 1.48 -0.11 -6.74
N ALA A 59 2.03 -0.30 -5.56
CA ALA A 59 2.79 0.75 -4.89
C ALA A 59 4.08 1.09 -5.63
N LYS A 60 4.65 0.13 -6.33
CA LYS A 60 5.94 0.33 -6.96
C LYS A 60 5.83 0.64 -8.45
N SER A 61 4.61 0.79 -8.96
CA SER A 61 4.43 0.97 -10.40
C SER A 61 3.76 2.29 -10.76
N GLU A 62 3.75 3.24 -9.83
CA GLU A 62 3.16 4.56 -10.10
C GLU A 62 3.77 5.18 -11.35
N LEU A 63 2.90 5.69 -12.21
CA LEU A 63 3.27 6.14 -13.55
C LEU A 63 4.35 7.23 -13.53
N TYR A 64 4.03 8.38 -12.96
CA TYR A 64 4.92 9.53 -13.02
C TYR A 64 5.34 9.98 -11.63
N LYS A 65 6.43 10.73 -11.56
CA LYS A 65 6.88 11.28 -10.30
C LYS A 65 6.30 12.69 -10.12
N GLU A 66 5.19 12.76 -9.41
CA GLU A 66 4.53 14.04 -9.16
C GLU A 66 4.25 14.22 -7.68
N LYS A 67 3.30 15.10 -7.35
CA LYS A 67 3.01 15.42 -5.95
C LYS A 67 2.46 14.22 -5.19
N PHE A 68 3.37 13.49 -4.58
CA PHE A 68 3.09 12.37 -3.69
C PHE A 68 4.42 11.75 -3.29
N LEU A 69 5.35 11.74 -4.24
CA LEU A 69 6.71 11.29 -3.99
C LEU A 69 7.63 12.51 -3.89
N TYR A 70 7.19 13.62 -4.46
CA TYR A 70 7.95 14.86 -4.45
C TYR A 70 7.41 15.81 -3.38
N GLY A 71 8.31 16.39 -2.60
CA GLY A 71 7.93 17.32 -1.57
C GLY A 71 9.13 17.83 -0.81
N ASN A 72 8.91 18.78 0.10
CA ASN A 72 9.99 19.31 0.91
C ASN A 72 10.41 18.29 1.97
N PHE A 73 9.47 17.96 2.85
CA PHE A 73 9.72 16.95 3.86
C PHE A 73 9.43 15.56 3.30
N GLN A 74 10.41 15.01 2.59
CA GLN A 74 10.29 13.69 1.98
C GLN A 74 9.98 12.61 3.01
N THR A 75 10.31 12.89 4.27
CA THR A 75 9.94 12.03 5.39
C THR A 75 8.47 11.59 5.29
N ARG A 76 7.61 12.50 4.82
CA ARG A 76 6.18 12.22 4.68
C ARG A 76 5.94 11.04 3.73
N VAL A 77 6.81 10.88 2.74
CA VAL A 77 6.66 9.83 1.75
C VAL A 77 6.97 8.46 2.35
N ILE A 78 8.00 8.41 3.18
CA ILE A 78 8.35 7.19 3.88
C ILE A 78 7.23 6.79 4.85
N GLU A 79 6.72 7.79 5.55
CA GLU A 79 5.59 7.59 6.45
C GLU A 79 4.37 7.18 5.65
N LEU A 80 4.22 7.75 4.46
CA LEU A 80 3.15 7.42 3.55
C LEU A 80 3.15 5.91 3.27
N ASN A 81 4.33 5.38 2.94
CA ASN A 81 4.48 3.95 2.72
C ASN A 81 4.25 3.17 4.01
N TYR A 82 4.74 3.72 5.11
CA TYR A 82 4.61 3.12 6.42
C TYR A 82 3.13 2.93 6.78
N LYS A 83 2.37 4.01 6.64
CA LYS A 83 0.96 4.02 7.01
C LYS A 83 0.12 3.15 6.08
N HIS A 84 0.60 2.94 4.86
CA HIS A 84 -0.13 2.14 3.88
C HIS A 84 0.24 0.66 3.96
N LEU A 85 1.51 0.37 4.13
CA LEU A 85 1.99 -1.01 4.06
C LEU A 85 1.94 -1.69 5.42
N LEU A 86 2.35 -0.99 6.47
CA LEU A 86 2.28 -1.56 7.81
C LEU A 86 1.02 -1.12 8.52
N GLY A 87 0.45 -0.01 8.05
CA GLY A 87 -0.82 0.45 8.59
C GLY A 87 -0.68 1.32 9.81
N ARG A 88 0.51 1.86 10.03
CA ARG A 88 0.71 2.79 11.13
C ARG A 88 1.90 3.70 10.86
N ALA A 89 2.15 4.62 11.78
CA ALA A 89 3.25 5.56 11.63
C ALA A 89 4.51 4.98 12.27
N PRO A 90 5.70 5.46 11.85
CA PRO A 90 6.97 5.02 12.43
C PRO A 90 6.98 5.17 13.95
N TYR A 91 7.59 4.22 14.63
CA TYR A 91 7.61 4.22 16.08
C TYR A 91 8.64 5.21 16.58
N ASP A 92 9.72 5.34 15.82
CA ASP A 92 10.77 6.30 16.13
C ASP A 92 11.37 6.81 14.83
N GLU A 93 12.00 7.97 14.88
CA GLU A 93 12.58 8.55 13.68
C GLU A 93 13.86 7.81 13.30
N SER A 94 14.35 6.96 14.19
CA SER A 94 15.47 6.08 13.89
C SER A 94 15.12 5.18 12.72
N GLU A 95 13.87 4.71 12.69
CA GLU A 95 13.37 3.91 11.59
C GLU A 95 13.36 4.75 10.31
N VAL A 96 12.97 6.01 10.47
CA VAL A 96 12.94 6.94 9.36
C VAL A 96 14.35 7.12 8.78
N ILE A 97 15.33 7.28 9.67
CA ILE A 97 16.72 7.43 9.27
C ILE A 97 17.17 6.22 8.43
N PHE A 98 16.82 5.03 8.90
CA PHE A 98 17.12 3.79 8.18
C PHE A 98 16.48 3.81 6.79
N HIS A 99 15.24 4.26 6.72
CA HIS A 99 14.51 4.29 5.45
C HIS A 99 15.04 5.38 4.53
N LEU A 100 15.46 6.51 5.12
CA LEU A 100 16.08 7.58 4.35
C LEU A 100 17.34 7.08 3.67
N ASP A 101 18.18 6.41 4.46
CA ASP A 101 19.41 5.79 3.95
C ASP A 101 19.10 4.82 2.83
N LEU A 102 18.13 3.94 3.07
CA LEU A 102 17.69 2.95 2.09
C LEU A 102 17.17 3.63 0.83
N TYR A 103 16.36 4.65 1.02
CA TYR A 103 15.72 5.37 -0.07
C TYR A 103 16.74 6.13 -0.92
N GLU A 104 17.76 6.70 -0.29
CA GLU A 104 18.75 7.49 -1.02
C GLU A 104 19.81 6.61 -1.68
N ASN A 105 20.16 5.49 -1.04
CA ASN A 105 21.17 4.60 -1.59
C ASN A 105 20.59 3.68 -2.65
N GLU A 106 19.60 2.89 -2.26
CA GLU A 106 19.05 1.89 -3.17
C GLU A 106 17.83 2.42 -3.92
N GLY A 107 17.08 3.28 -3.27
CA GLY A 107 15.97 3.93 -3.94
C GLY A 107 14.63 3.57 -3.32
N PHE A 108 13.56 4.18 -3.85
CA PHE A 108 12.21 3.92 -3.37
C PHE A 108 11.81 2.46 -3.61
N ASP A 109 12.46 1.85 -4.60
CA ASP A 109 12.24 0.44 -4.91
C ASP A 109 12.48 -0.42 -3.68
N ALA A 110 13.61 -0.19 -3.01
CA ALA A 110 13.99 -0.96 -1.84
C ALA A 110 13.19 -0.54 -0.62
N ASP A 111 12.88 0.76 -0.53
CA ASP A 111 12.10 1.28 0.60
C ASP A 111 10.74 0.61 0.69
N ILE A 112 9.97 0.71 -0.38
CA ILE A 112 8.64 0.12 -0.44
C ILE A 112 8.72 -1.40 -0.30
N ASP A 113 9.75 -1.98 -0.90
CA ASP A 113 9.90 -3.44 -0.92
C ASP A 113 10.18 -4.00 0.46
N SER A 114 10.89 -3.23 1.29
CA SER A 114 11.32 -3.69 2.61
C SER A 114 10.12 -4.08 3.48
N TYR A 115 9.05 -3.30 3.40
CA TYR A 115 7.84 -3.56 4.19
C TYR A 115 7.21 -4.89 3.78
N ILE A 116 7.26 -5.16 2.48
CA ILE A 116 6.54 -6.27 1.89
C ILE A 116 7.38 -7.55 1.88
N ASP A 117 8.68 -7.39 2.10
CA ASP A 117 9.60 -8.52 2.08
C ASP A 117 9.48 -9.35 3.36
N SER A 118 8.85 -8.79 4.38
CA SER A 118 8.69 -9.49 5.64
C SER A 118 7.36 -10.25 5.69
N PRO A 119 7.41 -11.59 5.67
CA PRO A 119 6.22 -12.43 5.74
C PRO A 119 5.62 -12.43 7.14
N GLU A 120 6.46 -12.17 8.14
CA GLU A 120 6.03 -12.12 9.53
C GLU A 120 4.95 -11.07 9.70
N TYR A 121 5.25 -9.84 9.26
CA TYR A 121 4.32 -8.74 9.38
C TYR A 121 3.16 -8.89 8.39
N THR A 122 3.45 -9.46 7.22
CA THR A 122 2.40 -9.72 6.24
C THR A 122 1.33 -10.61 6.83
N ASN A 123 1.73 -11.78 7.32
CA ASN A 123 0.81 -12.75 7.89
C ASN A 123 0.14 -12.20 9.16
N SER A 124 0.84 -11.28 9.83
CA SER A 124 0.36 -10.73 11.09
C SER A 124 -0.71 -9.64 10.86
N PHE A 125 -0.79 -9.11 9.65
CA PHE A 125 -1.72 -8.02 9.38
C PHE A 125 -2.80 -8.45 8.39
N GLY A 126 -2.43 -9.23 7.39
CA GLY A 126 -3.40 -9.71 6.44
C GLY A 126 -2.77 -10.06 5.09
N ASP A 127 -2.61 -11.35 4.84
CA ASP A 127 -2.05 -11.82 3.58
C ASP A 127 -2.99 -11.51 2.41
N TRP A 128 -4.28 -11.57 2.70
CA TRP A 128 -5.30 -11.29 1.70
C TRP A 128 -6.17 -10.11 2.15
N VAL A 129 -5.59 -9.25 2.98
CA VAL A 129 -6.33 -8.13 3.54
C VAL A 129 -5.66 -6.81 3.17
N VAL A 130 -6.46 -5.83 2.78
CA VAL A 130 -5.97 -4.49 2.50
C VAL A 130 -5.75 -3.74 3.80
N PRO A 131 -4.50 -3.31 4.05
CA PRO A 131 -4.12 -2.63 5.28
C PRO A 131 -4.97 -1.41 5.62
N TYR A 132 -5.26 -1.23 6.90
CA TYR A 132 -5.97 -0.07 7.38
C TYR A 132 -5.12 0.62 8.44
N TYR A 133 -5.54 1.79 8.90
CA TYR A 133 -4.75 2.54 9.86
C TYR A 133 -4.98 2.03 11.28
N ARG A 134 -3.88 1.76 11.97
CA ARG A 134 -3.86 1.21 13.32
C ARG A 134 -4.38 -0.22 13.32
N GLY A 135 -3.58 -1.11 12.75
CA GLY A 135 -3.92 -2.52 12.75
C GLY A 135 -2.91 -3.37 13.48
N LEU A 136 -2.99 -3.34 14.81
CA LEU A 136 -2.14 -4.17 15.67
C LEU A 136 -0.66 -3.84 15.51
N GLU A 137 -0.18 -2.98 16.40
CA GLU A 137 1.24 -2.63 16.44
C GLU A 137 2.02 -3.72 17.17
N HIS A 138 1.32 -4.41 18.07
CA HIS A 138 1.85 -5.59 18.71
C HIS A 138 0.88 -6.74 18.46
N HIS A 139 1.34 -7.77 17.75
CA HIS A 139 0.45 -8.85 17.33
C HIS A 139 -0.23 -9.54 18.52
N HIS A 140 -1.55 -9.35 18.59
CA HIS A 140 -2.40 -9.88 19.65
C HIS A 140 -2.02 -9.34 21.03
N HIS A 141 -1.10 -10.02 21.71
CA HIS A 141 -0.74 -9.62 23.07
C HIS A 141 0.59 -10.27 23.49
N HIS A 142 0.93 -10.12 24.76
CA HIS A 142 2.15 -10.71 25.29
C HIS A 142 1.83 -11.49 26.57
N HIS A 143 2.86 -12.06 27.20
CA HIS A 143 2.67 -12.78 28.45
C HIS A 143 3.05 -11.88 29.62
N MET A 1 -16.43 -4.95 9.88
CA MET A 1 -15.53 -5.94 9.24
C MET A 1 -14.48 -5.25 8.38
N PRO A 2 -13.21 -5.62 8.54
CA PRO A 2 -12.12 -5.09 7.72
C PRO A 2 -12.26 -5.49 6.25
N VAL A 3 -11.69 -4.70 5.36
CA VAL A 3 -11.75 -5.00 3.94
C VAL A 3 -10.66 -5.99 3.57
N GLU A 4 -11.07 -7.22 3.30
CA GLU A 4 -10.14 -8.29 2.97
C GLU A 4 -10.69 -9.16 1.85
N LEU A 5 -9.80 -9.69 1.03
CA LEU A 5 -10.21 -10.53 -0.10
C LEU A 5 -9.89 -11.99 0.18
N ARG A 6 -10.90 -12.75 0.54
CA ARG A 6 -10.71 -14.18 0.80
C ARG A 6 -10.50 -14.93 -0.51
N ALA A 7 -9.77 -16.04 -0.43
CA ALA A 7 -9.44 -16.83 -1.61
C ALA A 7 -10.67 -17.21 -2.41
N ASN A 8 -11.74 -17.56 -1.73
CA ASN A 8 -13.02 -17.79 -2.40
C ASN A 8 -13.84 -16.51 -2.37
N TRP A 9 -13.66 -15.69 -3.38
CA TRP A 9 -14.34 -14.41 -3.45
C TRP A 9 -15.30 -14.35 -4.62
N SER A 10 -16.24 -13.43 -4.54
CA SER A 10 -17.13 -13.14 -5.65
C SER A 10 -16.77 -11.77 -6.21
N GLU A 11 -17.32 -11.41 -7.37
CA GLU A 11 -17.02 -10.12 -7.99
C GLU A 11 -17.31 -8.96 -7.03
N GLU A 12 -18.36 -9.12 -6.23
CA GLU A 12 -18.74 -8.13 -5.23
C GLU A 12 -17.63 -7.93 -4.18
N ASP A 13 -16.97 -9.03 -3.80
CA ASP A 13 -15.84 -8.96 -2.89
C ASP A 13 -14.72 -8.17 -3.52
N LEU A 14 -14.36 -8.57 -4.73
CA LEU A 14 -13.26 -7.95 -5.46
C LEU A 14 -13.49 -6.45 -5.62
N GLU A 15 -14.72 -6.09 -5.98
CA GLU A 15 -15.09 -4.69 -6.17
C GLU A 15 -14.79 -3.87 -4.91
N THR A 16 -15.28 -4.35 -3.77
CA THR A 16 -15.09 -3.66 -2.50
C THR A 16 -13.61 -3.52 -2.17
N VAL A 17 -12.84 -4.58 -2.44
CA VAL A 17 -11.42 -4.59 -2.17
C VAL A 17 -10.70 -3.58 -3.07
N ILE A 18 -10.97 -3.64 -4.36
CA ILE A 18 -10.37 -2.72 -5.32
C ILE A 18 -10.73 -1.27 -4.99
N ARG A 19 -11.98 -1.07 -4.57
CA ARG A 19 -12.48 0.26 -4.23
C ARG A 19 -11.76 0.80 -3.00
N ALA A 20 -11.35 -0.09 -2.11
CA ALA A 20 -10.66 0.30 -0.88
C ALA A 20 -9.16 0.50 -1.12
N VAL A 21 -8.57 -0.35 -1.97
CA VAL A 21 -7.16 -0.23 -2.31
C VAL A 21 -6.91 1.06 -3.07
N TYR A 22 -7.68 1.30 -4.12
CA TYR A 22 -7.60 2.55 -4.84
C TYR A 22 -8.43 3.61 -4.12
N ARG A 23 -7.91 4.05 -2.99
CA ARG A 23 -8.60 5.02 -2.15
C ARG A 23 -8.38 6.41 -2.73
N GLN A 24 -9.38 6.88 -3.45
CA GLN A 24 -9.28 8.14 -4.17
C GLN A 24 -9.49 9.32 -3.24
N VAL A 25 -8.40 9.80 -2.66
CA VAL A 25 -8.42 11.03 -1.89
C VAL A 25 -8.48 12.21 -2.85
N LEU A 26 -7.57 12.19 -3.82
CA LEU A 26 -7.56 13.13 -4.92
C LEU A 26 -7.48 12.35 -6.23
N GLY A 27 -7.31 13.06 -7.33
CA GLY A 27 -7.18 12.41 -8.62
C GLY A 27 -6.35 13.20 -9.59
N ASN A 28 -5.56 12.50 -10.40
CA ASN A 28 -4.78 13.14 -11.44
C ASN A 28 -5.64 13.43 -12.66
N ASP A 29 -5.17 14.31 -13.52
CA ASP A 29 -5.92 14.68 -14.72
C ASP A 29 -5.64 13.70 -15.85
N TYR A 30 -6.18 13.99 -17.02
CA TYR A 30 -6.03 13.10 -18.16
C TYR A 30 -4.65 13.26 -18.80
N VAL A 31 -3.67 12.59 -18.22
CA VAL A 31 -2.32 12.57 -18.77
C VAL A 31 -2.20 11.49 -19.84
N MET A 32 -3.33 10.82 -20.09
CA MET A 32 -3.45 9.80 -21.14
C MET A 32 -2.63 8.55 -20.81
N ALA A 33 -2.47 8.28 -19.52
CA ALA A 33 -1.85 7.03 -19.08
C ALA A 33 -2.80 5.88 -19.34
N SER A 34 -4.04 6.04 -18.88
CA SER A 34 -5.14 5.14 -19.19
C SER A 34 -4.88 3.69 -18.76
N GLU A 35 -3.99 3.51 -17.78
CA GLU A 35 -3.75 2.18 -17.23
C GLU A 35 -4.55 1.99 -15.95
N ARG A 36 -4.26 2.82 -14.96
CA ARG A 36 -4.95 2.78 -13.66
C ARG A 36 -4.75 1.44 -12.95
N LEU A 37 -3.77 0.68 -13.46
CA LEU A 37 -3.40 -0.61 -12.88
C LEU A 37 -4.55 -1.63 -12.99
N VAL A 38 -5.37 -1.47 -14.03
CA VAL A 38 -6.45 -2.41 -14.28
C VAL A 38 -5.87 -3.77 -14.65
N SER A 39 -4.65 -3.76 -15.18
CA SER A 39 -3.93 -4.99 -15.46
C SER A 39 -3.63 -5.75 -14.16
N ALA A 40 -3.25 -5.00 -13.13
CA ALA A 40 -2.98 -5.58 -11.81
C ALA A 40 -4.27 -6.14 -11.21
N GLU A 41 -5.37 -5.44 -11.45
CA GLU A 41 -6.69 -5.90 -11.04
C GLU A 41 -6.99 -7.25 -11.68
N SER A 42 -6.67 -7.37 -12.96
CA SER A 42 -6.85 -8.61 -13.70
C SER A 42 -5.96 -9.72 -13.13
N LEU A 43 -4.72 -9.37 -12.80
CA LEU A 43 -3.78 -10.32 -12.22
C LEU A 43 -4.35 -10.91 -10.94
N LEU A 44 -4.87 -10.04 -10.08
CA LEU A 44 -5.49 -10.46 -8.83
C LEU A 44 -6.76 -11.25 -9.12
N ARG A 45 -7.57 -10.76 -10.05
CA ARG A 45 -8.85 -11.37 -10.38
C ARG A 45 -8.68 -12.79 -10.90
N ASN A 46 -7.64 -13.02 -11.69
CA ASN A 46 -7.45 -14.33 -12.30
C ASN A 46 -6.57 -15.22 -11.44
N GLY A 47 -6.29 -14.76 -10.23
CA GLY A 47 -5.54 -15.57 -9.27
C GLY A 47 -4.09 -15.72 -9.65
N LYS A 48 -3.52 -14.72 -10.29
CA LYS A 48 -2.13 -14.74 -10.66
C LYS A 48 -1.26 -14.19 -9.54
N ILE A 49 -1.82 -13.25 -8.80
CA ILE A 49 -1.12 -12.64 -7.67
C ILE A 49 -2.08 -12.52 -6.48
N THR A 50 -1.53 -12.25 -5.30
CA THR A 50 -2.35 -12.04 -4.13
C THR A 50 -2.54 -10.53 -3.91
N VAL A 51 -3.22 -10.18 -2.81
CA VAL A 51 -3.41 -8.78 -2.46
C VAL A 51 -2.06 -8.11 -2.20
N ARG A 52 -1.09 -8.90 -1.77
CA ARG A 52 0.25 -8.38 -1.48
C ARG A 52 0.89 -7.83 -2.75
N GLU A 53 0.89 -8.63 -3.81
CA GLU A 53 1.45 -8.20 -5.09
C GLU A 53 0.63 -7.08 -5.68
N PHE A 54 -0.68 -7.13 -5.44
CA PHE A 54 -1.61 -6.13 -5.93
C PHE A 54 -1.26 -4.76 -5.33
N VAL A 55 -1.19 -4.71 -4.01
CA VAL A 55 -0.84 -3.47 -3.30
C VAL A 55 0.58 -3.04 -3.66
N ARG A 56 1.46 -4.01 -3.85
CA ARG A 56 2.84 -3.72 -4.24
C ARG A 56 2.87 -3.02 -5.59
N ALA A 57 2.06 -3.48 -6.53
CA ALA A 57 1.99 -2.88 -7.85
C ALA A 57 1.45 -1.46 -7.78
N VAL A 58 0.52 -1.25 -6.85
CA VAL A 58 -0.08 0.07 -6.66
C VAL A 58 0.94 1.03 -6.01
N ALA A 59 1.62 0.56 -4.99
CA ALA A 59 2.57 1.40 -4.25
C ALA A 59 3.83 1.66 -5.05
N LYS A 60 4.24 0.67 -5.85
CA LYS A 60 5.47 0.78 -6.61
C LYS A 60 5.20 1.16 -8.06
N SER A 61 4.00 1.66 -8.33
CA SER A 61 3.64 2.11 -9.67
C SER A 61 4.48 3.33 -10.05
N GLU A 62 4.40 3.74 -11.32
CA GLU A 62 5.23 4.84 -11.81
C GLU A 62 4.65 6.20 -11.42
N LEU A 63 5.47 7.25 -11.61
CA LEU A 63 5.12 8.63 -11.24
C LEU A 63 5.13 8.82 -9.72
N TYR A 64 4.95 10.06 -9.29
CA TYR A 64 4.83 10.41 -7.87
C TYR A 64 6.05 9.92 -7.07
N LYS A 65 7.21 10.53 -7.30
CA LYS A 65 8.44 10.14 -6.60
C LYS A 65 9.40 11.31 -6.43
N GLU A 66 10.53 11.01 -5.76
CA GLU A 66 11.63 11.96 -5.54
C GLU A 66 11.27 13.04 -4.53
N LYS A 67 11.55 12.74 -3.25
CA LYS A 67 11.27 13.65 -2.12
C LYS A 67 9.78 13.91 -1.96
N PHE A 68 9.22 13.48 -0.82
CA PHE A 68 7.76 13.47 -0.60
C PHE A 68 7.08 12.47 -1.54
N LEU A 69 7.85 11.97 -2.50
CA LEU A 69 7.32 11.24 -3.63
C LEU A 69 6.54 12.19 -4.53
N TYR A 70 7.07 13.41 -4.71
CA TYR A 70 6.50 14.38 -5.65
C TYR A 70 7.19 15.74 -5.53
N GLY A 71 7.48 16.15 -4.29
CA GLY A 71 8.01 17.48 -4.06
C GLY A 71 9.34 17.50 -3.34
N ASN A 72 9.31 17.82 -2.04
CA ASN A 72 10.54 17.95 -1.25
C ASN A 72 10.48 17.09 0.00
N PHE A 73 11.60 17.05 0.74
CA PHE A 73 11.71 16.27 1.98
C PHE A 73 11.73 14.76 1.72
N GLN A 74 12.91 14.17 1.82
CA GLN A 74 13.06 12.71 1.69
C GLN A 74 12.33 11.98 2.81
N THR A 75 12.42 12.54 4.01
CA THR A 75 11.78 11.94 5.18
C THR A 75 10.27 11.77 4.96
N ARG A 76 9.69 12.67 4.19
CA ARG A 76 8.25 12.67 3.96
C ARG A 76 7.84 11.45 3.14
N VAL A 77 8.78 10.92 2.36
CA VAL A 77 8.53 9.71 1.57
C VAL A 77 8.23 8.55 2.49
N ILE A 78 9.11 8.34 3.47
CA ILE A 78 8.98 7.26 4.44
C ILE A 78 7.65 7.36 5.18
N GLU A 79 7.33 8.58 5.61
CA GLU A 79 6.11 8.83 6.38
C GLU A 79 4.87 8.50 5.56
N LEU A 80 4.87 8.88 4.29
CA LEU A 80 3.73 8.62 3.42
C LEU A 80 3.61 7.15 3.09
N ASN A 81 4.74 6.47 2.90
CA ASN A 81 4.73 5.04 2.61
C ASN A 81 4.13 4.27 3.77
N TYR A 82 4.51 4.64 4.98
CA TYR A 82 3.96 4.01 6.18
C TYR A 82 2.46 4.26 6.30
N LYS A 83 2.05 5.50 6.04
CA LYS A 83 0.62 5.84 6.07
C LYS A 83 -0.17 5.07 5.01
N HIS A 84 0.49 4.79 3.90
CA HIS A 84 -0.17 4.13 2.77
C HIS A 84 -0.25 2.62 2.96
N LEU A 85 0.70 2.05 3.69
CA LEU A 85 0.75 0.60 3.85
C LEU A 85 0.21 0.17 5.21
N LEU A 86 0.74 0.73 6.28
CA LEU A 86 0.39 0.30 7.63
C LEU A 86 -0.53 1.28 8.32
N GLY A 87 -0.44 2.54 7.91
CA GLY A 87 -1.23 3.58 8.52
C GLY A 87 -0.69 3.96 9.88
N ARG A 88 0.54 3.55 10.15
CA ARG A 88 1.18 3.78 11.42
C ARG A 88 2.50 4.54 11.21
N ALA A 89 2.71 5.58 12.00
CA ALA A 89 3.90 6.41 11.90
C ALA A 89 5.17 5.59 12.17
N PRO A 90 6.32 6.04 11.64
CA PRO A 90 7.62 5.38 11.87
C PRO A 90 7.88 5.13 13.35
N TYR A 91 8.51 4.00 13.64
CA TYR A 91 8.65 3.53 15.02
C TYR A 91 9.58 4.41 15.84
N ASP A 92 10.61 4.96 15.21
CA ASP A 92 11.59 5.79 15.92
C ASP A 92 12.28 6.73 14.93
N GLU A 93 13.01 7.71 15.47
CA GLU A 93 13.80 8.61 14.63
C GLU A 93 14.89 7.82 13.92
N SER A 94 15.49 6.88 14.64
CA SER A 94 16.53 6.02 14.09
C SER A 94 15.93 5.11 13.03
N GLU A 95 14.68 4.71 13.25
CA GLU A 95 13.93 3.92 12.30
C GLU A 95 13.82 4.69 10.98
N VAL A 96 13.53 5.97 11.10
CA VAL A 96 13.50 6.86 9.93
C VAL A 96 14.86 6.93 9.27
N ILE A 97 15.92 7.03 10.07
CA ILE A 97 17.29 7.08 9.57
C ILE A 97 17.60 5.82 8.76
N PHE A 98 17.16 4.68 9.27
CA PHE A 98 17.35 3.40 8.59
C PHE A 98 16.68 3.44 7.21
N HIS A 99 15.48 4.00 7.16
CA HIS A 99 14.73 4.09 5.89
C HIS A 99 15.36 5.12 4.95
N LEU A 100 15.88 6.20 5.52
CA LEU A 100 16.59 7.21 4.73
C LEU A 100 17.76 6.56 4.01
N ASP A 101 18.52 5.79 4.77
CA ASP A 101 19.66 5.05 4.21
C ASP A 101 19.16 3.99 3.22
N LEU A 102 18.02 3.39 3.53
CA LEU A 102 17.42 2.37 2.66
C LEU A 102 17.05 2.98 1.31
N TYR A 103 16.50 4.19 1.35
CA TYR A 103 16.11 4.91 0.13
C TYR A 103 17.35 5.21 -0.72
N GLU A 104 18.45 5.52 -0.05
CA GLU A 104 19.70 5.81 -0.75
C GLU A 104 20.35 4.53 -1.27
N ASN A 105 20.44 3.52 -0.41
CA ASN A 105 21.12 2.27 -0.74
C ASN A 105 20.35 1.45 -1.76
N GLU A 106 19.12 1.10 -1.42
CA GLU A 106 18.33 0.19 -2.22
C GLU A 106 17.28 0.95 -3.02
N GLY A 107 16.74 1.99 -2.42
CA GLY A 107 15.77 2.81 -3.10
C GLY A 107 14.37 2.67 -2.52
N PHE A 108 13.45 3.45 -3.07
CA PHE A 108 12.05 3.41 -2.64
C PHE A 108 11.45 2.02 -2.85
N ASP A 109 12.02 1.26 -3.79
CA ASP A 109 11.61 -0.12 -4.01
C ASP A 109 11.65 -0.91 -2.73
N ALA A 110 12.84 -0.98 -2.13
CA ALA A 110 13.04 -1.75 -0.91
C ALA A 110 12.27 -1.13 0.26
N ASP A 111 12.06 0.17 0.22
CA ASP A 111 11.30 0.84 1.27
C ASP A 111 9.87 0.31 1.28
N ILE A 112 9.29 0.18 0.10
CA ILE A 112 7.96 -0.39 -0.04
C ILE A 112 8.00 -1.88 0.31
N ASP A 113 9.01 -2.56 -0.23
CA ASP A 113 9.18 -4.00 -0.03
C ASP A 113 9.43 -4.34 1.44
N SER A 114 9.87 -3.36 2.24
CA SER A 114 10.09 -3.56 3.67
C SER A 114 8.91 -4.28 4.33
N TYR A 115 7.69 -3.88 3.96
CA TYR A 115 6.49 -4.51 4.48
C TYR A 115 6.06 -5.70 3.63
N ILE A 116 5.95 -5.48 2.32
CA ILE A 116 5.31 -6.44 1.43
C ILE A 116 6.18 -7.68 1.15
N ASP A 117 7.49 -7.49 1.18
CA ASP A 117 8.41 -8.59 0.86
C ASP A 117 8.67 -9.44 2.10
N SER A 118 8.30 -8.93 3.26
CA SER A 118 8.53 -9.63 4.51
C SER A 118 7.26 -10.34 4.98
N PRO A 119 7.32 -11.67 5.07
CA PRO A 119 6.17 -12.49 5.49
C PRO A 119 5.69 -12.15 6.89
N GLU A 120 6.62 -11.90 7.80
CA GLU A 120 6.28 -11.63 9.20
C GLU A 120 5.37 -10.40 9.32
N TYR A 121 5.74 -9.35 8.61
CA TYR A 121 5.00 -8.10 8.70
C TYR A 121 3.64 -8.20 8.02
N THR A 122 3.55 -8.96 6.94
CA THR A 122 2.29 -9.15 6.25
C THR A 122 1.38 -10.12 7.02
N ASN A 123 1.93 -11.27 7.38
CA ASN A 123 1.18 -12.29 8.11
C ASN A 123 0.73 -11.76 9.47
N SER A 124 1.39 -10.70 9.93
CA SER A 124 1.06 -10.07 11.20
C SER A 124 -0.44 -9.84 11.35
N PHE A 125 -1.07 -9.25 10.34
CA PHE A 125 -2.50 -8.95 10.42
C PHE A 125 -3.28 -9.49 9.22
N GLY A 126 -2.59 -9.91 8.17
CA GLY A 126 -3.29 -10.52 7.05
C GLY A 126 -2.59 -10.33 5.72
N ASP A 127 -2.68 -11.35 4.87
CA ASP A 127 -2.08 -11.33 3.55
C ASP A 127 -3.04 -10.71 2.54
N TRP A 128 -4.32 -10.93 2.78
CA TRP A 128 -5.35 -10.53 1.85
C TRP A 128 -6.08 -9.28 2.35
N VAL A 129 -5.45 -8.56 3.25
CA VAL A 129 -6.05 -7.37 3.84
C VAL A 129 -5.63 -6.11 3.09
N VAL A 130 -6.58 -5.19 2.92
CA VAL A 130 -6.30 -3.92 2.27
C VAL A 130 -5.53 -3.00 3.22
N PRO A 131 -4.49 -2.31 2.69
CA PRO A 131 -3.66 -1.36 3.45
C PRO A 131 -4.46 -0.51 4.42
N TYR A 132 -4.12 -0.64 5.69
CA TYR A 132 -4.85 0.01 6.77
C TYR A 132 -4.33 1.42 7.02
N TYR A 133 -5.22 2.34 7.35
CA TYR A 133 -4.83 3.57 8.00
C TYR A 133 -5.32 3.52 9.44
N ARG A 134 -4.40 3.65 10.38
CA ARG A 134 -4.75 3.53 11.79
C ARG A 134 -5.52 4.76 12.26
N GLY A 135 -6.83 4.63 12.34
CA GLY A 135 -7.66 5.74 12.76
C GLY A 135 -8.44 6.33 11.59
N LEU A 136 -8.22 7.61 11.33
CA LEU A 136 -8.82 8.33 10.22
C LEU A 136 -10.32 8.58 10.43
N GLU A 137 -11.05 7.54 10.76
CA GLU A 137 -12.48 7.63 10.92
C GLU A 137 -12.85 8.14 12.31
N HIS A 138 -13.45 9.32 12.35
CA HIS A 138 -13.96 9.86 13.60
C HIS A 138 -15.35 10.45 13.41
N HIS A 139 -16.31 9.54 13.24
CA HIS A 139 -17.71 9.91 13.13
C HIS A 139 -18.53 9.02 14.05
N HIS A 140 -19.00 9.59 15.15
CA HIS A 140 -19.85 8.86 16.08
C HIS A 140 -20.67 9.85 16.90
N HIS A 141 -21.79 10.28 16.33
CA HIS A 141 -22.75 11.15 17.01
C HIS A 141 -22.21 12.58 17.16
N HIS A 142 -23.09 13.55 16.93
CA HIS A 142 -22.74 14.96 17.06
C HIS A 142 -23.70 15.67 18.01
N HIS A 143 -24.72 14.95 18.43
CA HIS A 143 -25.66 15.43 19.43
C HIS A 143 -25.83 14.37 20.51
N MET A 1 -14.70 -7.59 10.17
CA MET A 1 -13.26 -7.29 10.34
C MET A 1 -12.80 -6.32 9.24
N PRO A 2 -11.54 -5.82 9.30
CA PRO A 2 -10.98 -4.98 8.25
C PRO A 2 -11.08 -5.64 6.88
N VAL A 3 -11.13 -4.82 5.83
CA VAL A 3 -11.30 -5.31 4.46
C VAL A 3 -10.26 -6.36 4.09
N GLU A 4 -10.71 -7.60 3.96
CA GLU A 4 -9.85 -8.70 3.58
C GLU A 4 -10.36 -9.34 2.29
N LEU A 5 -9.47 -10.00 1.56
CA LEU A 5 -9.85 -10.72 0.37
C LEU A 5 -9.69 -12.21 0.60
N ARG A 6 -10.80 -12.88 0.87
CA ARG A 6 -10.78 -14.31 1.14
C ARG A 6 -10.73 -15.09 -0.16
N ALA A 7 -10.25 -16.33 -0.09
CA ALA A 7 -10.11 -17.18 -1.27
C ALA A 7 -11.45 -17.73 -1.76
N ASN A 8 -12.48 -16.90 -1.65
CA ASN A 8 -13.81 -17.24 -2.09
C ASN A 8 -14.67 -15.99 -2.06
N TRP A 9 -14.47 -15.15 -3.06
CA TRP A 9 -15.11 -13.84 -3.09
C TRP A 9 -16.01 -13.70 -4.31
N SER A 10 -16.79 -12.62 -4.32
CA SER A 10 -17.56 -12.25 -5.49
C SER A 10 -17.02 -10.92 -6.02
N GLU A 11 -17.50 -10.51 -7.18
CA GLU A 11 -17.03 -9.27 -7.80
C GLU A 11 -17.34 -8.06 -6.93
N GLU A 12 -18.45 -8.10 -6.22
CA GLU A 12 -18.85 -7.02 -5.33
C GLU A 12 -17.82 -6.86 -4.21
N ASP A 13 -17.40 -8.00 -3.65
CA ASP A 13 -16.38 -8.01 -2.61
C ASP A 13 -15.05 -7.55 -3.17
N LEU A 14 -14.70 -8.06 -4.34
CA LEU A 14 -13.45 -7.72 -5.00
C LEU A 14 -13.38 -6.21 -5.28
N GLU A 15 -14.47 -5.66 -5.81
CA GLU A 15 -14.55 -4.24 -6.10
C GLU A 15 -14.32 -3.42 -4.83
N THR A 16 -14.83 -3.92 -3.71
CA THR A 16 -14.67 -3.27 -2.43
C THR A 16 -13.19 -3.19 -2.06
N VAL A 17 -12.46 -4.29 -2.30
CA VAL A 17 -11.04 -4.37 -1.98
C VAL A 17 -10.23 -3.48 -2.91
N ILE A 18 -10.47 -3.62 -4.22
CA ILE A 18 -9.72 -2.87 -5.23
C ILE A 18 -9.85 -1.35 -5.01
N ARG A 19 -11.07 -0.89 -4.85
CA ARG A 19 -11.33 0.54 -4.67
C ARG A 19 -10.78 1.05 -3.35
N ALA A 20 -10.77 0.19 -2.33
CA ALA A 20 -10.25 0.55 -1.02
C ALA A 20 -8.76 0.85 -1.10
N VAL A 21 -8.07 0.13 -1.98
CA VAL A 21 -6.64 0.32 -2.15
C VAL A 21 -6.34 1.58 -2.96
N TYR A 22 -6.95 1.69 -4.14
CA TYR A 22 -6.67 2.81 -5.03
C TYR A 22 -7.84 3.06 -5.98
N ARG A 23 -7.61 3.94 -6.97
CA ARG A 23 -8.62 4.29 -7.97
C ARG A 23 -9.78 5.02 -7.31
N GLN A 24 -9.44 5.85 -6.33
CA GLN A 24 -10.42 6.57 -5.53
C GLN A 24 -10.97 7.80 -6.28
N VAL A 25 -10.73 7.87 -7.58
CA VAL A 25 -11.21 8.96 -8.39
C VAL A 25 -12.68 8.75 -8.78
N LEU A 26 -13.48 9.80 -8.64
CA LEU A 26 -14.89 9.71 -8.95
C LEU A 26 -15.22 10.51 -10.20
N GLY A 27 -15.85 9.86 -11.17
CA GLY A 27 -16.25 10.53 -12.39
C GLY A 27 -17.51 9.94 -12.98
N ASN A 28 -18.43 10.81 -13.36
CA ASN A 28 -19.67 10.38 -13.99
C ASN A 28 -19.50 10.41 -15.50
N ASP A 29 -19.00 11.54 -16.00
CA ASP A 29 -18.73 11.69 -17.42
C ASP A 29 -17.30 12.17 -17.60
N TYR A 30 -16.58 11.53 -18.53
CA TYR A 30 -15.20 11.87 -18.83
C TYR A 30 -14.30 11.62 -17.62
N VAL A 31 -13.89 10.38 -17.45
CA VAL A 31 -13.08 10.00 -16.32
C VAL A 31 -11.60 10.01 -16.68
N MET A 32 -10.75 10.33 -15.72
CA MET A 32 -9.31 10.31 -15.92
C MET A 32 -8.64 9.36 -14.94
N ALA A 33 -8.21 8.22 -15.43
CA ALA A 33 -7.55 7.23 -14.60
C ALA A 33 -6.04 7.25 -14.82
N SER A 34 -5.33 7.96 -13.96
CA SER A 34 -3.87 7.97 -14.03
C SER A 34 -3.31 6.62 -13.58
N GLU A 35 -3.96 6.03 -12.59
CA GLU A 35 -3.56 4.75 -12.06
C GLU A 35 -4.67 3.73 -12.30
N ARG A 36 -4.54 2.98 -13.39
CA ARG A 36 -5.57 2.02 -13.76
C ARG A 36 -5.13 0.60 -13.42
N LEU A 37 -3.90 0.25 -13.80
CA LEU A 37 -3.35 -1.08 -13.54
C LEU A 37 -4.31 -2.17 -14.04
N VAL A 38 -4.83 -1.95 -15.24
CA VAL A 38 -5.85 -2.83 -15.81
C VAL A 38 -5.34 -4.26 -15.98
N SER A 39 -4.05 -4.40 -16.27
CA SER A 39 -3.44 -5.72 -16.40
C SER A 39 -3.41 -6.43 -15.06
N ALA A 40 -3.07 -5.67 -14.02
CA ALA A 40 -3.00 -6.22 -12.67
C ALA A 40 -4.40 -6.56 -12.16
N GLU A 41 -5.38 -5.74 -12.54
CA GLU A 41 -6.76 -5.97 -12.17
C GLU A 41 -7.24 -7.32 -12.69
N SER A 42 -6.99 -7.57 -13.96
CA SER A 42 -7.38 -8.84 -14.58
C SER A 42 -6.74 -10.02 -13.85
N LEU A 43 -5.46 -9.88 -13.51
CA LEU A 43 -4.74 -10.94 -12.82
C LEU A 43 -5.38 -11.26 -11.48
N LEU A 44 -5.85 -10.23 -10.78
CA LEU A 44 -6.49 -10.40 -9.48
C LEU A 44 -7.93 -10.88 -9.65
N ARG A 45 -8.62 -10.33 -10.64
CA ARG A 45 -10.03 -10.63 -10.86
C ARG A 45 -10.23 -12.07 -11.33
N ASN A 46 -9.30 -12.59 -12.10
CA ASN A 46 -9.38 -13.99 -12.54
C ASN A 46 -8.79 -14.91 -11.48
N GLY A 47 -7.90 -14.37 -10.66
CA GLY A 47 -7.33 -15.13 -9.57
C GLY A 47 -6.00 -15.79 -9.92
N LYS A 48 -5.09 -15.02 -10.50
CA LYS A 48 -3.75 -15.52 -10.81
C LYS A 48 -2.76 -15.12 -9.73
N ILE A 49 -2.79 -13.85 -9.35
CA ILE A 49 -1.82 -13.31 -8.41
C ILE A 49 -2.39 -13.29 -7.00
N THR A 50 -1.54 -12.96 -6.03
CA THR A 50 -1.98 -12.83 -4.65
C THR A 50 -2.12 -11.35 -4.29
N VAL A 51 -2.73 -11.09 -3.15
CA VAL A 51 -2.90 -9.71 -2.68
C VAL A 51 -1.54 -9.09 -2.38
N ARG A 52 -0.58 -9.93 -2.02
CA ARG A 52 0.79 -9.49 -1.79
C ARG A 52 1.34 -8.76 -3.00
N GLU A 53 1.09 -9.31 -4.18
CA GLU A 53 1.58 -8.72 -5.42
C GLU A 53 0.74 -7.52 -5.81
N PHE A 54 -0.56 -7.59 -5.52
CA PHE A 54 -1.47 -6.48 -5.79
C PHE A 54 -1.03 -5.25 -4.99
N VAL A 55 -0.75 -5.46 -3.71
CA VAL A 55 -0.22 -4.39 -2.87
C VAL A 55 1.13 -3.93 -3.40
N ARG A 56 2.00 -4.90 -3.72
CA ARG A 56 3.33 -4.61 -4.27
C ARG A 56 3.24 -3.61 -5.43
N ALA A 57 2.38 -3.92 -6.40
CA ALA A 57 2.26 -3.12 -7.61
C ALA A 57 1.83 -1.69 -7.29
N VAL A 58 0.82 -1.55 -6.45
CA VAL A 58 0.28 -0.23 -6.13
C VAL A 58 1.22 0.54 -5.21
N ALA A 59 1.79 -0.17 -4.24
CA ALA A 59 2.63 0.43 -3.20
C ALA A 59 3.80 1.21 -3.79
N LYS A 60 4.57 0.57 -4.66
CA LYS A 60 5.75 1.20 -5.23
C LYS A 60 5.41 2.05 -6.46
N SER A 61 4.14 2.37 -6.62
CA SER A 61 3.72 3.23 -7.71
C SER A 61 3.29 4.60 -7.21
N GLU A 62 2.00 4.75 -6.92
CA GLU A 62 1.41 6.04 -6.51
C GLU A 62 1.83 7.17 -7.46
N LEU A 63 2.01 6.85 -8.75
CA LEU A 63 2.41 7.81 -9.79
C LEU A 63 3.85 8.28 -9.62
N TYR A 64 4.57 7.68 -8.66
CA TYR A 64 5.97 7.98 -8.38
C TYR A 64 6.14 9.36 -7.79
N LYS A 65 5.88 10.39 -8.58
CA LYS A 65 5.98 11.76 -8.09
C LYS A 65 5.00 12.66 -8.83
N GLU A 66 4.02 13.18 -8.09
CA GLU A 66 3.10 14.15 -8.64
C GLU A 66 2.87 15.29 -7.65
N LYS A 67 2.90 14.98 -6.36
CA LYS A 67 2.79 16.00 -5.32
C LYS A 67 3.83 15.75 -4.22
N PHE A 68 4.59 14.67 -4.35
CA PHE A 68 5.61 14.35 -3.37
C PHE A 68 6.87 13.83 -4.08
N LEU A 69 7.89 13.50 -3.27
CA LEU A 69 9.17 12.97 -3.76
C LEU A 69 10.01 14.07 -4.41
N TYR A 70 11.32 13.81 -4.53
CA TYR A 70 12.29 14.77 -5.08
C TYR A 70 12.52 15.95 -4.13
N GLY A 71 11.47 16.73 -3.89
CA GLY A 71 11.57 17.90 -3.05
C GLY A 71 11.13 17.63 -1.63
N ASN A 72 11.16 18.68 -0.80
CA ASN A 72 10.76 18.58 0.60
C ASN A 72 11.73 17.65 1.35
N PHE A 73 11.27 17.08 2.45
CA PHE A 73 12.10 16.18 3.23
C PHE A 73 11.88 14.74 2.77
N GLN A 74 12.99 14.04 2.53
CA GLN A 74 12.94 12.67 2.06
C GLN A 74 12.33 11.76 3.11
N THR A 75 12.46 12.16 4.37
CA THR A 75 11.87 11.42 5.48
C THR A 75 10.36 11.37 5.34
N ARG A 76 9.77 12.52 5.04
CA ARG A 76 8.32 12.66 4.97
C ARG A 76 7.75 11.89 3.78
N VAL A 77 8.55 11.75 2.73
CA VAL A 77 8.14 10.94 1.58
C VAL A 77 7.86 9.52 2.04
N ILE A 78 8.82 8.95 2.77
CA ILE A 78 8.68 7.61 3.32
C ILE A 78 7.48 7.54 4.26
N GLU A 79 7.33 8.58 5.10
CA GLU A 79 6.21 8.65 6.04
C GLU A 79 4.87 8.61 5.29
N LEU A 80 4.82 9.28 4.15
CA LEU A 80 3.60 9.32 3.33
C LEU A 80 3.21 7.92 2.87
N ASN A 81 4.11 7.24 2.19
CA ASN A 81 3.84 5.91 1.67
C ASN A 81 3.63 4.93 2.81
N TYR A 82 4.39 5.12 3.89
CA TYR A 82 4.25 4.32 5.11
C TYR A 82 2.81 4.38 5.61
N LYS A 83 2.31 5.60 5.72
CA LYS A 83 0.95 5.85 6.19
C LYS A 83 -0.08 5.30 5.22
N HIS A 84 0.18 5.47 3.92
CA HIS A 84 -0.75 5.01 2.88
C HIS A 84 -0.93 3.50 2.92
N LEU A 85 0.17 2.80 3.12
CA LEU A 85 0.16 1.35 3.04
C LEU A 85 -0.27 0.70 4.35
N LEU A 86 0.34 1.10 5.45
CA LEU A 86 0.16 0.39 6.70
C LEU A 86 -0.90 1.03 7.59
N GLY A 87 -1.36 2.22 7.23
CA GLY A 87 -2.29 2.95 8.08
C GLY A 87 -1.69 3.22 9.44
N ARG A 88 -0.37 3.37 9.44
CA ARG A 88 0.40 3.47 10.66
C ARG A 88 1.55 4.44 10.44
N ALA A 89 1.86 5.24 11.44
CA ALA A 89 2.94 6.21 11.34
C ALA A 89 4.11 5.80 12.23
N PRO A 90 5.34 6.12 11.80
CA PRO A 90 6.55 5.82 12.58
C PRO A 90 6.53 6.51 13.94
N TYR A 91 6.78 5.73 14.99
CA TYR A 91 6.72 6.23 16.36
C TYR A 91 8.00 6.97 16.73
N ASP A 92 9.13 6.40 16.33
CA ASP A 92 10.42 6.99 16.66
C ASP A 92 11.18 7.38 15.41
N GLU A 93 12.35 7.97 15.60
CA GLU A 93 13.15 8.47 14.50
C GLU A 93 14.05 7.36 13.95
N SER A 94 14.42 6.42 14.81
CA SER A 94 15.35 5.36 14.43
C SER A 94 14.77 4.49 13.32
N GLU A 95 13.46 4.24 13.39
CA GLU A 95 12.77 3.52 12.34
C GLU A 95 12.96 4.25 11.00
N VAL A 96 12.76 5.56 11.03
CA VAL A 96 12.88 6.38 9.84
C VAL A 96 14.32 6.38 9.32
N ILE A 97 15.28 6.46 10.23
CA ILE A 97 16.70 6.46 9.86
C ILE A 97 17.07 5.19 9.09
N PHE A 98 16.52 4.06 9.53
CA PHE A 98 16.76 2.79 8.85
C PHE A 98 16.21 2.85 7.42
N HIS A 99 15.02 3.43 7.28
CA HIS A 99 14.41 3.57 5.97
C HIS A 99 15.21 4.53 5.09
N LEU A 100 15.74 5.59 5.69
CA LEU A 100 16.54 6.57 4.97
C LEU A 100 17.75 5.92 4.32
N ASP A 101 18.47 5.11 5.10
CA ASP A 101 19.64 4.42 4.59
C ASP A 101 19.25 3.50 3.44
N LEU A 102 18.20 2.72 3.64
CA LEU A 102 17.73 1.78 2.61
C LEU A 102 17.31 2.53 1.34
N TYR A 103 16.55 3.60 1.54
CA TYR A 103 16.07 4.44 0.43
C TYR A 103 17.24 5.01 -0.39
N GLU A 104 18.28 5.46 0.29
CA GLU A 104 19.41 6.09 -0.39
C GLU A 104 20.44 5.05 -0.83
N ASN A 105 20.39 3.88 -0.23
CA ASN A 105 21.36 2.82 -0.53
C ASN A 105 20.94 2.02 -1.75
N GLU A 106 19.76 1.43 -1.68
CA GLU A 106 19.30 0.55 -2.75
C GLU A 106 18.22 1.22 -3.59
N GLY A 107 17.40 2.05 -2.95
CA GLY A 107 16.42 2.81 -3.71
C GLY A 107 15.07 2.89 -3.03
N PHE A 108 14.18 3.70 -3.60
CA PHE A 108 12.84 3.87 -3.07
C PHE A 108 12.04 2.58 -3.25
N ASP A 109 12.28 1.93 -4.39
CA ASP A 109 11.66 0.65 -4.69
C ASP A 109 11.98 -0.37 -3.60
N ALA A 110 13.22 -0.34 -3.12
CA ALA A 110 13.68 -1.29 -2.13
C ALA A 110 13.04 -1.04 -0.77
N ASP A 111 12.89 0.23 -0.39
CA ASP A 111 12.30 0.55 0.90
C ASP A 111 10.82 0.18 0.93
N ILE A 112 10.13 0.44 -0.18
CA ILE A 112 8.73 0.03 -0.31
C ILE A 112 8.61 -1.49 -0.28
N ASP A 113 9.62 -2.15 -0.83
CA ASP A 113 9.61 -3.59 -0.99
C ASP A 113 9.77 -4.30 0.36
N SER A 114 10.29 -3.58 1.35
CA SER A 114 10.54 -4.16 2.67
C SER A 114 9.30 -4.82 3.26
N TYR A 115 8.16 -4.13 3.19
CA TYR A 115 6.90 -4.65 3.72
C TYR A 115 6.48 -5.92 2.98
N ILE A 116 6.87 -6.01 1.72
CA ILE A 116 6.48 -7.12 0.87
C ILE A 116 7.43 -8.30 1.07
N ASP A 117 8.70 -7.99 1.32
CA ASP A 117 9.73 -9.00 1.44
C ASP A 117 9.76 -9.60 2.84
N SER A 118 9.38 -8.81 3.84
CA SER A 118 9.41 -9.28 5.22
C SER A 118 8.12 -10.04 5.57
N PRO A 119 8.24 -11.31 5.97
CA PRO A 119 7.10 -12.11 6.38
C PRO A 119 6.47 -11.55 7.67
N GLU A 120 7.30 -10.87 8.46
CA GLU A 120 6.86 -10.28 9.71
C GLU A 120 5.75 -9.26 9.47
N TYR A 121 6.04 -8.24 8.66
CA TYR A 121 5.07 -7.22 8.33
C TYR A 121 3.89 -7.81 7.57
N THR A 122 4.19 -8.74 6.67
CA THR A 122 3.17 -9.43 5.90
C THR A 122 2.14 -10.10 6.82
N ASN A 123 2.61 -10.90 7.76
CA ASN A 123 1.73 -11.66 8.65
C ASN A 123 1.14 -10.75 9.72
N SER A 124 1.79 -9.61 9.95
CA SER A 124 1.35 -8.66 10.97
C SER A 124 -0.02 -8.09 10.61
N PHE A 125 -0.16 -7.62 9.37
CA PHE A 125 -1.42 -7.04 8.92
C PHE A 125 -2.26 -8.05 8.17
N GLY A 126 -1.58 -8.94 7.44
CA GLY A 126 -2.27 -9.94 6.65
C GLY A 126 -1.85 -9.89 5.20
N ASP A 127 -1.60 -11.05 4.60
CA ASP A 127 -1.21 -11.13 3.20
C ASP A 127 -2.39 -10.76 2.33
N TRP A 128 -3.53 -11.38 2.59
CA TRP A 128 -4.75 -11.17 1.81
C TRP A 128 -5.64 -10.12 2.47
N VAL A 129 -5.09 -9.40 3.43
CA VAL A 129 -5.84 -8.37 4.14
C VAL A 129 -5.26 -6.99 3.82
N VAL A 130 -6.14 -6.04 3.58
CA VAL A 130 -5.70 -4.67 3.35
C VAL A 130 -5.40 -4.01 4.70
N PRO A 131 -4.13 -3.60 4.90
CA PRO A 131 -3.68 -3.02 6.16
C PRO A 131 -4.58 -1.89 6.65
N TYR A 132 -5.14 -2.08 7.83
CA TYR A 132 -6.11 -1.15 8.39
C TYR A 132 -5.41 -0.05 9.17
N TYR A 133 -6.13 1.04 9.38
CA TYR A 133 -5.61 2.15 10.17
C TYR A 133 -5.72 1.83 11.65
N ARG A 134 -4.67 2.14 12.40
CA ARG A 134 -4.66 1.89 13.83
C ARG A 134 -5.49 2.93 14.57
N GLY A 135 -5.90 3.97 13.85
CA GLY A 135 -6.69 5.03 14.43
C GLY A 135 -7.99 5.24 13.69
N LEU A 136 -8.47 6.47 13.69
CA LEU A 136 -9.73 6.83 13.05
C LEU A 136 -10.87 5.99 13.61
N GLU A 137 -10.75 5.66 14.90
CA GLU A 137 -11.70 4.80 15.57
C GLU A 137 -13.07 5.47 15.68
N HIS A 138 -14.11 4.68 15.50
CA HIS A 138 -15.48 5.14 15.70
C HIS A 138 -15.66 5.55 17.15
N HIS A 139 -15.99 6.82 17.38
CA HIS A 139 -16.02 7.37 18.73
C HIS A 139 -16.99 6.58 19.61
N HIS A 140 -18.14 6.23 19.07
CA HIS A 140 -19.09 5.33 19.72
C HIS A 140 -19.63 5.91 21.03
N HIS A 141 -20.76 6.57 20.93
CA HIS A 141 -21.49 7.01 22.10
C HIS A 141 -22.99 6.82 21.87
N HIS A 142 -23.42 7.11 20.65
CA HIS A 142 -24.79 6.82 20.26
C HIS A 142 -24.88 5.38 19.74
N HIS A 143 -25.17 4.49 20.65
CA HIS A 143 -25.30 3.07 20.33
C HIS A 143 -26.57 2.53 20.95
#